data_3RVD
#
_entry.id   3RVD
#
_cell.length_a   153.183
_cell.length_b   188.750
_cell.length_c   312.170
_cell.angle_alpha   90.00
_cell.angle_beta   90.00
_cell.angle_gamma   90.00
#
_symmetry.space_group_name_H-M   'I 2 2 2'
#
loop_
_entity.id
_entity.type
_entity.pdbx_description
1 polymer 'Glyceraldehyde-3-phosphate dehydrogenase A, chloroplastic'
2 polymer 'Photosyntetic glyceraldehyde-3-phosphate dehydrogenase (a4 isoform)'
3 non-polymer NICOTINAMIDE-ADENINE-DINUCLEOTIDE
4 non-polymer 'SULFATE ION'
5 water water
#
loop_
_entity_poly.entity_id
_entity_poly.type
_entity_poly.pdbx_seq_one_letter_code
_entity_poly.pdbx_strand_id
1 'polypeptide(L)'
;AKLKVAINGFGRIGRNFLRCWHGRKDSPLDIIAINDTGGVKQASHLLKYDSTLGIFDADVKPSGETAISVDGKIIQVVSN
RNPSLLPWKELGIDIVIEGTGVFVDREGAGKHIEAGAKKVIITAPGKGDIPTYVVGVNADAYSHDEPIISNASCTTNCLA
PFVKVLDQKFGIIKGTMTTTHSYTGDQRLLDASHRDLRRARAAALNIVPTSTGAAKAVALVLPNLKGKLNGIALRVPTPN
VSVVDLVVQVSKKTFAEEVNAAFRDSAEKELKGILDVCDEPLVSVDFRCSDFSTTIDSSLTMVMGDDMVKVIAWYDNEWG
YSQRVVDLADIVANNWK
;
A,B,C,D,E,F,G,H,O,Q
2 'polypeptide(L)'
;GSHMAAPEGGISDVVEKSIKEAQETCAGDPVSGECVAAWDEVEELSAAASHARDKKKADGSDPLEEYCKDNPETNECRTY
DN
;
I,J,K,L,M,N
#
loop_
_chem_comp.id
_chem_comp.type
_chem_comp.name
_chem_comp.formula
NAD non-polymer NICOTINAMIDE-ADENINE-DINUCLEOTIDE 'C21 H27 N7 O14 P2'
SO4 non-polymer 'SULFATE ION' 'O4 S -2'
#
# COMPACT_ATOMS: atom_id res chain seq x y z
N LYS A 2 33.88 38.66 15.79
CA LYS A 2 34.76 37.52 16.11
C LYS A 2 34.09 36.19 15.73
N LEU A 3 32.93 36.27 15.10
CA LEU A 3 32.17 35.09 14.70
C LEU A 3 32.98 33.91 14.22
N LYS A 4 32.92 32.81 14.96
CA LYS A 4 33.66 31.62 14.58
C LYS A 4 33.07 30.97 13.34
N VAL A 5 33.96 30.58 12.42
CA VAL A 5 33.57 29.96 11.15
C VAL A 5 34.07 28.51 10.96
N ALA A 6 33.33 27.73 10.20
CA ALA A 6 33.68 26.35 9.92
C ALA A 6 33.38 26.10 8.47
N ILE A 7 34.32 25.49 7.77
CA ILE A 7 34.15 25.21 6.35
C ILE A 7 33.75 23.77 6.05
N ASN A 8 32.53 23.59 5.55
CA ASN A 8 32.07 22.25 5.19
C ASN A 8 32.33 21.97 3.71
N GLY A 9 33.22 21.00 3.44
CA GLY A 9 33.56 20.64 2.07
C GLY A 9 34.83 21.32 1.63
N PHE A 10 35.98 20.76 1.98
CA PHE A 10 37.29 21.33 1.62
C PHE A 10 37.69 21.05 0.19
N GLY A 11 36.82 21.42 -0.75
CA GLY A 11 37.09 21.23 -2.16
C GLY A 11 37.75 22.48 -2.69
N ARG A 12 37.53 22.77 -3.97
CA ARG A 12 38.13 23.98 -4.57
C ARG A 12 37.69 25.22 -3.83
N ILE A 13 36.39 25.48 -3.84
CA ILE A 13 35.84 26.66 -3.17
C ILE A 13 36.21 26.70 -1.69
N GLY A 14 36.16 25.53 -1.03
CA GLY A 14 36.48 25.45 0.39
C GLY A 14 37.87 25.95 0.72
N ARG A 15 38.87 25.43 0.00
CA ARG A 15 40.25 25.85 0.23
C ARG A 15 40.50 27.26 -0.32
N ASN A 16 39.88 27.58 -1.45
CA ASN A 16 40.04 28.90 -2.06
C ASN A 16 39.46 29.92 -1.07
N PHE A 17 38.39 29.54 -0.37
CA PHE A 17 37.75 30.43 0.58
C PHE A 17 38.69 30.79 1.74
N LEU A 18 39.30 29.76 2.31
CA LEU A 18 40.22 29.91 3.42
C LEU A 18 41.38 30.83 3.06
N ARG A 19 41.90 30.63 1.86
CA ARG A 19 43.05 31.42 1.41
C ARG A 19 42.66 32.88 1.23
N CYS A 20 41.45 33.11 0.69
CA CYS A 20 40.93 34.47 0.49
C CYS A 20 40.87 35.16 1.86
N TRP A 21 40.14 34.55 2.78
CA TRP A 21 39.99 35.08 4.11
C TRP A 21 41.35 35.40 4.73
N HIS A 22 42.25 34.43 4.68
CA HIS A 22 43.58 34.55 5.26
C HIS A 22 44.28 35.86 4.94
N GLY A 23 44.25 36.25 3.67
CA GLY A 23 44.91 37.49 3.29
C GLY A 23 44.15 38.77 3.61
N ARG A 24 42.96 38.64 4.21
CA ARG A 24 42.16 39.80 4.56
C ARG A 24 42.72 40.57 5.75
N LYS A 25 42.67 41.90 5.68
CA LYS A 25 43.16 42.70 6.78
C LYS A 25 41.94 43.01 7.63
N ASP A 26 42.12 42.96 8.94
CA ASP A 26 41.03 43.23 9.86
C ASP A 26 39.71 42.56 9.44
N SER A 27 39.62 41.25 9.62
CA SER A 27 38.40 40.51 9.29
C SER A 27 37.56 40.33 10.55
N PRO A 28 36.23 40.17 10.37
CA PRO A 28 35.37 39.96 11.54
C PRO A 28 35.19 38.46 11.72
N LEU A 29 35.83 37.71 10.83
CA LEU A 29 35.74 36.26 10.86
C LEU A 29 37.01 35.57 11.35
N ASP A 30 36.79 34.54 12.15
CA ASP A 30 37.87 33.73 12.70
C ASP A 30 37.47 32.31 12.43
N ILE A 31 37.98 31.74 11.35
CA ILE A 31 37.65 30.38 10.97
C ILE A 31 38.52 29.38 11.75
N ILE A 32 37.84 28.40 12.36
CA ILE A 32 38.53 27.40 13.16
C ILE A 32 37.97 25.98 13.05
N ALA A 33 37.58 25.57 11.86
CA ALA A 33 37.05 24.22 11.72
C ALA A 33 36.87 23.82 10.28
N ILE A 34 37.20 22.58 9.97
CA ILE A 34 37.07 22.07 8.61
C ILE A 34 36.47 20.66 8.56
N ASN A 35 35.54 20.42 7.66
CA ASN A 35 34.95 19.10 7.50
C ASN A 35 34.97 18.68 6.03
N ASP A 36 35.24 17.40 5.77
CA ASP A 36 35.31 16.84 4.42
C ASP A 36 35.55 15.36 4.62
N THR A 37 35.12 14.54 3.67
CA THR A 37 35.31 13.10 3.81
C THR A 37 36.74 12.69 4.23
N GLY A 38 37.73 13.53 3.91
CA GLY A 38 39.12 13.23 4.26
C GLY A 38 39.54 13.74 5.63
N GLY A 39 40.81 13.60 5.98
CA GLY A 39 41.25 14.06 7.29
C GLY A 39 42.41 15.01 7.20
N VAL A 40 43.02 15.32 8.34
CA VAL A 40 44.16 16.24 8.38
C VAL A 40 45.16 16.01 7.24
N LYS A 41 45.24 14.77 6.75
CA LYS A 41 46.18 14.43 5.68
C LYS A 41 45.85 15.27 4.45
N GLN A 42 44.80 14.88 3.75
CA GLN A 42 44.37 15.58 2.55
C GLN A 42 44.35 17.09 2.79
N ALA A 43 43.69 17.52 3.86
CA ALA A 43 43.58 18.94 4.18
C ALA A 43 44.90 19.72 4.19
N SER A 44 45.75 19.44 5.16
CA SER A 44 47.03 20.13 5.29
C SER A 44 47.76 20.26 3.95
N HIS A 45 47.79 19.17 3.19
CA HIS A 45 48.48 19.13 1.91
C HIS A 45 47.85 20.03 0.83
N LEU A 46 46.55 19.84 0.61
CA LEU A 46 45.84 20.61 -0.42
C LEU A 46 45.64 22.09 -0.11
N LEU A 47 45.80 22.49 1.14
CA LEU A 47 45.69 23.90 1.44
C LEU A 47 47.05 24.53 1.15
N LYS A 48 48.09 23.70 1.10
CA LYS A 48 49.45 24.17 0.85
C LYS A 48 49.81 24.09 -0.63
N TYR A 49 49.51 22.97 -1.26
CA TYR A 49 49.83 22.84 -2.66
C TYR A 49 48.56 22.96 -3.48
N ASP A 50 48.69 23.59 -4.64
CA ASP A 50 47.54 23.83 -5.49
C ASP A 50 48.01 24.00 -6.95
N SER A 51 47.44 23.22 -7.86
CA SER A 51 47.80 23.29 -9.28
C SER A 51 47.29 24.55 -10.01
N THR A 52 46.56 25.39 -9.28
CA THR A 52 46.00 26.62 -9.86
C THR A 52 46.41 27.89 -9.09
N LEU A 53 46.41 27.83 -7.77
CA LEU A 53 46.76 28.99 -6.95
C LEU A 53 48.21 29.00 -6.49
N GLY A 54 48.92 27.92 -6.77
CA GLY A 54 50.30 27.85 -6.36
C GLY A 54 50.43 27.30 -4.96
N ILE A 55 51.64 27.37 -4.42
CA ILE A 55 51.93 26.90 -3.08
C ILE A 55 51.49 28.01 -2.14
N PHE A 56 50.51 27.70 -1.31
CA PHE A 56 49.99 28.66 -0.34
C PHE A 56 51.10 29.13 0.60
N ASP A 57 51.52 30.39 0.44
CA ASP A 57 52.58 30.99 1.25
C ASP A 57 52.15 31.21 2.71
N ALA A 58 52.32 30.16 3.50
CA ALA A 58 51.97 30.17 4.92
C ALA A 58 52.38 28.83 5.52
N ASP A 59 52.70 28.83 6.81
CA ASP A 59 53.10 27.60 7.48
C ASP A 59 51.90 26.69 7.51
N VAL A 60 51.93 25.64 6.72
CA VAL A 60 50.83 24.70 6.69
C VAL A 60 51.30 23.31 7.11
N LYS A 61 51.14 23.05 8.40
CA LYS A 61 51.53 21.78 9.00
C LYS A 61 50.38 21.31 9.89
N PRO A 62 50.37 20.02 10.20
CA PRO A 62 49.29 19.52 11.07
C PRO A 62 49.56 19.71 12.57
N SER A 63 48.50 19.52 13.35
CA SER A 63 48.50 19.62 14.82
C SER A 63 47.57 18.51 15.28
N GLY A 64 48.11 17.54 16.01
CA GLY A 64 47.28 16.43 16.43
C GLY A 64 46.96 15.66 15.15
N GLU A 65 46.42 14.46 15.29
CA GLU A 65 46.09 13.66 14.11
C GLU A 65 44.67 14.03 13.70
N THR A 66 44.26 15.26 14.07
CA THR A 66 42.91 15.77 13.72
C THR A 66 42.75 17.33 13.90
N ALA A 67 43.63 18.06 13.22
CA ALA A 67 43.64 19.53 13.23
C ALA A 67 44.90 19.94 12.48
N ILE A 68 45.00 21.23 12.17
CA ILE A 68 46.17 21.79 11.48
C ILE A 68 46.40 23.23 11.92
N SER A 69 47.50 23.81 11.46
CA SER A 69 47.83 25.18 11.82
C SER A 69 48.39 25.98 10.65
N VAL A 70 47.83 27.17 10.46
CA VAL A 70 48.26 28.08 9.41
C VAL A 70 48.83 29.33 10.06
N ASP A 71 50.13 29.55 9.86
CA ASP A 71 50.77 30.70 10.46
C ASP A 71 50.36 30.82 11.92
N GLY A 72 50.38 29.70 12.63
CA GLY A 72 50.00 29.69 14.02
C GLY A 72 48.62 29.11 14.24
N LYS A 73 47.62 30.00 14.30
CA LYS A 73 46.23 29.63 14.52
C LYS A 73 45.91 28.19 14.15
N ILE A 74 45.42 27.43 15.12
CA ILE A 74 45.04 26.04 14.89
C ILE A 74 43.60 26.03 14.42
N ILE A 75 43.25 24.96 13.72
CA ILE A 75 41.93 24.82 13.19
C ILE A 75 41.60 23.34 13.18
N GLN A 76 40.58 22.97 13.94
CA GLN A 76 40.18 21.57 14.00
C GLN A 76 39.83 21.09 12.61
N VAL A 77 40.17 19.85 12.33
CA VAL A 77 39.91 19.24 11.04
C VAL A 77 39.03 18.02 11.28
N VAL A 78 37.71 18.21 11.32
CA VAL A 78 36.81 17.07 11.54
C VAL A 78 36.64 16.28 10.25
N SER A 79 35.91 15.17 10.30
CA SER A 79 35.77 14.38 9.08
C SER A 79 34.50 13.52 8.99
N ASN A 80 33.34 14.12 9.18
CA ASN A 80 32.06 13.40 9.14
C ASN A 80 31.15 13.80 7.97
N ARG A 81 30.78 12.83 7.13
CA ARG A 81 29.92 13.12 5.99
C ARG A 81 28.47 13.47 6.37
N ASN A 82 28.11 13.38 7.65
CA ASN A 82 26.75 13.72 8.07
C ASN A 82 26.77 14.93 9.00
N PRO A 83 26.42 16.10 8.45
CA PRO A 83 26.36 17.41 9.11
C PRO A 83 25.66 17.43 10.48
N SER A 84 24.58 16.66 10.59
CA SER A 84 23.82 16.61 11.83
C SER A 84 24.71 16.24 13.01
N LEU A 85 25.72 15.42 12.74
CA LEU A 85 26.62 14.95 13.77
C LEU A 85 27.88 15.81 13.96
N LEU A 86 27.83 17.08 13.54
CA LEU A 86 29.01 17.93 13.66
C LEU A 86 29.13 18.70 14.97
N PRO A 87 30.35 18.77 15.53
CA PRO A 87 30.70 19.45 16.78
C PRO A 87 30.44 20.95 16.75
N TRP A 88 29.50 21.39 15.93
CA TRP A 88 29.21 22.80 15.80
C TRP A 88 28.73 23.40 17.12
N LYS A 89 28.10 22.60 17.97
CA LYS A 89 27.59 23.15 19.24
C LYS A 89 28.67 23.42 20.30
N GLU A 90 29.77 22.69 20.28
CA GLU A 90 30.85 22.89 21.27
C GLU A 90 31.93 23.85 20.79
N LEU A 91 32.17 23.87 19.48
CA LEU A 91 33.17 24.77 18.90
C LEU A 91 32.59 26.18 18.78
N GLY A 92 31.37 26.36 19.31
CA GLY A 92 30.70 27.64 19.28
C GLY A 92 30.56 28.20 17.88
N ILE A 93 30.59 27.30 16.91
CA ILE A 93 30.47 27.63 15.50
C ILE A 93 29.33 28.60 15.26
N ASP A 94 29.63 29.73 14.62
CA ASP A 94 28.61 30.72 14.32
C ASP A 94 28.10 30.59 12.88
N ILE A 95 29.02 30.64 11.92
CA ILE A 95 28.63 30.53 10.52
C ILE A 95 29.27 29.32 9.89
N VAL A 96 28.50 28.63 9.07
CA VAL A 96 29.02 27.48 8.37
C VAL A 96 29.08 27.86 6.90
N ILE A 97 30.11 27.39 6.21
CA ILE A 97 30.28 27.65 4.79
C ILE A 97 29.98 26.34 4.09
N GLU A 98 28.72 26.11 3.81
CA GLU A 98 28.36 24.87 3.16
C GLU A 98 28.81 24.86 1.71
N GLY A 99 29.90 24.14 1.44
CA GLY A 99 30.42 24.08 0.09
C GLY A 99 30.74 22.67 -0.39
N THR A 100 29.92 21.71 0.03
CA THR A 100 30.11 20.32 -0.36
C THR A 100 29.33 20.10 -1.62
N GLY A 101 28.52 21.09 -1.97
CA GLY A 101 27.71 21.00 -3.16
C GLY A 101 26.65 19.91 -3.12
N VAL A 102 26.33 19.45 -1.92
CA VAL A 102 25.32 18.39 -1.75
C VAL A 102 24.18 18.85 -0.85
N PHE A 103 24.53 19.58 0.20
CA PHE A 103 23.56 20.10 1.16
C PHE A 103 23.19 21.53 0.76
N VAL A 104 22.29 21.65 -0.22
CA VAL A 104 21.87 22.96 -0.74
C VAL A 104 20.38 23.33 -0.63
N ASP A 105 19.70 22.85 0.40
CA ASP A 105 18.29 23.16 0.61
C ASP A 105 18.08 23.17 2.12
N ARG A 106 17.08 23.91 2.61
CA ARG A 106 16.88 23.93 4.07
C ARG A 106 16.98 22.49 4.54
N GLU A 107 16.38 21.62 3.75
CA GLU A 107 16.35 20.19 3.99
C GLU A 107 17.74 19.74 4.47
N GLY A 108 18.77 20.12 3.71
CA GLY A 108 20.13 19.74 4.06
C GLY A 108 20.83 20.67 5.02
N ALA A 109 21.37 21.77 4.49
CA ALA A 109 22.10 22.77 5.27
C ALA A 109 21.53 22.95 6.67
N GLY A 110 20.22 22.77 6.82
CA GLY A 110 19.62 22.90 8.14
C GLY A 110 20.38 22.09 9.17
N LYS A 111 20.74 20.86 8.78
CA LYS A 111 21.47 19.94 9.63
C LYS A 111 22.61 20.63 10.37
N HIS A 112 23.18 21.65 9.75
CA HIS A 112 24.28 22.40 10.35
C HIS A 112 23.81 23.17 11.59
N ILE A 113 22.58 23.64 11.54
CA ILE A 113 22.00 24.35 12.67
C ILE A 113 21.63 23.26 13.68
N GLU A 114 20.99 22.20 13.16
CA GLU A 114 20.57 21.05 13.97
C GLU A 114 21.80 20.38 14.59
N ALA A 115 22.96 21.03 14.49
CA ALA A 115 24.19 20.49 15.05
C ALA A 115 24.92 21.49 15.93
N GLY A 116 24.35 22.68 16.10
CA GLY A 116 24.96 23.69 16.94
C GLY A 116 25.32 25.00 16.28
N ALA A 117 25.38 25.00 14.95
CA ALA A 117 25.72 26.20 14.21
C ALA A 117 24.51 27.10 14.10
N LYS A 118 24.75 28.39 13.92
CA LYS A 118 23.66 29.34 13.83
C LYS A 118 23.29 29.70 12.38
N LYS A 119 24.28 29.81 11.50
CA LYS A 119 23.99 30.15 10.12
C LYS A 119 24.72 29.33 9.11
N VAL A 120 24.14 29.22 7.92
CA VAL A 120 24.75 28.47 6.84
C VAL A 120 24.81 29.37 5.60
N ILE A 121 25.90 29.29 4.85
CA ILE A 121 26.02 30.07 3.63
C ILE A 121 26.38 29.08 2.53
N ILE A 122 25.39 28.72 1.72
CA ILE A 122 25.63 27.75 0.65
C ILE A 122 26.39 28.39 -0.51
N THR A 123 27.61 27.93 -0.73
CA THR A 123 28.42 28.44 -1.80
C THR A 123 27.88 27.86 -3.13
N ALA A 124 26.62 28.16 -3.43
CA ALA A 124 25.91 27.69 -4.64
C ALA A 124 24.44 28.13 -4.56
N PRO A 125 23.67 28.02 -5.67
CA PRO A 125 22.27 28.44 -5.58
C PRO A 125 21.54 27.55 -4.58
N GLY A 126 20.71 28.16 -3.75
CA GLY A 126 19.97 27.37 -2.79
C GLY A 126 18.94 26.60 -3.59
N LYS A 127 18.56 25.43 -3.11
CA LYS A 127 17.57 24.62 -3.83
C LYS A 127 16.25 25.06 -3.23
N GLY A 128 15.28 25.35 -4.09
CA GLY A 128 13.99 25.76 -3.58
C GLY A 128 13.73 27.24 -3.37
N ASP A 129 13.75 27.70 -2.13
CA ASP A 129 13.46 29.10 -1.88
C ASP A 129 14.30 29.79 -0.80
N ILE A 130 15.60 29.54 -0.82
CA ILE A 130 16.52 30.11 0.16
C ILE A 130 17.00 31.50 -0.28
N PRO A 131 16.97 32.49 0.61
CA PRO A 131 17.40 33.85 0.30
C PRO A 131 18.75 33.87 -0.41
N THR A 132 18.75 34.32 -1.67
CA THR A 132 19.99 34.37 -2.44
C THR A 132 20.51 35.79 -2.53
N TYR A 133 21.80 35.95 -2.28
CA TYR A 133 22.44 37.26 -2.32
C TYR A 133 23.66 37.32 -3.21
N VAL A 134 23.86 38.47 -3.86
CA VAL A 134 25.00 38.71 -4.74
C VAL A 134 25.53 40.07 -4.32
N VAL A 135 26.71 40.08 -3.69
CA VAL A 135 27.36 41.31 -3.21
C VAL A 135 27.56 42.41 -4.26
N GLY A 136 27.15 43.62 -3.89
CA GLY A 136 27.28 44.75 -4.81
C GLY A 136 25.97 44.96 -5.55
N VAL A 137 25.17 43.89 -5.60
CA VAL A 137 23.86 43.90 -6.24
C VAL A 137 22.77 43.97 -5.16
N ASN A 138 22.58 42.87 -4.41
CA ASN A 138 21.53 42.86 -3.37
C ASN A 138 21.86 42.36 -1.96
N ALA A 139 23.12 42.05 -1.67
CA ALA A 139 23.49 41.53 -0.34
C ALA A 139 23.18 42.47 0.83
N ASP A 140 23.00 43.76 0.52
CA ASP A 140 22.66 44.76 1.52
C ASP A 140 21.24 44.46 2.02
N ALA A 141 20.51 43.66 1.24
CA ALA A 141 19.14 43.28 1.57
C ALA A 141 19.08 42.01 2.40
N TYR A 142 20.20 41.67 3.04
CA TYR A 142 20.22 40.50 3.90
C TYR A 142 19.61 40.92 5.25
N SER A 143 18.96 39.97 5.91
CA SER A 143 18.31 40.19 7.22
C SER A 143 18.76 39.10 8.19
N HIS A 144 19.07 39.49 9.42
CA HIS A 144 19.56 38.50 10.39
C HIS A 144 18.69 37.27 10.68
N ASP A 145 17.37 37.38 10.67
CA ASP A 145 16.55 36.19 10.94
C ASP A 145 16.47 35.18 9.79
N GLU A 146 17.51 35.16 8.94
CA GLU A 146 17.59 34.24 7.82
C GLU A 146 18.71 33.23 8.13
N PRO A 147 18.35 32.03 8.65
CA PRO A 147 19.31 30.97 9.01
C PRO A 147 20.13 30.38 7.86
N ILE A 148 19.46 30.02 6.77
CA ILE A 148 20.11 29.46 5.61
C ILE A 148 19.99 30.44 4.45
N ILE A 149 21.12 30.74 3.81
CA ILE A 149 21.15 31.65 2.68
C ILE A 149 22.14 31.17 1.62
N SER A 150 21.95 31.65 0.39
CA SER A 150 22.80 31.28 -0.74
C SER A 150 23.56 32.48 -1.30
N ASN A 151 24.78 32.22 -1.80
CA ASN A 151 25.60 33.26 -2.41
C ASN A 151 25.56 33.17 -3.95
N ALA A 152 24.59 32.41 -4.46
CA ALA A 152 24.40 32.21 -5.90
C ALA A 152 25.56 31.44 -6.51
N SER A 153 25.51 31.23 -7.83
CA SER A 153 26.58 30.53 -8.53
C SER A 153 27.71 31.51 -8.93
N CYS A 154 28.80 30.97 -9.45
CA CYS A 154 29.91 31.82 -9.88
C CYS A 154 29.46 32.66 -11.09
N THR A 155 28.73 32.04 -12.00
CA THR A 155 28.26 32.73 -13.19
C THR A 155 27.35 33.90 -12.86
N THR A 156 26.41 33.68 -11.95
CA THR A 156 25.46 34.71 -11.55
C THR A 156 26.15 35.92 -10.90
N ASN A 157 27.19 35.67 -10.10
CA ASN A 157 27.91 36.76 -9.44
C ASN A 157 28.62 37.62 -10.47
N CYS A 158 29.08 36.99 -11.55
CA CYS A 158 29.74 37.76 -12.59
C CYS A 158 28.66 38.56 -13.32
N LEU A 159 27.72 37.83 -13.94
CA LEU A 159 26.62 38.38 -14.70
C LEU A 159 25.76 39.47 -14.03
N ALA A 160 25.35 39.23 -12.79
CA ALA A 160 24.50 40.18 -12.08
C ALA A 160 24.98 41.63 -12.09
N PRO A 161 26.23 41.88 -11.66
CA PRO A 161 26.85 43.21 -11.60
C PRO A 161 26.78 44.11 -12.85
N PHE A 162 27.07 43.56 -14.03
CA PHE A 162 27.00 44.41 -15.21
C PHE A 162 25.62 44.39 -15.86
N VAL A 163 24.83 43.35 -15.58
CA VAL A 163 23.48 43.26 -16.09
C VAL A 163 22.69 44.34 -15.35
N LYS A 164 23.15 44.64 -14.13
CA LYS A 164 22.55 45.64 -13.27
C LYS A 164 22.79 47.01 -13.85
N VAL A 165 24.05 47.30 -14.16
CA VAL A 165 24.42 48.58 -14.75
C VAL A 165 23.60 48.73 -16.03
N LEU A 166 23.75 47.79 -16.97
CA LEU A 166 23.04 47.82 -18.25
C LEU A 166 21.54 48.11 -18.13
N ASP A 167 20.88 47.48 -17.17
CA ASP A 167 19.46 47.68 -17.01
C ASP A 167 19.24 49.10 -16.52
N GLN A 168 20.07 49.50 -15.57
CA GLN A 168 19.98 50.82 -14.98
C GLN A 168 20.20 51.98 -15.93
N LYS A 169 21.11 51.80 -16.89
CA LYS A 169 21.44 52.85 -17.85
C LYS A 169 20.83 52.73 -19.23
N PHE A 170 20.34 51.56 -19.60
CA PHE A 170 19.79 51.41 -20.94
C PHE A 170 18.47 50.69 -20.90
N GLY A 171 18.28 49.88 -19.87
CA GLY A 171 17.04 49.12 -19.73
C GLY A 171 17.05 47.85 -20.55
N ILE A 172 17.27 46.71 -19.90
CA ILE A 172 17.26 45.44 -20.62
C ILE A 172 15.81 45.10 -21.00
N ILE A 173 15.57 44.85 -22.27
CA ILE A 173 14.23 44.49 -22.73
C ILE A 173 14.09 42.98 -22.66
N LYS A 174 15.16 42.29 -23.04
CA LYS A 174 15.24 40.83 -23.06
C LYS A 174 16.62 40.49 -23.60
N GLY A 175 17.30 39.51 -23.02
CA GLY A 175 18.61 39.18 -23.51
C GLY A 175 18.92 37.70 -23.53
N THR A 176 20.09 37.38 -24.05
CA THR A 176 20.59 36.01 -24.15
C THR A 176 22.03 36.00 -23.64
N MET A 177 22.45 34.89 -23.06
CA MET A 177 23.78 34.79 -22.52
C MET A 177 24.39 33.43 -22.86
N THR A 178 25.69 33.31 -22.67
CA THR A 178 26.42 32.07 -22.93
C THR A 178 27.71 32.25 -22.17
N THR A 179 28.11 31.27 -21.38
CA THR A 179 29.35 31.41 -20.65
C THR A 179 30.28 30.28 -21.01
N THR A 180 31.41 30.62 -21.59
CA THR A 180 32.41 29.63 -21.92
C THR A 180 33.12 29.53 -20.58
N HIS A 181 32.87 28.41 -19.90
CA HIS A 181 33.35 28.13 -18.55
C HIS A 181 34.47 27.08 -18.47
N SER A 182 35.36 27.24 -17.49
CA SER A 182 36.44 26.29 -17.26
C SER A 182 35.76 25.03 -16.78
N TYR A 183 36.44 23.88 -16.87
CA TYR A 183 35.84 22.63 -16.40
C TYR A 183 35.96 22.61 -14.88
N THR A 184 34.98 21.97 -14.24
CA THR A 184 34.95 21.87 -12.77
C THR A 184 35.00 20.41 -12.33
N GLY A 185 35.10 20.23 -11.02
CA GLY A 185 35.15 18.90 -10.44
C GLY A 185 33.99 18.03 -10.92
N ASP A 186 32.83 18.64 -11.11
CA ASP A 186 31.65 17.92 -11.55
C ASP A 186 31.79 17.19 -12.89
N GLN A 187 32.89 17.41 -13.60
CA GLN A 187 33.08 16.74 -14.87
C GLN A 187 33.98 15.53 -14.78
N ARG A 188 33.84 14.60 -15.72
CA ARG A 188 34.64 13.38 -15.74
C ARG A 188 35.97 13.55 -16.46
N LEU A 189 37.06 13.05 -15.86
CA LEU A 189 38.37 13.16 -16.49
C LEU A 189 38.37 12.47 -17.85
N LEU A 190 37.78 11.27 -17.90
CA LEU A 190 37.65 10.51 -19.13
C LEU A 190 36.23 9.98 -19.16
N ASP A 191 35.66 9.94 -20.36
CA ASP A 191 34.30 9.44 -20.58
C ASP A 191 33.86 8.38 -19.57
N ALA A 192 33.30 8.83 -18.44
CA ALA A 192 32.80 7.95 -17.38
C ALA A 192 31.31 8.21 -17.18
N SER A 193 30.71 7.65 -16.13
CA SER A 193 29.28 7.87 -15.93
C SER A 193 29.03 9.15 -15.14
N HIS A 194 27.93 9.82 -15.49
CA HIS A 194 27.52 11.06 -14.89
C HIS A 194 26.03 11.13 -15.17
N ARG A 195 25.28 11.83 -14.33
CA ARG A 195 23.83 11.94 -14.54
C ARG A 195 23.56 12.62 -15.89
N ASP A 196 24.49 13.51 -16.28
CA ASP A 196 24.39 14.25 -17.53
C ASP A 196 25.36 13.68 -18.56
N LEU A 197 24.80 13.21 -19.68
CA LEU A 197 25.58 12.63 -20.77
C LEU A 197 26.73 13.51 -21.27
N ARG A 198 26.47 14.81 -21.40
CA ARG A 198 27.48 15.76 -21.87
C ARG A 198 28.58 15.97 -20.81
N ARG A 199 28.19 16.16 -19.55
CA ARG A 199 29.18 16.37 -18.49
C ARG A 199 29.94 15.07 -18.20
N ALA A 200 29.47 13.99 -18.80
CA ALA A 200 30.06 12.65 -18.67
C ALA A 200 31.35 12.49 -19.50
N ARG A 201 31.45 13.27 -20.59
CA ARG A 201 32.59 13.28 -21.51
C ARG A 201 33.81 14.02 -20.96
N ALA A 202 34.99 13.49 -21.28
CA ALA A 202 36.28 14.05 -20.84
C ALA A 202 36.37 15.58 -20.88
N ALA A 203 36.56 16.19 -19.72
CA ALA A 203 36.62 17.63 -19.61
C ALA A 203 37.78 18.30 -20.34
N ALA A 204 38.97 17.75 -20.18
CA ALA A 204 40.17 18.31 -20.80
C ALA A 204 40.35 18.03 -22.30
N LEU A 205 39.28 17.69 -23.00
CA LEU A 205 39.39 17.40 -24.42
C LEU A 205 38.15 17.76 -25.21
N ASN A 206 37.22 18.50 -24.60
CA ASN A 206 35.99 18.84 -25.29
C ASN A 206 35.45 20.23 -25.05
N ILE A 207 34.42 20.54 -25.83
CA ILE A 207 33.67 21.77 -25.75
C ILE A 207 32.37 21.12 -25.32
N VAL A 208 32.06 21.28 -24.03
CA VAL A 208 30.90 20.65 -23.44
C VAL A 208 29.66 21.50 -23.14
N PRO A 209 28.63 21.43 -24.01
CA PRO A 209 27.38 22.20 -23.82
C PRO A 209 26.73 21.79 -22.51
N THR A 210 26.41 22.77 -21.66
CA THR A 210 25.79 22.46 -20.38
C THR A 210 24.84 23.55 -19.88
N SER A 211 23.73 23.12 -19.31
CA SER A 211 22.69 24.00 -18.77
C SER A 211 23.11 24.82 -17.56
N THR A 212 22.56 26.03 -17.50
CA THR A 212 22.86 26.95 -16.41
C THR A 212 21.58 27.66 -15.96
N GLY A 213 21.54 28.07 -14.70
CA GLY A 213 20.35 28.74 -14.22
C GLY A 213 20.71 30.14 -13.85
N ALA A 214 21.79 30.64 -14.43
CA ALA A 214 22.28 31.99 -14.16
C ALA A 214 21.34 33.06 -14.70
N ALA A 215 20.97 32.93 -15.97
CA ALA A 215 20.08 33.90 -16.58
C ALA A 215 18.83 34.06 -15.73
N LYS A 216 18.39 32.95 -15.14
CA LYS A 216 17.19 32.97 -14.31
C LYS A 216 17.52 33.45 -12.89
N ALA A 217 18.58 32.92 -12.30
CA ALA A 217 18.96 33.30 -10.95
C ALA A 217 19.15 34.80 -10.78
N VAL A 218 19.45 35.49 -11.89
CA VAL A 218 19.68 36.95 -11.80
C VAL A 218 18.44 37.66 -11.34
N ALA A 219 17.29 37.18 -11.80
CA ALA A 219 16.02 37.76 -11.47
C ALA A 219 15.79 37.77 -9.96
N LEU A 220 16.50 36.94 -9.22
CA LEU A 220 16.34 36.89 -7.77
C LEU A 220 16.88 38.12 -7.08
N VAL A 221 18.09 38.48 -7.49
CA VAL A 221 18.81 39.62 -6.93
C VAL A 221 18.50 40.92 -7.68
N LEU A 222 18.10 40.79 -8.95
CA LEU A 222 17.69 41.93 -9.80
C LEU A 222 16.29 41.61 -10.34
N PRO A 223 15.24 41.83 -9.51
CA PRO A 223 13.82 41.59 -9.80
C PRO A 223 13.27 42.08 -11.14
N ASN A 224 13.83 43.16 -11.67
CA ASN A 224 13.33 43.68 -12.93
C ASN A 224 13.81 42.84 -14.10
N LEU A 225 14.68 41.87 -13.82
CA LEU A 225 15.20 41.00 -14.86
C LEU A 225 14.47 39.67 -14.90
N LYS A 226 13.43 39.55 -14.08
CA LYS A 226 12.65 38.32 -14.02
C LYS A 226 11.94 38.02 -15.34
N GLY A 227 12.28 36.88 -15.94
CA GLY A 227 11.68 36.51 -17.19
C GLY A 227 12.28 37.16 -18.43
N LYS A 228 13.37 37.91 -18.27
CA LYS A 228 14.02 38.60 -19.39
C LYS A 228 15.29 37.96 -19.96
N LEU A 229 15.93 37.06 -19.21
CA LEU A 229 17.18 36.42 -19.66
C LEU A 229 17.16 34.89 -19.67
N ASN A 230 18.00 34.32 -20.53
CA ASN A 230 18.17 32.86 -20.65
C ASN A 230 19.62 32.63 -21.03
N GLY A 231 19.95 31.43 -21.50
CA GLY A 231 21.33 31.17 -21.89
C GLY A 231 21.91 29.86 -21.44
N ILE A 232 22.98 29.45 -22.11
CA ILE A 232 23.68 28.21 -21.83
C ILE A 232 25.12 28.40 -21.36
N ALA A 233 25.81 27.29 -21.15
CA ALA A 233 27.21 27.30 -20.74
C ALA A 233 27.96 26.37 -21.68
N LEU A 234 29.28 26.60 -21.80
CA LEU A 234 30.11 25.73 -22.62
C LEU A 234 31.37 25.50 -21.84
N ARG A 235 31.50 24.28 -21.32
CA ARG A 235 32.66 23.90 -20.56
C ARG A 235 33.78 23.65 -21.58
N VAL A 236 34.95 24.20 -21.30
CA VAL A 236 36.11 24.07 -22.18
C VAL A 236 37.33 23.59 -21.42
N PRO A 237 38.31 23.03 -22.14
CA PRO A 237 39.55 22.51 -21.59
C PRO A 237 40.46 23.46 -20.82
N THR A 238 39.89 24.32 -19.97
CA THR A 238 40.72 25.22 -19.18
C THR A 238 40.40 24.93 -17.71
N PRO A 239 41.40 24.93 -16.84
CA PRO A 239 41.26 24.65 -15.40
C PRO A 239 40.62 25.72 -14.50
N ASN A 240 40.65 26.96 -14.94
CA ASN A 240 40.09 28.04 -14.12
C ASN A 240 39.91 29.31 -14.95
N VAL A 241 39.09 30.22 -14.42
CA VAL A 241 38.77 31.49 -15.07
C VAL A 241 37.80 31.23 -16.25
N SER A 242 36.64 31.88 -16.20
CA SER A 242 35.62 31.74 -17.24
C SER A 242 35.17 33.08 -17.85
N VAL A 243 34.33 33.01 -18.87
CA VAL A 243 33.88 34.22 -19.52
C VAL A 243 32.42 34.11 -19.92
N VAL A 244 31.66 35.18 -19.67
CA VAL A 244 30.25 35.23 -20.01
C VAL A 244 29.98 36.20 -21.17
N ASP A 245 29.44 35.65 -22.25
CA ASP A 245 29.12 36.42 -23.44
C ASP A 245 27.62 36.73 -23.40
N LEU A 246 27.29 38.01 -23.12
CA LEU A 246 25.92 38.48 -23.03
C LEU A 246 25.46 39.34 -24.20
N VAL A 247 24.20 39.18 -24.60
CA VAL A 247 23.63 39.96 -25.70
C VAL A 247 22.23 40.44 -25.33
N VAL A 248 22.08 41.75 -25.07
CA VAL A 248 20.77 42.27 -24.69
C VAL A 248 20.17 43.29 -25.66
N GLN A 249 18.86 43.44 -25.60
CA GLN A 249 18.16 44.40 -26.42
C GLN A 249 17.80 45.43 -25.40
N VAL A 250 18.31 46.65 -25.57
CA VAL A 250 18.03 47.72 -24.63
C VAL A 250 17.01 48.70 -25.17
N SER A 251 16.56 49.59 -24.30
CA SER A 251 15.57 50.61 -24.63
C SER A 251 16.22 51.91 -25.12
N LYS A 252 17.31 52.31 -24.47
CA LYS A 252 18.02 53.52 -24.87
C LYS A 252 19.05 53.16 -25.94
N LYS A 253 18.91 53.76 -27.12
CA LYS A 253 19.87 53.50 -28.19
C LYS A 253 21.23 53.92 -27.66
N THR A 254 22.24 53.13 -27.96
CA THR A 254 23.56 53.48 -27.48
C THR A 254 24.63 53.05 -28.49
N PHE A 255 25.87 53.13 -28.05
CA PHE A 255 26.98 52.74 -28.87
C PHE A 255 28.01 52.15 -27.94
N ALA A 256 28.87 51.28 -28.48
CA ALA A 256 29.88 50.60 -27.67
C ALA A 256 30.59 51.50 -26.67
N GLU A 257 31.15 52.60 -27.16
CA GLU A 257 31.87 53.54 -26.31
C GLU A 257 31.10 53.99 -25.06
N GLU A 258 29.79 54.17 -25.22
CA GLU A 258 28.92 54.64 -24.14
C GLU A 258 28.64 53.60 -23.07
N VAL A 259 28.64 52.34 -23.50
CA VAL A 259 28.41 51.23 -22.62
C VAL A 259 29.65 51.08 -21.75
N ASN A 260 30.82 51.05 -22.38
CA ASN A 260 32.08 50.92 -21.66
C ASN A 260 32.22 52.06 -20.66
N ALA A 261 31.74 53.23 -21.06
CA ALA A 261 31.79 54.42 -20.21
C ALA A 261 30.98 54.18 -18.94
N ALA A 262 29.79 53.63 -19.12
CA ALA A 262 28.90 53.36 -18.01
C ALA A 262 29.52 52.39 -17.01
N PHE A 263 30.06 51.30 -17.53
CA PHE A 263 30.69 50.25 -16.73
C PHE A 263 31.83 50.86 -15.96
N ARG A 264 32.57 51.77 -16.57
CA ARG A 264 33.66 52.41 -15.86
C ARG A 264 33.13 53.32 -14.73
N ASP A 265 32.05 54.05 -15.01
CA ASP A 265 31.45 54.92 -14.00
C ASP A 265 31.03 54.08 -12.79
N SER A 266 30.39 52.95 -13.09
CA SER A 266 29.94 52.04 -12.05
C SER A 266 31.13 51.39 -11.37
N ALA A 267 32.18 51.14 -12.15
CA ALA A 267 33.39 50.50 -11.63
C ALA A 267 34.07 51.37 -10.57
N GLU A 268 33.97 52.68 -10.75
CA GLU A 268 34.57 53.64 -9.85
C GLU A 268 33.63 54.11 -8.75
N LYS A 269 32.36 53.73 -8.81
CA LYS A 269 31.40 54.14 -7.79
C LYS A 269 30.76 52.97 -7.06
N GLU A 270 29.45 52.78 -7.25
CA GLU A 270 28.73 51.71 -6.55
C GLU A 270 29.29 50.30 -6.70
N LEU A 271 29.79 49.95 -7.89
CA LEU A 271 30.35 48.63 -8.09
C LEU A 271 31.87 48.63 -7.89
N LYS A 272 32.35 49.55 -7.06
CA LYS A 272 33.78 49.67 -6.77
C LYS A 272 34.28 48.40 -6.10
N GLY A 273 35.13 47.65 -6.78
CA GLY A 273 35.63 46.43 -6.19
C GLY A 273 34.86 45.19 -6.61
N ILE A 274 33.75 45.36 -7.34
CA ILE A 274 32.96 44.22 -7.80
C ILE A 274 33.00 44.14 -9.31
N LEU A 275 33.08 45.31 -9.94
CA LEU A 275 33.09 45.40 -11.40
C LEU A 275 34.32 46.16 -11.87
N ASP A 276 34.89 45.67 -12.97
CA ASP A 276 36.07 46.30 -13.54
C ASP A 276 36.00 46.25 -15.05
N VAL A 277 36.74 47.15 -15.67
CA VAL A 277 36.80 47.21 -17.11
C VAL A 277 38.27 47.11 -17.50
N CYS A 278 38.63 46.12 -18.31
CA CYS A 278 40.00 45.95 -18.75
C CYS A 278 40.10 46.44 -20.17
N ASP A 279 41.04 47.37 -20.37
CA ASP A 279 41.27 47.96 -21.66
C ASP A 279 42.49 47.38 -22.37
N GLU A 280 42.89 46.17 -21.99
CA GLU A 280 44.04 45.51 -22.60
C GLU A 280 43.71 44.17 -23.24
N PRO A 281 44.44 43.81 -24.29
CA PRO A 281 44.27 42.57 -25.04
C PRO A 281 44.73 41.33 -24.27
N LEU A 282 44.09 41.11 -23.12
CA LEU A 282 44.43 39.99 -22.25
C LEU A 282 43.64 38.69 -22.53
N VAL A 283 44.15 37.59 -22.01
CA VAL A 283 43.53 36.28 -22.17
C VAL A 283 43.23 35.72 -20.79
N SER A 284 42.52 34.60 -20.77
CA SER A 284 42.12 33.92 -19.55
C SER A 284 43.08 33.90 -18.39
N VAL A 285 44.22 33.25 -18.57
CA VAL A 285 45.21 33.11 -17.51
C VAL A 285 45.47 34.43 -16.79
N ASP A 286 45.51 35.52 -17.53
CA ASP A 286 45.79 36.83 -16.93
C ASP A 286 44.79 37.27 -15.88
N PHE A 287 43.60 36.68 -15.91
CA PHE A 287 42.56 37.04 -14.97
C PHE A 287 42.58 36.19 -13.73
N ARG A 288 43.50 35.23 -13.68
CA ARG A 288 43.60 34.39 -12.50
C ARG A 288 43.79 35.30 -11.29
N CYS A 289 43.16 34.93 -10.17
CA CYS A 289 43.23 35.66 -8.89
C CYS A 289 42.63 37.09 -8.82
N SER A 290 41.73 37.41 -9.74
CA SER A 290 41.08 38.72 -9.76
C SER A 290 40.01 38.85 -8.68
N ASP A 291 40.15 39.83 -7.80
CA ASP A 291 39.18 40.04 -6.75
C ASP A 291 37.85 40.58 -7.27
N PHE A 292 37.74 40.82 -8.57
CA PHE A 292 36.50 41.33 -9.13
C PHE A 292 35.55 40.24 -9.51
N SER A 293 34.26 40.48 -9.28
CA SER A 293 33.23 39.50 -9.62
C SER A 293 33.07 39.48 -11.13
N THR A 294 33.31 40.64 -11.73
CA THR A 294 33.21 40.78 -13.17
C THR A 294 34.11 41.92 -13.66
N THR A 295 34.86 41.60 -14.72
CA THR A 295 35.79 42.51 -15.38
C THR A 295 35.48 42.49 -16.87
N ILE A 296 35.10 43.65 -17.40
CA ILE A 296 34.73 43.82 -18.81
C ILE A 296 35.89 43.91 -19.81
N ASP A 297 35.71 43.34 -21.01
CA ASP A 297 36.74 43.41 -22.05
C ASP A 297 36.27 44.51 -22.99
N SER A 298 36.48 45.75 -22.54
CA SER A 298 36.05 46.92 -23.29
C SER A 298 36.18 46.75 -24.79
N SER A 299 37.36 46.34 -25.24
CA SER A 299 37.62 46.17 -26.66
C SER A 299 36.63 45.28 -27.40
N LEU A 300 36.10 44.32 -26.66
CA LEU A 300 35.17 43.37 -27.21
C LEU A 300 33.73 43.83 -27.29
N THR A 301 33.37 44.80 -26.46
CA THR A 301 32.01 45.31 -26.45
C THR A 301 31.51 45.77 -27.82
N MET A 302 30.30 45.36 -28.17
CA MET A 302 29.72 45.75 -29.45
C MET A 302 28.25 46.12 -29.32
N VAL A 303 27.79 46.98 -30.24
CA VAL A 303 26.40 47.40 -30.29
C VAL A 303 25.92 47.29 -31.74
N MET A 304 24.99 46.37 -32.00
CA MET A 304 24.51 46.21 -33.36
C MET A 304 23.12 46.80 -33.54
N GLY A 305 22.94 47.51 -34.64
CA GLY A 305 21.64 48.09 -34.93
C GLY A 305 21.08 49.00 -33.86
N ASP A 306 21.95 49.67 -33.12
CA ASP A 306 21.52 50.62 -32.10
C ASP A 306 21.14 50.10 -30.70
N ASP A 307 20.36 49.04 -30.61
CA ASP A 307 19.96 48.56 -29.29
C ASP A 307 20.27 47.12 -28.93
N MET A 308 21.06 46.43 -29.75
CA MET A 308 21.43 45.07 -29.45
C MET A 308 22.89 45.09 -28.98
N VAL A 309 23.07 45.16 -27.68
CA VAL A 309 24.40 45.22 -27.07
C VAL A 309 25.04 43.86 -26.76
N LYS A 310 26.35 43.77 -26.96
CA LYS A 310 27.11 42.54 -26.70
C LYS A 310 28.26 42.87 -25.77
N VAL A 311 28.25 42.29 -24.56
CA VAL A 311 29.30 42.54 -23.60
C VAL A 311 29.95 41.24 -23.19
N ILE A 312 31.26 41.28 -22.99
CA ILE A 312 31.99 40.07 -22.62
C ILE A 312 32.83 40.33 -21.39
N ALA A 313 32.50 39.63 -20.31
CA ALA A 313 33.17 39.80 -19.03
C ALA A 313 33.92 38.56 -18.59
N TRP A 314 34.99 38.79 -17.84
CA TRP A 314 35.84 37.72 -17.32
C TRP A 314 35.67 37.63 -15.85
N TYR A 315 36.00 36.45 -15.32
CA TYR A 315 35.92 36.20 -13.88
C TYR A 315 36.66 34.91 -13.51
N ASP A 316 37.25 34.89 -12.31
CA ASP A 316 37.94 33.71 -11.79
C ASP A 316 36.87 32.97 -10.95
N ASN A 317 36.28 31.91 -11.49
CA ASN A 317 35.22 31.20 -10.79
C ASN A 317 35.52 30.65 -9.38
N GLU A 318 36.76 30.30 -9.08
CA GLU A 318 37.06 29.80 -7.74
C GLU A 318 37.47 30.96 -6.84
N TRP A 319 38.57 31.61 -7.19
CA TRP A 319 39.06 32.71 -6.37
C TRP A 319 38.11 33.90 -6.35
N GLY A 320 37.63 34.28 -7.52
CA GLY A 320 36.70 35.39 -7.60
C GLY A 320 35.52 35.13 -6.67
N TYR A 321 34.76 34.09 -6.98
CA TYR A 321 33.60 33.73 -6.16
C TYR A 321 33.92 33.77 -4.68
N SER A 322 34.89 32.94 -4.26
CA SER A 322 35.29 32.86 -2.87
C SER A 322 35.48 34.19 -2.18
N GLN A 323 36.07 35.16 -2.89
CA GLN A 323 36.26 36.49 -2.32
C GLN A 323 34.91 37.11 -1.97
N ARG A 324 33.90 36.81 -2.79
CA ARG A 324 32.54 37.30 -2.57
C ARG A 324 31.86 36.58 -1.40
N VAL A 325 32.20 35.30 -1.24
CA VAL A 325 31.64 34.50 -0.16
C VAL A 325 32.20 35.04 1.16
N VAL A 326 33.48 35.42 1.16
CA VAL A 326 34.10 35.99 2.35
C VAL A 326 33.36 37.28 2.67
N ASP A 327 33.07 38.04 1.61
CA ASP A 327 32.37 39.31 1.73
C ASP A 327 30.97 39.14 2.35
N LEU A 328 30.18 38.24 1.78
CA LEU A 328 28.84 37.99 2.29
C LEU A 328 28.91 37.67 3.78
N ALA A 329 29.89 36.86 4.14
CA ALA A 329 30.12 36.45 5.53
C ALA A 329 30.36 37.65 6.41
N ASP A 330 31.12 38.63 5.93
CA ASP A 330 31.39 39.83 6.74
C ASP A 330 30.07 40.55 6.97
N ILE A 331 29.27 40.64 5.92
CA ILE A 331 27.96 41.29 6.00
C ILE A 331 27.19 40.63 7.13
N VAL A 332 27.13 39.30 7.08
CA VAL A 332 26.43 38.53 8.09
C VAL A 332 26.95 38.88 9.48
N ALA A 333 28.27 38.87 9.62
CA ALA A 333 28.93 39.16 10.88
C ALA A 333 28.79 40.61 11.32
N ASN A 334 28.33 41.48 10.43
CA ASN A 334 28.18 42.89 10.77
C ASN A 334 26.77 43.25 11.17
N ASN A 335 25.84 42.34 10.90
CA ASN A 335 24.45 42.56 11.23
C ASN A 335 23.96 41.43 12.10
N TRP A 336 24.89 40.89 12.91
CA TRP A 336 24.60 39.78 13.81
C TRP A 336 23.66 40.22 14.93
N LYS A 337 22.82 39.29 15.37
CA LYS A 337 21.81 39.54 16.39
C LYS A 337 21.41 38.20 17.06
N LYS B 2 79.81 47.99 -11.64
CA LYS B 2 78.52 47.28 -11.94
C LYS B 2 78.34 47.10 -13.44
N LEU B 3 78.31 45.85 -13.89
CA LEU B 3 78.17 45.52 -15.31
C LEU B 3 76.85 45.88 -15.98
N LYS B 4 76.94 46.19 -17.28
CA LYS B 4 75.79 46.55 -18.08
C LYS B 4 75.42 45.37 -18.95
N VAL B 5 74.22 44.86 -18.70
CA VAL B 5 73.71 43.72 -19.43
C VAL B 5 72.69 44.12 -20.48
N ALA B 6 72.56 43.27 -21.48
CA ALA B 6 71.60 43.50 -22.54
C ALA B 6 71.12 42.09 -22.81
N ILE B 7 69.84 41.93 -23.11
CA ILE B 7 69.28 40.60 -23.40
C ILE B 7 69.07 40.49 -24.91
N ASN B 8 69.73 39.56 -25.57
CA ASN B 8 69.49 39.42 -27.00
C ASN B 8 68.57 38.22 -27.22
N GLY B 9 67.39 38.48 -27.78
CA GLY B 9 66.40 37.44 -28.00
C GLY B 9 65.57 37.45 -26.72
N PHE B 10 64.47 38.18 -26.72
CA PHE B 10 63.62 38.31 -25.53
C PHE B 10 62.47 37.30 -25.57
N GLY B 11 62.81 36.02 -25.71
CA GLY B 11 61.77 35.00 -25.75
C GLY B 11 61.51 34.47 -24.36
N ARG B 12 61.18 33.19 -24.24
CA ARG B 12 60.91 32.62 -22.93
C ARG B 12 62.08 32.83 -21.94
N ILE B 13 63.26 32.35 -22.33
CA ILE B 13 64.42 32.45 -21.47
C ILE B 13 64.74 33.88 -21.12
N GLY B 14 64.81 34.73 -22.14
CA GLY B 14 65.12 36.12 -21.90
C GLY B 14 64.24 36.82 -20.88
N ARG B 15 62.94 36.61 -21.00
CA ARG B 15 62.00 37.25 -20.08
C ARG B 15 62.18 36.67 -18.68
N ASN B 16 62.28 35.34 -18.60
CA ASN B 16 62.50 34.70 -17.31
C ASN B 16 63.76 35.32 -16.72
N PHE B 17 64.83 35.42 -17.51
CA PHE B 17 66.05 36.01 -17.02
C PHE B 17 65.77 37.40 -16.44
N LEU B 18 65.14 38.27 -17.22
CA LEU B 18 64.87 39.62 -16.74
C LEU B 18 64.16 39.60 -15.38
N ARG B 19 63.23 38.67 -15.21
CA ARG B 19 62.54 38.61 -13.93
C ARG B 19 63.44 38.00 -12.85
N CYS B 20 64.14 36.91 -13.17
CA CYS B 20 65.04 36.31 -12.22
C CYS B 20 65.97 37.41 -11.74
N TRP B 21 66.61 38.13 -12.68
CA TRP B 21 67.51 39.22 -12.30
C TRP B 21 66.80 40.27 -11.46
N HIS B 22 65.62 40.70 -11.89
CA HIS B 22 64.90 41.71 -11.14
C HIS B 22 64.71 41.24 -9.71
N GLY B 23 64.73 39.93 -9.55
CA GLY B 23 64.56 39.34 -8.24
C GLY B 23 65.72 39.54 -7.28
N ARG B 24 66.94 39.31 -7.75
CA ARG B 24 68.13 39.44 -6.90
C ARG B 24 68.33 40.76 -6.16
N LYS B 25 68.76 40.65 -4.90
CA LYS B 25 69.02 41.82 -4.08
C LYS B 25 70.51 42.08 -4.21
N ASP B 26 70.85 43.35 -4.33
CA ASP B 26 72.25 43.77 -4.46
C ASP B 26 72.93 42.97 -5.57
N SER B 27 72.48 43.19 -6.81
CA SER B 27 73.04 42.48 -7.96
C SER B 27 74.20 43.21 -8.59
N PRO B 28 75.19 42.45 -9.12
CA PRO B 28 76.39 42.98 -9.77
C PRO B 28 76.06 43.35 -11.22
N LEU B 29 74.84 43.01 -11.61
CA LEU B 29 74.35 43.26 -12.95
C LEU B 29 73.36 44.40 -12.97
N ASP B 30 73.23 44.99 -14.16
CA ASP B 30 72.36 46.12 -14.34
C ASP B 30 71.90 46.04 -15.78
N ILE B 31 70.72 45.45 -15.99
CA ILE B 31 70.16 45.30 -17.33
C ILE B 31 69.80 46.65 -17.88
N ILE B 32 70.41 47.02 -19.01
CA ILE B 32 70.15 48.31 -19.63
C ILE B 32 69.53 48.23 -21.02
N ALA B 33 69.54 47.05 -21.62
CA ALA B 33 68.95 46.93 -22.96
C ALA B 33 68.39 45.55 -23.34
N ILE B 34 67.39 45.58 -24.20
CA ILE B 34 66.71 44.40 -24.71
C ILE B 34 66.62 44.53 -26.24
N ASN B 35 66.61 43.39 -26.91
CA ASN B 35 66.52 43.38 -28.36
C ASN B 35 65.80 42.14 -28.85
N ASP B 36 64.64 42.36 -29.44
CA ASP B 36 63.86 41.28 -30.00
C ASP B 36 63.28 41.90 -31.24
N THR B 37 62.95 41.04 -32.19
CA THR B 37 62.36 41.45 -33.44
C THR B 37 61.05 42.29 -33.32
N GLY B 38 60.31 42.10 -32.22
CA GLY B 38 59.04 42.77 -32.03
C GLY B 38 58.82 44.20 -31.51
N GLY B 39 59.87 44.89 -31.07
CA GLY B 39 59.69 46.26 -30.60
C GLY B 39 59.19 46.44 -29.18
N VAL B 40 59.16 47.69 -28.72
CA VAL B 40 58.72 48.04 -27.36
C VAL B 40 57.35 47.49 -26.97
N LYS B 41 56.33 47.99 -27.65
CA LYS B 41 54.94 47.59 -27.40
C LYS B 41 54.78 46.12 -27.06
N GLN B 42 55.44 45.27 -27.83
CA GLN B 42 55.36 43.84 -27.62
C GLN B 42 56.23 43.37 -26.46
N ALA B 43 57.40 43.95 -26.31
CA ALA B 43 58.29 43.56 -25.22
C ALA B 43 57.59 43.80 -23.90
N SER B 44 57.05 44.99 -23.74
CA SER B 44 56.36 45.34 -22.51
C SER B 44 55.15 44.47 -22.18
N HIS B 45 54.36 44.11 -23.19
CA HIS B 45 53.18 43.29 -22.95
C HIS B 45 53.63 41.96 -22.38
N LEU B 46 54.25 41.14 -23.23
CA LEU B 46 54.73 39.83 -22.83
C LEU B 46 55.55 39.78 -21.53
N LEU B 47 56.23 40.87 -21.19
CA LEU B 47 57.00 40.87 -19.95
C LEU B 47 56.01 40.94 -18.82
N LYS B 48 55.00 41.77 -18.97
CA LYS B 48 53.98 41.93 -17.95
C LYS B 48 53.06 40.71 -17.81
N TYR B 49 52.53 40.23 -18.92
CA TYR B 49 51.59 39.10 -18.88
C TYR B 49 52.22 37.81 -19.39
N ASP B 50 52.32 36.83 -18.50
CA ASP B 50 52.93 35.56 -18.83
C ASP B 50 52.01 34.39 -18.49
N SER B 51 51.64 33.62 -19.51
CA SER B 51 50.75 32.47 -19.31
C SER B 51 51.35 31.49 -18.31
N THR B 52 52.68 31.49 -18.19
CA THR B 52 53.37 30.59 -17.27
C THR B 52 53.67 31.32 -15.97
N LEU B 53 54.76 32.09 -15.95
CA LEU B 53 55.16 32.81 -14.75
C LEU B 53 54.09 33.65 -14.11
N GLY B 54 53.02 33.93 -14.84
CA GLY B 54 51.97 34.77 -14.27
C GLY B 54 52.20 36.25 -14.51
N ILE B 55 51.42 37.11 -13.85
CA ILE B 55 51.53 38.56 -14.04
C ILE B 55 52.64 39.22 -13.20
N PHE B 56 53.71 39.64 -13.88
CA PHE B 56 54.85 40.27 -13.24
C PHE B 56 54.46 41.38 -12.25
N ASP B 57 54.68 41.11 -10.97
CA ASP B 57 54.37 42.06 -9.91
C ASP B 57 55.36 43.21 -9.84
N ALA B 58 55.50 43.93 -10.94
CA ALA B 58 56.40 45.07 -10.99
C ALA B 58 55.74 46.13 -11.87
N ASP B 59 56.17 47.37 -11.71
CA ASP B 59 55.58 48.45 -12.48
C ASP B 59 56.20 48.54 -13.88
N VAL B 60 55.64 47.77 -14.82
CA VAL B 60 56.10 47.75 -16.22
C VAL B 60 55.33 48.75 -17.07
N LYS B 61 56.02 49.49 -17.93
CA LYS B 61 55.36 50.47 -18.78
C LYS B 61 56.38 51.23 -19.59
N PRO B 62 55.98 51.71 -20.78
CA PRO B 62 56.86 52.47 -21.66
C PRO B 62 57.56 53.68 -21.04
N SER B 63 58.72 53.99 -21.59
CA SER B 63 59.55 55.09 -21.16
C SER B 63 60.02 55.73 -22.46
N GLY B 64 59.62 56.98 -22.71
CA GLY B 64 60.02 57.58 -23.97
C GLY B 64 59.31 56.71 -24.99
N GLU B 65 59.89 56.55 -26.17
CA GLU B 65 59.26 55.73 -27.21
C GLU B 65 60.15 54.59 -27.62
N THR B 66 61.28 54.43 -26.94
CA THR B 66 62.23 53.37 -27.28
C THR B 66 62.63 52.50 -26.11
N ALA B 67 62.37 52.98 -24.89
CA ALA B 67 62.71 52.23 -23.69
C ALA B 67 61.46 51.87 -22.89
N ILE B 68 61.64 51.05 -21.86
CA ILE B 68 60.54 50.66 -20.99
C ILE B 68 61.04 50.90 -19.58
N SER B 69 60.13 51.00 -18.63
CA SER B 69 60.52 51.22 -17.25
C SER B 69 59.96 50.11 -16.40
N VAL B 70 60.84 49.41 -15.70
CA VAL B 70 60.46 48.31 -14.82
C VAL B 70 60.83 48.77 -13.42
N ASP B 71 59.82 49.21 -12.69
CA ASP B 71 59.99 49.72 -11.34
C ASP B 71 60.95 50.89 -11.40
N GLY B 72 60.76 51.73 -12.41
CA GLY B 72 61.58 52.92 -12.58
C GLY B 72 62.88 52.66 -13.31
N LYS B 73 63.32 51.41 -13.32
CA LYS B 73 64.55 51.06 -14.01
C LYS B 73 64.27 51.23 -15.51
N ILE B 74 65.05 52.05 -16.21
CA ILE B 74 64.84 52.24 -17.64
C ILE B 74 65.72 51.31 -18.46
N ILE B 75 65.08 50.56 -19.35
CA ILE B 75 65.76 49.59 -20.18
C ILE B 75 65.50 49.92 -21.65
N GLN B 76 66.56 50.13 -22.41
CA GLN B 76 66.38 50.44 -23.83
C GLN B 76 65.91 49.17 -24.52
N VAL B 77 65.01 49.32 -25.48
CA VAL B 77 64.50 48.18 -26.24
C VAL B 77 64.86 48.35 -27.71
N VAL B 78 65.98 47.76 -28.12
CA VAL B 78 66.39 47.87 -29.51
C VAL B 78 65.73 46.78 -30.34
N SER B 79 65.95 46.81 -31.65
CA SER B 79 65.30 45.84 -32.50
C SER B 79 66.04 45.50 -33.82
N ASN B 80 67.14 44.75 -33.73
CA ASN B 80 67.87 44.36 -34.94
C ASN B 80 68.21 42.85 -35.03
N ARG B 81 67.77 42.25 -36.14
CA ARG B 81 67.94 40.84 -36.42
C ARG B 81 69.41 40.45 -36.66
N ASN B 82 70.27 41.46 -36.67
CA ASN B 82 71.70 41.25 -36.90
C ASN B 82 72.48 41.64 -35.67
N PRO B 83 72.98 40.65 -34.93
CA PRO B 83 73.74 40.98 -33.72
C PRO B 83 74.83 41.98 -34.01
N SER B 84 75.44 41.86 -35.18
CA SER B 84 76.52 42.74 -35.61
C SER B 84 76.21 44.23 -35.54
N LEU B 85 74.93 44.58 -35.74
CA LEU B 85 74.48 45.97 -35.77
C LEU B 85 73.79 46.49 -34.51
N LEU B 86 74.12 45.95 -33.34
CA LEU B 86 73.48 46.43 -32.12
C LEU B 86 74.32 47.55 -31.51
N PRO B 87 73.68 48.53 -30.88
CA PRO B 87 74.37 49.67 -30.26
C PRO B 87 75.20 49.36 -29.03
N TRP B 88 75.62 48.10 -28.87
CA TRP B 88 76.39 47.68 -27.70
C TRP B 88 77.54 48.61 -27.36
N LYS B 89 78.37 48.93 -28.35
CA LYS B 89 79.47 49.83 -28.08
C LYS B 89 78.88 51.15 -27.59
N GLU B 90 77.76 51.57 -28.18
CA GLU B 90 77.15 52.83 -27.79
C GLU B 90 76.58 52.81 -26.37
N LEU B 91 75.95 51.70 -26.01
CA LEU B 91 75.35 51.61 -24.69
C LEU B 91 76.31 51.17 -23.59
N GLY B 92 77.51 50.75 -23.99
CA GLY B 92 78.51 50.32 -23.02
C GLY B 92 78.21 48.97 -22.41
N ILE B 93 77.64 48.06 -23.21
CA ILE B 93 77.28 46.74 -22.74
C ILE B 93 78.47 45.87 -22.36
N ASP B 94 78.56 45.53 -21.09
CA ASP B 94 79.64 44.69 -20.65
C ASP B 94 79.29 43.26 -21.05
N ILE B 95 78.10 42.76 -20.72
CA ILE B 95 77.75 41.40 -21.15
C ILE B 95 76.39 41.21 -21.81
N VAL B 96 76.36 40.29 -22.79
CA VAL B 96 75.17 39.95 -23.57
C VAL B 96 74.67 38.56 -23.24
N ILE B 97 73.37 38.43 -23.06
CA ILE B 97 72.78 37.13 -22.77
C ILE B 97 72.18 36.59 -24.05
N GLU B 98 72.98 35.85 -24.81
CA GLU B 98 72.47 35.32 -26.06
C GLU B 98 71.29 34.41 -25.84
N GLY B 99 70.09 34.97 -25.93
CA GLY B 99 68.90 34.18 -25.70
C GLY B 99 68.06 33.88 -26.94
N THR B 100 68.62 34.14 -28.11
CA THR B 100 67.90 33.92 -29.36
C THR B 100 67.84 32.45 -29.76
N GLY B 101 68.84 31.68 -29.32
CA GLY B 101 68.87 30.27 -29.66
C GLY B 101 69.27 30.00 -31.10
N VAL B 102 69.96 30.95 -31.72
CA VAL B 102 70.41 30.82 -33.09
C VAL B 102 71.89 31.21 -33.20
N PHE B 103 72.36 32.02 -32.25
CA PHE B 103 73.77 32.45 -32.24
C PHE B 103 74.48 31.69 -31.15
N VAL B 104 74.82 30.43 -31.44
CA VAL B 104 75.49 29.57 -30.47
C VAL B 104 76.97 29.23 -30.70
N ASP B 105 77.43 29.40 -31.94
CA ASP B 105 78.85 29.13 -32.24
C ASP B 105 79.60 30.46 -32.11
N ARG B 106 80.92 30.42 -32.18
CA ARG B 106 81.74 31.64 -32.06
C ARG B 106 81.39 32.71 -33.10
N GLU B 107 81.18 32.29 -34.35
CA GLU B 107 80.82 33.23 -35.40
C GLU B 107 79.57 33.96 -34.93
N GLY B 108 78.51 33.18 -34.74
CA GLY B 108 77.24 33.72 -34.28
C GLY B 108 77.40 34.71 -33.15
N ALA B 109 77.69 34.21 -31.96
CA ALA B 109 77.84 35.06 -30.80
C ALA B 109 78.96 36.08 -30.89
N GLY B 110 80.01 35.76 -31.62
CA GLY B 110 81.13 36.68 -31.76
C GLY B 110 80.70 38.06 -32.24
N LYS B 111 79.62 38.09 -33.03
CA LYS B 111 79.07 39.33 -33.56
C LYS B 111 78.76 40.30 -32.43
N HIS B 112 78.24 39.78 -31.33
CA HIS B 112 77.93 40.62 -30.18
C HIS B 112 79.17 41.37 -29.72
N ILE B 113 80.34 40.79 -29.93
CA ILE B 113 81.56 41.46 -29.52
C ILE B 113 81.97 42.43 -30.61
N GLU B 114 81.63 42.08 -31.84
CA GLU B 114 81.92 42.95 -32.97
C GLU B 114 81.12 44.20 -32.67
N ALA B 115 79.87 44.00 -32.26
CA ALA B 115 78.95 45.08 -31.96
C ALA B 115 79.37 45.98 -30.77
N GLY B 116 80.40 45.59 -30.04
CA GLY B 116 80.87 46.42 -28.93
C GLY B 116 80.72 45.86 -27.52
N ALA B 117 80.03 44.73 -27.39
CA ALA B 117 79.84 44.10 -26.08
C ALA B 117 81.09 43.27 -25.81
N LYS B 118 81.48 43.19 -24.54
CA LYS B 118 82.68 42.45 -24.16
C LYS B 118 82.54 40.94 -23.90
N LYS B 119 81.34 40.48 -23.60
CA LYS B 119 81.13 39.07 -23.37
C LYS B 119 79.72 38.60 -23.70
N VAL B 120 79.65 37.43 -24.31
CA VAL B 120 78.39 36.78 -24.67
C VAL B 120 78.30 35.59 -23.72
N ILE B 121 77.09 35.22 -23.34
CA ILE B 121 76.88 34.10 -22.46
C ILE B 121 75.67 33.39 -23.06
N ILE B 122 75.94 32.42 -23.92
CA ILE B 122 74.91 31.65 -24.61
C ILE B 122 74.02 30.86 -23.65
N THR B 123 72.72 31.09 -23.72
CA THR B 123 71.77 30.40 -22.86
C THR B 123 71.33 29.09 -23.50
N ALA B 124 72.32 28.29 -23.86
CA ALA B 124 72.04 27.01 -24.49
C ALA B 124 73.36 26.33 -24.82
N PRO B 125 73.29 25.07 -25.28
CA PRO B 125 74.50 24.32 -25.63
C PRO B 125 75.34 25.10 -26.65
N GLY B 126 76.51 25.57 -26.24
CA GLY B 126 77.36 26.30 -27.17
C GLY B 126 77.87 25.39 -28.27
N LYS B 127 78.50 25.96 -29.29
CA LYS B 127 79.05 25.16 -30.39
C LYS B 127 80.49 25.52 -30.68
N GLY B 128 81.27 24.50 -31.02
CA GLY B 128 82.67 24.72 -31.28
C GLY B 128 83.40 24.51 -29.98
N ASP B 129 84.52 25.21 -29.79
CA ASP B 129 85.27 25.04 -28.57
C ASP B 129 84.81 26.03 -27.50
N ILE B 130 83.51 26.26 -27.42
CA ILE B 130 82.98 27.21 -26.45
C ILE B 130 82.85 26.60 -25.05
N PRO B 131 83.57 27.17 -24.07
CA PRO B 131 83.59 26.74 -22.67
C PRO B 131 82.23 26.70 -21.97
N THR B 132 81.79 25.50 -21.60
CA THR B 132 80.50 25.34 -20.94
C THR B 132 80.63 25.29 -19.42
N TYR B 133 79.61 25.79 -18.73
CA TYR B 133 79.59 25.84 -17.27
C TYR B 133 78.20 25.69 -16.64
N VAL B 134 78.12 24.85 -15.61
CA VAL B 134 76.88 24.64 -14.87
C VAL B 134 77.23 25.19 -13.49
N VAL B 135 76.54 26.21 -13.03
CA VAL B 135 76.88 26.77 -11.72
C VAL B 135 76.79 25.74 -10.61
N GLY B 136 77.81 25.74 -9.75
CA GLY B 136 77.84 24.81 -8.62
C GLY B 136 78.66 23.54 -8.88
N VAL B 137 79.05 23.33 -10.14
CA VAL B 137 79.84 22.16 -10.52
C VAL B 137 81.23 22.65 -10.92
N ASN B 138 81.33 23.20 -12.13
CA ASN B 138 82.60 23.71 -12.66
C ASN B 138 82.59 25.20 -12.99
N ALA B 139 81.65 25.94 -12.40
CA ALA B 139 81.54 27.38 -12.64
C ALA B 139 82.78 28.10 -12.11
N ASP B 140 83.63 27.33 -11.45
CA ASP B 140 84.87 27.84 -10.89
C ASP B 140 85.96 27.81 -11.94
N ALA B 141 85.74 27.00 -12.98
CA ALA B 141 86.71 26.84 -14.08
C ALA B 141 86.82 28.07 -14.96
N TYR B 142 85.82 28.93 -14.87
CA TYR B 142 85.78 30.16 -15.64
C TYR B 142 86.94 31.12 -15.32
N SER B 143 87.59 31.60 -16.39
CA SER B 143 88.68 32.56 -16.30
C SER B 143 88.25 33.71 -17.23
N HIS B 144 88.63 34.94 -16.91
CA HIS B 144 88.21 36.10 -17.72
C HIS B 144 88.62 36.05 -19.21
N ASP B 145 89.58 35.19 -19.54
CA ASP B 145 90.05 35.06 -20.93
C ASP B 145 88.95 34.70 -21.93
N GLU B 146 87.92 34.03 -21.43
CA GLU B 146 86.84 33.56 -22.29
C GLU B 146 85.73 34.59 -22.50
N PRO B 147 85.61 35.12 -23.74
CA PRO B 147 84.61 36.11 -24.14
C PRO B 147 83.24 35.49 -24.35
N ILE B 148 83.21 34.40 -25.10
CA ILE B 148 81.97 33.71 -25.38
C ILE B 148 81.92 32.38 -24.64
N ILE B 149 80.88 32.17 -23.84
CA ILE B 149 80.74 30.93 -23.10
C ILE B 149 79.32 30.39 -23.18
N SER B 150 79.13 29.14 -22.79
CA SER B 150 77.81 28.52 -22.82
C SER B 150 77.42 28.23 -21.37
N ASN B 151 76.14 27.95 -21.14
CA ASN B 151 75.65 27.62 -19.79
C ASN B 151 74.93 26.26 -19.90
N ALA B 152 75.13 25.60 -21.04
CA ALA B 152 74.54 24.30 -21.30
C ALA B 152 73.01 24.39 -21.46
N SER B 153 72.35 23.24 -21.45
CA SER B 153 70.89 23.18 -21.57
C SER B 153 70.31 23.13 -20.16
N CYS B 154 68.99 23.19 -20.06
CA CYS B 154 68.34 23.15 -18.75
C CYS B 154 68.51 21.75 -18.12
N THR B 155 68.37 20.72 -18.95
CA THR B 155 68.53 19.33 -18.49
C THR B 155 69.94 19.12 -17.92
N THR B 156 70.95 19.51 -18.71
CA THR B 156 72.34 19.40 -18.31
C THR B 156 72.57 20.09 -16.98
N ASN B 157 71.88 21.20 -16.75
CA ASN B 157 72.04 21.90 -15.48
C ASN B 157 71.38 21.14 -14.35
N CYS B 158 70.54 20.16 -14.69
CA CYS B 158 69.84 19.33 -13.69
C CYS B 158 70.65 18.10 -13.28
N LEU B 159 71.12 17.33 -14.27
CA LEU B 159 71.92 16.13 -14.02
C LEU B 159 73.25 16.46 -13.34
N ALA B 160 74.10 17.23 -14.02
CA ALA B 160 75.40 17.60 -13.47
C ALA B 160 75.49 17.67 -11.95
N PRO B 161 74.62 18.46 -11.30
CA PRO B 161 74.74 18.50 -9.85
C PRO B 161 74.52 17.19 -9.05
N PHE B 162 73.56 16.35 -9.46
CA PHE B 162 73.32 15.12 -8.72
C PHE B 162 74.12 13.94 -9.29
N VAL B 163 74.66 14.10 -10.50
CA VAL B 163 75.50 13.08 -11.14
C VAL B 163 76.90 13.31 -10.58
N LYS B 164 77.14 14.55 -10.17
CA LYS B 164 78.41 14.96 -9.58
C LYS B 164 78.50 14.26 -8.25
N VAL B 165 77.35 14.17 -7.60
CA VAL B 165 77.24 13.54 -6.30
C VAL B 165 77.27 12.02 -6.43
N LEU B 166 76.60 11.51 -7.45
CA LEU B 166 76.54 10.06 -7.69
C LEU B 166 77.87 9.43 -8.09
N ASP B 167 78.58 10.04 -9.04
CA ASP B 167 79.86 9.51 -9.49
C ASP B 167 80.93 9.78 -8.43
N GLN B 168 80.82 10.95 -7.80
CA GLN B 168 81.73 11.38 -6.75
C GLN B 168 81.80 10.28 -5.71
N LYS B 169 80.69 10.07 -5.02
CA LYS B 169 80.62 9.06 -3.96
C LYS B 169 80.64 7.63 -4.44
N PHE B 170 79.55 7.20 -5.04
CA PHE B 170 79.45 5.82 -5.49
C PHE B 170 80.11 5.46 -6.83
N GLY B 171 80.80 6.43 -7.42
CA GLY B 171 81.50 6.22 -8.68
C GLY B 171 80.69 5.63 -9.82
N ILE B 172 80.27 6.48 -10.77
CA ILE B 172 79.46 6.05 -11.92
C ILE B 172 80.25 5.28 -12.98
N ILE B 173 79.80 4.06 -13.26
CA ILE B 173 80.41 3.19 -14.25
C ILE B 173 79.89 3.52 -15.63
N LYS B 174 78.58 3.71 -15.72
CA LYS B 174 77.90 4.04 -16.96
C LYS B 174 76.42 4.28 -16.66
N GLY B 175 75.73 5.01 -17.54
CA GLY B 175 74.32 5.28 -17.30
C GLY B 175 73.56 5.78 -18.50
N THR B 176 72.23 5.68 -18.41
CA THR B 176 71.34 6.12 -19.48
C THR B 176 70.36 7.12 -18.81
N MET B 177 69.65 7.91 -19.62
CA MET B 177 68.71 8.88 -19.08
C MET B 177 67.55 9.28 -20.00
N THR B 178 66.37 9.47 -19.40
CA THR B 178 65.19 9.91 -20.14
C THR B 178 64.56 11.03 -19.34
N THR B 179 64.36 12.17 -20.00
CA THR B 179 63.75 13.30 -19.35
C THR B 179 62.35 13.52 -19.95
N THR B 180 61.35 13.43 -19.08
CA THR B 180 59.96 13.65 -19.48
C THR B 180 59.90 15.17 -19.30
N HIS B 181 59.90 15.85 -20.44
CA HIS B 181 59.95 17.31 -20.51
C HIS B 181 58.70 18.04 -20.99
N SER B 182 58.50 19.25 -20.45
CA SER B 182 57.41 20.12 -20.83
C SER B 182 57.75 20.61 -22.24
N TYR B 183 56.80 20.59 -23.17
CA TYR B 183 57.13 21.04 -24.52
C TYR B 183 57.72 22.45 -24.47
N THR B 184 58.37 22.84 -25.57
CA THR B 184 58.99 24.16 -25.68
C THR B 184 58.74 24.79 -27.06
N GLY B 185 59.07 26.08 -27.18
CA GLY B 185 58.85 26.81 -28.43
C GLY B 185 59.28 26.16 -29.73
N ASP B 186 60.13 25.13 -29.65
CA ASP B 186 60.64 24.46 -30.85
C ASP B 186 59.69 23.45 -31.49
N GLN B 187 58.48 23.29 -30.94
CA GLN B 187 57.50 22.35 -31.46
C GLN B 187 56.25 22.99 -32.07
N ARG B 188 55.61 22.27 -32.99
CA ARG B 188 54.41 22.78 -33.63
C ARG B 188 53.20 22.63 -32.73
N LEU B 189 52.20 23.48 -32.95
CA LEU B 189 50.97 23.44 -32.18
C LEU B 189 50.07 22.38 -32.80
N LEU B 190 50.18 22.27 -34.12
CA LEU B 190 49.42 21.29 -34.85
C LEU B 190 50.39 20.72 -35.88
N ASP B 191 49.99 19.62 -36.52
CA ASP B 191 50.85 18.96 -37.51
C ASP B 191 51.20 19.82 -38.72
N ALA B 192 52.35 20.47 -38.66
CA ALA B 192 52.80 21.30 -39.76
C ALA B 192 54.27 20.94 -39.97
N SER B 193 54.76 21.11 -41.20
CA SER B 193 56.15 20.76 -41.52
C SER B 193 57.20 21.24 -40.50
N HIS B 194 58.28 20.49 -40.41
CA HIS B 194 59.37 20.79 -39.50
C HIS B 194 60.48 19.86 -39.94
N ARG B 195 61.71 20.16 -39.54
CA ARG B 195 62.83 19.32 -39.93
C ARG B 195 62.81 18.01 -39.18
N ASP B 196 62.59 18.10 -37.88
CA ASP B 196 62.52 16.96 -36.98
C ASP B 196 61.07 16.43 -37.00
N LEU B 197 60.82 15.33 -37.73
CA LEU B 197 59.47 14.77 -37.83
C LEU B 197 58.78 14.44 -36.49
N ARG B 198 59.47 14.66 -35.39
CA ARG B 198 58.89 14.42 -34.06
C ARG B 198 58.25 15.74 -33.60
N ARG B 199 59.03 16.81 -33.67
CA ARG B 199 58.61 18.14 -33.26
C ARG B 199 57.56 18.75 -34.18
N ALA B 200 57.28 18.12 -35.32
CA ALA B 200 56.30 18.65 -36.24
C ALA B 200 54.87 18.29 -35.82
N ARG B 201 54.75 17.47 -34.80
CA ARG B 201 53.43 17.04 -34.36
C ARG B 201 52.94 17.84 -33.16
N ALA B 202 51.61 17.95 -33.07
CA ALA B 202 50.96 18.69 -31.99
C ALA B 202 51.61 18.50 -30.61
N ALA B 203 52.34 19.52 -30.18
CA ALA B 203 53.03 19.51 -28.90
C ALA B 203 52.18 19.23 -27.67
N ALA B 204 51.03 19.90 -27.57
CA ALA B 204 50.17 19.73 -26.42
C ALA B 204 49.16 18.59 -26.56
N LEU B 205 49.47 17.64 -27.42
CA LEU B 205 48.59 16.49 -27.62
C LEU B 205 49.33 15.18 -27.41
N ASN B 206 50.52 15.10 -27.99
CA ASN B 206 51.31 13.89 -27.93
C ASN B 206 52.38 13.81 -26.86
N ILE B 207 53.07 12.69 -26.92
CA ILE B 207 54.21 12.39 -26.09
C ILE B 207 55.19 12.24 -27.24
N VAL B 208 56.07 13.23 -27.38
CA VAL B 208 57.02 13.23 -28.47
C VAL B 208 58.42 12.95 -27.95
N PRO B 209 59.13 12.03 -28.62
CA PRO B 209 60.50 11.70 -28.18
C PRO B 209 61.46 12.55 -29.02
N THR B 210 62.55 13.01 -28.40
CA THR B 210 63.51 13.83 -29.13
C THR B 210 64.97 13.59 -28.70
N SER B 211 65.81 13.25 -29.67
CA SER B 211 67.23 13.01 -29.41
C SER B 211 67.77 14.26 -28.72
N THR B 212 68.35 14.08 -27.52
CA THR B 212 68.88 15.23 -26.79
C THR B 212 70.37 15.51 -26.98
N GLY B 213 71.19 14.87 -26.15
CA GLY B 213 72.62 15.09 -26.23
C GLY B 213 73.01 15.88 -25.00
N ALA B 214 72.06 16.10 -24.12
CA ALA B 214 72.30 16.84 -22.88
C ALA B 214 72.89 15.88 -21.84
N ALA B 215 72.98 14.61 -22.22
CA ALA B 215 73.54 13.57 -21.34
C ALA B 215 75.06 13.60 -21.49
N LYS B 216 75.53 13.28 -22.69
CA LYS B 216 76.96 13.29 -22.99
C LYS B 216 77.57 14.63 -22.55
N ALA B 217 76.80 15.69 -22.73
CA ALA B 217 77.23 17.05 -22.39
C ALA B 217 77.80 17.15 -20.98
N VAL B 218 77.33 16.29 -20.08
CA VAL B 218 77.80 16.29 -18.70
C VAL B 218 79.32 16.22 -18.66
N ALA B 219 79.89 15.51 -19.64
CA ALA B 219 81.34 15.38 -19.74
C ALA B 219 82.05 16.73 -19.70
N LEU B 220 81.52 17.72 -20.39
CA LEU B 220 82.12 19.05 -20.43
C LEU B 220 82.37 19.59 -19.03
N VAL B 221 81.32 19.67 -18.23
CA VAL B 221 81.42 20.19 -16.86
C VAL B 221 82.00 19.18 -15.89
N LEU B 222 81.83 17.90 -16.22
CA LEU B 222 82.36 16.83 -15.37
C LEU B 222 83.31 15.95 -16.20
N PRO B 223 84.56 16.41 -16.36
CA PRO B 223 85.62 15.73 -17.11
C PRO B 223 85.48 14.23 -17.13
N ASN B 224 85.20 13.66 -15.98
CA ASN B 224 85.08 12.23 -15.84
C ASN B 224 84.09 11.52 -16.76
N LEU B 225 82.81 11.66 -16.44
CA LEU B 225 81.70 11.02 -17.17
C LEU B 225 81.79 10.80 -18.68
N LYS B 226 82.88 11.23 -19.30
CA LYS B 226 83.06 11.07 -20.73
C LYS B 226 82.64 9.67 -21.22
N GLY B 227 81.92 9.64 -22.33
CA GLY B 227 81.46 8.40 -22.93
C GLY B 227 80.62 7.46 -22.06
N LYS B 228 80.45 7.82 -20.79
CA LYS B 228 79.68 7.02 -19.85
C LYS B 228 78.17 7.23 -19.92
N LEU B 229 77.76 8.47 -20.21
CA LEU B 229 76.33 8.85 -20.29
C LEU B 229 75.80 9.18 -21.68
N ASN B 230 74.50 9.04 -21.82
CA ASN B 230 73.79 9.34 -23.06
C ASN B 230 72.31 9.27 -22.74
N GLY B 231 71.46 9.74 -23.65
CA GLY B 231 70.04 9.69 -23.35
C GLY B 231 69.10 10.24 -24.39
N ILE B 232 67.83 10.30 -24.00
CA ILE B 232 66.77 10.81 -24.82
C ILE B 232 65.75 11.59 -23.97
N ALA B 233 64.84 12.28 -24.64
CA ALA B 233 63.82 13.06 -23.95
C ALA B 233 62.48 12.74 -24.57
N LEU B 234 61.44 12.94 -23.76
CA LEU B 234 60.07 12.71 -24.18
C LEU B 234 59.34 14.03 -23.84
N ARG B 235 58.58 14.56 -24.79
CA ARG B 235 57.87 15.81 -24.60
C ARG B 235 56.41 15.57 -24.25
N VAL B 236 55.94 16.22 -23.19
CA VAL B 236 54.55 16.02 -22.77
C VAL B 236 53.74 17.30 -22.51
N PRO B 237 52.44 17.25 -22.78
CA PRO B 237 51.47 18.33 -22.62
C PRO B 237 51.46 19.20 -21.35
N THR B 238 52.62 19.66 -20.94
CA THR B 238 52.71 20.59 -19.82
C THR B 238 53.71 21.64 -20.31
N PRO B 239 53.28 22.90 -20.38
CA PRO B 239 54.08 24.04 -20.83
C PRO B 239 55.33 24.33 -20.01
N ASN B 240 55.39 23.79 -18.81
CA ASN B 240 56.57 24.04 -18.02
C ASN B 240 56.79 23.01 -16.95
N VAL B 241 58.03 23.00 -16.44
CA VAL B 241 58.51 22.08 -15.42
C VAL B 241 58.74 20.72 -16.09
N SER B 242 59.89 20.10 -15.81
CA SER B 242 60.19 18.81 -16.42
C SER B 242 60.91 17.93 -15.44
N VAL B 243 61.09 16.65 -15.79
CA VAL B 243 61.74 15.74 -14.88
C VAL B 243 62.79 14.86 -15.55
N VAL B 244 63.90 14.64 -14.83
CA VAL B 244 65.04 13.82 -15.29
C VAL B 244 65.04 12.38 -14.72
N ASP B 245 65.12 11.39 -15.61
CA ASP B 245 65.17 9.99 -15.17
C ASP B 245 66.53 9.35 -15.43
N LEU B 246 67.34 9.27 -14.36
CA LEU B 246 68.68 8.70 -14.46
C LEU B 246 68.86 7.30 -13.86
N VAL B 247 69.44 6.43 -14.68
CA VAL B 247 69.74 5.05 -14.32
C VAL B 247 71.28 4.90 -14.47
N VAL B 248 72.00 5.08 -13.37
CA VAL B 248 73.45 4.93 -13.40
C VAL B 248 73.82 3.53 -12.97
N GLN B 249 75.12 3.24 -12.96
CA GLN B 249 75.62 1.95 -12.54
C GLN B 249 76.90 2.26 -11.77
N VAL B 250 76.75 2.52 -10.47
CA VAL B 250 77.89 2.85 -9.64
C VAL B 250 78.72 1.61 -9.35
N SER B 251 79.93 1.83 -8.88
CA SER B 251 80.84 0.74 -8.56
C SER B 251 80.58 0.32 -7.12
N LYS B 252 80.69 1.29 -6.22
CA LYS B 252 80.46 1.06 -4.79
C LYS B 252 78.99 0.74 -4.54
N LYS B 253 78.67 -0.53 -4.28
CA LYS B 253 77.28 -0.94 -4.01
C LYS B 253 76.63 -0.09 -2.90
N THR B 254 75.30 -0.08 -2.88
CA THR B 254 74.55 0.70 -1.88
C THR B 254 73.03 0.46 -1.90
N PHE B 255 72.31 1.39 -1.27
CA PHE B 255 70.85 1.36 -1.14
C PHE B 255 70.24 2.77 -1.12
N ALA B 256 68.96 2.86 -1.47
CA ALA B 256 68.26 4.14 -1.49
C ALA B 256 68.57 5.06 -0.31
N GLU B 257 68.11 4.73 0.91
CA GLU B 257 68.34 5.59 2.08
C GLU B 257 69.70 6.25 2.12
N GLU B 258 70.69 5.60 1.53
CA GLU B 258 72.04 6.15 1.53
C GLU B 258 72.22 7.09 0.36
N VAL B 259 71.60 6.74 -0.76
CA VAL B 259 71.68 7.56 -1.96
C VAL B 259 71.11 8.93 -1.58
N ASN B 260 69.82 8.98 -1.32
CA ASN B 260 69.16 10.23 -0.95
C ASN B 260 69.84 10.88 0.27
N ALA B 261 70.30 10.05 1.21
CA ALA B 261 70.97 10.54 2.40
C ALA B 261 72.13 11.36 1.89
N ALA B 262 72.85 10.77 0.93
CA ALA B 262 74.00 11.40 0.30
C ALA B 262 73.62 12.76 -0.29
N PHE B 263 72.50 12.79 -1.00
CA PHE B 263 72.03 14.02 -1.60
C PHE B 263 71.78 15.09 -0.54
N ARG B 264 70.95 14.77 0.45
CA ARG B 264 70.64 15.72 1.52
C ARG B 264 71.87 16.48 2.04
N ASP B 265 73.00 15.77 2.13
CA ASP B 265 74.27 16.32 2.62
C ASP B 265 74.85 17.32 1.63
N SER B 266 74.76 17.00 0.33
CA SER B 266 75.24 17.90 -0.69
C SER B 266 74.40 19.14 -0.48
N ALA B 267 73.09 18.93 -0.53
CA ALA B 267 72.08 19.96 -0.38
C ALA B 267 72.40 21.04 0.66
N GLU B 268 73.18 20.72 1.67
CA GLU B 268 73.53 21.70 2.69
C GLU B 268 75.01 22.01 2.63
N LYS B 269 75.76 21.19 1.91
CA LYS B 269 77.19 21.38 1.83
C LYS B 269 77.65 22.24 0.66
N GLU B 270 78.16 21.59 -0.40
CA GLU B 270 78.68 22.29 -1.57
C GLU B 270 77.68 22.51 -2.72
N LEU B 271 76.40 22.28 -2.47
CA LEU B 271 75.36 22.47 -3.48
C LEU B 271 74.10 23.11 -2.87
N LYS B 272 74.31 24.02 -1.93
CA LYS B 272 73.18 24.71 -1.30
C LYS B 272 72.71 25.78 -2.26
N GLY B 273 71.42 25.79 -2.52
CA GLY B 273 70.89 26.78 -3.44
C GLY B 273 70.98 26.22 -4.85
N ILE B 274 71.41 24.97 -4.96
CA ILE B 274 71.54 24.30 -6.26
C ILE B 274 70.81 22.97 -6.25
N LEU B 275 71.18 22.10 -5.31
CA LEU B 275 70.55 20.78 -5.17
C LEU B 275 69.56 20.82 -4.01
N ASP B 276 68.46 20.10 -4.20
CA ASP B 276 67.39 20.03 -3.22
C ASP B 276 66.78 18.64 -3.27
N VAL B 277 66.39 18.10 -2.12
CA VAL B 277 65.76 16.78 -2.08
C VAL B 277 64.35 17.00 -1.53
N CYS B 278 63.38 16.36 -2.16
CA CYS B 278 62.00 16.51 -1.72
C CYS B 278 61.44 15.18 -1.22
N ASP B 279 60.94 15.22 0.02
CA ASP B 279 60.37 14.04 0.65
C ASP B 279 58.83 14.07 0.60
N GLU B 280 58.25 15.25 0.39
CA GLU B 280 56.79 15.39 0.30
C GLU B 280 56.39 14.98 -1.12
N PRO B 281 55.28 14.27 -1.28
CA PRO B 281 54.78 13.79 -2.59
C PRO B 281 54.10 14.82 -3.49
N LEU B 282 54.91 15.67 -4.14
CA LEU B 282 54.39 16.72 -5.01
C LEU B 282 54.34 16.29 -6.47
N VAL B 283 53.78 17.16 -7.31
CA VAL B 283 53.71 16.88 -8.76
C VAL B 283 54.37 18.01 -9.51
N SER B 284 54.56 17.83 -10.82
CA SER B 284 55.26 18.82 -11.64
C SER B 284 55.00 20.28 -11.28
N VAL B 285 53.78 20.72 -11.46
CA VAL B 285 53.43 22.09 -11.19
C VAL B 285 53.89 22.68 -9.83
N ASP B 286 54.10 21.83 -8.82
CA ASP B 286 54.52 22.31 -7.50
C ASP B 286 55.92 22.88 -7.51
N PHE B 287 56.61 22.62 -8.60
CA PHE B 287 57.98 23.06 -8.76
C PHE B 287 58.12 24.26 -9.68
N ARG B 288 57.02 24.97 -9.88
CA ARG B 288 57.07 26.16 -10.71
C ARG B 288 57.82 27.25 -9.92
N CYS B 289 58.80 27.86 -10.56
CA CYS B 289 59.59 28.91 -9.94
C CYS B 289 60.58 28.44 -8.88
N SER B 290 61.00 27.19 -8.99
CA SER B 290 61.97 26.65 -8.04
C SER B 290 63.39 27.10 -8.42
N ASP B 291 64.08 27.75 -7.49
CA ASP B 291 65.44 28.24 -7.73
C ASP B 291 66.49 27.13 -7.76
N PHE B 292 66.03 25.88 -7.68
CA PHE B 292 66.94 24.71 -7.68
C PHE B 292 67.05 24.04 -9.03
N SER B 293 68.28 23.98 -9.54
CA SER B 293 68.55 23.35 -10.84
C SER B 293 68.11 21.87 -10.81
N THR B 294 68.05 21.32 -9.60
CA THR B 294 67.64 19.94 -9.42
C THR B 294 67.12 19.64 -8.00
N THR B 295 65.93 19.05 -7.96
CA THR B 295 65.26 18.65 -6.73
C THR B 295 64.99 17.17 -6.86
N ILE B 296 65.52 16.37 -5.93
CA ILE B 296 65.34 14.93 -5.99
C ILE B 296 64.07 14.45 -5.34
N ASP B 297 63.46 13.43 -5.94
CA ASP B 297 62.25 12.85 -5.40
C ASP B 297 62.66 11.60 -4.62
N SER B 298 63.07 11.84 -3.37
CA SER B 298 63.52 10.76 -2.51
C SER B 298 62.58 9.58 -2.51
N SER B 299 61.28 9.83 -2.32
CA SER B 299 60.31 8.74 -2.30
C SER B 299 60.24 7.98 -3.63
N LEU B 300 61.16 8.29 -4.55
CA LEU B 300 61.20 7.62 -5.85
C LEU B 300 62.54 6.92 -6.15
N THR B 301 63.56 7.19 -5.34
CA THR B 301 64.89 6.58 -5.50
C THR B 301 64.84 5.05 -5.41
N MET B 302 65.63 4.39 -6.26
CA MET B 302 65.66 2.94 -6.27
C MET B 302 67.06 2.41 -6.49
N VAL B 303 67.26 1.13 -6.17
CA VAL B 303 68.54 0.42 -6.34
C VAL B 303 68.24 -1.05 -6.62
N MET B 304 68.73 -1.54 -7.75
CA MET B 304 68.51 -2.94 -8.14
C MET B 304 69.84 -3.66 -8.39
N GLY B 305 70.06 -4.76 -7.69
CA GLY B 305 71.31 -5.47 -7.86
C GLY B 305 72.40 -4.81 -7.03
N ASP B 306 72.00 -3.99 -6.06
CA ASP B 306 72.93 -3.32 -5.15
C ASP B 306 73.73 -2.17 -5.76
N ASP B 307 73.92 -2.21 -7.08
CA ASP B 307 74.72 -1.21 -7.79
C ASP B 307 73.99 -0.35 -8.83
N MET B 308 72.85 -0.83 -9.34
CA MET B 308 72.06 -0.09 -10.35
C MET B 308 71.16 0.95 -9.67
N VAL B 309 71.70 2.16 -9.51
CA VAL B 309 71.01 3.29 -8.89
C VAL B 309 70.08 4.11 -9.81
N LYS B 310 68.88 4.43 -9.32
CA LYS B 310 67.90 5.21 -10.07
C LYS B 310 67.45 6.45 -9.28
N VAL B 311 67.71 7.64 -9.82
CA VAL B 311 67.29 8.88 -9.16
C VAL B 311 66.27 9.65 -10.02
N ILE B 312 65.44 10.45 -9.35
CA ILE B 312 64.40 11.26 -10.00
C ILE B 312 64.59 12.74 -9.64
N ALA B 313 64.64 13.60 -10.66
CA ALA B 313 64.85 15.03 -10.41
C ALA B 313 63.93 16.00 -11.13
N TRP B 314 63.35 16.89 -10.33
CA TRP B 314 62.44 17.92 -10.83
C TRP B 314 63.20 19.21 -11.11
N TYR B 315 62.85 19.83 -12.24
CA TYR B 315 63.45 21.11 -12.60
C TYR B 315 62.47 21.96 -13.41
N ASP B 316 62.53 23.27 -13.17
CA ASP B 316 61.69 24.23 -13.89
C ASP B 316 62.55 24.61 -15.10
N ASN B 317 62.33 23.94 -16.24
CA ASN B 317 63.10 24.20 -17.45
C ASN B 317 63.41 25.70 -17.74
N GLU B 318 62.43 26.59 -17.52
CA GLU B 318 62.60 28.03 -17.77
C GLU B 318 63.20 28.80 -16.58
N TRP B 319 62.42 28.88 -15.50
CA TRP B 319 62.82 29.59 -14.31
C TRP B 319 64.18 29.24 -13.74
N GLY B 320 64.34 28.03 -13.17
CA GLY B 320 65.61 27.65 -12.59
C GLY B 320 66.85 27.93 -13.45
N TYR B 321 66.81 27.48 -14.71
CA TYR B 321 67.92 27.67 -15.63
C TYR B 321 68.31 29.14 -15.69
N SER B 322 67.30 30.02 -15.68
CA SER B 322 67.53 31.45 -15.74
C SER B 322 68.20 31.88 -14.43
N GLN B 323 67.72 31.31 -13.32
CA GLN B 323 68.29 31.65 -12.05
C GLN B 323 69.78 31.31 -12.12
N ARG B 324 70.10 30.23 -12.82
CA ARG B 324 71.51 29.86 -12.98
C ARG B 324 72.20 30.90 -13.86
N VAL B 325 71.64 31.17 -15.03
CA VAL B 325 72.22 32.15 -15.95
C VAL B 325 72.60 33.46 -15.25
N VAL B 326 71.79 33.88 -14.29
CA VAL B 326 72.08 35.10 -13.54
C VAL B 326 73.29 34.85 -12.67
N ASP B 327 73.33 33.67 -12.05
CA ASP B 327 74.45 33.33 -11.17
C ASP B 327 75.74 33.33 -11.98
N LEU B 328 75.70 32.68 -13.15
CA LEU B 328 76.86 32.60 -14.03
C LEU B 328 77.35 34.00 -14.44
N ALA B 329 76.40 34.92 -14.61
CA ALA B 329 76.70 36.29 -14.97
C ALA B 329 77.34 36.95 -13.76
N ASP B 330 76.81 36.65 -12.59
CA ASP B 330 77.38 37.22 -11.39
C ASP B 330 78.83 36.76 -11.34
N ILE B 331 79.06 35.48 -11.60
CA ILE B 331 80.40 34.90 -11.60
C ILE B 331 81.27 35.71 -12.56
N VAL B 332 80.73 35.91 -13.77
CA VAL B 332 81.42 36.65 -14.79
C VAL B 332 81.69 38.05 -14.30
N ALA B 333 80.68 38.62 -13.63
CA ALA B 333 80.77 39.98 -13.11
C ALA B 333 81.73 40.12 -11.93
N ASN B 334 82.03 39.02 -11.27
CA ASN B 334 82.92 39.08 -10.13
C ASN B 334 84.35 38.73 -10.47
N ASN B 335 84.56 37.81 -11.40
CA ASN B 335 85.91 37.52 -11.83
C ASN B 335 86.09 38.33 -13.10
N TRP B 336 85.79 39.63 -12.98
CA TRP B 336 85.89 40.56 -14.09
C TRP B 336 87.28 41.17 -14.10
N LYS B 337 88.16 40.55 -14.88
CA LYS B 337 89.56 41.00 -14.99
C LYS B 337 89.69 42.22 -15.91
N LYS C 2 39.22 14.20 -64.92
CA LYS C 2 40.20 14.63 -65.96
C LYS C 2 40.65 16.09 -65.76
N LEU C 3 40.73 16.53 -64.51
CA LEU C 3 41.14 17.91 -64.23
C LEU C 3 42.36 17.97 -63.32
N LYS C 4 43.46 18.46 -63.86
CA LYS C 4 44.72 18.55 -63.11
C LYS C 4 44.64 19.53 -61.97
N VAL C 5 45.04 19.06 -60.79
CA VAL C 5 44.99 19.86 -59.58
C VAL C 5 46.28 19.91 -58.80
N ALA C 6 46.61 21.10 -58.33
CA ALA C 6 47.79 21.30 -57.52
C ALA C 6 47.35 21.78 -56.14
N ILE C 7 48.13 21.46 -55.12
CA ILE C 7 47.84 21.84 -53.75
C ILE C 7 48.98 22.71 -53.29
N ASN C 8 48.79 24.04 -53.27
CA ASN C 8 49.87 24.91 -52.80
C ASN C 8 49.63 25.16 -51.34
N GLY C 9 50.56 24.68 -50.52
CA GLY C 9 50.43 24.83 -49.09
C GLY C 9 49.88 23.52 -48.54
N PHE C 10 50.78 22.59 -48.26
CA PHE C 10 50.38 21.28 -47.74
C PHE C 10 50.33 21.37 -46.22
N GLY C 11 49.49 22.27 -45.72
CA GLY C 11 49.35 22.42 -44.29
C GLY C 11 48.05 21.77 -43.85
N ARG C 12 47.61 22.04 -42.64
CA ARG C 12 46.39 21.45 -42.15
C ARG C 12 45.22 21.42 -43.11
N ILE C 13 45.14 22.38 -44.02
CA ILE C 13 44.03 22.36 -44.97
C ILE C 13 44.39 21.65 -46.27
N GLY C 14 45.59 21.87 -46.79
CA GLY C 14 45.97 21.20 -48.02
C GLY C 14 45.88 19.69 -47.87
N ARG C 15 46.19 19.21 -46.67
CA ARG C 15 46.19 17.80 -46.37
C ARG C 15 44.81 17.18 -46.20
N ASN C 16 43.90 17.86 -45.50
CA ASN C 16 42.54 17.34 -45.32
C ASN C 16 41.81 17.29 -46.65
N PHE C 17 42.25 18.16 -47.55
CA PHE C 17 41.69 18.29 -48.88
C PHE C 17 41.97 17.01 -49.68
N LEU C 18 43.23 16.57 -49.60
CA LEU C 18 43.69 15.37 -50.30
C LEU C 18 42.90 14.17 -49.78
N ARG C 19 42.81 14.08 -48.46
CA ARG C 19 42.10 12.99 -47.79
C ARG C 19 40.60 13.09 -47.99
N CYS C 20 40.10 14.30 -48.16
CA CYS C 20 38.68 14.51 -48.40
C CYS C 20 38.44 14.01 -49.80
N TRP C 21 39.31 14.44 -50.69
CA TRP C 21 39.25 14.08 -52.09
C TRP C 21 39.49 12.60 -52.31
N HIS C 22 40.43 12.03 -51.56
CA HIS C 22 40.72 10.60 -51.68
C HIS C 22 39.42 9.83 -51.52
N GLY C 23 38.75 10.02 -50.39
CA GLY C 23 37.51 9.33 -50.15
C GLY C 23 36.39 9.75 -51.09
N ARG C 24 36.75 10.32 -52.24
CA ARG C 24 35.73 10.76 -53.18
C ARG C 24 35.29 9.77 -54.22
N LYS C 25 33.98 9.57 -54.25
CA LYS C 25 33.34 8.67 -55.17
C LYS C 25 33.26 9.32 -56.57
N ASP C 26 34.21 8.98 -57.45
CA ASP C 26 34.24 9.50 -58.82
C ASP C 26 34.58 10.98 -59.02
N SER C 27 35.78 11.37 -58.60
CA SER C 27 36.24 12.77 -58.72
C SER C 27 36.54 13.22 -60.15
N PRO C 28 36.23 14.50 -60.46
CA PRO C 28 36.49 15.06 -61.78
C PRO C 28 37.91 15.58 -61.79
N LEU C 29 38.50 15.57 -60.59
CA LEU C 29 39.84 16.08 -60.35
C LEU C 29 40.90 14.99 -60.25
N ASP C 30 42.17 15.42 -60.28
CA ASP C 30 43.31 14.52 -60.15
C ASP C 30 44.49 15.28 -59.59
N ILE C 31 44.74 15.11 -58.29
CA ILE C 31 45.85 15.79 -57.63
C ILE C 31 47.19 15.44 -58.27
N ILE C 32 47.68 16.36 -59.10
CA ILE C 32 48.95 16.18 -59.80
C ILE C 32 50.15 16.44 -58.90
N ALA C 33 50.11 17.52 -58.14
CA ALA C 33 51.24 17.84 -57.28
C ALA C 33 50.88 18.50 -55.96
N ILE C 34 51.92 18.77 -55.19
CA ILE C 34 51.83 19.40 -53.89
C ILE C 34 53.07 20.30 -53.82
N ASN C 35 52.93 21.46 -53.21
CA ASN C 35 54.07 22.36 -53.07
C ASN C 35 54.07 22.97 -51.68
N ASP C 36 55.25 23.07 -51.10
CA ASP C 36 55.38 23.63 -49.75
C ASP C 36 56.85 23.90 -49.49
N THR C 37 57.20 23.90 -48.23
CA THR C 37 58.58 24.10 -47.83
C THR C 37 58.95 22.81 -47.09
N GLY C 38 59.67 21.92 -47.75
CA GLY C 38 60.05 20.69 -47.08
C GLY C 38 60.36 19.54 -48.02
N GLY C 39 59.48 19.34 -48.99
CA GLY C 39 59.69 18.27 -49.95
C GLY C 39 58.85 17.03 -49.72
N VAL C 40 59.46 15.86 -49.92
CA VAL C 40 58.78 14.57 -49.73
C VAL C 40 58.89 14.10 -48.28
N LYS C 41 60.02 14.40 -47.64
CA LYS C 41 60.22 13.99 -46.26
C LYS C 41 58.98 14.30 -45.41
N GLN C 42 58.61 15.58 -45.34
CA GLN C 42 57.45 15.98 -44.55
C GLN C 42 56.14 15.72 -45.30
N ALA C 43 56.15 15.95 -46.61
CA ALA C 43 54.94 15.75 -47.40
C ALA C 43 54.34 14.41 -47.05
N SER C 44 55.07 13.35 -47.42
CA SER C 44 54.65 11.97 -47.19
C SER C 44 54.37 11.67 -45.74
N HIS C 45 55.38 11.86 -44.89
CA HIS C 45 55.23 11.56 -43.47
C HIS C 45 53.93 12.09 -42.86
N LEU C 46 53.68 13.37 -43.07
CA LEU C 46 52.51 14.03 -42.52
C LEU C 46 51.20 13.77 -43.25
N LEU C 47 51.24 13.03 -44.35
CA LEU C 47 50.02 12.70 -45.08
C LEU C 47 49.55 11.31 -44.61
N LYS C 48 50.50 10.54 -44.07
CA LYS C 48 50.23 9.20 -43.55
C LYS C 48 49.85 9.29 -42.07
N TYR C 49 50.45 10.23 -41.37
CA TYR C 49 50.15 10.44 -39.96
C TYR C 49 49.34 11.71 -39.74
N ASP C 50 48.84 11.91 -38.52
CA ASP C 50 48.02 13.07 -38.24
C ASP C 50 47.51 13.01 -36.81
N SER C 51 47.95 13.94 -35.99
CA SER C 51 47.51 14.00 -34.60
C SER C 51 46.08 14.53 -34.52
N THR C 52 45.26 14.19 -35.50
CA THR C 52 43.86 14.64 -35.53
C THR C 52 43.00 13.73 -36.37
N LEU C 53 43.51 13.37 -37.55
CA LEU C 53 42.80 12.48 -38.47
C LEU C 53 43.38 11.06 -38.42
N GLY C 54 44.40 10.85 -37.56
CA GLY C 54 45.03 9.55 -37.44
C GLY C 54 45.73 9.09 -38.71
N ILE C 55 46.12 7.81 -38.73
CA ILE C 55 46.79 7.23 -39.88
C ILE C 55 45.88 7.26 -41.11
N PHE C 56 46.47 7.60 -42.25
CA PHE C 56 45.74 7.64 -43.51
C PHE C 56 45.80 6.24 -44.09
N ASP C 57 44.64 5.63 -44.29
CA ASP C 57 44.63 4.29 -44.84
C ASP C 57 44.91 4.38 -46.34
N ALA C 58 46.15 4.11 -46.69
CA ALA C 58 46.60 4.15 -48.05
C ALA C 58 48.11 3.95 -48.05
N ASP C 59 48.64 3.56 -49.20
CA ASP C 59 50.07 3.35 -49.31
C ASP C 59 50.72 4.68 -49.62
N VAL C 60 51.04 5.40 -48.55
CA VAL C 60 51.69 6.68 -48.68
C VAL C 60 53.17 6.38 -48.49
N LYS C 61 53.90 6.49 -49.59
CA LYS C 61 55.33 6.22 -49.59
C LYS C 61 56.00 7.11 -50.62
N PRO C 62 57.24 7.56 -50.34
CA PRO C 62 57.93 8.41 -51.30
C PRO C 62 58.03 7.72 -52.68
N SER C 63 58.10 8.51 -53.74
CA SER C 63 58.19 7.98 -55.10
C SER C 63 59.25 8.78 -55.81
N GLY C 64 60.48 8.60 -55.35
CA GLY C 64 61.60 9.33 -55.91
C GLY C 64 61.92 10.35 -54.84
N GLU C 65 62.78 11.32 -55.14
CA GLU C 65 63.08 12.31 -54.11
C GLU C 65 62.37 13.63 -54.36
N THR C 66 61.43 13.62 -55.31
CA THR C 66 60.63 14.80 -55.64
C THR C 66 59.24 14.34 -56.09
N ALA C 67 58.62 13.48 -55.29
CA ALA C 67 57.28 12.98 -55.59
C ALA C 67 56.89 12.00 -54.50
N ILE C 68 55.61 11.64 -54.44
CA ILE C 68 55.17 10.65 -53.46
C ILE C 68 54.16 9.70 -54.10
N SER C 69 53.97 8.54 -53.49
CA SER C 69 53.03 7.55 -54.00
C SER C 69 51.89 7.35 -53.02
N VAL C 70 50.68 7.61 -53.47
CA VAL C 70 49.51 7.43 -52.63
C VAL C 70 48.61 6.40 -53.30
N ASP C 71 48.69 5.15 -52.83
CA ASP C 71 47.88 4.07 -53.39
C ASP C 71 48.13 3.95 -54.88
N GLY C 72 49.38 3.85 -55.27
CA GLY C 72 49.67 3.75 -56.67
C GLY C 72 49.89 5.11 -57.28
N LYS C 73 48.80 5.82 -57.58
CA LYS C 73 48.91 7.16 -58.18
C LYS C 73 50.05 7.94 -57.53
N ILE C 74 50.81 8.65 -58.36
CA ILE C 74 51.95 9.40 -57.88
C ILE C 74 51.82 10.92 -58.05
N ILE C 75 52.06 11.64 -56.95
CA ILE C 75 51.97 13.10 -56.90
C ILE C 75 53.32 13.80 -56.77
N GLN C 76 53.60 14.65 -57.74
CA GLN C 76 54.84 15.40 -57.75
C GLN C 76 54.88 16.24 -56.49
N VAL C 77 56.08 16.51 -56.00
CA VAL C 77 56.22 17.32 -54.80
C VAL C 77 57.27 18.41 -55.02
N VAL C 78 56.81 19.62 -55.30
CA VAL C 78 57.69 20.77 -55.55
C VAL C 78 57.96 21.50 -54.24
N SER C 79 58.90 22.43 -54.25
CA SER C 79 59.21 23.14 -53.03
C SER C 79 59.68 24.58 -53.13
N ASN C 80 59.10 25.37 -54.02
CA ASN C 80 59.50 26.78 -54.10
C ASN C 80 58.43 27.67 -53.49
N ARG C 81 58.87 28.62 -52.68
CA ARG C 81 57.94 29.53 -52.01
C ARG C 81 57.39 30.61 -52.94
N ASN C 82 57.97 30.75 -54.14
CA ASN C 82 57.48 31.74 -55.10
C ASN C 82 56.61 31.12 -56.17
N PRO C 83 55.30 31.27 -56.05
CA PRO C 83 54.31 30.75 -56.98
C PRO C 83 54.53 31.05 -58.47
N SER C 84 55.33 32.08 -58.78
CA SER C 84 55.62 32.41 -60.18
C SER C 84 56.55 31.35 -60.73
N LEU C 85 57.37 30.80 -59.84
CA LEU C 85 58.37 29.78 -60.18
C LEU C 85 57.86 28.35 -60.22
N LEU C 86 56.60 28.14 -59.85
CA LEU C 86 56.07 26.79 -59.87
C LEU C 86 55.81 26.35 -61.30
N PRO C 87 56.17 25.10 -61.63
CA PRO C 87 56.02 24.49 -62.96
C PRO C 87 54.57 24.19 -63.30
N TRP C 88 53.69 25.13 -62.99
CA TRP C 88 52.28 24.94 -63.26
C TRP C 88 52.01 24.68 -64.74
N LYS C 89 52.79 25.28 -65.62
CA LYS C 89 52.61 25.06 -67.05
C LYS C 89 53.24 23.72 -67.39
N GLU C 90 54.39 23.45 -66.75
CA GLU C 90 55.10 22.20 -66.98
C GLU C 90 54.15 21.00 -66.80
N LEU C 91 53.64 20.81 -65.58
CA LEU C 91 52.72 19.71 -65.29
C LEU C 91 51.34 19.97 -65.87
N GLY C 92 51.14 21.18 -66.40
CA GLY C 92 49.87 21.55 -66.99
C GLY C 92 48.68 21.62 -66.04
N ILE C 93 48.91 22.05 -64.80
CA ILE C 93 47.84 22.14 -63.82
C ILE C 93 46.69 22.99 -64.35
N ASP C 94 45.47 22.63 -63.94
CA ASP C 94 44.28 23.35 -64.37
C ASP C 94 43.79 24.26 -63.26
N ILE C 95 43.82 23.77 -62.03
CA ILE C 95 43.37 24.54 -60.88
C ILE C 95 44.23 24.38 -59.64
N VAL C 96 44.46 25.49 -58.95
CA VAL C 96 45.30 25.48 -57.74
C VAL C 96 44.54 25.74 -56.44
N ILE C 97 44.86 24.92 -55.44
CA ILE C 97 44.31 25.03 -54.10
C ILE C 97 45.33 25.86 -53.35
N GLU C 98 44.97 27.10 -53.05
CA GLU C 98 45.87 27.98 -52.32
C GLU C 98 45.62 27.81 -50.83
N GLY C 99 46.52 27.10 -50.17
CA GLY C 99 46.37 26.87 -48.75
C GLY C 99 47.60 27.26 -47.96
N THR C 100 48.40 28.13 -48.57
CA THR C 100 49.62 28.63 -47.95
C THR C 100 49.23 29.68 -46.91
N GLY C 101 48.09 30.33 -47.16
CA GLY C 101 47.57 31.36 -46.29
C GLY C 101 48.25 32.70 -46.49
N VAL C 102 49.12 32.79 -47.49
CA VAL C 102 49.87 34.00 -47.79
C VAL C 102 49.78 34.43 -49.24
N PHE C 103 48.71 34.02 -49.91
CA PHE C 103 48.48 34.40 -51.30
C PHE C 103 46.97 34.47 -51.47
N VAL C 104 46.34 35.16 -50.53
CA VAL C 104 44.89 35.34 -50.50
C VAL C 104 44.46 36.56 -51.29
N ASP C 105 45.43 37.36 -51.67
CA ASP C 105 45.19 38.58 -52.43
C ASP C 105 45.29 38.31 -53.91
N ARG C 106 44.46 39.01 -54.68
CA ARG C 106 44.43 38.89 -56.13
C ARG C 106 45.82 38.94 -56.75
N GLU C 107 46.62 39.93 -56.36
CA GLU C 107 47.97 40.06 -56.89
C GLU C 107 48.78 38.78 -56.64
N GLY C 108 48.80 38.36 -55.37
CA GLY C 108 49.54 37.18 -54.94
C GLY C 108 49.03 35.85 -55.43
N ALA C 109 47.72 35.73 -55.60
CA ALA C 109 47.17 34.47 -56.08
C ALA C 109 47.34 34.38 -57.59
N GLY C 110 47.38 35.53 -58.26
CA GLY C 110 47.55 35.52 -59.71
C GLY C 110 48.88 34.93 -60.13
N LYS C 111 49.82 34.80 -59.19
CA LYS C 111 51.12 34.24 -59.50
C LYS C 111 51.05 32.81 -60.06
N HIS C 112 50.12 32.00 -59.56
CA HIS C 112 49.98 30.63 -60.06
C HIS C 112 49.47 30.71 -61.49
N ILE C 113 48.70 31.74 -61.79
CA ILE C 113 48.17 31.90 -63.13
C ILE C 113 49.28 32.30 -64.09
N GLU C 114 50.24 33.09 -63.62
CA GLU C 114 51.37 33.52 -64.45
C GLU C 114 52.44 32.44 -64.52
N ALA C 115 52.26 31.38 -63.75
CA ALA C 115 53.22 30.28 -63.74
C ALA C 115 52.66 29.08 -64.45
N GLY C 116 51.46 29.23 -65.00
CA GLY C 116 50.84 28.14 -65.72
C GLY C 116 49.37 27.86 -65.41
N ALA C 117 49.04 27.60 -64.14
CA ALA C 117 47.66 27.29 -63.73
C ALA C 117 46.61 28.16 -64.40
N LYS C 118 45.47 27.56 -64.75
CA LYS C 118 44.38 28.27 -65.42
C LYS C 118 43.31 28.81 -64.48
N LYS C 119 43.37 28.43 -63.22
CA LYS C 119 42.39 28.89 -62.24
C LYS C 119 42.86 28.61 -60.80
N VAL C 120 42.61 29.55 -59.88
CA VAL C 120 43.04 29.39 -58.49
C VAL C 120 41.88 29.46 -57.50
N ILE C 121 42.06 28.75 -56.38
CA ILE C 121 41.07 28.73 -55.29
C ILE C 121 41.73 28.94 -53.94
N ILE C 122 41.37 30.05 -53.30
CA ILE C 122 41.91 30.38 -51.99
C ILE C 122 41.15 29.58 -50.95
N THR C 123 41.87 28.90 -50.09
CA THR C 123 41.23 28.12 -49.03
C THR C 123 41.01 29.08 -47.87
N ALA C 124 40.65 30.32 -48.20
CA ALA C 124 40.43 31.36 -47.22
C ALA C 124 39.67 32.52 -47.89
N PRO C 125 39.31 33.56 -47.12
CA PRO C 125 38.58 34.75 -47.60
C PRO C 125 39.51 35.53 -48.54
N GLY C 126 38.97 36.17 -49.57
CA GLY C 126 39.86 36.87 -50.47
C GLY C 126 40.13 38.36 -50.23
N LYS C 127 41.24 38.85 -50.79
CA LYS C 127 41.62 40.26 -50.70
C LYS C 127 41.76 40.75 -52.14
N GLY C 128 40.96 41.77 -52.51
CA GLY C 128 41.02 42.29 -53.86
C GLY C 128 39.78 41.90 -54.63
N ASP C 129 39.87 41.92 -55.97
CA ASP C 129 38.72 41.57 -56.81
C ASP C 129 38.64 40.04 -56.94
N ILE C 130 38.29 39.37 -55.84
CA ILE C 130 38.16 37.91 -55.77
C ILE C 130 36.75 37.49 -55.39
N PRO C 131 36.05 36.76 -56.27
CA PRO C 131 34.69 36.30 -56.00
C PRO C 131 34.71 35.29 -54.88
N THR C 132 33.83 35.48 -53.90
CA THR C 132 33.76 34.57 -52.78
C THR C 132 32.51 33.71 -52.93
N TYR C 133 32.68 32.39 -52.83
CA TYR C 133 31.56 31.44 -52.98
C TYR C 133 31.44 30.46 -51.81
N VAL C 134 30.21 30.10 -51.48
CA VAL C 134 29.95 29.14 -50.41
C VAL C 134 28.98 28.09 -50.93
N VAL C 135 29.36 26.82 -50.78
CA VAL C 135 28.52 25.72 -51.23
C VAL C 135 27.28 25.56 -50.39
N GLY C 136 26.14 25.60 -51.06
CA GLY C 136 24.84 25.47 -50.41
C GLY C 136 24.14 26.81 -50.30
N VAL C 137 24.96 27.87 -50.32
CA VAL C 137 24.49 29.24 -50.23
C VAL C 137 24.50 29.95 -51.59
N ASN C 138 25.65 29.99 -52.26
CA ASN C 138 25.71 30.66 -53.56
C ASN C 138 26.68 30.13 -54.62
N ALA C 139 27.47 29.10 -54.31
CA ALA C 139 28.42 28.55 -55.29
C ALA C 139 27.77 28.27 -56.65
N ASP C 140 26.49 28.59 -56.77
CA ASP C 140 25.74 28.40 -58.01
C ASP C 140 25.67 29.72 -58.78
N ALA C 141 26.61 30.62 -58.50
CA ALA C 141 26.66 31.92 -59.16
C ALA C 141 28.03 32.05 -59.84
N TYR C 142 28.85 31.02 -59.63
CA TYR C 142 30.17 30.96 -60.23
C TYR C 142 30.06 31.04 -61.75
N SER C 143 31.07 31.63 -62.38
CA SER C 143 31.09 31.76 -63.83
C SER C 143 32.45 31.22 -64.27
N HIS C 144 32.45 30.40 -65.31
CA HIS C 144 33.69 29.78 -65.82
C HIS C 144 34.83 30.75 -66.13
N ASP C 145 34.48 32.01 -66.32
CA ASP C 145 35.47 33.04 -66.66
C ASP C 145 36.19 33.57 -65.41
N GLU C 146 35.81 33.09 -64.23
CA GLU C 146 36.43 33.52 -62.98
C GLU C 146 37.78 32.81 -62.81
N PRO C 147 38.90 33.55 -62.97
CA PRO C 147 40.23 32.96 -62.83
C PRO C 147 40.60 32.63 -61.39
N ILE C 148 40.24 33.51 -60.47
CA ILE C 148 40.53 33.29 -59.07
C ILE C 148 39.26 33.51 -58.29
N ILE C 149 39.04 32.65 -57.29
CA ILE C 149 37.86 32.75 -56.44
C ILE C 149 38.23 32.35 -55.01
N SER C 150 37.30 32.58 -54.08
CA SER C 150 37.50 32.26 -52.66
C SER C 150 36.37 31.40 -52.07
N ASN C 151 36.75 30.45 -51.23
CA ASN C 151 35.78 29.58 -50.59
C ASN C 151 35.41 30.14 -49.21
N ALA C 152 35.85 31.36 -48.92
CA ALA C 152 35.56 32.00 -47.63
C ALA C 152 36.34 31.29 -46.53
N SER C 153 35.91 31.43 -45.28
CA SER C 153 36.61 30.80 -44.16
C SER C 153 35.78 29.67 -43.57
N CYS C 154 36.37 28.93 -42.62
CA CYS C 154 35.66 27.83 -41.95
C CYS C 154 34.43 28.42 -41.25
N THR C 155 34.63 29.47 -40.47
CA THR C 155 33.54 30.12 -39.72
C THR C 155 32.37 30.63 -40.60
N THR C 156 32.67 31.38 -41.66
CA THR C 156 31.62 31.87 -42.53
C THR C 156 30.83 30.72 -43.13
N ASN C 157 31.53 29.64 -43.49
CA ASN C 157 30.88 28.48 -44.10
C ASN C 157 29.87 27.80 -43.17
N CYS C 158 30.13 27.88 -41.87
CA CYS C 158 29.19 27.30 -40.92
C CYS C 158 28.01 28.25 -40.77
N LEU C 159 28.33 29.53 -40.61
CA LEU C 159 27.36 30.60 -40.41
C LEU C 159 26.37 30.83 -41.57
N ALA C 160 26.89 31.07 -42.78
CA ALA C 160 26.07 31.32 -43.96
C ALA C 160 24.86 30.38 -44.15
N PRO C 161 25.06 29.06 -43.95
CA PRO C 161 23.95 28.11 -44.09
C PRO C 161 22.72 28.42 -43.23
N PHE C 162 22.84 28.33 -41.90
CA PHE C 162 21.66 28.59 -41.09
C PHE C 162 21.15 30.02 -41.09
N VAL C 163 22.00 30.95 -41.48
CA VAL C 163 21.59 32.34 -41.57
C VAL C 163 20.68 32.42 -42.78
N LYS C 164 21.02 31.66 -43.82
CA LYS C 164 20.21 31.62 -45.04
C LYS C 164 18.82 31.18 -44.68
N VAL C 165 18.73 30.06 -43.96
CA VAL C 165 17.45 29.52 -43.53
C VAL C 165 16.75 30.48 -42.57
N LEU C 166 17.49 30.99 -41.58
CA LEU C 166 16.93 31.93 -40.61
C LEU C 166 16.33 33.18 -41.24
N ASP C 167 17.09 33.82 -42.12
CA ASP C 167 16.62 35.03 -42.79
C ASP C 167 15.44 34.74 -43.71
N GLN C 168 15.61 33.78 -44.61
CA GLN C 168 14.55 33.41 -45.56
C GLN C 168 13.23 33.06 -44.87
N LYS C 169 13.29 32.42 -43.70
CA LYS C 169 12.09 32.01 -42.99
C LYS C 169 11.63 32.85 -41.79
N PHE C 170 12.34 33.91 -41.42
CA PHE C 170 11.92 34.73 -40.29
C PHE C 170 12.34 36.17 -40.47
N GLY C 171 13.29 36.39 -41.37
CA GLY C 171 13.77 37.72 -41.62
C GLY C 171 14.54 38.24 -40.42
N ILE C 172 15.84 38.38 -40.59
CA ILE C 172 16.71 38.86 -39.53
C ILE C 172 16.73 40.38 -39.58
N ILE C 173 16.70 41.02 -38.42
CA ILE C 173 16.73 42.49 -38.34
C ILE C 173 18.21 42.87 -38.21
N LYS C 174 18.87 42.28 -37.22
CA LYS C 174 20.28 42.48 -36.96
C LYS C 174 20.65 41.36 -36.01
N GLY C 175 21.94 41.20 -35.75
CA GLY C 175 22.34 40.14 -34.84
C GLY C 175 23.83 40.09 -34.58
N THR C 176 24.21 39.21 -33.66
CA THR C 176 25.60 39.02 -33.26
C THR C 176 25.95 37.55 -33.07
N MET C 177 27.22 37.22 -33.26
CA MET C 177 27.67 35.84 -33.14
C MET C 177 29.04 35.72 -32.50
N THR C 178 29.25 34.62 -31.78
CA THR C 178 30.54 34.36 -31.16
C THR C 178 30.94 32.92 -31.43
N THR C 179 32.04 32.70 -32.16
CA THR C 179 32.42 31.33 -32.42
C THR C 179 33.49 30.86 -31.47
N THR C 180 33.14 29.85 -30.67
CA THR C 180 34.07 29.23 -29.74
C THR C 180 34.81 28.30 -30.72
N HIS C 181 36.03 28.68 -31.04
CA HIS C 181 36.80 27.98 -32.04
C HIS C 181 38.07 27.31 -31.52
N SER C 182 38.41 26.18 -32.11
CA SER C 182 39.62 25.44 -31.74
C SER C 182 40.83 26.26 -32.14
N TYR C 183 41.94 26.10 -31.43
CA TYR C 183 43.13 26.88 -31.77
C TYR C 183 43.66 26.51 -33.15
N THR C 184 44.58 27.31 -33.67
CA THR C 184 45.15 27.02 -34.99
C THR C 184 46.64 27.34 -35.05
N GLY C 185 47.23 26.99 -36.20
CA GLY C 185 48.65 27.22 -36.39
C GLY C 185 49.11 28.66 -36.32
N ASP C 186 48.14 29.57 -36.26
CA ASP C 186 48.40 31.00 -36.19
C ASP C 186 48.85 31.42 -34.79
N GLN C 187 48.33 30.73 -33.77
CA GLN C 187 48.67 31.03 -32.39
C GLN C 187 50.02 30.47 -31.98
N ARG C 188 50.40 30.76 -30.74
CA ARG C 188 51.68 30.34 -30.18
C ARG C 188 51.49 29.22 -29.21
N LEU C 189 52.52 28.38 -29.04
CA LEU C 189 52.46 27.26 -28.11
C LEU C 189 52.62 27.86 -26.71
N LEU C 190 53.63 28.71 -26.58
CA LEU C 190 53.90 29.41 -25.34
C LEU C 190 54.02 30.88 -25.73
N ASP C 191 53.94 31.75 -24.74
CA ASP C 191 54.03 33.19 -24.99
C ASP C 191 55.19 33.56 -25.91
N ALA C 192 54.89 33.67 -27.20
CA ALA C 192 55.89 34.03 -28.19
C ALA C 192 55.34 35.26 -28.88
N SER C 193 56.15 35.90 -29.72
CA SER C 193 55.73 37.12 -30.42
C SER C 193 54.65 36.88 -31.47
N HIS C 194 53.80 37.88 -31.66
CA HIS C 194 52.73 37.79 -32.62
C HIS C 194 52.27 39.21 -32.87
N ARG C 195 51.87 39.49 -34.11
CA ARG C 195 51.39 40.81 -34.44
C ARG C 195 50.20 41.04 -33.52
N ASP C 196 49.47 39.96 -33.23
CA ASP C 196 48.31 40.02 -32.36
C ASP C 196 48.72 39.66 -30.94
N LEU C 197 48.72 40.65 -30.06
CA LEU C 197 49.14 40.41 -28.69
C LEU C 197 48.38 39.32 -27.94
N ARG C 198 47.25 38.91 -28.48
CA ARG C 198 46.47 37.87 -27.84
C ARG C 198 46.81 36.48 -28.40
N ARG C 199 46.89 36.37 -29.73
CA ARG C 199 47.23 35.09 -30.36
C ARG C 199 48.64 34.69 -29.98
N ALA C 200 49.35 35.65 -29.40
CA ALA C 200 50.71 35.46 -28.98
C ALA C 200 50.75 34.73 -27.64
N ARG C 201 49.58 34.39 -27.11
CA ARG C 201 49.49 33.71 -25.81
C ARG C 201 49.23 32.22 -25.94
N ALA C 202 49.98 31.44 -25.16
CA ALA C 202 49.90 29.97 -25.10
C ALA C 202 48.52 29.49 -25.46
N ALA C 203 48.38 29.01 -26.69
CA ALA C 203 47.11 28.54 -27.23
C ALA C 203 46.42 27.38 -26.50
N ALA C 204 47.16 26.51 -25.83
CA ALA C 204 46.54 25.37 -25.14
C ALA C 204 46.30 25.59 -23.66
N LEU C 205 46.71 26.74 -23.16
CA LEU C 205 46.50 27.09 -21.77
C LEU C 205 45.47 28.21 -21.66
N ASN C 206 45.07 28.77 -22.81
CA ASN C 206 44.15 29.91 -22.79
C ASN C 206 42.94 29.97 -23.73
N ILE C 207 41.94 30.72 -23.25
CA ILE C 207 40.71 31.02 -23.97
C ILE C 207 41.15 32.40 -24.48
N VAL C 208 41.35 32.47 -25.79
CA VAL C 208 41.84 33.67 -26.45
C VAL C 208 40.85 34.38 -27.35
N PRO C 209 40.50 35.63 -27.01
CA PRO C 209 39.55 36.35 -27.85
C PRO C 209 40.28 36.83 -29.11
N THR C 210 39.61 36.76 -30.26
CA THR C 210 40.21 37.23 -31.51
C THR C 210 39.12 37.67 -32.47
N SER C 211 39.46 38.60 -33.36
CA SER C 211 38.46 39.10 -34.30
C SER C 211 38.16 38.13 -35.42
N THR C 212 36.97 38.27 -36.00
CA THR C 212 36.53 37.43 -37.10
C THR C 212 35.81 38.28 -38.13
N GLY C 213 36.04 38.05 -39.41
CA GLY C 213 35.36 38.85 -40.41
C GLY C 213 34.22 38.11 -41.09
N ALA C 214 33.89 36.96 -40.52
CA ALA C 214 32.83 36.09 -41.03
C ALA C 214 31.45 36.73 -41.03
N ALA C 215 31.18 37.55 -40.01
CA ALA C 215 29.89 38.21 -39.86
C ALA C 215 29.57 39.22 -40.95
N LYS C 216 30.61 39.83 -41.51
CA LYS C 216 30.45 40.81 -42.57
C LYS C 216 30.57 40.04 -43.89
N ALA C 217 31.32 38.95 -43.83
CA ALA C 217 31.56 38.09 -44.98
C ALA C 217 30.26 37.47 -45.49
N VAL C 218 29.40 37.04 -44.57
CA VAL C 218 28.12 36.42 -44.91
C VAL C 218 27.31 37.28 -45.88
N ALA C 219 27.52 38.59 -45.87
CA ALA C 219 26.77 39.47 -46.76
C ALA C 219 27.31 39.33 -48.18
N LEU C 220 28.49 38.76 -48.30
CA LEU C 220 29.11 38.57 -49.59
C LEU C 220 28.30 37.57 -50.38
N VAL C 221 27.89 36.52 -49.69
CA VAL C 221 27.12 35.44 -50.28
C VAL C 221 25.63 35.54 -49.93
N LEU C 222 25.31 36.37 -48.94
CA LEU C 222 23.93 36.61 -48.51
C LEU C 222 23.73 38.11 -48.48
N PRO C 223 23.59 38.71 -49.66
CA PRO C 223 23.39 40.15 -49.82
C PRO C 223 22.41 40.81 -48.85
N ASN C 224 21.25 40.20 -48.64
CA ASN C 224 20.28 40.79 -47.75
C ASN C 224 20.80 40.94 -46.33
N LEU C 225 22.01 40.44 -46.08
CA LEU C 225 22.60 40.52 -44.75
C LEU C 225 23.59 41.66 -44.54
N LYS C 226 23.91 42.39 -45.61
CA LYS C 226 24.88 43.49 -45.53
C LYS C 226 24.66 44.40 -44.33
N GLY C 227 25.64 44.42 -43.41
CA GLY C 227 25.57 45.26 -42.23
C GLY C 227 24.57 44.94 -41.13
N LYS C 228 24.26 43.67 -40.92
CA LYS C 228 23.31 43.33 -39.89
C LYS C 228 24.01 42.50 -38.84
N LEU C 229 25.15 41.94 -39.18
CA LEU C 229 25.83 41.11 -38.22
C LEU C 229 27.17 41.64 -37.81
N ASN C 230 27.71 41.05 -36.75
CA ASN C 230 29.01 41.41 -36.20
C ASN C 230 29.36 40.25 -35.27
N GLY C 231 30.58 40.21 -34.77
CA GLY C 231 30.94 39.12 -33.89
C GLY C 231 32.43 38.98 -33.66
N ILE C 232 32.78 38.10 -32.74
CA ILE C 232 34.18 37.86 -32.44
C ILE C 232 34.37 36.36 -32.30
N ALA C 233 35.59 35.95 -32.03
CA ALA C 233 35.89 34.54 -31.87
C ALA C 233 36.57 34.31 -30.52
N LEU C 234 36.41 33.11 -29.98
CA LEU C 234 37.04 32.73 -28.72
C LEU C 234 37.83 31.46 -28.96
N ARG C 235 39.14 31.58 -28.96
CA ARG C 235 39.99 30.44 -29.20
C ARG C 235 40.16 29.65 -27.91
N VAL C 236 39.66 28.41 -27.93
CA VAL C 236 39.73 27.52 -26.78
C VAL C 236 40.66 26.35 -27.07
N PRO C 237 41.32 25.80 -26.03
CA PRO C 237 42.26 24.67 -26.11
C PRO C 237 41.78 23.32 -26.69
N THR C 238 41.20 23.37 -27.89
CA THR C 238 40.77 22.16 -28.57
C THR C 238 41.39 22.27 -29.95
N PRO C 239 42.11 21.23 -30.39
CA PRO C 239 42.79 21.16 -31.68
C PRO C 239 41.89 21.29 -32.90
N ASN C 240 40.67 20.77 -32.82
CA ASN C 240 39.75 20.88 -33.94
C ASN C 240 38.29 20.95 -33.52
N VAL C 241 37.42 21.20 -34.49
CA VAL C 241 35.98 21.34 -34.26
C VAL C 241 35.70 22.67 -33.57
N SER C 242 34.65 23.34 -34.04
CA SER C 242 34.31 24.62 -33.48
C SER C 242 32.80 24.87 -33.46
N VAL C 243 32.38 25.86 -32.69
CA VAL C 243 30.97 26.16 -32.60
C VAL C 243 30.70 27.64 -32.62
N VAL C 244 29.74 28.04 -33.46
CA VAL C 244 29.33 29.43 -33.55
C VAL C 244 28.05 29.60 -32.73
N ASP C 245 28.02 30.70 -31.99
CA ASP C 245 26.86 31.01 -31.17
C ASP C 245 26.20 32.25 -31.76
N LEU C 246 25.15 32.05 -32.55
CA LEU C 246 24.45 33.16 -33.19
C LEU C 246 23.20 33.64 -32.47
N VAL C 247 23.00 34.96 -32.45
CA VAL C 247 21.84 35.58 -31.83
C VAL C 247 21.27 36.56 -32.83
N VAL C 248 20.02 36.39 -33.22
CA VAL C 248 19.45 37.33 -34.18
C VAL C 248 18.02 37.76 -33.90
N GLN C 249 17.75 39.03 -34.17
CA GLN C 249 16.41 39.56 -33.97
C GLN C 249 15.69 39.29 -35.26
N VAL C 250 14.70 38.42 -35.19
CA VAL C 250 13.95 38.10 -36.39
C VAL C 250 12.72 38.97 -36.47
N SER C 251 12.23 39.10 -37.69
CA SER C 251 11.06 39.91 -38.02
C SER C 251 9.78 39.14 -37.61
N LYS C 252 9.73 37.86 -37.94
CA LYS C 252 8.59 37.00 -37.63
C LYS C 252 8.75 36.27 -36.27
N LYS C 253 7.88 36.61 -35.32
CA LYS C 253 7.92 35.99 -33.99
C LYS C 253 7.83 34.48 -34.12
N THR C 254 8.58 33.77 -33.27
CA THR C 254 8.59 32.31 -33.30
C THR C 254 9.02 31.62 -31.98
N PHE C 255 9.37 30.34 -32.08
CA PHE C 255 9.77 29.56 -30.90
C PHE C 255 10.83 28.50 -31.22
N ALA C 256 11.60 28.12 -30.21
CA ALA C 256 12.66 27.14 -30.38
C ALA C 256 12.33 25.98 -31.30
N GLU C 257 11.24 25.29 -30.99
CA GLU C 257 10.80 24.13 -31.75
C GLU C 257 10.45 24.42 -33.22
N GLU C 258 9.74 25.52 -33.49
CA GLU C 258 9.38 25.87 -34.88
C GLU C 258 10.62 26.22 -35.69
N VAL C 259 11.62 26.75 -35.01
CA VAL C 259 12.88 27.11 -35.66
C VAL C 259 13.57 25.83 -36.12
N ASN C 260 13.89 24.97 -35.15
CA ASN C 260 14.53 23.70 -35.45
C ASN C 260 13.73 23.01 -36.55
N ALA C 261 12.42 23.10 -36.44
CA ALA C 261 11.57 22.48 -37.46
C ALA C 261 12.02 22.97 -38.83
N ALA C 262 12.19 24.28 -38.94
CA ALA C 262 12.61 24.92 -40.18
C ALA C 262 14.01 24.45 -40.60
N PHE C 263 14.92 24.39 -39.63
CA PHE C 263 16.27 23.93 -39.90
C PHE C 263 16.27 22.53 -40.48
N ARG C 264 15.34 21.71 -39.99
CA ARG C 264 15.19 20.35 -40.45
C ARG C 264 14.71 20.35 -41.90
N ASP C 265 13.61 21.04 -42.17
CA ASP C 265 13.09 21.12 -43.53
C ASP C 265 14.21 21.44 -44.53
N SER C 266 15.18 22.23 -44.09
CA SER C 266 16.29 22.63 -44.95
C SER C 266 17.32 21.54 -45.15
N ALA C 267 17.73 20.91 -44.05
CA ALA C 267 18.71 19.84 -44.13
C ALA C 267 18.19 18.72 -45.01
N GLU C 268 16.92 18.84 -45.40
CA GLU C 268 16.28 17.82 -46.23
C GLU C 268 16.06 18.28 -47.67
N LYS C 269 15.64 19.53 -47.84
CA LYS C 269 15.34 20.05 -49.17
C LYS C 269 16.49 20.65 -49.95
N GLU C 270 17.08 21.75 -49.46
CA GLU C 270 18.18 22.41 -50.18
C GLU C 270 19.57 22.25 -49.58
N LEU C 271 19.71 22.66 -48.32
CA LEU C 271 21.00 22.55 -47.65
C LEU C 271 21.25 21.11 -47.26
N LYS C 272 20.48 20.19 -47.86
CA LYS C 272 20.65 18.77 -47.56
C LYS C 272 22.09 18.39 -47.88
N GLY C 273 22.81 17.92 -46.87
CA GLY C 273 24.19 17.53 -47.08
C GLY C 273 25.18 18.57 -46.59
N ILE C 274 24.71 19.81 -46.39
CA ILE C 274 25.58 20.88 -45.90
C ILE C 274 25.24 21.19 -44.45
N LEU C 275 23.95 21.20 -44.13
CA LEU C 275 23.46 21.47 -42.79
C LEU C 275 22.80 20.21 -42.20
N ASP C 276 22.94 20.04 -40.88
CA ASP C 276 22.38 18.89 -40.20
C ASP C 276 21.99 19.21 -38.76
N VAL C 277 20.72 18.97 -38.45
CA VAL C 277 20.24 19.21 -37.10
C VAL C 277 20.49 17.94 -36.27
N CYS C 278 21.42 18.05 -35.31
CA CYS C 278 21.74 16.95 -34.42
C CYS C 278 20.78 17.05 -33.24
N ASP C 279 20.44 15.92 -32.64
CA ASP C 279 19.53 15.95 -31.52
C ASP C 279 20.17 15.30 -30.31
N GLU C 280 21.20 14.52 -30.55
CA GLU C 280 21.91 13.84 -29.47
C GLU C 280 22.65 14.85 -28.58
N PRO C 281 22.76 14.56 -27.27
CA PRO C 281 23.45 15.46 -26.35
C PRO C 281 24.94 15.19 -26.48
N LEU C 282 25.50 15.57 -27.62
CA LEU C 282 26.90 15.35 -27.92
C LEU C 282 27.87 16.44 -27.46
N VAL C 283 29.14 16.28 -27.85
CA VAL C 283 30.19 17.23 -27.51
C VAL C 283 31.11 17.49 -28.72
N SER C 284 32.03 18.43 -28.58
CA SER C 284 32.93 18.77 -29.68
C SER C 284 33.48 17.60 -30.47
N VAL C 285 34.19 16.69 -29.79
CA VAL C 285 34.78 15.55 -30.46
C VAL C 285 33.81 14.72 -31.31
N ASP C 286 32.61 14.48 -30.80
CA ASP C 286 31.60 13.68 -31.52
C ASP C 286 31.35 14.20 -32.93
N PHE C 287 32.02 15.29 -33.29
CA PHE C 287 31.83 15.91 -34.60
C PHE C 287 33.00 15.81 -35.56
N ARG C 288 34.05 15.10 -35.17
CA ARG C 288 35.19 14.94 -36.05
C ARG C 288 34.68 14.45 -37.41
N CYS C 289 35.38 14.86 -38.46
CA CYS C 289 35.05 14.46 -39.81
C CYS C 289 33.59 14.60 -40.23
N SER C 290 32.79 15.37 -39.50
CA SER C 290 31.41 15.53 -39.92
C SER C 290 31.45 16.22 -41.27
N ASP C 291 30.88 15.61 -42.30
CA ASP C 291 30.91 16.22 -43.63
C ASP C 291 29.97 17.41 -43.83
N PHE C 292 29.33 17.83 -42.74
CA PHE C 292 28.41 18.95 -42.77
C PHE C 292 29.14 20.24 -42.46
N SER C 293 28.71 21.32 -43.11
CA SER C 293 29.31 22.63 -42.86
C SER C 293 28.77 23.07 -41.51
N THR C 294 27.50 22.78 -41.29
CA THR C 294 26.82 23.16 -40.06
C THR C 294 25.84 22.11 -39.52
N THR C 295 26.07 21.72 -38.27
CA THR C 295 25.22 20.75 -37.56
C THR C 295 24.65 21.47 -36.34
N ILE C 296 23.38 21.84 -36.43
CA ILE C 296 22.72 22.57 -35.36
C ILE C 296 22.30 21.75 -34.15
N ASP C 297 22.81 22.11 -32.96
CA ASP C 297 22.44 21.40 -31.74
C ASP C 297 21.07 21.95 -31.35
N SER C 298 20.03 21.26 -31.83
CA SER C 298 18.63 21.61 -31.62
C SER C 298 18.25 21.73 -30.15
N SER C 299 18.94 20.94 -29.31
CA SER C 299 18.69 20.96 -27.89
C SER C 299 19.02 22.32 -27.30
N LEU C 300 20.04 22.97 -27.86
CA LEU C 300 20.50 24.27 -27.36
C LEU C 300 19.69 25.46 -27.82
N THR C 301 19.03 25.31 -28.95
CA THR C 301 18.22 26.37 -29.54
C THR C 301 17.12 27.01 -28.67
N MET C 302 17.35 28.27 -28.29
CA MET C 302 16.41 29.05 -27.45
C MET C 302 15.78 30.20 -28.22
N VAL C 303 14.72 30.76 -27.66
CA VAL C 303 14.01 31.89 -28.27
C VAL C 303 13.53 32.81 -27.14
N MET C 304 14.28 33.89 -26.92
CA MET C 304 13.95 34.84 -25.87
C MET C 304 13.00 35.95 -26.24
N GLY C 305 11.87 35.96 -25.56
CA GLY C 305 10.87 37.00 -25.79
C GLY C 305 10.27 37.03 -27.17
N ASP C 306 10.23 35.88 -27.84
CA ASP C 306 9.63 35.75 -29.17
C ASP C 306 10.39 36.16 -30.44
N ASP C 307 11.31 37.13 -30.37
CA ASP C 307 12.02 37.51 -31.59
C ASP C 307 13.53 37.51 -31.45
N MET C 308 14.05 37.20 -30.25
CA MET C 308 15.49 37.14 -30.05
C MET C 308 15.95 35.68 -30.08
N VAL C 309 16.29 35.18 -31.27
CA VAL C 309 16.73 33.81 -31.44
C VAL C 309 18.21 33.53 -31.25
N LYS C 310 18.50 32.42 -30.58
CA LYS C 310 19.87 32.01 -30.36
C LYS C 310 20.01 30.58 -30.90
N VAL C 311 20.98 30.36 -31.78
CA VAL C 311 21.23 29.04 -32.37
C VAL C 311 22.68 28.68 -32.15
N ILE C 312 22.96 27.39 -32.02
CA ILE C 312 24.33 26.95 -31.81
C ILE C 312 24.63 25.87 -32.83
N ALA C 313 25.61 26.14 -33.69
CA ALA C 313 25.96 25.19 -34.73
C ALA C 313 27.38 24.67 -34.64
N TRP C 314 27.50 23.36 -34.82
CA TRP C 314 28.78 22.67 -34.78
C TRP C 314 29.40 22.56 -36.15
N TYR C 315 30.71 22.51 -36.19
CA TYR C 315 31.46 22.36 -37.43
C TYR C 315 32.89 21.91 -37.17
N ASP C 316 33.44 21.18 -38.14
CA ASP C 316 34.80 20.69 -38.09
C ASP C 316 35.60 21.69 -38.96
N ASN C 317 36.32 22.61 -38.32
CA ASN C 317 37.08 23.61 -39.08
C ASN C 317 38.01 23.03 -40.13
N GLU C 318 38.74 21.97 -39.79
CA GLU C 318 39.62 21.36 -40.78
C GLU C 318 38.86 20.53 -41.83
N TRP C 319 38.25 19.43 -41.40
CA TRP C 319 37.54 18.52 -42.28
C TRP C 319 36.28 19.00 -43.01
N GLY C 320 35.32 19.57 -42.27
CA GLY C 320 34.09 20.03 -42.90
C GLY C 320 34.36 21.07 -43.97
N TYR C 321 35.32 21.95 -43.70
CA TYR C 321 35.67 22.98 -44.65
C TYR C 321 36.17 22.30 -45.90
N SER C 322 37.30 21.60 -45.75
CA SER C 322 37.96 20.88 -46.82
C SER C 322 37.02 20.15 -47.77
N GLN C 323 35.96 19.57 -47.24
CA GLN C 323 34.99 18.88 -48.10
C GLN C 323 34.31 19.91 -49.00
N ARG C 324 33.96 21.06 -48.44
CA ARG C 324 33.35 22.15 -49.19
C ARG C 324 34.28 22.58 -50.34
N VAL C 325 35.57 22.69 -50.02
CA VAL C 325 36.60 23.08 -50.97
C VAL C 325 36.52 22.18 -52.20
N VAL C 326 36.65 20.88 -51.94
CA VAL C 326 36.58 19.90 -52.99
C VAL C 326 35.29 20.15 -53.77
N ASP C 327 34.15 20.12 -53.06
CA ASP C 327 32.85 20.35 -53.68
C ASP C 327 32.86 21.52 -54.65
N LEU C 328 33.39 22.66 -54.20
CA LEU C 328 33.46 23.86 -55.03
C LEU C 328 34.47 23.61 -56.15
N ALA C 329 35.54 22.89 -55.82
CA ALA C 329 36.55 22.56 -56.80
C ALA C 329 35.87 21.80 -57.92
N ASP C 330 34.92 20.95 -57.55
CA ASP C 330 34.19 20.16 -58.53
C ASP C 330 33.23 21.05 -59.31
N ILE C 331 32.65 22.03 -58.65
CA ILE C 331 31.73 22.96 -59.30
C ILE C 331 32.49 23.67 -60.38
N VAL C 332 33.77 23.90 -60.12
CA VAL C 332 34.63 24.57 -61.08
C VAL C 332 34.84 23.63 -62.26
N ALA C 333 35.14 22.38 -61.94
CA ALA C 333 35.38 21.37 -62.94
C ALA C 333 34.20 21.24 -63.88
N ASN C 334 33.03 21.09 -63.29
CA ASN C 334 31.79 20.92 -64.04
C ASN C 334 31.25 22.13 -64.77
N ASN C 335 32.05 23.18 -64.91
CA ASN C 335 31.58 24.36 -65.62
C ASN C 335 32.67 24.75 -66.61
N TRP C 336 33.74 23.97 -66.57
CA TRP C 336 34.90 24.17 -67.41
C TRP C 336 34.56 24.47 -68.86
N LYS C 337 35.14 25.55 -69.38
CA LYS C 337 34.89 26.02 -70.74
C LYS C 337 33.42 26.37 -70.94
N LYS D 2 29.51 -18.86 -28.01
CA LYS D 2 28.49 -19.56 -27.19
C LYS D 2 28.79 -19.53 -25.69
N LEU D 3 30.05 -19.37 -25.32
CA LEU D 3 30.42 -19.33 -23.90
C LEU D 3 29.94 -18.02 -23.26
N LYS D 4 28.63 -17.91 -23.05
CA LYS D 4 27.99 -16.72 -22.47
C LYS D 4 28.91 -15.84 -21.62
N VAL D 5 29.02 -14.58 -22.03
CA VAL D 5 29.90 -13.63 -21.35
C VAL D 5 29.19 -12.38 -20.77
N ALA D 6 29.61 -11.95 -19.59
CA ALA D 6 29.04 -10.78 -18.93
C ALA D 6 30.12 -9.81 -18.49
N ILE D 7 29.87 -8.50 -18.70
CA ILE D 7 30.83 -7.45 -18.32
C ILE D 7 30.43 -6.72 -17.04
N ASN D 8 31.22 -6.89 -15.99
CA ASN D 8 30.92 -6.22 -14.74
C ASN D 8 31.88 -5.04 -14.64
N GLY D 9 31.32 -3.82 -14.66
CA GLY D 9 32.15 -2.63 -14.58
C GLY D 9 32.36 -2.10 -15.98
N PHE D 10 31.31 -1.51 -16.53
CA PHE D 10 31.32 -0.96 -17.89
C PHE D 10 32.17 0.30 -18.08
N GLY D 11 33.29 0.39 -17.36
CA GLY D 11 34.16 1.54 -17.45
C GLY D 11 34.87 1.75 -18.79
N ARG D 12 36.08 2.30 -18.72
CA ARG D 12 36.83 2.52 -19.94
C ARG D 12 37.07 1.17 -20.58
N ILE D 13 37.47 0.20 -19.77
CA ILE D 13 37.73 -1.15 -20.28
C ILE D 13 36.44 -1.88 -20.60
N GLY D 14 35.57 -1.95 -19.60
CA GLY D 14 34.29 -2.60 -19.79
C GLY D 14 33.67 -2.23 -21.12
N ARG D 15 33.83 -0.97 -21.53
CA ARG D 15 33.27 -0.48 -22.79
C ARG D 15 34.21 -0.72 -23.97
N ASN D 16 35.51 -0.61 -23.73
CA ASN D 16 36.51 -0.80 -24.78
C ASN D 16 36.49 -2.29 -25.17
N PHE D 17 36.62 -3.13 -24.15
CA PHE D 17 36.59 -4.57 -24.32
C PHE D 17 35.42 -4.99 -25.20
N LEU D 18 34.22 -4.61 -24.76
CA LEU D 18 33.01 -4.94 -25.48
C LEU D 18 33.10 -4.59 -26.95
N ARG D 19 33.94 -3.61 -27.28
CA ARG D 19 34.09 -3.20 -28.68
C ARG D 19 35.10 -4.05 -29.44
N CYS D 20 36.18 -4.46 -28.80
CA CYS D 20 37.17 -5.31 -29.46
C CYS D 20 36.38 -6.54 -29.86
N TRP D 21 35.70 -7.12 -28.87
CA TRP D 21 34.87 -8.30 -29.07
C TRP D 21 33.97 -8.13 -30.30
N HIS D 22 33.24 -7.01 -30.35
CA HIS D 22 32.34 -6.78 -31.48
C HIS D 22 33.07 -6.93 -32.80
N GLY D 23 34.32 -6.48 -32.83
CA GLY D 23 35.10 -6.55 -34.04
C GLY D 23 35.84 -7.86 -34.30
N ARG D 24 35.74 -8.81 -33.39
CA ARG D 24 36.43 -10.07 -33.60
C ARG D 24 35.80 -10.88 -34.71
N LYS D 25 36.68 -11.34 -35.60
CA LYS D 25 36.37 -12.14 -36.77
C LYS D 25 35.36 -13.26 -36.58
N ASP D 26 35.34 -13.83 -35.39
CA ASP D 26 34.41 -14.92 -35.04
C ASP D 26 34.80 -15.42 -33.66
N SER D 27 34.49 -14.61 -32.65
CA SER D 27 34.81 -14.96 -31.28
C SER D 27 33.96 -16.12 -30.77
N PRO D 28 34.47 -16.85 -29.77
CA PRO D 28 33.77 -17.99 -29.17
C PRO D 28 32.88 -17.45 -28.04
N LEU D 29 33.15 -16.21 -27.65
CA LEU D 29 32.42 -15.56 -26.58
C LEU D 29 31.13 -14.94 -27.11
N ASP D 30 30.14 -14.88 -26.23
CA ASP D 30 28.83 -14.32 -26.56
C ASP D 30 28.38 -13.50 -25.35
N ILE D 31 28.77 -12.22 -25.36
CA ILE D 31 28.41 -11.30 -24.30
C ILE D 31 26.91 -11.05 -24.34
N ILE D 32 26.26 -11.24 -23.19
CA ILE D 32 24.82 -11.05 -23.09
C ILE D 32 24.38 -10.05 -21.99
N ALA D 33 25.24 -9.81 -21.01
CA ALA D 33 24.89 -8.90 -19.92
C ALA D 33 26.00 -7.95 -19.54
N ILE D 34 25.59 -6.79 -19.03
CA ILE D 34 26.50 -5.75 -18.58
C ILE D 34 25.97 -5.23 -17.24
N ASN D 35 26.86 -5.04 -16.27
CA ASN D 35 26.46 -4.55 -14.95
C ASN D 35 27.24 -3.32 -14.50
N ASP D 36 26.62 -2.14 -14.58
CA ASP D 36 27.32 -0.92 -14.18
C ASP D 36 26.53 -0.15 -13.14
N THR D 37 27.23 0.55 -12.26
CA THR D 37 26.59 1.37 -11.24
C THR D 37 25.71 2.42 -11.89
N GLY D 38 26.10 2.79 -13.11
CA GLY D 38 25.38 3.81 -13.86
C GLY D 38 24.00 3.44 -14.33
N GLY D 39 23.57 4.06 -15.41
CA GLY D 39 22.24 3.78 -15.94
C GLY D 39 22.31 2.93 -17.19
N VAL D 40 21.13 2.53 -17.66
CA VAL D 40 21.03 1.72 -18.87
C VAL D 40 21.22 2.55 -20.14
N LYS D 41 20.38 3.57 -20.32
CA LYS D 41 20.53 4.43 -21.49
C LYS D 41 21.81 5.24 -21.28
N GLN D 42 22.13 5.46 -20.01
CA GLN D 42 23.33 6.20 -19.63
C GLN D 42 24.55 5.33 -19.93
N ALA D 43 24.32 4.20 -20.60
CA ALA D 43 25.39 3.28 -20.96
C ALA D 43 25.33 2.99 -22.46
N SER D 44 24.12 2.95 -23.01
CA SER D 44 23.93 2.71 -24.46
C SER D 44 24.49 3.89 -25.26
N HIS D 45 24.33 5.08 -24.70
CA HIS D 45 24.84 6.29 -25.31
C HIS D 45 26.36 6.31 -25.05
N LEU D 46 26.74 6.08 -23.80
CA LEU D 46 28.14 6.07 -23.41
C LEU D 46 28.98 5.14 -24.31
N LEU D 47 28.32 4.15 -24.89
CA LEU D 47 29.00 3.22 -25.78
C LEU D 47 29.12 3.82 -27.18
N LYS D 48 27.98 4.18 -27.76
CA LYS D 48 27.94 4.75 -29.11
C LYS D 48 28.91 5.91 -29.30
N TYR D 49 29.13 6.69 -28.25
CA TYR D 49 30.01 7.84 -28.35
C TYR D 49 31.19 7.82 -27.40
N ASP D 50 32.38 7.78 -27.98
CA ASP D 50 33.60 7.76 -27.20
C ASP D 50 34.52 8.91 -27.65
N SER D 51 35.06 9.63 -26.66
CA SER D 51 35.95 10.75 -26.93
C SER D 51 37.33 10.27 -27.32
N THR D 52 37.67 9.03 -26.95
CA THR D 52 38.99 8.46 -27.26
C THR D 52 38.99 7.52 -28.46
N LEU D 53 37.84 6.91 -28.76
CA LEU D 53 37.79 5.98 -29.88
C LEU D 53 36.88 6.45 -31.00
N GLY D 54 36.21 7.59 -30.78
CA GLY D 54 35.32 8.09 -31.81
C GLY D 54 33.96 7.39 -31.73
N ILE D 55 33.21 7.42 -32.83
CA ILE D 55 31.89 6.81 -32.86
C ILE D 55 31.89 5.31 -33.14
N PHE D 56 31.30 4.57 -32.21
CA PHE D 56 31.21 3.11 -32.33
C PHE D 56 30.30 2.69 -33.48
N ASP D 57 30.93 2.28 -34.56
CA ASP D 57 30.23 1.84 -35.76
C ASP D 57 29.33 0.64 -35.45
N ALA D 58 28.04 0.90 -35.23
CA ALA D 58 27.09 -0.17 -34.93
C ALA D 58 25.82 0.40 -34.32
N ASP D 59 24.67 -0.08 -34.78
CA ASP D 59 23.40 0.40 -34.24
C ASP D 59 23.30 0.10 -32.75
N VAL D 60 23.52 1.14 -31.93
CA VAL D 60 23.48 1.01 -30.48
C VAL D 60 22.24 1.64 -29.83
N LYS D 61 21.07 1.05 -30.06
CA LYS D 61 19.82 1.56 -29.51
C LYS D 61 19.32 0.68 -28.37
N PRO D 62 19.03 1.27 -27.20
CA PRO D 62 18.57 0.41 -26.10
C PRO D 62 17.29 -0.35 -26.47
N SER D 63 17.15 -1.54 -25.91
CA SER D 63 15.98 -2.39 -26.15
C SER D 63 15.22 -2.59 -24.83
N GLY D 64 14.14 -1.86 -24.66
CA GLY D 64 13.40 -1.96 -23.42
C GLY D 64 14.15 -1.15 -22.39
N GLU D 65 13.63 -1.05 -21.19
CA GLU D 65 14.30 -0.26 -20.16
C GLU D 65 15.29 -1.05 -19.32
N THR D 66 15.78 -2.17 -19.87
CA THR D 66 16.72 -3.01 -19.15
C THR D 66 17.80 -3.65 -20.01
N ALA D 67 17.70 -3.50 -21.34
CA ALA D 67 18.69 -4.06 -22.25
C ALA D 67 19.08 -3.07 -23.34
N ILE D 68 20.10 -3.41 -24.13
CA ILE D 68 20.52 -2.57 -25.23
C ILE D 68 20.30 -3.39 -26.49
N SER D 69 20.99 -3.07 -27.58
CA SER D 69 20.80 -3.82 -28.83
C SER D 69 21.86 -3.52 -29.89
N VAL D 70 23.08 -3.98 -29.64
CA VAL D 70 24.19 -3.77 -30.55
C VAL D 70 24.00 -4.56 -31.85
N ASP D 71 23.84 -3.85 -32.96
CA ASP D 71 23.67 -4.50 -34.26
C ASP D 71 22.52 -5.49 -34.29
N GLY D 72 21.64 -5.44 -33.28
CA GLY D 72 20.49 -6.34 -33.20
C GLY D 72 20.58 -7.31 -32.04
N LYS D 73 21.82 -7.57 -31.64
CA LYS D 73 22.14 -8.49 -30.55
C LYS D 73 21.79 -7.90 -29.18
N ILE D 74 20.61 -8.23 -28.66
CA ILE D 74 20.22 -7.70 -27.36
C ILE D 74 21.25 -8.10 -26.30
N ILE D 75 21.60 -7.16 -25.43
CA ILE D 75 22.57 -7.43 -24.39
C ILE D 75 22.11 -6.87 -23.06
N GLN D 76 21.32 -7.68 -22.36
CA GLN D 76 20.79 -7.29 -21.06
C GLN D 76 21.72 -6.38 -20.30
N VAL D 77 21.13 -5.44 -19.59
CA VAL D 77 21.89 -4.50 -18.82
C VAL D 77 21.34 -4.48 -17.42
N VAL D 78 22.19 -4.80 -16.45
CA VAL D 78 21.78 -4.80 -15.06
C VAL D 78 22.54 -3.71 -14.32
N SER D 79 22.12 -3.48 -13.08
CA SER D 79 22.72 -2.45 -12.27
C SER D 79 22.61 -2.83 -10.80
N ASN D 80 23.71 -3.29 -10.23
CA ASN D 80 23.74 -3.65 -8.82
C ASN D 80 25.17 -3.53 -8.35
N ARG D 81 25.36 -2.74 -7.30
CA ARG D 81 26.70 -2.56 -6.75
C ARG D 81 27.24 -3.92 -6.33
N ASN D 82 26.62 -4.51 -5.32
CA ASN D 82 27.05 -5.82 -4.81
C ASN D 82 27.01 -6.91 -5.88
N PRO D 83 28.13 -7.62 -6.07
CA PRO D 83 28.28 -8.71 -7.05
C PRO D 83 27.37 -9.89 -6.70
N SER D 84 27.49 -10.32 -5.44
CA SER D 84 26.73 -11.44 -4.90
C SER D 84 25.26 -11.46 -5.31
N LEU D 85 24.71 -10.30 -5.69
CA LEU D 85 23.31 -10.21 -6.06
C LEU D 85 23.11 -10.18 -7.58
N LEU D 86 24.21 -10.39 -8.31
CA LEU D 86 24.15 -10.37 -9.76
C LEU D 86 23.51 -11.64 -10.34
N PRO D 87 22.58 -11.47 -11.31
CA PRO D 87 21.88 -12.59 -11.96
C PRO D 87 22.78 -13.45 -12.84
N TRP D 88 23.88 -13.96 -12.29
CA TRP D 88 24.79 -14.79 -13.06
C TRP D 88 24.25 -16.22 -13.10
N LYS D 89 23.82 -16.72 -11.95
CA LYS D 89 23.25 -18.06 -11.86
C LYS D 89 21.98 -18.10 -12.73
N GLU D 90 21.04 -17.22 -12.41
CA GLU D 90 19.76 -17.13 -13.12
C GLU D 90 19.88 -16.75 -14.60
N LEU D 91 21.03 -16.20 -14.97
CA LEU D 91 21.28 -15.77 -16.35
C LEU D 91 22.14 -16.79 -17.10
N GLY D 92 22.96 -17.52 -16.35
CA GLY D 92 23.82 -18.52 -16.96
C GLY D 92 25.11 -17.93 -17.52
N ILE D 93 26.00 -17.50 -16.63
CA ILE D 93 27.27 -16.92 -17.04
C ILE D 93 28.50 -17.76 -16.66
N ASP D 94 29.26 -18.12 -17.70
CA ASP D 94 30.47 -18.93 -17.58
C ASP D 94 31.67 -18.00 -17.31
N ILE D 95 31.72 -16.88 -18.04
CA ILE D 95 32.79 -15.89 -17.93
C ILE D 95 32.34 -14.45 -17.64
N VAL D 96 32.83 -13.89 -16.53
CA VAL D 96 32.50 -12.53 -16.15
C VAL D 96 33.73 -11.63 -16.21
N ILE D 97 33.63 -10.56 -17.00
CA ILE D 97 34.71 -9.59 -17.16
C ILE D 97 34.59 -8.55 -16.07
N GLU D 98 35.35 -8.76 -15.01
CA GLU D 98 35.38 -7.89 -13.85
C GLU D 98 36.27 -6.68 -14.06
N GLY D 99 35.78 -5.76 -14.90
CA GLY D 99 36.51 -4.54 -15.22
C GLY D 99 36.03 -3.35 -14.42
N THR D 100 36.08 -3.47 -13.10
CA THR D 100 35.65 -2.41 -12.23
C THR D 100 36.86 -2.03 -11.41
N GLY D 101 37.82 -2.94 -11.33
CA GLY D 101 39.01 -2.66 -10.55
C GLY D 101 38.65 -2.51 -9.09
N VAL D 102 37.40 -2.85 -8.76
CA VAL D 102 36.93 -2.77 -7.37
C VAL D 102 37.21 -4.08 -6.62
N PHE D 103 36.89 -5.19 -7.28
CA PHE D 103 37.09 -6.53 -6.73
C PHE D 103 38.27 -7.12 -7.50
N VAL D 104 39.44 -7.17 -6.87
CA VAL D 104 40.64 -7.69 -7.54
C VAL D 104 41.13 -9.06 -7.04
N ASP D 105 40.77 -9.43 -5.81
CA ASP D 105 41.16 -10.73 -5.24
C ASP D 105 40.05 -11.76 -5.27
N ARG D 106 40.35 -12.98 -4.80
CA ARG D 106 39.39 -14.08 -4.75
C ARG D 106 38.22 -13.67 -3.87
N GLU D 107 38.54 -13.24 -2.65
CA GLU D 107 37.54 -12.80 -1.67
C GLU D 107 36.52 -11.90 -2.37
N GLY D 108 37.02 -10.86 -3.04
CA GLY D 108 36.17 -9.91 -3.74
C GLY D 108 35.61 -10.50 -5.03
N ALA D 109 36.49 -10.72 -6.01
CA ALA D 109 36.10 -11.28 -7.30
C ALA D 109 35.21 -12.50 -7.11
N GLY D 110 35.48 -13.23 -6.03
CA GLY D 110 34.72 -14.42 -5.72
C GLY D 110 33.23 -14.14 -5.63
N LYS D 111 32.86 -12.99 -5.08
CA LYS D 111 31.46 -12.63 -4.97
C LYS D 111 30.73 -12.87 -6.28
N HIS D 112 31.51 -13.02 -7.36
CA HIS D 112 30.96 -13.27 -8.68
C HIS D 112 30.61 -14.73 -8.84
N ILE D 113 31.52 -15.61 -8.41
CA ILE D 113 31.29 -17.05 -8.48
C ILE D 113 30.13 -17.40 -7.54
N GLU D 114 30.14 -16.84 -6.33
CA GLU D 114 29.09 -17.07 -5.35
C GLU D 114 27.72 -16.70 -5.93
N ALA D 115 27.71 -15.74 -6.85
CA ALA D 115 26.49 -15.28 -7.49
C ALA D 115 26.10 -16.21 -8.65
N GLY D 116 27.03 -17.04 -9.07
CA GLY D 116 26.77 -17.97 -10.17
C GLY D 116 27.73 -17.83 -11.36
N ALA D 117 28.95 -17.38 -11.09
CA ALA D 117 29.96 -17.20 -12.13
C ALA D 117 31.03 -18.28 -12.01
N LYS D 118 31.10 -19.16 -13.02
CA LYS D 118 32.08 -20.24 -12.99
C LYS D 118 33.51 -19.69 -12.96
N LYS D 119 33.89 -18.99 -14.02
CA LYS D 119 35.23 -18.43 -14.09
C LYS D 119 35.19 -16.92 -14.35
N VAL D 120 35.95 -16.16 -13.55
CA VAL D 120 36.01 -14.69 -13.65
C VAL D 120 37.36 -14.21 -14.21
N ILE D 121 37.42 -12.94 -14.61
CA ILE D 121 38.62 -12.34 -15.17
C ILE D 121 38.88 -10.96 -14.59
N ILE D 122 39.87 -10.83 -13.71
CA ILE D 122 40.22 -9.55 -13.08
C ILE D 122 41.07 -8.67 -14.00
N THR D 123 40.42 -7.77 -14.75
CA THR D 123 41.13 -6.88 -15.65
C THR D 123 41.98 -5.87 -14.89
N ALA D 124 42.97 -6.39 -14.17
CA ALA D 124 43.86 -5.56 -13.37
C ALA D 124 44.74 -6.49 -12.56
N PRO D 125 45.85 -5.97 -11.99
CA PRO D 125 46.75 -6.81 -11.20
C PRO D 125 45.96 -7.49 -10.08
N GLY D 126 46.27 -8.75 -9.77
CA GLY D 126 45.55 -9.45 -8.71
C GLY D 126 46.03 -9.06 -7.32
N LYS D 127 45.18 -9.26 -6.30
CA LYS D 127 45.56 -8.90 -4.94
C LYS D 127 45.94 -10.09 -4.05
N GLY D 128 47.15 -10.04 -3.50
CA GLY D 128 47.66 -11.11 -2.67
C GLY D 128 48.02 -12.27 -3.58
N ASP D 129 47.70 -13.47 -3.13
CA ASP D 129 47.96 -14.66 -3.92
C ASP D 129 46.91 -14.70 -5.03
N ILE D 130 47.29 -15.11 -6.23
CA ILE D 130 46.34 -15.17 -7.34
C ILE D 130 47.02 -15.30 -8.69
N PRO D 131 46.56 -16.26 -9.52
CA PRO D 131 47.05 -16.59 -10.86
C PRO D 131 47.05 -15.43 -11.85
N THR D 132 48.24 -15.07 -12.31
CA THR D 132 48.41 -14.00 -13.28
C THR D 132 48.98 -14.56 -14.58
N TYR D 133 48.37 -14.21 -15.71
CA TYR D 133 48.82 -14.70 -17.00
C TYR D 133 48.75 -13.63 -18.11
N VAL D 134 49.88 -13.38 -18.78
CA VAL D 134 49.99 -12.41 -19.87
C VAL D 134 49.84 -13.07 -21.23
N VAL D 135 48.75 -12.78 -21.94
CA VAL D 135 48.50 -13.37 -23.25
C VAL D 135 49.69 -13.25 -24.20
N GLY D 136 50.51 -14.29 -24.27
CA GLY D 136 51.66 -14.26 -25.15
C GLY D 136 52.98 -14.61 -24.50
N VAL D 137 53.02 -14.63 -23.17
CA VAL D 137 54.24 -14.97 -22.45
C VAL D 137 53.99 -16.26 -21.66
N ASN D 138 52.73 -16.47 -21.27
CA ASN D 138 52.35 -17.67 -20.54
C ASN D 138 50.85 -17.91 -20.47
N ALA D 139 50.13 -17.55 -21.53
CA ALA D 139 48.69 -17.77 -21.56
C ALA D 139 48.44 -19.27 -21.73
N ASP D 140 49.40 -20.08 -21.27
CA ASP D 140 49.35 -21.54 -21.36
C ASP D 140 49.33 -22.15 -19.97
N ALA D 141 50.08 -21.53 -19.05
CA ALA D 141 50.16 -21.99 -17.67
C ALA D 141 48.77 -22.00 -17.00
N TYR D 142 47.79 -21.41 -17.69
CA TYR D 142 46.41 -21.35 -17.18
C TYR D 142 45.73 -22.71 -17.33
N SER D 143 45.37 -23.30 -16.19
CA SER D 143 44.69 -24.59 -16.17
C SER D 143 43.22 -24.32 -15.90
N HIS D 144 42.32 -25.11 -16.50
CA HIS D 144 40.89 -24.87 -16.28
C HIS D 144 40.58 -25.05 -14.80
N ASP D 145 41.52 -25.64 -14.08
CA ASP D 145 41.35 -25.85 -12.64
C ASP D 145 41.21 -24.45 -12.04
N GLU D 146 41.84 -23.47 -12.69
CA GLU D 146 41.83 -22.07 -12.27
C GLU D 146 40.49 -21.39 -12.49
N PRO D 147 39.85 -20.92 -11.40
CA PRO D 147 38.55 -20.27 -11.46
C PRO D 147 38.60 -18.74 -11.57
N ILE D 148 39.72 -18.15 -11.14
CA ILE D 148 39.94 -16.69 -11.20
C ILE D 148 41.33 -16.32 -11.75
N ILE D 149 41.34 -15.61 -12.87
CA ILE D 149 42.58 -15.19 -13.51
C ILE D 149 42.89 -13.73 -13.16
N SER D 150 43.90 -13.16 -13.82
CA SER D 150 44.29 -11.77 -13.60
C SER D 150 45.16 -11.35 -14.78
N ASN D 151 44.55 -10.73 -15.79
CA ASN D 151 45.26 -10.31 -17.00
C ASN D 151 46.34 -9.24 -16.79
N ALA D 152 46.76 -9.06 -15.54
CA ALA D 152 47.80 -8.09 -15.19
C ALA D 152 47.45 -6.65 -15.55
N SER D 153 48.42 -5.75 -15.43
CA SER D 153 48.22 -4.33 -15.79
C SER D 153 48.74 -4.06 -17.21
N CYS D 154 48.16 -3.04 -17.87
CA CYS D 154 48.56 -2.69 -19.24
C CYS D 154 50.07 -2.39 -19.37
N THR D 155 50.67 -1.83 -18.32
CA THR D 155 52.11 -1.52 -18.29
C THR D 155 52.89 -2.82 -18.29
N THR D 156 52.32 -3.83 -17.65
CA THR D 156 52.96 -5.13 -17.58
C THR D 156 52.74 -5.91 -18.86
N ASN D 157 51.48 -6.01 -19.29
CA ASN D 157 51.16 -6.75 -20.52
C ASN D 157 51.97 -6.23 -21.73
N CYS D 158 52.71 -5.14 -21.52
CA CYS D 158 53.53 -4.57 -22.58
C CYS D 158 54.99 -4.70 -22.19
N LEU D 159 55.24 -4.49 -20.89
CA LEU D 159 56.57 -4.56 -20.33
C LEU D 159 56.91 -6.00 -19.96
N ALA D 160 56.50 -6.94 -20.81
CA ALA D 160 56.75 -8.35 -20.55
C ALA D 160 57.05 -9.10 -21.83
N PRO D 161 56.18 -8.98 -22.84
CA PRO D 161 56.39 -9.68 -24.12
C PRO D 161 57.78 -9.40 -24.69
N PHE D 162 58.43 -8.33 -24.21
CA PHE D 162 59.77 -7.98 -24.65
C PHE D 162 60.83 -8.10 -23.55
N VAL D 163 60.40 -8.35 -22.32
CA VAL D 163 61.31 -8.53 -21.20
C VAL D 163 61.81 -9.96 -21.33
N LYS D 164 60.97 -10.75 -22.03
CA LYS D 164 61.21 -12.16 -22.30
C LYS D 164 62.31 -12.30 -23.35
N VAL D 165 62.13 -11.62 -24.47
CA VAL D 165 63.11 -11.65 -25.55
C VAL D 165 64.49 -11.24 -25.03
N LEU D 166 64.52 -10.32 -24.08
CA LEU D 166 65.76 -9.79 -23.52
C LEU D 166 66.52 -10.56 -22.44
N ASP D 167 65.81 -11.35 -21.65
CA ASP D 167 66.46 -12.12 -20.61
C ASP D 167 66.97 -13.43 -21.18
N GLN D 168 66.23 -13.98 -22.13
CA GLN D 168 66.59 -15.24 -22.77
C GLN D 168 67.50 -15.07 -23.99
N LYS D 169 68.15 -13.90 -24.11
CA LYS D 169 69.04 -13.67 -25.25
C LYS D 169 70.23 -12.81 -24.89
N PHE D 170 70.26 -12.31 -23.67
CA PHE D 170 71.36 -11.48 -23.22
C PHE D 170 71.50 -11.76 -21.74
N GLY D 171 70.42 -12.28 -21.17
CA GLY D 171 70.39 -12.62 -19.77
C GLY D 171 70.32 -11.41 -18.87
N ILE D 172 69.11 -10.94 -18.61
CA ILE D 172 68.92 -9.78 -17.75
C ILE D 172 69.46 -10.11 -16.35
N ILE D 173 70.28 -9.22 -15.82
CA ILE D 173 70.81 -9.41 -14.48
C ILE D 173 69.83 -8.60 -13.65
N LYS D 174 70.19 -7.36 -13.27
CA LYS D 174 69.25 -6.53 -12.50
C LYS D 174 68.41 -5.68 -13.48
N GLY D 175 67.89 -4.53 -13.05
CA GLY D 175 67.10 -3.73 -13.97
C GLY D 175 66.00 -2.84 -13.39
N THR D 176 65.74 -1.72 -14.06
CA THR D 176 64.72 -0.78 -13.61
C THR D 176 63.86 -0.32 -14.79
N MET D 177 62.72 0.28 -14.49
CA MET D 177 61.80 0.74 -15.52
C MET D 177 61.05 2.01 -15.11
N THR D 178 60.40 2.62 -16.09
CA THR D 178 59.59 3.82 -15.90
C THR D 178 58.59 3.85 -17.02
N THR D 179 57.37 4.28 -16.71
CA THR D 179 56.35 4.35 -17.74
C THR D 179 55.66 5.69 -17.73
N THR D 180 55.79 6.39 -18.85
CA THR D 180 55.15 7.68 -19.04
C THR D 180 53.77 7.26 -19.62
N HIS D 181 52.78 7.26 -18.72
CA HIS D 181 51.41 6.83 -18.98
C HIS D 181 50.35 7.95 -19.01
N SER D 182 49.39 7.83 -19.93
CA SER D 182 48.30 8.78 -20.02
C SER D 182 47.64 8.73 -18.64
N TYR D 183 47.02 9.82 -18.20
CA TYR D 183 46.38 9.76 -16.90
C TYR D 183 45.16 8.86 -17.13
N THR D 184 44.55 8.39 -16.05
CA THR D 184 43.38 7.52 -16.14
C THR D 184 42.43 7.85 -14.98
N GLY D 185 41.22 7.28 -15.05
CA GLY D 185 40.18 7.50 -14.06
C GLY D 185 40.48 7.67 -12.57
N ASP D 186 41.61 7.16 -12.10
CA ASP D 186 41.91 7.27 -10.67
C ASP D 186 42.41 8.66 -10.24
N GLN D 187 42.74 9.49 -11.22
CA GLN D 187 43.23 10.84 -10.97
C GLN D 187 42.11 11.88 -11.02
N ARG D 188 42.15 12.86 -10.13
CA ARG D 188 41.13 13.90 -10.11
C ARG D 188 41.40 14.91 -11.24
N LEU D 189 40.32 15.53 -11.75
CA LEU D 189 40.38 16.53 -12.84
C LEU D 189 41.05 17.82 -12.34
N LEU D 190 40.74 18.18 -11.10
CA LEU D 190 41.32 19.34 -10.45
C LEU D 190 41.69 18.85 -9.05
N ASP D 191 42.39 19.66 -8.26
CA ASP D 191 42.84 19.27 -6.93
C ASP D 191 41.78 18.98 -5.86
N ALA D 192 41.43 17.70 -5.74
CA ALA D 192 40.47 17.24 -4.75
C ALA D 192 41.24 16.34 -3.80
N SER D 193 40.53 15.70 -2.86
CA SER D 193 41.18 14.80 -1.91
C SER D 193 41.17 13.39 -2.48
N HIS D 194 42.15 12.60 -2.07
CA HIS D 194 42.31 11.23 -2.54
C HIS D 194 43.14 10.57 -1.45
N ARG D 195 43.01 9.26 -1.26
CA ARG D 195 43.78 8.58 -0.20
C ARG D 195 45.28 8.75 -0.44
N ASP D 196 45.61 8.99 -1.71
CA ASP D 196 46.97 9.20 -2.16
C ASP D 196 47.10 10.65 -2.58
N LEU D 197 48.00 11.38 -1.92
CA LEU D 197 48.21 12.78 -2.20
C LEU D 197 48.80 13.15 -3.57
N ARG D 198 48.69 12.24 -4.55
CA ARG D 198 49.23 12.49 -5.88
C ARG D 198 48.23 12.39 -7.02
N ARG D 199 47.41 11.34 -7.00
CA ARG D 199 46.40 11.18 -8.05
C ARG D 199 45.34 12.21 -7.71
N ALA D 200 45.55 12.86 -6.58
CA ALA D 200 44.67 13.91 -6.07
C ALA D 200 44.83 15.17 -6.91
N ARG D 201 46.05 15.40 -7.37
CA ARG D 201 46.38 16.59 -8.17
C ARG D 201 45.78 16.61 -9.57
N ALA D 202 45.44 17.81 -10.00
CA ALA D 202 44.85 18.04 -11.31
C ALA D 202 45.55 17.23 -12.42
N ALA D 203 44.80 16.30 -13.01
CA ALA D 203 45.32 15.44 -14.06
C ALA D 203 45.96 16.20 -15.22
N ALA D 204 45.14 16.54 -16.22
CA ALA D 204 45.54 17.25 -17.43
C ALA D 204 46.55 18.41 -17.37
N LEU D 205 46.90 18.85 -16.17
CA LEU D 205 47.87 19.93 -16.03
C LEU D 205 49.09 19.52 -15.22
N ASN D 206 49.35 18.22 -15.15
CA ASN D 206 50.47 17.72 -14.35
C ASN D 206 51.14 16.42 -14.77
N ILE D 207 52.40 16.29 -14.35
CA ILE D 207 53.18 15.07 -14.56
C ILE D 207 53.13 14.45 -13.17
N VAL D 208 52.28 13.45 -12.99
CA VAL D 208 52.12 12.82 -11.69
C VAL D 208 52.78 11.46 -11.56
N PRO D 209 53.66 11.30 -10.56
CA PRO D 209 54.39 10.06 -10.28
C PRO D 209 53.56 9.09 -9.42
N THR D 210 52.99 8.05 -10.04
CA THR D 210 52.19 7.07 -9.28
C THR D 210 53.01 5.80 -9.04
N SER D 211 52.80 5.17 -7.89
CA SER D 211 53.49 3.93 -7.56
C SER D 211 52.80 2.81 -8.35
N THR D 212 53.60 1.96 -8.99
CA THR D 212 53.07 0.85 -9.79
C THR D 212 53.67 -0.48 -9.39
N GLY D 213 53.01 -1.56 -9.81
CA GLY D 213 53.49 -2.90 -9.53
C GLY D 213 54.04 -3.55 -10.78
N ALA D 214 53.52 -3.12 -11.93
CA ALA D 214 53.93 -3.62 -13.24
C ALA D 214 55.36 -4.14 -13.33
N ALA D 215 56.24 -3.64 -12.46
CA ALA D 215 57.64 -4.05 -12.43
C ALA D 215 57.77 -5.44 -11.79
N LYS D 216 57.62 -5.50 -10.48
CA LYS D 216 57.69 -6.77 -9.76
C LYS D 216 56.62 -7.66 -10.35
N ALA D 217 55.65 -7.02 -11.00
CA ALA D 217 54.53 -7.71 -11.65
C ALA D 217 55.04 -8.57 -12.81
N VAL D 218 56.24 -8.26 -13.27
CA VAL D 218 56.83 -9.02 -14.36
C VAL D 218 57.32 -10.35 -13.79
N ALA D 219 57.82 -10.29 -12.55
CA ALA D 219 58.32 -11.47 -11.85
C ALA D 219 57.17 -12.38 -11.44
N LEU D 220 56.28 -12.67 -12.40
CA LEU D 220 55.13 -13.54 -12.19
C LEU D 220 54.92 -14.28 -13.49
N VAL D 221 54.68 -13.54 -14.56
CA VAL D 221 54.47 -14.14 -15.86
C VAL D 221 55.82 -14.57 -16.48
N LEU D 222 56.89 -14.36 -15.72
CA LEU D 222 58.27 -14.74 -16.08
C LEU D 222 58.98 -14.92 -14.74
N PRO D 223 58.79 -16.09 -14.11
CA PRO D 223 59.38 -16.45 -12.82
C PRO D 223 60.83 -16.01 -12.72
N ASN D 224 61.52 -16.18 -13.85
CA ASN D 224 62.92 -15.85 -14.01
C ASN D 224 63.31 -14.50 -13.42
N LEU D 225 62.68 -13.44 -13.94
CA LEU D 225 62.94 -12.07 -13.52
C LEU D 225 62.64 -11.76 -12.05
N LYS D 226 62.26 -12.77 -11.28
CA LYS D 226 61.93 -12.55 -9.88
C LYS D 226 62.98 -11.73 -9.14
N GLY D 227 62.52 -10.73 -8.39
CA GLY D 227 63.40 -9.88 -7.61
C GLY D 227 64.37 -8.99 -8.37
N LYS D 228 64.22 -8.92 -9.69
CA LYS D 228 65.11 -8.12 -10.53
C LYS D 228 64.52 -6.79 -10.97
N LEU D 229 63.40 -6.83 -11.69
CA LEU D 229 62.72 -5.64 -12.21
C LEU D 229 62.00 -4.81 -11.13
N ASN D 230 61.90 -3.51 -11.39
CA ASN D 230 61.25 -2.58 -10.46
C ASN D 230 60.94 -1.25 -11.19
N GLY D 231 61.10 -0.11 -10.52
CA GLY D 231 60.83 1.17 -11.16
C GLY D 231 59.54 1.89 -10.78
N ILE D 232 59.26 3.04 -11.41
CA ILE D 232 58.04 3.81 -11.13
C ILE D 232 57.22 4.19 -12.37
N ALA D 233 56.11 4.90 -12.13
CA ALA D 233 55.21 5.34 -13.18
C ALA D 233 55.10 6.86 -13.23
N LEU D 234 54.87 7.41 -14.43
CA LEU D 234 54.72 8.86 -14.61
C LEU D 234 53.45 9.20 -15.37
N ARG D 235 52.50 9.79 -14.64
CA ARG D 235 51.22 10.18 -15.22
C ARG D 235 51.38 11.55 -15.89
N VAL D 236 50.86 11.66 -17.11
CA VAL D 236 50.98 12.91 -17.84
C VAL D 236 49.73 13.32 -18.63
N PRO D 237 49.63 14.60 -18.99
CA PRO D 237 48.48 15.12 -19.73
C PRO D 237 48.15 14.46 -21.07
N THR D 238 47.86 13.16 -21.04
CA THR D 238 47.46 12.45 -22.24
C THR D 238 46.33 11.53 -21.82
N PRO D 239 45.29 11.46 -22.66
CA PRO D 239 44.08 10.66 -22.47
C PRO D 239 44.23 9.17 -22.75
N ASN D 240 45.20 8.84 -23.59
CA ASN D 240 45.41 7.47 -23.99
C ASN D 240 46.80 7.26 -24.59
N VAL D 241 47.23 6.00 -24.65
CA VAL D 241 48.54 5.60 -25.18
C VAL D 241 49.66 6.00 -24.20
N SER D 242 50.46 5.02 -23.80
CA SER D 242 51.56 5.26 -22.87
C SER D 242 52.87 4.73 -23.43
N VAL D 243 53.96 4.86 -22.67
CA VAL D 243 55.24 4.35 -23.15
C VAL D 243 56.15 3.94 -21.99
N VAL D 244 56.72 2.75 -22.09
CA VAL D 244 57.63 2.25 -21.06
C VAL D 244 59.09 2.42 -21.45
N ASP D 245 59.86 2.88 -20.48
CA ASP D 245 61.29 3.12 -20.64
C ASP D 245 62.00 2.08 -19.78
N LEU D 246 62.37 0.95 -20.41
CA LEU D 246 63.05 -0.15 -19.73
C LEU D 246 64.58 -0.05 -19.76
N VAL D 247 65.22 -0.27 -18.61
CA VAL D 247 66.67 -0.23 -18.52
C VAL D 247 67.21 -1.30 -17.58
N VAL D 248 67.73 -2.37 -18.18
CA VAL D 248 68.29 -3.49 -17.45
C VAL D 248 69.76 -3.70 -17.84
N GLN D 249 70.54 -4.19 -16.89
CA GLN D 249 71.95 -4.46 -17.11
C GLN D 249 71.99 -5.96 -17.42
N VAL D 250 72.81 -6.37 -18.39
CA VAL D 250 72.87 -7.79 -18.73
C VAL D 250 74.28 -8.38 -18.75
N SER D 251 74.36 -9.70 -18.93
CA SER D 251 75.65 -10.39 -18.97
C SER D 251 76.21 -10.35 -20.39
N LYS D 252 75.58 -11.11 -21.29
CA LYS D 252 76.03 -11.16 -22.69
C LYS D 252 76.23 -9.79 -23.32
N LYS D 253 77.47 -9.48 -23.69
CA LYS D 253 77.79 -8.20 -24.31
C LYS D 253 76.97 -8.04 -25.57
N THR D 254 76.46 -6.83 -25.78
CA THR D 254 75.64 -6.51 -26.95
C THR D 254 75.69 -5.03 -27.33
N PHE D 255 75.14 -4.73 -28.50
CA PHE D 255 75.08 -3.37 -29.01
C PHE D 255 73.62 -3.03 -29.32
N ALA D 256 73.34 -1.73 -29.34
CA ALA D 256 71.98 -1.25 -29.60
C ALA D 256 71.32 -1.88 -30.83
N GLU D 257 72.02 -1.83 -31.96
CA GLU D 257 71.49 -2.36 -33.21
C GLU D 257 71.02 -3.82 -33.08
N GLU D 258 71.89 -4.69 -32.57
CA GLU D 258 71.55 -6.10 -32.40
C GLU D 258 70.24 -6.22 -31.64
N VAL D 259 70.27 -5.70 -30.42
CA VAL D 259 69.11 -5.70 -29.54
C VAL D 259 67.81 -5.56 -30.35
N ASN D 260 67.83 -4.74 -31.39
CA ASN D 260 66.66 -4.50 -32.23
C ASN D 260 66.29 -5.65 -33.16
N ALA D 261 67.26 -6.48 -33.51
CA ALA D 261 66.98 -7.60 -34.40
C ALA D 261 66.26 -8.72 -33.63
N ALA D 262 66.68 -8.94 -32.39
CA ALA D 262 66.05 -9.95 -31.56
C ALA D 262 64.56 -9.70 -31.62
N PHE D 263 64.19 -8.46 -31.30
CA PHE D 263 62.80 -8.00 -31.30
C PHE D 263 62.12 -8.20 -32.64
N ARG D 264 62.80 -7.84 -33.73
CA ARG D 264 62.22 -7.98 -35.07
C ARG D 264 61.92 -9.45 -35.39
N ASP D 265 62.68 -10.33 -34.74
CA ASP D 265 62.53 -11.76 -34.92
C ASP D 265 61.30 -12.24 -34.17
N SER D 266 61.34 -12.06 -32.85
CA SER D 266 60.23 -12.45 -31.98
C SER D 266 58.95 -11.83 -32.52
N ALA D 267 59.11 -10.82 -33.36
CA ALA D 267 58.00 -10.07 -33.97
C ALA D 267 57.10 -10.88 -34.89
N GLU D 268 57.67 -11.86 -35.58
CA GLU D 268 56.88 -12.66 -36.50
C GLU D 268 56.94 -14.12 -36.11
N LYS D 269 57.18 -14.37 -34.83
CA LYS D 269 57.28 -15.74 -34.35
C LYS D 269 56.43 -16.03 -33.14
N GLU D 270 57.07 -16.00 -31.97
CA GLU D 270 56.39 -16.29 -30.72
C GLU D 270 55.54 -15.10 -30.26
N LEU D 271 55.86 -13.92 -30.78
CA LEU D 271 55.18 -12.69 -30.42
C LEU D 271 54.53 -12.03 -31.64
N LYS D 272 54.02 -12.86 -32.55
CA LYS D 272 53.39 -12.33 -33.76
C LYS D 272 51.99 -11.80 -33.47
N GLY D 273 51.83 -10.49 -33.60
CA GLY D 273 50.54 -9.89 -33.32
C GLY D 273 50.51 -9.42 -31.88
N ILE D 274 51.55 -9.80 -31.13
CA ILE D 274 51.67 -9.42 -29.72
C ILE D 274 52.80 -8.38 -29.54
N LEU D 275 53.86 -8.51 -30.32
CA LEU D 275 54.94 -7.53 -30.26
C LEU D 275 55.27 -7.09 -31.69
N ASP D 276 55.58 -5.80 -31.84
CA ASP D 276 55.89 -5.21 -33.14
C ASP D 276 57.03 -4.19 -33.00
N VAL D 277 57.74 -3.93 -34.10
CA VAL D 277 58.84 -2.97 -34.06
C VAL D 277 58.67 -1.82 -35.04
N CYS D 278 58.76 -0.61 -34.49
CA CYS D 278 58.59 0.60 -35.27
C CYS D 278 59.91 1.28 -35.64
N ASP D 279 60.16 1.32 -36.95
CA ASP D 279 61.36 1.95 -37.51
C ASP D 279 61.03 3.34 -38.07
N GLU D 280 59.95 3.93 -37.58
CA GLU D 280 59.52 5.26 -38.00
C GLU D 280 59.64 6.22 -36.81
N PRO D 281 59.72 7.52 -37.09
CA PRO D 281 59.84 8.55 -36.04
C PRO D 281 58.42 9.03 -35.69
N LEU D 282 57.72 8.27 -34.85
CA LEU D 282 56.34 8.59 -34.48
C LEU D 282 56.11 9.11 -33.06
N VAL D 283 54.87 9.51 -32.81
CA VAL D 283 54.45 10.02 -31.50
C VAL D 283 53.22 9.28 -30.98
N SER D 284 53.02 9.35 -29.67
CA SER D 284 51.90 8.66 -29.02
C SER D 284 50.63 8.46 -29.85
N VAL D 285 50.00 9.55 -30.28
CA VAL D 285 48.75 9.43 -31.06
C VAL D 285 48.80 8.48 -32.26
N ASP D 286 50.01 8.22 -32.77
CA ASP D 286 50.18 7.34 -33.93
C ASP D 286 49.87 5.87 -33.65
N PHE D 287 49.93 5.49 -32.38
CA PHE D 287 49.68 4.12 -31.99
C PHE D 287 48.30 3.88 -31.38
N ARG D 288 47.37 4.79 -31.62
CA ARG D 288 46.03 4.60 -31.08
C ARG D 288 45.39 3.45 -31.84
N CYS D 289 44.82 2.51 -31.10
CA CYS D 289 44.19 1.34 -31.68
C CYS D 289 45.18 0.38 -32.35
N SER D 290 46.29 0.14 -31.68
CA SER D 290 47.31 -0.80 -32.16
C SER D 290 47.02 -2.08 -31.39
N ASP D 291 46.86 -3.19 -32.11
CA ASP D 291 46.55 -4.46 -31.47
C ASP D 291 47.74 -5.13 -30.77
N PHE D 292 48.92 -4.51 -30.87
CA PHE D 292 50.15 -5.07 -30.29
C PHE D 292 50.40 -4.60 -28.87
N SER D 293 50.23 -5.51 -27.92
CA SER D 293 50.43 -5.20 -26.51
C SER D 293 51.81 -4.60 -26.19
N THR D 294 52.61 -4.44 -27.24
CA THR D 294 53.95 -3.87 -27.11
C THR D 294 54.58 -3.61 -28.50
N THR D 295 54.91 -2.33 -28.78
CA THR D 295 55.53 -1.95 -30.04
C THR D 295 56.81 -1.18 -29.77
N ILE D 296 57.94 -1.78 -30.15
CA ILE D 296 59.25 -1.18 -29.92
C ILE D 296 59.57 -0.06 -30.89
N ASP D 297 60.19 0.98 -30.38
CA ASP D 297 60.60 2.11 -31.19
C ASP D 297 62.09 1.87 -31.44
N SER D 298 62.40 1.34 -32.61
CA SER D 298 63.77 1.01 -32.98
C SER D 298 64.80 2.14 -32.81
N SER D 299 64.46 3.31 -33.34
CA SER D 299 65.34 4.48 -33.28
C SER D 299 65.73 5.02 -31.91
N LEU D 300 65.22 4.42 -30.85
CA LEU D 300 65.51 4.94 -29.51
C LEU D 300 66.41 4.05 -28.68
N THR D 301 66.49 2.78 -29.06
CA THR D 301 67.31 1.81 -28.32
C THR D 301 68.74 2.28 -28.12
N MET D 302 69.16 2.35 -26.86
CA MET D 302 70.50 2.77 -26.51
C MET D 302 71.20 1.65 -25.76
N VAL D 303 72.52 1.58 -25.90
CA VAL D 303 73.32 0.53 -25.25
C VAL D 303 74.58 1.15 -24.66
N MET D 304 74.56 1.39 -23.36
CA MET D 304 75.73 1.97 -22.69
C MET D 304 76.51 0.87 -22.03
N GLY D 305 77.84 0.98 -22.07
CA GLY D 305 78.71 -0.01 -21.43
C GLY D 305 78.69 -1.44 -21.97
N ASP D 306 78.13 -1.63 -23.16
CA ASP D 306 78.07 -2.96 -23.80
C ASP D 306 76.88 -3.84 -23.42
N ASP D 307 76.50 -3.81 -22.14
CA ASP D 307 75.37 -4.63 -21.66
C ASP D 307 74.12 -3.81 -21.28
N MET D 308 74.24 -2.84 -20.37
CA MET D 308 73.10 -2.03 -19.96
C MET D 308 72.38 -1.53 -21.21
N VAL D 309 71.15 -2.01 -21.41
CA VAL D 309 70.38 -1.62 -22.58
C VAL D 309 69.05 -0.93 -22.23
N LYS D 310 68.68 0.05 -23.06
CA LYS D 310 67.45 0.82 -22.90
C LYS D 310 66.58 0.70 -24.16
N VAL D 311 65.36 0.20 -23.99
CA VAL D 311 64.45 0.06 -25.11
C VAL D 311 63.15 0.79 -24.81
N ILE D 312 62.51 1.35 -25.84
CA ILE D 312 61.26 2.06 -25.66
C ILE D 312 60.10 1.37 -26.39
N ALA D 313 58.98 1.21 -25.67
CA ALA D 313 57.79 0.57 -26.20
C ALA D 313 56.52 1.38 -25.95
N TRP D 314 55.73 1.50 -27.01
CA TRP D 314 54.48 2.22 -26.94
C TRP D 314 53.35 1.22 -26.79
N TYR D 315 52.33 1.60 -26.04
CA TYR D 315 51.16 0.75 -25.82
C TYR D 315 49.87 1.51 -25.50
N ASP D 316 48.85 1.21 -26.30
CA ASP D 316 47.53 1.80 -26.16
C ASP D 316 46.83 1.18 -24.93
N ASN D 317 47.29 1.56 -23.74
CA ASN D 317 46.77 1.08 -22.47
C ASN D 317 45.30 0.66 -22.41
N GLU D 318 44.44 1.30 -23.19
CA GLU D 318 43.01 0.94 -23.17
C GLU D 318 42.65 -0.12 -24.19
N TRP D 319 42.86 0.21 -25.45
CA TRP D 319 42.54 -0.70 -26.57
C TRP D 319 43.49 -1.87 -26.71
N GLY D 320 44.79 -1.63 -26.55
CA GLY D 320 45.76 -2.70 -26.66
C GLY D 320 45.43 -3.75 -25.62
N TYR D 321 45.40 -3.32 -24.36
CA TYR D 321 45.09 -4.19 -23.24
C TYR D 321 43.74 -4.88 -23.40
N SER D 322 42.75 -4.15 -23.87
CA SER D 322 41.42 -4.71 -24.08
C SER D 322 41.46 -5.87 -25.09
N GLN D 323 42.52 -5.92 -25.89
CA GLN D 323 42.68 -6.98 -26.89
C GLN D 323 43.24 -8.24 -26.23
N ARG D 324 44.26 -8.07 -25.39
CA ARG D 324 44.84 -9.20 -24.69
C ARG D 324 43.79 -9.83 -23.80
N VAL D 325 42.94 -9.00 -23.21
CA VAL D 325 41.87 -9.49 -22.35
C VAL D 325 40.85 -10.26 -23.19
N VAL D 326 40.51 -9.77 -24.38
CA VAL D 326 39.56 -10.49 -25.22
C VAL D 326 40.16 -11.83 -25.61
N ASP D 327 41.48 -11.93 -25.51
CA ASP D 327 42.17 -13.16 -25.86
C ASP D 327 42.28 -14.12 -24.67
N LEU D 328 42.68 -13.63 -23.50
CA LEU D 328 42.80 -14.50 -22.33
C LEU D 328 41.43 -15.09 -22.03
N ALA D 329 40.47 -14.78 -22.90
CA ALA D 329 39.10 -15.25 -22.78
C ALA D 329 38.83 -16.31 -23.83
N ASP D 330 39.68 -16.37 -24.84
CA ASP D 330 39.57 -17.37 -25.88
C ASP D 330 40.41 -18.52 -25.31
N ILE D 331 41.51 -18.15 -24.64
CA ILE D 331 42.43 -19.10 -24.00
C ILE D 331 41.66 -19.89 -22.96
N VAL D 332 40.53 -19.33 -22.53
CA VAL D 332 39.67 -19.97 -21.55
C VAL D 332 38.53 -20.68 -22.25
N ALA D 333 37.78 -19.93 -23.06
CA ALA D 333 36.65 -20.46 -23.81
C ALA D 333 36.95 -21.71 -24.67
N ASN D 334 38.07 -21.68 -25.41
CA ASN D 334 38.47 -22.80 -26.28
C ASN D 334 39.15 -23.95 -25.50
N ASN D 335 39.95 -23.56 -24.50
CA ASN D 335 40.67 -24.49 -23.63
C ASN D 335 39.79 -24.77 -22.42
N TRP D 336 38.49 -24.59 -22.62
CA TRP D 336 37.47 -24.77 -21.58
C TRP D 336 37.15 -26.24 -21.33
N LYS D 337 37.14 -26.66 -20.06
CA LYS D 337 36.81 -28.04 -19.72
C LYS D 337 35.32 -28.28 -20.03
N ALA E 1 -21.59 32.88 -30.53
CA ALA E 1 -20.37 32.33 -31.18
C ALA E 1 -19.63 33.39 -32.00
N LYS E 2 -18.44 33.04 -32.49
CA LYS E 2 -17.61 33.94 -33.31
C LYS E 2 -16.21 33.35 -33.47
N LEU E 3 -15.47 33.32 -32.36
CA LEU E 3 -14.10 32.80 -32.34
C LEU E 3 -14.09 31.28 -32.08
N LYS E 4 -14.04 30.52 -33.18
CA LYS E 4 -14.04 29.06 -33.14
C LYS E 4 -13.06 28.51 -32.09
N VAL E 5 -13.52 27.54 -31.31
CA VAL E 5 -12.69 26.92 -30.27
C VAL E 5 -12.59 25.41 -30.47
N ALA E 6 -11.43 24.87 -30.13
CA ALA E 6 -11.16 23.45 -30.25
C ALA E 6 -11.06 22.82 -28.86
N ILE E 7 -11.26 21.50 -28.78
CA ILE E 7 -11.20 20.79 -27.52
C ILE E 7 -10.35 19.52 -27.70
N ASN E 8 -9.20 19.50 -27.03
CA ASN E 8 -8.26 18.37 -27.11
C ASN E 8 -8.29 17.57 -25.80
N GLY E 9 -8.73 16.32 -25.92
CA GLY E 9 -8.84 15.45 -24.76
C GLY E 9 -10.26 15.52 -24.21
N PHE E 10 -11.14 14.63 -24.69
CA PHE E 10 -12.52 14.65 -24.24
C PHE E 10 -12.71 13.84 -22.94
N GLY E 11 -11.81 14.06 -21.98
CA GLY E 11 -11.89 13.38 -20.71
C GLY E 11 -12.87 14.03 -19.77
N ARG E 12 -12.55 14.03 -18.49
CA ARG E 12 -13.46 14.63 -17.52
C ARG E 12 -13.65 16.11 -17.80
N ILE E 13 -12.63 16.91 -17.49
CA ILE E 13 -12.64 18.36 -17.69
C ILE E 13 -13.21 18.83 -19.04
N GLY E 14 -12.88 18.09 -20.10
CA GLY E 14 -13.31 18.41 -21.46
C GLY E 14 -14.79 18.22 -21.77
N ARG E 15 -15.38 17.17 -21.23
CA ARG E 15 -16.80 16.94 -21.49
C ARG E 15 -17.58 17.86 -20.57
N ASN E 16 -16.92 18.32 -19.52
CA ASN E 16 -17.51 19.24 -18.56
C ASN E 16 -17.60 20.61 -19.23
N PHE E 17 -16.56 20.93 -20.01
CA PHE E 17 -16.45 22.17 -20.76
C PHE E 17 -17.68 22.30 -21.68
N LEU E 18 -17.84 21.31 -22.55
CA LEU E 18 -18.94 21.30 -23.49
C LEU E 18 -20.27 21.40 -22.78
N ARG E 19 -20.31 20.90 -21.55
CA ARG E 19 -21.53 20.95 -20.76
C ARG E 19 -21.79 22.34 -20.20
N CYS E 20 -20.82 22.86 -19.44
CA CYS E 20 -20.94 24.21 -18.86
C CYS E 20 -21.40 25.12 -20.00
N TRP E 21 -20.45 25.32 -20.91
CA TRP E 21 -20.60 26.11 -22.13
C TRP E 21 -22.03 26.11 -22.67
N HIS E 22 -22.65 24.94 -22.70
CA HIS E 22 -23.98 24.80 -23.22
C HIS E 22 -25.06 25.61 -22.52
N GLY E 23 -24.82 25.93 -21.25
CA GLY E 23 -25.80 26.68 -20.48
C GLY E 23 -25.64 28.18 -20.61
N ARG E 24 -24.40 28.61 -20.77
CA ARG E 24 -24.06 30.03 -20.91
C ARG E 24 -25.07 30.78 -21.79
N LYS E 25 -24.88 32.09 -21.93
CA LYS E 25 -25.76 32.89 -22.79
C LYS E 25 -24.93 33.63 -23.86
N ASP E 26 -25.07 33.20 -25.11
CA ASP E 26 -24.36 33.80 -26.25
C ASP E 26 -22.90 34.07 -25.92
N SER E 27 -22.17 33.06 -25.46
CA SER E 27 -20.77 33.25 -25.12
C SER E 27 -19.92 33.44 -26.37
N PRO E 28 -18.84 34.26 -26.26
CA PRO E 28 -17.91 34.56 -27.36
C PRO E 28 -17.27 33.34 -28.03
N LEU E 29 -17.40 32.18 -27.39
CA LEU E 29 -16.82 30.93 -27.89
C LEU E 29 -17.77 30.09 -28.74
N ASP E 30 -17.21 29.10 -29.43
CA ASP E 30 -18.00 28.19 -30.26
C ASP E 30 -17.24 26.95 -30.74
N ILE E 31 -17.32 25.88 -29.95
CA ILE E 31 -16.66 24.62 -30.27
C ILE E 31 -17.18 24.16 -31.61
N ILE E 32 -16.35 23.38 -32.31
CA ILE E 32 -16.71 22.88 -33.62
C ILE E 32 -15.92 21.59 -33.88
N ALA E 33 -14.86 21.40 -33.08
CA ALA E 33 -13.99 20.23 -33.19
C ALA E 33 -13.79 19.53 -31.84
N ILE E 34 -13.50 18.23 -31.89
CA ILE E 34 -13.27 17.43 -30.69
C ILE E 34 -12.26 16.33 -30.96
N ASN E 35 -11.10 16.40 -30.30
CA ASN E 35 -10.08 15.38 -30.51
C ASN E 35 -9.77 14.52 -29.29
N ASP E 36 -10.13 13.25 -29.39
CA ASP E 36 -9.86 12.30 -28.33
C ASP E 36 -9.63 10.93 -28.93
N THR E 37 -8.82 10.11 -28.25
CA THR E 37 -8.54 8.78 -28.73
C THR E 37 -9.90 8.07 -28.96
N GLY E 38 -10.99 8.81 -28.75
CA GLY E 38 -12.33 8.28 -28.93
C GLY E 38 -12.95 8.59 -30.29
N GLY E 39 -14.23 8.29 -30.44
CA GLY E 39 -14.91 8.54 -31.70
C GLY E 39 -16.34 8.99 -31.48
N VAL E 40 -17.22 8.75 -32.45
CA VAL E 40 -18.63 9.15 -32.34
C VAL E 40 -19.37 8.46 -31.20
N LYS E 41 -19.21 7.15 -31.07
CA LYS E 41 -19.90 6.42 -30.01
C LYS E 41 -19.32 6.80 -28.65
N GLN E 42 -17.99 6.78 -28.55
CA GLN E 42 -17.31 7.12 -27.30
C GLN E 42 -17.58 8.54 -26.80
N ALA E 43 -17.81 9.48 -27.71
CA ALA E 43 -18.06 10.87 -27.31
C ALA E 43 -19.55 11.24 -27.30
N SER E 44 -20.35 10.48 -28.03
CA SER E 44 -21.77 10.74 -28.12
C SER E 44 -22.51 10.22 -26.88
N HIS E 45 -22.03 9.09 -26.36
CA HIS E 45 -22.66 8.48 -25.19
C HIS E 45 -22.32 9.26 -23.93
N LEU E 46 -21.03 9.39 -23.66
CA LEU E 46 -20.52 10.09 -22.48
C LEU E 46 -20.81 11.60 -22.35
N LEU E 47 -21.83 12.08 -23.06
CA LEU E 47 -22.20 13.49 -23.02
C LEU E 47 -23.73 13.59 -22.79
N LYS E 48 -24.37 12.43 -22.83
CA LYS E 48 -25.81 12.35 -22.58
C LYS E 48 -25.97 11.64 -21.23
N TYR E 49 -24.95 10.88 -20.86
CA TYR E 49 -24.91 10.13 -19.60
C TYR E 49 -23.59 10.32 -18.87
N ASP E 50 -23.66 10.81 -17.64
CA ASP E 50 -22.45 11.01 -16.86
C ASP E 50 -22.75 10.44 -15.48
N SER E 51 -21.88 9.54 -15.02
CA SER E 51 -22.05 8.93 -13.71
C SER E 51 -21.87 9.97 -12.59
N THR E 52 -21.61 11.23 -12.97
CA THR E 52 -21.45 12.31 -12.00
C THR E 52 -22.53 13.37 -12.23
N LEU E 53 -22.59 13.91 -13.44
CA LEU E 53 -23.55 14.95 -13.77
C LEU E 53 -24.94 14.45 -14.16
N GLY E 54 -25.10 13.14 -14.27
CA GLY E 54 -26.40 12.59 -14.64
C GLY E 54 -26.67 12.83 -16.11
N ILE E 55 -27.88 12.55 -16.57
CA ILE E 55 -28.17 12.79 -17.98
C ILE E 55 -28.19 14.27 -18.24
N PHE E 56 -27.65 14.67 -19.38
CA PHE E 56 -27.63 16.06 -19.76
C PHE E 56 -28.81 16.17 -20.74
N ASP E 57 -29.59 17.25 -20.66
CA ASP E 57 -30.70 17.40 -21.58
C ASP E 57 -30.21 18.10 -22.86
N ALA E 58 -30.10 17.31 -23.92
CA ALA E 58 -29.65 17.74 -25.24
C ALA E 58 -29.40 16.49 -26.09
N ASP E 59 -30.21 16.31 -27.13
CA ASP E 59 -30.07 15.16 -28.01
C ASP E 59 -28.64 14.99 -28.51
N VAL E 60 -27.93 14.03 -27.92
CA VAL E 60 -26.56 13.73 -28.30
C VAL E 60 -26.51 12.45 -29.11
N LYS E 61 -26.71 12.59 -30.42
CA LYS E 61 -26.70 11.48 -31.36
C LYS E 61 -25.54 11.65 -32.34
N PRO E 62 -25.04 10.53 -32.88
CA PRO E 62 -23.93 10.58 -33.82
C PRO E 62 -24.37 11.08 -35.20
N SER E 63 -23.75 12.16 -35.67
CA SER E 63 -24.07 12.74 -36.96
C SER E 63 -23.23 12.03 -38.03
N GLY E 64 -23.91 11.38 -38.97
CA GLY E 64 -23.21 10.68 -40.03
C GLY E 64 -22.44 9.50 -39.49
N GLU E 65 -21.21 9.73 -39.04
CA GLU E 65 -20.39 8.66 -38.49
C GLU E 65 -19.04 9.15 -38.00
N THR E 66 -18.82 10.47 -38.00
CA THR E 66 -17.54 11.00 -37.55
C THR E 66 -17.60 12.45 -37.08
N ALA E 67 -18.63 12.75 -36.30
CA ALA E 67 -18.85 14.09 -35.76
C ALA E 67 -20.23 14.07 -35.13
N ILE E 68 -20.29 14.36 -33.84
CA ILE E 68 -21.57 14.34 -33.11
C ILE E 68 -22.48 15.53 -33.39
N SER E 69 -23.74 15.41 -32.96
CA SER E 69 -24.73 16.45 -33.13
C SER E 69 -25.31 16.82 -31.77
N VAL E 70 -25.88 18.03 -31.67
CA VAL E 70 -26.49 18.50 -30.41
C VAL E 70 -27.64 19.46 -30.68
N ASP E 71 -28.85 18.93 -30.76
CA ASP E 71 -30.02 19.76 -31.03
C ASP E 71 -29.86 20.42 -32.41
N GLY E 72 -28.80 20.05 -33.12
CA GLY E 72 -28.53 20.60 -34.44
C GLY E 72 -27.06 20.84 -34.70
N LYS E 73 -26.46 21.72 -33.92
CA LYS E 73 -25.05 22.03 -34.08
C LYS E 73 -24.21 20.76 -33.96
N ILE E 74 -23.69 20.28 -35.09
CA ILE E 74 -22.87 19.09 -35.09
C ILE E 74 -21.41 19.47 -34.93
N ILE E 75 -20.67 18.66 -34.17
CA ILE E 75 -19.27 18.91 -33.93
C ILE E 75 -18.41 17.75 -34.44
N GLN E 76 -17.46 18.07 -35.32
CA GLN E 76 -16.56 17.07 -35.89
C GLN E 76 -15.88 16.31 -34.76
N VAL E 77 -15.63 15.02 -34.97
CA VAL E 77 -14.98 14.25 -33.93
C VAL E 77 -13.80 13.48 -34.50
N VAL E 78 -12.61 14.02 -34.28
CA VAL E 78 -11.40 13.40 -34.77
C VAL E 78 -10.89 12.41 -33.72
N SER E 79 -9.80 11.73 -34.06
CA SER E 79 -9.23 10.74 -33.16
C SER E 79 -7.71 10.73 -33.38
N ASN E 80 -7.05 11.78 -32.94
CA ASN E 80 -5.60 11.88 -33.13
C ASN E 80 -4.77 12.14 -31.87
N ARG E 81 -3.89 11.18 -31.57
CA ARG E 81 -3.01 11.24 -30.40
C ARG E 81 -1.81 12.20 -30.54
N ASN E 82 -1.48 12.60 -31.76
CA ASN E 82 -0.36 13.51 -32.03
C ASN E 82 -0.86 14.87 -32.52
N PRO E 83 -1.03 15.83 -31.59
CA PRO E 83 -1.50 17.18 -31.89
C PRO E 83 -0.84 17.85 -33.11
N SER E 84 0.41 17.52 -33.38
CA SER E 84 1.15 18.08 -34.52
C SER E 84 0.49 17.73 -35.85
N LEU E 85 -0.39 16.74 -35.83
CA LEU E 85 -1.08 16.27 -37.03
C LEU E 85 -2.59 16.57 -37.04
N LEU E 86 -3.01 17.50 -36.19
CA LEU E 86 -4.42 17.85 -36.09
C LEU E 86 -4.90 18.88 -37.12
N PRO E 87 -6.16 18.74 -37.58
CA PRO E 87 -6.87 19.57 -38.57
C PRO E 87 -7.36 20.95 -38.07
N TRP E 88 -6.45 21.69 -37.44
CA TRP E 88 -6.75 23.02 -36.92
C TRP E 88 -6.58 24.02 -38.07
N LYS E 89 -5.48 23.88 -38.79
CA LYS E 89 -5.17 24.75 -39.93
C LYS E 89 -6.05 24.31 -41.12
N GLU E 90 -7.05 23.48 -40.83
CA GLU E 90 -8.00 23.01 -41.85
C GLU E 90 -9.33 23.54 -41.43
N LEU E 91 -9.72 23.19 -40.20
CA LEU E 91 -10.98 23.63 -39.69
C LEU E 91 -10.89 25.08 -39.23
N GLY E 92 -9.71 25.68 -39.40
CA GLY E 92 -9.51 27.07 -39.02
C GLY E 92 -9.72 27.31 -37.54
N ILE E 93 -8.90 26.64 -36.73
CA ILE E 93 -9.01 26.74 -35.28
C ILE E 93 -8.27 27.91 -34.63
N ASP E 94 -9.01 28.65 -33.81
CA ASP E 94 -8.51 29.80 -33.06
C ASP E 94 -7.88 29.32 -31.74
N ILE E 95 -8.71 28.93 -30.77
CA ILE E 95 -8.21 28.43 -29.48
C ILE E 95 -8.57 26.98 -29.18
N VAL E 96 -7.58 26.24 -28.69
CA VAL E 96 -7.75 24.83 -28.35
C VAL E 96 -7.79 24.68 -26.82
N ILE E 97 -8.48 23.66 -26.33
CA ILE E 97 -8.57 23.40 -24.89
C ILE E 97 -7.80 22.14 -24.57
N GLU E 98 -6.50 22.31 -24.35
CA GLU E 98 -5.56 21.24 -24.03
C GLU E 98 -5.89 20.48 -22.74
N GLY E 99 -6.78 19.50 -22.87
CA GLY E 99 -7.17 18.71 -21.72
C GLY E 99 -6.86 17.24 -21.88
N THR E 100 -5.57 16.93 -21.92
CA THR E 100 -5.14 15.54 -22.07
C THR E 100 -4.26 15.20 -20.88
N GLY E 101 -3.74 16.25 -20.23
CA GLY E 101 -2.88 16.06 -19.08
C GLY E 101 -1.54 15.45 -19.46
N VAL E 102 -1.27 15.41 -20.76
CA VAL E 102 -0.03 14.84 -21.27
C VAL E 102 0.78 15.87 -22.08
N PHE E 103 0.23 17.08 -22.19
CA PHE E 103 0.88 18.18 -22.92
C PHE E 103 0.80 19.44 -22.05
N VAL E 104 1.76 19.59 -21.13
CA VAL E 104 1.77 20.74 -20.23
C VAL E 104 3.01 21.64 -20.25
N ASP E 105 3.98 21.34 -21.12
CA ASP E 105 5.19 22.16 -21.24
C ASP E 105 5.08 22.96 -22.56
N ARG E 106 5.93 23.98 -22.73
CA ARG E 106 5.91 24.80 -23.95
C ARG E 106 6.08 24.00 -25.25
N GLU E 107 6.89 22.95 -25.22
CA GLU E 107 7.14 22.10 -26.40
C GLU E 107 5.91 21.29 -26.81
N GLY E 108 5.37 20.52 -25.86
CA GLY E 108 4.19 19.71 -26.12
C GLY E 108 2.94 20.52 -26.42
N ALA E 109 2.60 21.43 -25.52
CA ALA E 109 1.42 22.28 -25.70
C ALA E 109 1.46 23.02 -27.03
N GLY E 110 2.65 23.53 -27.35
CA GLY E 110 2.84 24.26 -28.59
C GLY E 110 2.59 23.41 -29.81
N LYS E 111 2.62 22.09 -29.65
CA LYS E 111 2.42 21.19 -30.78
C LYS E 111 1.06 21.38 -31.45
N HIS E 112 0.16 22.09 -30.78
CA HIS E 112 -1.17 22.35 -31.32
C HIS E 112 -1.15 23.49 -32.30
N ILE E 113 -0.70 24.65 -31.82
CA ILE E 113 -0.62 25.86 -32.63
C ILE E 113 0.13 25.59 -33.93
N GLU E 114 1.23 24.84 -33.85
CA GLU E 114 1.98 24.48 -35.04
C GLU E 114 1.21 23.36 -35.74
N ALA E 115 -0.04 23.68 -36.08
CA ALA E 115 -0.97 22.78 -36.76
C ALA E 115 -2.19 23.60 -37.22
N GLY E 116 -2.20 24.88 -36.88
CA GLY E 116 -3.31 25.74 -37.25
C GLY E 116 -4.03 26.29 -36.04
N ALA E 117 -3.58 25.89 -34.87
CA ALA E 117 -4.16 26.36 -33.61
C ALA E 117 -3.52 27.70 -33.30
N LYS E 118 -4.32 28.68 -32.90
CA LYS E 118 -3.80 30.01 -32.62
C LYS E 118 -3.41 30.26 -31.17
N LYS E 119 -4.22 29.76 -30.23
CA LYS E 119 -3.95 29.91 -28.81
C LYS E 119 -4.40 28.65 -28.07
N VAL E 120 -3.49 28.05 -27.32
CA VAL E 120 -3.77 26.82 -26.58
C VAL E 120 -3.95 27.07 -25.06
N ILE E 121 -5.14 26.74 -24.54
CA ILE E 121 -5.47 26.92 -23.12
C ILE E 121 -5.50 25.63 -22.31
N ILE E 122 -4.36 25.33 -21.68
CA ILE E 122 -4.17 24.13 -20.85
C ILE E 122 -4.97 24.18 -19.56
N THR E 123 -6.05 23.39 -19.51
CA THR E 123 -6.92 23.30 -18.33
C THR E 123 -6.15 22.45 -17.32
N ALA E 124 -5.00 22.97 -16.91
CA ALA E 124 -4.11 22.31 -15.96
C ALA E 124 -2.94 23.25 -15.68
N PRO E 125 -1.99 22.84 -14.81
CA PRO E 125 -0.81 23.63 -14.43
C PRO E 125 0.16 23.96 -15.59
N GLY E 126 0.87 25.07 -15.45
CA GLY E 126 1.81 25.50 -16.47
C GLY E 126 3.21 24.97 -16.20
N LYS E 127 3.60 23.96 -16.96
CA LYS E 127 4.91 23.33 -16.80
C LYS E 127 6.09 24.22 -17.18
N GLY E 128 6.71 24.83 -16.16
CA GLY E 128 7.86 25.67 -16.39
C GLY E 128 7.63 27.13 -16.70
N ASP E 129 7.85 27.48 -17.96
CA ASP E 129 7.76 28.86 -18.44
C ASP E 129 6.39 29.32 -18.98
N ILE E 130 5.33 28.57 -18.68
CA ILE E 130 3.98 28.89 -19.16
C ILE E 130 3.25 29.92 -18.31
N PRO E 131 2.57 30.90 -18.94
CA PRO E 131 1.81 31.94 -18.25
C PRO E 131 0.59 31.36 -17.55
N THR E 132 0.45 31.62 -16.24
CA THR E 132 -0.68 31.10 -15.46
C THR E 132 -1.77 32.14 -15.13
N TYR E 133 -2.98 31.92 -15.64
CA TYR E 133 -4.10 32.84 -15.42
C TYR E 133 -5.31 32.27 -14.67
N VAL E 134 -5.57 32.81 -13.48
CA VAL E 134 -6.71 32.38 -12.66
C VAL E 134 -7.83 33.43 -12.60
N VAL E 135 -8.99 33.11 -13.16
CA VAL E 135 -10.11 34.03 -13.15
C VAL E 135 -10.47 34.46 -11.73
N GLY E 136 -10.45 35.77 -11.49
CA GLY E 136 -10.77 36.31 -10.17
C GLY E 136 -9.52 36.75 -9.42
N VAL E 137 -8.36 36.33 -9.92
CA VAL E 137 -7.06 36.67 -9.30
C VAL E 137 -6.16 37.45 -10.26
N ASN E 138 -6.01 36.93 -11.48
CA ASN E 138 -5.17 37.56 -12.48
C ASN E 138 -5.45 37.14 -13.93
N ALA E 139 -6.66 36.65 -14.21
CA ALA E 139 -6.97 36.25 -15.57
C ALA E 139 -6.98 37.51 -16.41
N ASP E 140 -7.03 38.65 -15.70
CA ASP E 140 -7.04 39.97 -16.31
C ASP E 140 -5.68 40.28 -16.93
N ALA E 141 -4.62 39.85 -16.23
CA ALA E 141 -3.25 40.07 -16.67
C ALA E 141 -2.91 39.30 -17.93
N TYR E 142 -3.96 38.94 -18.68
CA TYR E 142 -3.79 38.20 -19.91
C TYR E 142 -3.31 39.10 -21.06
N SER E 143 -2.05 38.93 -21.48
CA SER E 143 -1.50 39.71 -22.59
C SER E 143 -1.78 38.91 -23.87
N HIS E 144 -2.51 39.49 -24.82
CA HIS E 144 -2.85 38.77 -26.04
C HIS E 144 -1.66 38.24 -26.85
N ASP E 145 -0.47 38.32 -26.26
CA ASP E 145 0.73 37.83 -26.93
C ASP E 145 0.97 36.35 -26.65
N GLU E 146 0.95 35.95 -25.38
CA GLU E 146 1.17 34.54 -25.01
C GLU E 146 0.20 33.62 -25.75
N PRO E 147 0.71 32.54 -26.36
CA PRO E 147 -0.11 31.59 -27.10
C PRO E 147 -0.51 30.37 -26.26
N ILE E 148 0.44 29.96 -25.41
CA ILE E 148 0.25 28.81 -24.51
C ILE E 148 0.19 29.28 -23.04
N ILE E 149 -0.99 29.69 -22.57
CA ILE E 149 -1.15 30.11 -21.18
C ILE E 149 -1.64 28.88 -20.43
N SER E 150 -2.00 29.05 -19.16
CA SER E 150 -2.48 27.93 -18.34
C SER E 150 -3.55 28.37 -17.32
N ASN E 151 -4.59 27.53 -17.12
CA ASN E 151 -5.64 27.89 -16.17
C ASN E 151 -5.38 27.30 -14.77
N ALA E 152 -4.23 26.63 -14.63
CA ALA E 152 -3.81 26.02 -13.36
C ALA E 152 -4.58 24.76 -12.98
N SER E 153 -4.58 24.44 -11.66
CA SER E 153 -5.25 23.25 -11.11
C SER E 153 -6.49 23.61 -10.28
N CYS E 154 -7.48 22.71 -10.29
CA CYS E 154 -8.73 22.91 -9.52
C CYS E 154 -8.38 23.42 -8.11
N THR E 155 -7.27 22.92 -7.57
CA THR E 155 -6.77 23.29 -6.25
C THR E 155 -6.40 24.78 -6.18
N THR E 156 -5.46 25.21 -7.02
CA THR E 156 -5.03 26.62 -7.05
C THR E 156 -6.17 27.59 -7.44
N ASN E 157 -7.13 27.11 -8.24
CA ASN E 157 -8.25 27.94 -8.66
C ASN E 157 -9.18 28.22 -7.49
N CYS E 158 -9.10 27.36 -6.48
CA CYS E 158 -9.91 27.49 -5.26
C CYS E 158 -9.20 28.35 -4.21
N LEU E 159 -8.01 27.89 -3.82
CA LEU E 159 -7.18 28.55 -2.84
C LEU E 159 -6.99 30.03 -3.16
N ALA E 160 -6.53 30.31 -4.38
CA ALA E 160 -6.24 31.67 -4.86
C ALA E 160 -7.24 32.81 -4.58
N PRO E 161 -8.55 32.60 -4.81
CA PRO E 161 -9.47 33.71 -4.52
C PRO E 161 -9.63 34.13 -3.06
N PHE E 162 -9.58 33.20 -2.12
CA PHE E 162 -9.73 33.58 -0.72
C PHE E 162 -8.38 33.91 -0.06
N VAL E 163 -7.26 33.50 -0.68
CA VAL E 163 -5.92 33.80 -0.15
C VAL E 163 -5.61 35.24 -0.56
N LYS E 164 -6.29 35.67 -1.62
CA LYS E 164 -6.14 37.02 -2.17
C LYS E 164 -6.77 37.96 -1.15
N VAL E 165 -7.91 37.55 -0.60
CA VAL E 165 -8.60 38.37 0.38
C VAL E 165 -7.87 38.33 1.73
N LEU E 166 -7.22 37.20 2.07
CA LEU E 166 -6.48 37.04 3.34
C LEU E 166 -5.19 37.88 3.35
N ASP E 167 -4.25 37.51 2.49
CA ASP E 167 -3.00 38.25 2.38
C ASP E 167 -3.42 39.71 2.31
N GLN E 168 -4.28 40.04 1.33
CA GLN E 168 -4.75 41.41 1.15
C GLN E 168 -5.86 41.91 2.07
N LYS E 169 -5.81 41.51 3.34
CA LYS E 169 -6.79 41.95 4.36
C LYS E 169 -6.25 41.82 5.78
N PHE E 170 -5.17 41.05 5.96
CA PHE E 170 -4.53 40.86 7.27
C PHE E 170 -3.03 40.73 7.08
N GLY E 171 -2.62 40.30 5.89
CA GLY E 171 -1.22 40.12 5.58
C GLY E 171 -0.70 38.73 5.93
N ILE E 172 -0.57 37.85 4.95
CA ILE E 172 -0.10 36.50 5.22
C ILE E 172 1.42 36.45 5.34
N ILE E 173 1.92 36.14 6.54
CA ILE E 173 3.36 36.05 6.79
C ILE E 173 3.90 34.73 6.21
N LYS E 174 3.44 33.62 6.79
CA LYS E 174 3.79 32.27 6.35
C LYS E 174 2.43 31.61 6.17
N GLY E 175 2.37 30.45 5.52
CA GLY E 175 1.09 29.80 5.35
C GLY E 175 1.19 28.35 4.93
N THR E 176 0.16 27.57 5.25
CA THR E 176 0.12 26.15 4.90
C THR E 176 -1.34 25.65 4.79
N MET E 177 -1.67 24.96 3.69
CA MET E 177 -3.01 24.43 3.47
C MET E 177 -3.02 22.91 3.27
N THR E 178 -4.20 22.33 3.09
CA THR E 178 -4.35 20.89 2.89
C THR E 178 -5.67 20.69 2.14
N THR E 179 -5.66 19.87 1.10
CA THR E 179 -6.86 19.64 0.29
C THR E 179 -7.51 18.24 0.32
N THR E 180 -8.64 18.13 1.02
CA THR E 180 -9.39 16.87 1.06
C THR E 180 -10.01 16.84 -0.34
N HIS E 181 -9.39 16.03 -1.19
CA HIS E 181 -9.76 15.92 -2.60
C HIS E 181 -10.35 14.58 -3.06
N SER E 182 -11.35 14.64 -3.95
CA SER E 182 -11.99 13.46 -4.52
C SER E 182 -10.94 12.60 -5.23
N TYR E 183 -11.37 11.91 -6.28
CA TYR E 183 -10.47 11.08 -7.07
C TYR E 183 -10.77 11.35 -8.54
N THR E 184 -9.79 11.07 -9.41
CA THR E 184 -9.96 11.30 -10.85
C THR E 184 -9.24 10.26 -11.75
N GLY E 185 -9.44 10.42 -13.05
CA GLY E 185 -8.83 9.52 -14.00
C GLY E 185 -7.37 9.26 -13.70
N ASP E 186 -6.77 10.09 -12.86
CA ASP E 186 -5.34 9.95 -12.52
C ASP E 186 -4.99 8.76 -11.61
N GLN E 187 -5.82 8.51 -10.59
CA GLN E 187 -5.58 7.41 -9.65
C GLN E 187 -6.13 6.10 -10.21
N ARG E 188 -5.58 4.98 -9.75
CA ARG E 188 -6.00 3.65 -10.18
C ARG E 188 -7.25 3.18 -9.41
N LEU E 189 -8.13 2.43 -10.09
CA LEU E 189 -9.34 1.89 -9.44
C LEU E 189 -8.88 0.85 -8.42
N LEU E 190 -7.92 0.03 -8.82
CA LEU E 190 -7.34 -1.01 -7.97
C LEU E 190 -5.82 -0.95 -8.01
N ASP E 191 -5.18 -1.46 -6.95
CA ASP E 191 -3.72 -1.48 -6.87
C ASP E 191 -3.03 -1.77 -8.19
N ALA E 192 -2.90 -0.74 -9.04
CA ALA E 192 -2.26 -0.90 -10.34
C ALA E 192 -0.92 -0.14 -10.37
N SER E 193 -0.36 0.03 -11.57
CA SER E 193 0.91 0.74 -11.73
C SER E 193 0.69 2.24 -11.96
N HIS E 194 1.56 3.06 -11.36
CA HIS E 194 1.48 4.51 -11.46
C HIS E 194 2.83 5.08 -11.00
N ARG E 195 3.15 6.30 -11.41
CA ARG E 195 4.41 6.91 -11.01
C ARG E 195 4.40 7.31 -9.54
N ASP E 196 3.20 7.46 -8.98
CA ASP E 196 3.03 7.84 -7.59
C ASP E 196 2.56 6.64 -6.77
N LEU E 197 3.47 6.07 -5.97
CA LEU E 197 3.16 4.91 -5.12
C LEU E 197 1.94 5.08 -4.21
N ARG E 198 1.41 6.30 -4.12
CA ARG E 198 0.25 6.58 -3.29
C ARG E 198 -0.99 6.87 -4.13
N ARG E 199 -0.79 7.25 -5.39
CA ARG E 199 -1.90 7.52 -6.30
C ARG E 199 -2.30 6.21 -6.96
N ALA E 200 -1.43 5.22 -6.82
CA ALA E 200 -1.62 3.88 -7.39
C ALA E 200 -2.65 3.06 -6.61
N ARG E 201 -2.57 3.12 -5.28
CA ARG E 201 -3.47 2.38 -4.41
C ARG E 201 -4.94 2.55 -4.79
N ALA E 202 -5.70 1.47 -4.65
CA ALA E 202 -7.13 1.46 -4.97
C ALA E 202 -7.82 2.77 -4.64
N ALA E 203 -8.27 3.47 -5.66
CA ALA E 203 -8.92 4.76 -5.49
C ALA E 203 -10.08 4.88 -4.49
N ALA E 204 -11.29 4.59 -4.96
CA ALA E 204 -12.53 4.70 -4.17
C ALA E 204 -12.58 4.05 -2.79
N LEU E 205 -11.51 3.38 -2.37
CA LEU E 205 -11.56 2.73 -1.07
C LEU E 205 -10.44 3.00 -0.06
N ASN E 206 -9.92 4.22 -0.09
CA ASN E 206 -8.91 4.68 0.86
C ASN E 206 -8.50 6.14 0.70
N ILE E 207 -7.75 6.61 1.70
CA ILE E 207 -7.26 7.99 1.77
C ILE E 207 -5.86 8.08 1.18
N VAL E 208 -5.68 9.00 0.23
CA VAL E 208 -4.39 9.15 -0.44
C VAL E 208 -3.58 10.46 -0.34
N PRO E 209 -2.36 10.36 0.20
CA PRO E 209 -1.44 11.48 0.36
C PRO E 209 -0.70 11.63 -0.97
N THR E 210 -1.16 12.56 -1.81
CA THR E 210 -0.55 12.81 -3.11
C THR E 210 0.08 14.21 -3.14
N SER E 211 1.05 14.45 -4.02
CA SER E 211 1.68 15.76 -4.10
C SER E 211 0.83 16.83 -4.82
N THR E 212 0.74 18.01 -4.21
CA THR E 212 0.00 19.12 -4.81
C THR E 212 0.97 20.27 -5.11
N GLY E 213 0.88 20.80 -6.32
CA GLY E 213 1.73 21.89 -6.73
C GLY E 213 1.01 23.23 -6.61
N ALA E 214 -0.25 23.17 -6.18
CA ALA E 214 -1.09 24.35 -6.01
C ALA E 214 -0.76 25.18 -4.76
N ALA E 215 0.18 24.70 -3.94
CA ALA E 215 0.57 25.44 -2.75
C ALA E 215 1.60 26.49 -3.17
N LYS E 216 2.21 26.23 -4.32
CA LYS E 216 3.22 27.10 -4.89
C LYS E 216 2.67 27.80 -6.15
N ALA E 217 1.72 27.15 -6.83
CA ALA E 217 1.12 27.71 -8.04
C ALA E 217 0.20 28.86 -7.63
N VAL E 218 -0.08 28.96 -6.34
CA VAL E 218 -0.93 30.03 -5.84
C VAL E 218 -0.11 31.32 -5.82
N ALA E 219 1.20 31.19 -6.05
CA ALA E 219 2.11 32.34 -6.09
C ALA E 219 2.34 32.79 -7.54
N LEU E 220 1.80 32.04 -8.49
CA LEU E 220 1.90 32.37 -9.91
C LEU E 220 0.67 33.23 -10.23
N VAL E 221 -0.16 33.43 -9.21
CA VAL E 221 -1.38 34.23 -9.35
C VAL E 221 -1.23 35.45 -8.47
N LEU E 222 -0.50 35.29 -7.36
CA LEU E 222 -0.22 36.35 -6.40
C LEU E 222 1.22 36.26 -5.90
N PRO E 223 2.19 36.66 -6.74
CA PRO E 223 3.61 36.63 -6.44
C PRO E 223 3.99 37.17 -5.07
N ASN E 224 3.01 37.63 -4.30
CA ASN E 224 3.32 38.15 -2.97
C ASN E 224 3.38 37.02 -1.96
N LEU E 225 2.78 35.87 -2.29
CA LEU E 225 2.81 34.74 -1.38
C LEU E 225 4.00 33.83 -1.65
N LYS E 226 4.89 34.27 -2.54
CA LYS E 226 6.10 33.54 -2.94
C LYS E 226 7.04 33.22 -1.77
N GLY E 227 7.13 31.94 -1.44
CA GLY E 227 7.97 31.50 -0.34
C GLY E 227 7.24 31.50 1.00
N LYS E 228 5.92 31.62 0.97
CA LYS E 228 5.10 31.67 2.19
C LYS E 228 4.07 30.55 2.35
N LEU E 229 3.37 30.21 1.27
CA LEU E 229 2.38 29.14 1.33
C LEU E 229 3.08 27.80 1.04
N ASN E 230 2.43 26.71 1.44
CA ASN E 230 2.96 25.35 1.31
C ASN E 230 1.88 24.36 1.75
N GLY E 231 1.98 23.09 1.36
CA GLY E 231 0.98 22.11 1.77
C GLY E 231 0.87 20.80 0.99
N ILE E 232 -0.09 19.95 1.39
CA ILE E 232 -0.32 18.66 0.73
C ILE E 232 -1.76 18.42 0.25
N ALA E 233 -2.00 17.23 -0.32
CA ALA E 233 -3.29 16.81 -0.87
C ALA E 233 -3.80 15.41 -0.40
N LEU E 234 -5.07 15.36 0.01
CA LEU E 234 -5.66 14.13 0.50
C LEU E 234 -6.77 13.64 -0.42
N ARG E 235 -6.56 12.45 -0.99
CA ARG E 235 -7.54 11.86 -1.89
C ARG E 235 -8.55 11.01 -1.09
N VAL E 236 -9.84 11.25 -1.36
CA VAL E 236 -10.91 10.53 -0.67
C VAL E 236 -11.93 9.88 -1.62
N PRO E 237 -12.56 8.78 -1.17
CA PRO E 237 -13.57 8.00 -1.89
C PRO E 237 -14.83 8.67 -2.41
N THR E 238 -14.72 9.90 -2.90
CA THR E 238 -15.89 10.58 -3.46
C THR E 238 -15.68 10.82 -4.95
N PRO E 239 -16.72 10.58 -5.75
CA PRO E 239 -16.66 10.75 -7.20
C PRO E 239 -16.32 12.18 -7.62
N ASN E 240 -16.76 13.16 -6.83
CA ASN E 240 -16.48 14.54 -7.14
C ASN E 240 -16.53 15.48 -5.95
N VAL E 241 -16.20 16.75 -6.19
CA VAL E 241 -16.15 17.82 -5.19
C VAL E 241 -15.00 17.62 -4.17
N SER E 242 -14.44 18.73 -3.68
CA SER E 242 -13.34 18.68 -2.71
C SER E 242 -13.36 19.86 -1.74
N VAL E 243 -12.30 20.03 -0.97
CA VAL E 243 -12.22 21.14 -0.03
C VAL E 243 -10.77 21.47 0.30
N VAL E 244 -10.55 22.53 1.07
CA VAL E 244 -9.19 22.93 1.42
C VAL E 244 -9.07 23.57 2.80
N ASP E 245 -8.06 23.14 3.54
CA ASP E 245 -7.80 23.64 4.88
C ASP E 245 -6.52 24.48 4.87
N LEU E 246 -6.68 25.79 4.70
CA LEU E 246 -5.54 26.70 4.70
C LEU E 246 -5.37 27.41 6.05
N VAL E 247 -4.18 27.28 6.63
CA VAL E 247 -3.82 27.89 7.92
C VAL E 247 -2.67 28.89 7.73
N VAL E 248 -2.98 30.17 7.63
CA VAL E 248 -1.93 31.16 7.44
C VAL E 248 -1.81 32.16 8.56
N GLN E 249 -0.59 32.41 9.01
CA GLN E 249 -0.35 33.40 10.07
C GLN E 249 -0.38 34.76 9.41
N VAL E 250 -1.20 35.66 9.96
CA VAL E 250 -1.32 37.00 9.42
C VAL E 250 -0.71 38.03 10.39
N SER E 251 -0.32 39.19 9.85
CA SER E 251 0.28 40.26 10.64
C SER E 251 -0.75 41.00 11.49
N LYS E 252 -1.95 41.14 10.93
CA LYS E 252 -3.04 41.81 11.63
C LYS E 252 -3.78 40.86 12.56
N LYS E 253 -4.12 41.37 13.75
CA LYS E 253 -4.87 40.58 14.72
C LYS E 253 -6.36 40.57 14.33
N THR E 254 -6.94 39.37 14.30
CA THR E 254 -8.33 39.19 13.91
C THR E 254 -9.04 38.10 14.72
N PHE E 255 -10.37 38.13 14.67
CA PHE E 255 -11.19 37.16 15.37
C PHE E 255 -12.18 36.57 14.37
N ALA E 256 -12.21 35.25 14.29
CA ALA E 256 -13.09 34.52 13.39
C ALA E 256 -14.22 35.30 12.68
N GLU E 257 -15.17 35.87 13.43
CA GLU E 257 -16.27 36.60 12.79
C GLU E 257 -15.83 37.72 11.85
N GLU E 258 -14.64 38.28 12.10
CA GLU E 258 -14.08 39.36 11.28
C GLU E 258 -13.51 38.82 9.97
N VAL E 259 -13.05 37.57 10.02
CA VAL E 259 -12.49 36.90 8.86
C VAL E 259 -13.65 36.52 7.94
N ASN E 260 -14.74 36.05 8.52
CA ASN E 260 -15.91 35.65 7.74
C ASN E 260 -16.61 36.85 7.06
N ALA E 261 -17.00 37.84 7.85
CA ALA E 261 -17.66 39.01 7.30
C ALA E 261 -16.83 39.56 6.12
N ALA E 262 -15.51 39.45 6.22
CA ALA E 262 -14.57 39.93 5.19
C ALA E 262 -14.62 39.18 3.85
N PHE E 263 -15.24 37.99 3.83
CA PHE E 263 -15.37 37.20 2.60
C PHE E 263 -16.73 37.41 1.96
N ARG E 264 -17.63 38.03 2.73
CA ARG E 264 -18.98 38.34 2.28
C ARG E 264 -19.00 39.66 1.50
N ASP E 265 -17.96 40.47 1.73
CA ASP E 265 -17.78 41.76 1.05
C ASP E 265 -17.06 41.42 -0.24
N SER E 266 -16.05 40.57 -0.11
CA SER E 266 -15.26 40.13 -1.24
C SER E 266 -16.14 39.39 -2.26
N ALA E 267 -17.31 38.93 -1.86
CA ALA E 267 -18.17 38.18 -2.77
C ALA E 267 -19.19 38.95 -3.59
N GLU E 268 -19.66 40.07 -3.06
CA GLU E 268 -20.66 40.88 -3.78
C GLU E 268 -20.02 41.97 -4.65
N LYS E 269 -18.70 42.07 -4.58
CA LYS E 269 -17.95 43.06 -5.34
C LYS E 269 -17.02 42.44 -6.36
N GLU E 270 -15.71 42.59 -6.10
CA GLU E 270 -14.63 42.08 -6.97
C GLU E 270 -14.55 40.56 -7.15
N LEU E 271 -15.01 39.80 -6.14
CA LEU E 271 -15.00 38.33 -6.21
C LEU E 271 -16.44 37.81 -6.36
N LYS E 272 -17.28 38.63 -6.98
CA LYS E 272 -18.66 38.25 -7.22
C LYS E 272 -18.64 37.08 -8.21
N GLY E 273 -19.30 35.98 -7.85
CA GLY E 273 -19.34 34.82 -8.71
C GLY E 273 -17.98 34.11 -8.77
N ILE E 274 -17.08 34.45 -7.84
CA ILE E 274 -15.71 33.86 -7.77
C ILE E 274 -15.29 33.40 -6.34
N LEU E 275 -16.20 33.56 -5.40
CA LEU E 275 -15.98 33.16 -4.01
C LEU E 275 -17.31 33.44 -3.30
N ASP E 276 -17.89 32.39 -2.74
CA ASP E 276 -19.14 32.53 -2.00
C ASP E 276 -18.88 32.01 -0.60
N VAL E 277 -19.69 32.47 0.34
CA VAL E 277 -19.54 32.06 1.72
C VAL E 277 -20.79 31.29 2.10
N CYS E 278 -20.60 30.09 2.66
CA CYS E 278 -21.73 29.28 3.05
C CYS E 278 -21.86 29.02 4.55
N ASP E 279 -22.89 29.62 5.13
CA ASP E 279 -23.19 29.48 6.56
C ASP E 279 -23.97 28.20 6.84
N GLU E 280 -24.56 27.63 5.79
CA GLU E 280 -25.33 26.39 5.92
C GLU E 280 -24.43 25.25 6.43
N PRO E 281 -25.04 24.26 7.11
CA PRO E 281 -24.36 23.09 7.67
C PRO E 281 -24.51 21.93 6.67
N LEU E 282 -23.75 21.98 5.58
CA LEU E 282 -23.85 20.98 4.54
C LEU E 282 -22.60 20.14 4.32
N VAL E 283 -22.60 19.36 3.23
CA VAL E 283 -21.46 18.51 2.90
C VAL E 283 -21.33 18.30 1.40
N SER E 284 -20.23 17.66 1.01
CA SER E 284 -19.92 17.35 -0.38
C SER E 284 -21.08 17.37 -1.40
N VAL E 285 -21.87 16.30 -1.46
CA VAL E 285 -22.97 16.21 -2.41
C VAL E 285 -23.81 17.47 -2.62
N ASP E 286 -23.74 18.40 -1.67
CA ASP E 286 -24.52 19.62 -1.78
C ASP E 286 -23.85 20.64 -2.70
N PHE E 287 -22.55 20.80 -2.49
CA PHE E 287 -21.72 21.73 -3.24
C PHE E 287 -21.46 21.26 -4.67
N ARG E 288 -22.22 20.27 -5.13
CA ARG E 288 -22.06 19.74 -6.47
C ARG E 288 -22.56 20.71 -7.57
N CYS E 289 -21.68 21.02 -8.50
CA CYS E 289 -21.98 21.94 -9.58
C CYS E 289 -22.20 23.34 -9.02
N SER E 290 -21.27 23.75 -8.15
CA SER E 290 -21.31 25.07 -7.57
C SER E 290 -20.62 25.88 -8.64
N ASP E 291 -21.13 27.07 -8.90
CA ASP E 291 -20.55 27.95 -9.91
C ASP E 291 -19.47 28.86 -9.33
N PHE E 292 -19.27 28.79 -8.01
CA PHE E 292 -18.25 29.61 -7.36
C PHE E 292 -16.93 28.84 -7.26
N SER E 293 -15.86 29.45 -7.78
CA SER E 293 -14.52 28.85 -7.78
C SER E 293 -14.10 28.42 -6.36
N THR E 294 -14.74 29.01 -5.36
CA THR E 294 -14.48 28.68 -3.98
C THR E 294 -15.73 29.01 -3.18
N THR E 295 -16.01 28.20 -2.17
CA THR E 295 -17.15 28.38 -1.27
C THR E 295 -16.72 28.10 0.19
N ILE E 296 -16.28 29.16 0.84
CA ILE E 296 -15.83 29.13 2.23
C ILE E 296 -17.02 28.71 3.11
N ASP E 297 -16.77 27.85 4.09
CA ASP E 297 -17.85 27.47 5.00
C ASP E 297 -17.71 28.32 6.26
N SER E 298 -18.57 29.32 6.41
CA SER E 298 -18.53 30.22 7.57
C SER E 298 -18.47 29.44 8.88
N SER E 299 -19.52 28.65 9.12
CA SER E 299 -19.65 27.84 10.32
C SER E 299 -18.32 27.30 10.84
N LEU E 300 -17.49 26.81 9.93
CA LEU E 300 -16.23 26.19 10.32
C LEU E 300 -14.96 27.03 10.42
N THR E 301 -15.02 28.33 10.09
CA THR E 301 -13.82 29.13 10.19
C THR E 301 -13.59 29.58 11.64
N MET E 302 -12.32 29.75 11.98
CA MET E 302 -11.91 30.14 13.33
C MET E 302 -10.48 30.70 13.31
N VAL E 303 -10.09 31.41 14.37
CA VAL E 303 -8.75 31.94 14.41
C VAL E 303 -8.15 31.88 15.81
N MET E 304 -7.37 30.85 16.04
CA MET E 304 -6.70 30.61 17.32
C MET E 304 -5.50 31.55 17.42
N GLY E 305 -5.31 32.19 18.58
CA GLY E 305 -4.19 33.09 18.73
C GLY E 305 -4.20 34.30 17.79
N ASP E 306 -5.33 35.01 17.76
CA ASP E 306 -5.54 36.22 16.94
C ASP E 306 -5.07 36.21 15.48
N ASP E 307 -3.81 35.89 15.25
CA ASP E 307 -3.24 35.87 13.90
C ASP E 307 -3.30 34.58 13.08
N MET E 308 -3.61 33.43 13.68
CA MET E 308 -3.69 32.18 12.90
C MET E 308 -5.10 31.90 12.42
N VAL E 309 -5.30 32.15 11.13
CA VAL E 309 -6.59 31.97 10.48
C VAL E 309 -6.65 30.62 9.75
N LYS E 310 -7.82 29.96 9.84
CA LYS E 310 -8.07 28.67 9.18
C LYS E 310 -9.26 28.80 8.24
N VAL E 311 -9.06 28.44 6.98
CA VAL E 311 -10.16 28.53 6.04
C VAL E 311 -10.41 27.27 5.26
N ILE E 312 -11.66 26.84 5.34
CA ILE E 312 -12.16 25.63 4.70
C ILE E 312 -12.97 25.99 3.47
N ALA E 313 -12.47 25.60 2.30
CA ALA E 313 -13.15 25.94 1.06
C ALA E 313 -13.60 24.79 0.22
N TRP E 314 -14.87 24.86 -0.18
CA TRP E 314 -15.50 23.86 -1.02
C TRP E 314 -15.45 24.29 -2.48
N TYR E 315 -15.28 23.32 -3.37
CA TYR E 315 -15.22 23.61 -4.79
C TYR E 315 -15.41 22.35 -5.62
N ASP E 316 -16.24 22.46 -6.65
CA ASP E 316 -16.52 21.33 -7.54
C ASP E 316 -15.30 21.12 -8.45
N ASN E 317 -14.17 20.73 -7.87
CA ASN E 317 -12.90 20.54 -8.60
C ASN E 317 -13.01 20.08 -10.07
N GLU E 318 -14.12 19.44 -10.41
CA GLU E 318 -14.37 18.94 -11.78
C GLU E 318 -15.18 19.97 -12.60
N TRP E 319 -16.44 20.16 -12.23
CA TRP E 319 -17.33 21.09 -12.93
C TRP E 319 -17.01 22.58 -12.73
N GLY E 320 -16.68 22.96 -11.50
CA GLY E 320 -16.35 24.35 -11.22
C GLY E 320 -15.18 24.86 -12.05
N TYR E 321 -14.00 24.26 -11.85
CA TYR E 321 -12.79 24.63 -12.59
C TYR E 321 -13.11 24.81 -14.07
N SER E 322 -14.23 24.24 -14.51
CA SER E 322 -14.66 24.33 -15.90
C SER E 322 -15.39 25.65 -16.17
N GLN E 323 -16.01 26.24 -15.16
CA GLN E 323 -16.66 27.53 -15.37
C GLN E 323 -15.55 28.59 -15.49
N ARG E 324 -14.42 28.33 -14.81
CA ARG E 324 -13.26 29.23 -14.83
C ARG E 324 -12.55 29.12 -16.19
N VAL E 325 -12.52 27.93 -16.77
CA VAL E 325 -11.88 27.72 -18.07
C VAL E 325 -12.80 28.13 -19.21
N VAL E 326 -14.11 28.09 -18.97
CA VAL E 326 -15.06 28.49 -20.01
C VAL E 326 -15.22 30.02 -20.03
N ASP E 327 -14.32 30.69 -19.32
CA ASP E 327 -14.30 32.15 -19.27
C ASP E 327 -12.90 32.63 -19.52
N LEU E 328 -11.91 31.78 -19.25
CA LEU E 328 -10.53 32.13 -19.54
C LEU E 328 -10.56 32.09 -21.08
N ALA E 329 -11.51 31.33 -21.62
CA ALA E 329 -11.70 31.21 -23.06
C ALA E 329 -12.59 32.38 -23.54
N ASP E 330 -13.35 32.98 -22.63
CA ASP E 330 -14.19 34.11 -23.01
C ASP E 330 -13.32 35.36 -23.21
N ILE E 331 -12.26 35.51 -22.41
CA ILE E 331 -11.34 36.67 -22.49
C ILE E 331 -10.37 36.57 -23.67
N VAL E 332 -9.74 35.41 -23.83
CA VAL E 332 -8.81 35.21 -24.92
C VAL E 332 -9.54 35.56 -26.21
N ALA E 333 -10.87 35.53 -26.15
CA ALA E 333 -11.73 35.87 -27.27
C ALA E 333 -12.04 37.37 -27.25
N ASN E 334 -12.24 37.91 -26.04
CA ASN E 334 -12.56 39.32 -25.86
C ASN E 334 -11.30 40.20 -25.68
N ASN E 335 -10.15 39.65 -26.09
CA ASN E 335 -8.83 40.32 -26.02
C ASN E 335 -8.03 39.87 -27.23
N TRP E 336 -8.67 39.07 -28.07
CA TRP E 336 -8.08 38.50 -29.28
C TRP E 336 -7.96 39.53 -30.39
N LYS F 2 -58.42 20.23 -3.63
CA LYS F 2 -59.31 19.07 -3.32
C LYS F 2 -58.81 18.36 -2.05
N LEU F 3 -58.63 17.04 -2.14
CA LEU F 3 -58.17 16.20 -1.02
C LEU F 3 -56.83 16.55 -0.40
N LYS F 4 -56.85 16.81 0.91
CA LYS F 4 -55.64 17.17 1.63
C LYS F 4 -54.89 15.96 2.15
N VAL F 5 -53.58 16.01 1.93
CA VAL F 5 -52.66 14.95 2.31
C VAL F 5 -51.84 15.29 3.56
N ALA F 6 -51.23 14.25 4.13
CA ALA F 6 -50.36 14.34 5.31
C ALA F 6 -49.28 13.27 5.21
N ILE F 7 -48.04 13.69 5.39
CA ILE F 7 -46.92 12.78 5.32
C ILE F 7 -46.56 12.33 6.74
N ASN F 8 -46.65 11.03 6.99
CA ASN F 8 -46.28 10.46 8.29
C ASN F 8 -45.12 9.47 8.06
N GLY F 9 -43.90 9.93 8.31
CA GLY F 9 -42.73 9.09 8.10
C GLY F 9 -41.89 9.71 7.01
N PHE F 10 -41.51 10.96 7.25
CA PHE F 10 -40.71 11.76 6.33
C PHE F 10 -39.34 11.10 6.10
N GLY F 11 -39.38 9.86 5.61
CA GLY F 11 -38.14 9.16 5.35
C GLY F 11 -37.75 9.36 3.92
N ARG F 12 -37.16 8.34 3.30
CA ARG F 12 -36.76 8.44 1.91
C ARG F 12 -38.04 8.40 1.08
N ILE F 13 -39.06 7.72 1.54
CA ILE F 13 -40.29 7.68 0.78
C ILE F 13 -41.07 8.94 1.16
N GLY F 14 -40.98 9.31 2.43
CA GLY F 14 -41.68 10.51 2.89
C GLY F 14 -41.31 11.69 2.01
N ARG F 15 -40.01 12.01 1.98
CA ARG F 15 -39.51 13.15 1.20
C ARG F 15 -39.55 12.96 -0.31
N ASN F 16 -39.07 11.83 -0.82
CA ASN F 16 -39.08 11.56 -2.25
C ASN F 16 -40.48 11.81 -2.81
N PHE F 17 -41.48 11.35 -2.05
CA PHE F 17 -42.87 11.51 -2.40
C PHE F 17 -43.28 12.98 -2.60
N LEU F 18 -43.02 13.80 -1.59
CA LEU F 18 -43.34 15.22 -1.65
C LEU F 18 -42.68 15.90 -2.85
N ARG F 19 -41.38 15.70 -3.04
CA ARG F 19 -40.65 16.30 -4.17
C ARG F 19 -41.26 15.82 -5.49
N CYS F 20 -41.86 14.63 -5.45
CA CYS F 20 -42.50 14.02 -6.63
C CYS F 20 -43.83 14.68 -6.93
N TRP F 21 -44.79 14.51 -6.03
CA TRP F 21 -46.09 15.12 -6.19
C TRP F 21 -45.99 16.62 -6.50
N HIS F 22 -44.87 17.23 -6.10
CA HIS F 22 -44.59 18.66 -6.32
C HIS F 22 -44.67 19.00 -7.80
N GLY F 23 -43.76 18.43 -8.60
CA GLY F 23 -43.77 18.70 -10.02
C GLY F 23 -45.07 18.33 -10.74
N ARG F 24 -45.90 17.52 -10.09
CA ARG F 24 -47.16 17.11 -10.68
C ARG F 24 -47.99 18.31 -11.10
N LYS F 25 -48.56 18.22 -12.30
CA LYS F 25 -49.37 19.29 -12.86
C LYS F 25 -50.80 19.25 -12.31
N ASP F 26 -51.01 19.97 -11.20
CA ASP F 26 -52.30 20.04 -10.53
C ASP F 26 -52.93 18.68 -10.21
N SER F 27 -52.31 17.95 -9.29
CA SER F 27 -52.81 16.65 -8.87
C SER F 27 -53.87 16.85 -7.80
N PRO F 28 -54.91 15.99 -7.77
CA PRO F 28 -55.98 16.10 -6.77
C PRO F 28 -55.45 15.92 -5.34
N LEU F 29 -54.19 16.32 -5.15
CA LEU F 29 -53.52 16.20 -3.85
C LEU F 29 -53.02 17.53 -3.31
N ASP F 30 -53.00 17.63 -1.99
CA ASP F 30 -52.56 18.87 -1.36
C ASP F 30 -52.02 18.55 0.02
N ILE F 31 -50.70 18.54 0.12
CA ILE F 31 -50.02 18.26 1.38
C ILE F 31 -50.18 19.50 2.29
N ILE F 32 -50.59 19.26 3.53
CA ILE F 32 -50.79 20.34 4.51
C ILE F 32 -49.90 20.23 5.76
N ALA F 33 -49.53 19.00 6.09
CA ALA F 33 -48.70 18.73 7.25
C ALA F 33 -47.87 17.50 7.01
N ILE F 34 -46.90 17.29 7.89
CA ILE F 34 -46.01 16.14 7.81
C ILE F 34 -45.64 15.80 9.25
N ASN F 35 -45.71 14.51 9.59
CA ASN F 35 -45.38 14.06 10.94
C ASN F 35 -44.17 13.11 10.96
N ASP F 36 -43.39 13.19 12.04
CA ASP F 36 -42.20 12.36 12.22
C ASP F 36 -41.46 12.74 13.50
N THR F 37 -40.75 11.79 14.09
CA THR F 37 -40.00 12.04 15.32
C THR F 37 -39.24 13.37 15.28
N GLY F 38 -38.72 13.70 14.10
CA GLY F 38 -37.94 14.92 13.92
C GLY F 38 -38.66 16.24 14.07
N GLY F 39 -37.86 17.31 14.07
CA GLY F 39 -38.42 18.64 14.21
C GLY F 39 -38.47 19.37 12.89
N VAL F 40 -39.06 20.56 12.93
CA VAL F 40 -39.19 21.38 11.76
C VAL F 40 -37.82 21.57 11.12
N LYS F 41 -36.80 21.82 11.95
CA LYS F 41 -35.46 22.05 11.45
C LYS F 41 -34.89 20.92 10.60
N GLN F 42 -35.46 19.72 10.74
CA GLN F 42 -34.96 18.59 9.98
C GLN F 42 -35.78 18.34 8.73
N ALA F 43 -37.10 18.47 8.83
CA ALA F 43 -37.94 18.29 7.66
C ALA F 43 -37.48 19.31 6.62
N SER F 44 -37.43 20.57 7.05
CA SER F 44 -37.02 21.66 6.21
C SER F 44 -35.62 21.50 5.66
N HIS F 45 -34.68 21.09 6.50
CA HIS F 45 -33.32 20.95 6.03
C HIS F 45 -33.14 19.77 5.12
N LEU F 46 -33.89 18.70 5.35
CA LEU F 46 -33.73 17.51 4.53
C LEU F 46 -34.45 17.61 3.19
N LEU F 47 -35.55 18.35 3.17
CA LEU F 47 -36.27 18.50 1.93
C LEU F 47 -35.43 19.32 0.95
N LYS F 48 -34.56 20.18 1.50
CA LYS F 48 -33.71 21.07 0.71
C LYS F 48 -32.42 20.44 0.16
N TYR F 49 -31.68 19.71 0.99
CA TYR F 49 -30.44 19.10 0.53
C TYR F 49 -30.57 17.59 0.60
N ASP F 50 -30.58 16.97 -0.56
CA ASP F 50 -30.71 15.53 -0.65
C ASP F 50 -29.43 15.01 -1.33
N SER F 51 -28.94 13.85 -0.91
CA SER F 51 -27.73 13.30 -1.51
C SER F 51 -28.03 12.39 -2.68
N THR F 52 -29.31 12.14 -2.93
CA THR F 52 -29.72 11.29 -4.04
C THR F 52 -30.41 12.08 -5.14
N LEU F 53 -31.16 13.08 -4.72
CA LEU F 53 -31.88 13.89 -5.67
C LEU F 53 -31.24 15.26 -5.92
N GLY F 54 -30.12 15.52 -5.27
CA GLY F 54 -29.47 16.82 -5.43
C GLY F 54 -30.39 17.90 -4.87
N ILE F 55 -29.84 19.07 -4.56
CA ILE F 55 -30.65 20.17 -3.99
C ILE F 55 -32.03 20.30 -4.67
N PHE F 56 -33.05 20.51 -3.87
CA PHE F 56 -34.41 20.65 -4.38
C PHE F 56 -34.62 22.09 -4.86
N ASP F 57 -35.03 22.25 -6.11
CA ASP F 57 -35.27 23.56 -6.71
C ASP F 57 -36.61 24.16 -6.26
N ALA F 58 -36.64 24.73 -5.06
CA ALA F 58 -37.85 25.33 -4.51
C ALA F 58 -37.57 26.11 -3.23
N ASP F 59 -38.53 26.95 -2.82
CA ASP F 59 -38.42 27.79 -1.62
C ASP F 59 -38.56 27.00 -0.31
N VAL F 60 -37.58 26.15 -0.02
CA VAL F 60 -37.61 25.36 1.21
C VAL F 60 -36.94 26.11 2.35
N LYS F 61 -37.76 26.55 3.29
CA LYS F 61 -37.30 27.29 4.45
C LYS F 61 -38.37 27.20 5.53
N PRO F 62 -37.94 27.16 6.81
CA PRO F 62 -38.87 27.06 7.94
C PRO F 62 -39.98 28.09 7.83
N SER F 63 -41.05 27.90 8.58
CA SER F 63 -42.14 28.85 8.57
C SER F 63 -42.99 28.65 9.81
N GLY F 64 -42.51 29.20 10.92
CA GLY F 64 -43.23 29.08 12.17
C GLY F 64 -42.50 28.18 13.15
N GLU F 65 -42.99 28.13 14.38
CA GLU F 65 -42.35 27.28 15.38
C GLU F 65 -42.84 25.84 15.22
N THR F 66 -43.55 25.60 14.12
CA THR F 66 -44.05 24.27 13.82
C THR F 66 -44.67 24.24 12.42
N ALA F 67 -43.83 24.56 11.43
CA ALA F 67 -44.24 24.59 10.04
C ALA F 67 -43.12 25.18 9.21
N ILE F 68 -43.14 24.89 7.92
CA ILE F 68 -42.12 25.42 7.03
C ILE F 68 -42.79 25.85 5.77
N SER F 69 -42.11 26.65 4.97
CA SER F 69 -42.66 27.09 3.72
C SER F 69 -41.80 26.48 2.62
N VAL F 70 -42.43 26.17 1.49
CA VAL F 70 -41.75 25.60 0.33
C VAL F 70 -42.46 26.11 -0.90
N ASP F 71 -41.81 27.05 -1.61
CA ASP F 71 -42.40 27.66 -2.80
C ASP F 71 -43.54 28.52 -2.30
N GLY F 72 -43.34 29.05 -1.10
CA GLY F 72 -44.36 29.88 -0.48
C GLY F 72 -45.28 28.99 0.35
N LYS F 73 -46.07 28.16 -0.35
CA LYS F 73 -47.02 27.25 0.31
C LYS F 73 -46.48 26.65 1.59
N ILE F 74 -46.96 27.23 2.70
CA ILE F 74 -46.58 26.82 4.04
C ILE F 74 -47.07 25.40 4.33
N ILE F 75 -46.35 24.68 5.20
CA ILE F 75 -46.71 23.31 5.54
C ILE F 75 -46.41 22.96 7.00
N GLN F 76 -47.45 22.48 7.68
CA GLN F 76 -47.37 22.08 9.09
C GLN F 76 -46.44 20.90 9.30
N VAL F 77 -45.59 21.02 10.32
CA VAL F 77 -44.64 19.96 10.66
C VAL F 77 -44.87 19.52 12.11
N VAL F 78 -45.85 18.63 12.29
CA VAL F 78 -46.19 18.06 13.60
C VAL F 78 -45.22 16.92 13.85
N SER F 79 -44.96 16.60 15.11
CA SER F 79 -44.01 15.51 15.36
C SER F 79 -44.30 14.69 16.61
N ASN F 80 -45.11 13.65 16.48
CA ASN F 80 -45.42 12.79 17.62
C ASN F 80 -45.11 11.35 17.28
N ARG F 81 -44.76 10.57 18.29
CA ARG F 81 -44.43 9.16 18.13
C ARG F 81 -45.66 8.28 17.89
N ASN F 82 -46.75 8.61 18.58
CA ASN F 82 -47.99 7.87 18.47
C ASN F 82 -48.96 8.57 17.52
N PRO F 83 -49.28 7.92 16.39
CA PRO F 83 -50.20 8.40 15.34
C PRO F 83 -51.60 8.73 15.84
N SER F 84 -52.02 8.05 16.89
CA SER F 84 -53.34 8.29 17.45
C SER F 84 -53.44 9.74 17.90
N LEU F 85 -52.38 10.22 18.57
CA LEU F 85 -52.31 11.58 19.08
C LEU F 85 -52.11 12.65 18.01
N LEU F 86 -52.33 12.30 16.74
CA LEU F 86 -52.15 13.27 15.68
C LEU F 86 -53.43 14.07 15.41
N PRO F 87 -53.27 15.38 15.13
CA PRO F 87 -54.29 16.40 14.84
C PRO F 87 -54.90 16.34 13.43
N TRP F 88 -54.93 15.15 12.85
CA TRP F 88 -55.47 14.96 11.51
C TRP F 88 -56.94 15.40 11.42
N LYS F 89 -57.64 15.37 12.54
CA LYS F 89 -59.06 15.75 12.56
C LYS F 89 -59.19 17.26 12.64
N GLU F 90 -58.16 17.90 13.22
CA GLU F 90 -58.13 19.36 13.37
C GLU F 90 -57.58 20.03 12.11
N LEU F 91 -57.03 19.23 11.20
CA LEU F 91 -56.50 19.75 9.95
C LEU F 91 -57.44 19.36 8.82
N GLY F 92 -58.35 18.43 9.08
CA GLY F 92 -59.28 18.00 8.05
C GLY F 92 -58.56 17.14 7.02
N ILE F 93 -57.48 16.51 7.48
CA ILE F 93 -56.66 15.65 6.63
C ILE F 93 -57.41 14.44 6.08
N ASP F 94 -57.68 14.49 4.77
CA ASP F 94 -58.37 13.40 4.12
C ASP F 94 -57.52 12.15 4.08
N ILE F 95 -56.43 12.24 3.35
CA ILE F 95 -55.55 11.10 3.17
C ILE F 95 -54.19 11.27 3.85
N VAL F 96 -53.72 10.18 4.45
CA VAL F 96 -52.42 10.14 5.12
C VAL F 96 -51.56 8.99 4.60
N ILE F 97 -50.34 9.33 4.23
CA ILE F 97 -49.39 8.36 3.72
C ILE F 97 -48.60 7.78 4.87
N GLU F 98 -48.66 6.46 5.02
CA GLU F 98 -47.97 5.77 6.10
C GLU F 98 -46.60 5.24 5.67
N GLY F 99 -45.57 6.07 5.78
CA GLY F 99 -44.24 5.66 5.37
C GLY F 99 -43.13 5.64 6.42
N THR F 100 -43.46 5.08 7.59
CA THR F 100 -42.51 4.95 8.69
C THR F 100 -42.02 3.52 8.67
N GLY F 101 -42.89 2.63 8.21
CA GLY F 101 -42.55 1.24 8.15
C GLY F 101 -42.70 0.55 9.48
N VAL F 102 -43.34 1.22 10.43
CA VAL F 102 -43.56 0.65 11.76
C VAL F 102 -45.06 0.40 11.91
N PHE F 103 -45.83 1.18 11.17
CA PHE F 103 -47.28 1.09 11.18
C PHE F 103 -47.72 0.52 9.85
N VAL F 104 -47.75 -0.81 9.79
CA VAL F 104 -48.13 -1.53 8.59
C VAL F 104 -49.27 -2.52 8.80
N ASP F 105 -49.75 -2.63 10.04
CA ASP F 105 -50.87 -3.52 10.36
C ASP F 105 -52.09 -2.65 10.66
N ARG F 106 -53.27 -3.11 10.25
CA ARG F 106 -54.49 -2.35 10.51
C ARG F 106 -54.43 -1.87 11.95
N GLU F 107 -53.90 -2.72 12.83
CA GLU F 107 -53.73 -2.36 14.22
C GLU F 107 -52.94 -1.06 14.22
N GLY F 108 -51.79 -1.09 13.54
CA GLY F 108 -50.92 0.07 13.44
C GLY F 108 -51.37 1.26 12.59
N ALA F 109 -51.98 1.02 11.43
CA ALA F 109 -52.44 2.12 10.57
C ALA F 109 -53.79 2.72 10.99
N GLY F 110 -54.67 1.90 11.56
CA GLY F 110 -55.96 2.40 11.99
C GLY F 110 -55.87 3.58 12.92
N LYS F 111 -54.70 3.74 13.55
CA LYS F 111 -54.48 4.85 14.47
C LYS F 111 -54.74 6.18 13.79
N HIS F 112 -54.22 6.35 12.58
CA HIS F 112 -54.41 7.60 11.84
C HIS F 112 -55.88 8.01 11.77
N ILE F 113 -56.77 7.05 11.47
CA ILE F 113 -58.21 7.33 11.37
C ILE F 113 -58.81 7.70 12.73
N GLU F 114 -58.35 7.03 13.79
CA GLU F 114 -58.84 7.35 15.13
C GLU F 114 -58.06 8.58 15.58
N ALA F 115 -57.48 9.28 14.61
CA ALA F 115 -56.70 10.50 14.83
C ALA F 115 -57.35 11.64 14.06
N GLY F 116 -58.12 11.29 13.02
CA GLY F 116 -58.80 12.30 12.22
C GLY F 116 -58.78 12.18 10.70
N ALA F 117 -57.90 11.32 10.18
CA ALA F 117 -57.80 11.14 8.73
C ALA F 117 -58.92 10.24 8.27
N LYS F 118 -59.03 10.10 6.96
CA LYS F 118 -60.08 9.26 6.38
C LYS F 118 -59.45 8.06 5.65
N LYS F 119 -58.30 8.28 5.06
CA LYS F 119 -57.62 7.23 4.35
C LYS F 119 -56.16 7.21 4.77
N VAL F 120 -55.54 6.05 4.68
CA VAL F 120 -54.13 5.89 5.02
C VAL F 120 -53.49 4.91 4.06
N ILE F 121 -52.51 5.40 3.30
CA ILE F 121 -51.81 4.57 2.34
C ILE F 121 -50.47 4.15 2.92
N ILE F 122 -50.20 2.85 2.94
CA ILE F 122 -48.94 2.34 3.48
C ILE F 122 -47.91 2.16 2.37
N THR F 123 -46.70 2.69 2.58
CA THR F 123 -45.63 2.60 1.59
C THR F 123 -44.87 1.28 1.63
N ALA F 124 -45.59 0.18 1.74
CA ALA F 124 -44.95 -1.10 1.79
C ALA F 124 -45.99 -2.18 1.96
N PRO F 125 -45.63 -3.44 1.69
CA PRO F 125 -46.57 -4.56 1.83
C PRO F 125 -47.38 -4.44 3.11
N GLY F 126 -48.66 -4.79 3.04
CA GLY F 126 -49.50 -4.72 4.21
C GLY F 126 -49.29 -5.90 5.14
N LYS F 127 -49.59 -5.70 6.41
CA LYS F 127 -49.44 -6.75 7.41
C LYS F 127 -50.72 -7.59 7.50
N GLY F 128 -50.92 -8.46 6.52
CA GLY F 128 -52.09 -9.33 6.51
C GLY F 128 -53.06 -9.11 5.37
N ASP F 129 -54.33 -8.93 5.72
CA ASP F 129 -55.39 -8.73 4.74
C ASP F 129 -55.58 -7.30 4.28
N ILE F 130 -54.57 -6.47 4.44
CA ILE F 130 -54.70 -5.10 3.98
C ILE F 130 -54.61 -5.14 2.46
N PRO F 131 -55.62 -4.58 1.79
CA PRO F 131 -55.69 -4.54 0.32
C PRO F 131 -54.38 -4.10 -0.33
N THR F 132 -53.84 -4.97 -1.18
CA THR F 132 -52.60 -4.65 -1.86
C THR F 132 -52.90 -4.34 -3.32
N TYR F 133 -52.27 -3.30 -3.83
CA TYR F 133 -52.47 -2.87 -5.22
C TYR F 133 -51.17 -2.41 -5.88
N VAL F 134 -51.04 -2.71 -7.16
CA VAL F 134 -49.86 -2.29 -7.93
C VAL F 134 -50.35 -1.31 -9.00
N VAL F 135 -49.90 -0.07 -8.90
CA VAL F 135 -50.30 1.00 -9.83
C VAL F 135 -50.11 0.59 -11.30
N GLY F 136 -50.98 -0.31 -11.74
CA GLY F 136 -50.96 -0.82 -13.10
C GLY F 136 -51.73 -2.13 -13.24
N VAL F 137 -51.47 -3.07 -12.33
CA VAL F 137 -52.13 -4.38 -12.34
C VAL F 137 -53.53 -4.32 -11.72
N ASN F 138 -53.65 -4.74 -10.46
CA ASN F 138 -54.94 -4.72 -9.78
C ASN F 138 -55.27 -3.32 -9.31
N ALA F 139 -54.66 -2.34 -9.96
CA ALA F 139 -54.87 -0.93 -9.64
C ALA F 139 -56.34 -0.55 -9.85
N ASP F 140 -56.88 -0.94 -11.00
CA ASP F 140 -58.26 -0.66 -11.35
C ASP F 140 -59.27 -1.34 -10.41
N ALA F 141 -58.82 -1.80 -9.25
CA ALA F 141 -59.71 -2.49 -8.29
C ALA F 141 -59.81 -1.78 -6.93
N TYR F 142 -59.46 -0.50 -6.89
CA TYR F 142 -59.51 0.29 -5.65
C TYR F 142 -60.97 0.59 -5.25
N SER F 143 -61.35 0.11 -4.07
CA SER F 143 -62.70 0.30 -3.53
C SER F 143 -62.68 1.45 -2.49
N HIS F 144 -63.77 2.20 -2.37
CA HIS F 144 -63.83 3.29 -1.39
C HIS F 144 -64.41 2.78 -0.06
N ASP F 145 -63.96 1.59 0.35
CA ASP F 145 -64.40 0.97 1.60
C ASP F 145 -63.24 0.56 2.48
N GLU F 146 -62.03 0.99 2.12
CA GLU F 146 -60.86 0.62 2.89
C GLU F 146 -60.13 1.83 3.49
N PRO F 147 -60.05 1.89 4.83
CA PRO F 147 -59.38 3.00 5.52
C PRO F 147 -57.88 2.86 5.33
N ILE F 148 -57.44 1.62 5.16
CA ILE F 148 -56.02 1.32 4.98
C ILE F 148 -55.77 0.41 3.77
N ILE F 149 -54.59 0.57 3.18
CA ILE F 149 -54.19 -0.20 2.02
C ILE F 149 -52.69 -0.49 1.98
N SER F 150 -52.26 -0.99 0.82
CA SER F 150 -50.87 -1.34 0.62
C SER F 150 -50.44 -1.07 -0.82
N ASN F 151 -49.29 -0.42 -0.97
CA ASN F 151 -48.74 -0.12 -2.30
C ASN F 151 -47.59 -1.10 -2.57
N ALA F 152 -47.75 -2.31 -2.04
CA ALA F 152 -46.75 -3.37 -2.22
C ALA F 152 -45.34 -2.94 -1.85
N SER F 153 -44.36 -3.62 -2.42
CA SER F 153 -42.96 -3.31 -2.17
C SER F 153 -42.34 -2.64 -3.38
N CYS F 154 -41.22 -1.96 -3.17
CA CYS F 154 -40.52 -1.29 -4.25
C CYS F 154 -40.06 -2.30 -5.29
N THR F 155 -40.21 -3.58 -4.95
CA THR F 155 -39.79 -4.67 -5.81
C THR F 155 -40.97 -5.38 -6.48
N THR F 156 -42.17 -5.18 -5.93
CA THR F 156 -43.35 -5.79 -6.51
C THR F 156 -43.77 -4.93 -7.71
N ASN F 157 -43.61 -3.63 -7.58
CA ASN F 157 -43.98 -2.68 -8.63
C ASN F 157 -43.08 -2.73 -9.85
N CYS F 158 -41.92 -3.36 -9.71
CA CYS F 158 -41.00 -3.47 -10.84
C CYS F 158 -41.08 -4.88 -11.40
N LEU F 159 -41.55 -5.81 -10.57
CA LEU F 159 -41.67 -7.19 -10.99
C LEU F 159 -43.03 -7.45 -11.63
N ALA F 160 -44.08 -7.31 -10.83
CA ALA F 160 -45.47 -7.54 -11.27
C ALA F 160 -45.78 -7.09 -12.71
N PRO F 161 -45.27 -5.91 -13.12
CA PRO F 161 -45.56 -5.48 -14.49
C PRO F 161 -45.14 -6.51 -15.56
N PHE F 162 -43.84 -6.61 -15.84
CA PHE F 162 -43.37 -7.56 -16.86
C PHE F 162 -43.63 -9.00 -16.50
N VAL F 163 -44.33 -9.22 -15.39
CA VAL F 163 -44.69 -10.56 -14.95
C VAL F 163 -46.09 -10.82 -15.50
N LYS F 164 -46.86 -9.75 -15.63
CA LYS F 164 -48.23 -9.82 -16.13
C LYS F 164 -48.22 -10.09 -17.62
N VAL F 165 -47.51 -9.25 -18.36
CA VAL F 165 -47.40 -9.40 -19.80
C VAL F 165 -46.85 -10.79 -20.11
N LEU F 166 -45.79 -11.16 -19.39
CA LEU F 166 -45.15 -12.46 -19.56
C LEU F 166 -46.13 -13.62 -19.45
N ASP F 167 -47.01 -13.55 -18.46
CA ASP F 167 -48.00 -14.59 -18.22
C ASP F 167 -49.16 -14.59 -19.22
N GLN F 168 -49.39 -13.47 -19.88
CA GLN F 168 -50.47 -13.37 -20.86
C GLN F 168 -49.98 -13.76 -22.24
N LYS F 169 -48.94 -13.09 -22.73
CA LYS F 169 -48.40 -13.38 -24.05
C LYS F 169 -47.49 -14.60 -24.10
N PHE F 170 -47.67 -15.52 -23.15
CA PHE F 170 -46.90 -16.75 -23.09
C PHE F 170 -47.57 -17.69 -22.10
N GLY F 171 -47.26 -17.53 -20.82
CA GLY F 171 -47.85 -18.37 -19.79
C GLY F 171 -46.82 -18.77 -18.76
N ILE F 172 -46.97 -18.26 -17.54
CA ILE F 172 -46.03 -18.56 -16.46
C ILE F 172 -46.34 -19.86 -15.71
N ILE F 173 -45.38 -20.78 -15.79
CA ILE F 173 -45.48 -22.08 -15.14
C ILE F 173 -44.96 -21.96 -13.70
N LYS F 174 -43.75 -21.41 -13.57
CA LYS F 174 -43.11 -21.22 -12.27
C LYS F 174 -41.84 -20.39 -12.50
N GLY F 175 -41.39 -19.67 -11.47
CA GLY F 175 -40.21 -18.86 -11.62
C GLY F 175 -39.43 -18.55 -10.37
N THR F 176 -38.24 -17.96 -10.57
CA THR F 176 -37.32 -17.57 -9.51
C THR F 176 -36.68 -16.21 -9.84
N MET F 177 -37.00 -15.20 -9.04
CA MET F 177 -36.47 -13.86 -9.28
C MET F 177 -35.41 -13.45 -8.28
N THR F 178 -34.29 -12.92 -8.78
CA THR F 178 -33.21 -12.47 -7.92
C THR F 178 -33.01 -10.97 -8.15
N THR F 179 -33.41 -10.14 -7.19
CA THR F 179 -33.25 -8.68 -7.32
C THR F 179 -31.95 -8.15 -6.71
N THR F 180 -31.08 -7.58 -7.55
CA THR F 180 -29.83 -6.98 -7.07
C THR F 180 -30.18 -5.55 -6.70
N HIS F 181 -30.87 -5.45 -5.57
CA HIS F 181 -31.38 -4.21 -5.00
C HIS F 181 -30.30 -3.33 -4.33
N SER F 182 -30.53 -2.02 -4.31
CA SER F 182 -29.59 -1.08 -3.68
C SER F 182 -29.76 -1.20 -2.17
N TYR F 183 -28.73 -0.86 -1.39
CA TYR F 183 -28.86 -0.96 0.05
C TYR F 183 -29.84 0.09 0.58
N THR F 184 -30.53 -0.20 1.68
CA THR F 184 -31.49 0.77 2.21
C THR F 184 -31.29 1.16 3.67
N GLY F 185 -32.20 1.99 4.17
CA GLY F 185 -32.12 2.47 5.54
C GLY F 185 -32.07 1.40 6.60
N ASP F 186 -32.77 0.29 6.35
CA ASP F 186 -32.82 -0.81 7.31
C ASP F 186 -31.44 -1.36 7.68
N GLN F 187 -30.50 -1.32 6.73
CA GLN F 187 -29.14 -1.82 6.94
C GLN F 187 -28.22 -0.95 7.79
N ARG F 188 -27.10 -1.53 8.22
CA ARG F 188 -26.13 -0.86 9.07
C ARG F 188 -24.97 -0.29 8.25
N LEU F 189 -24.45 0.85 8.68
CA LEU F 189 -23.34 1.49 8.00
C LEU F 189 -22.07 0.66 8.24
N LEU F 190 -21.95 0.17 9.48
CA LEU F 190 -20.83 -0.67 9.89
C LEU F 190 -21.40 -1.77 10.77
N ASP F 191 -20.73 -2.93 10.79
CA ASP F 191 -21.16 -4.06 11.60
C ASP F 191 -21.78 -3.70 12.96
N ALA F 192 -23.10 -3.77 13.04
CA ALA F 192 -23.82 -3.46 14.27
C ALA F 192 -25.00 -4.40 14.38
N SER F 193 -25.52 -4.58 15.59
CA SER F 193 -26.65 -5.48 15.85
C SER F 193 -27.84 -5.27 14.94
N HIS F 194 -28.43 -6.38 14.51
CA HIS F 194 -29.59 -6.38 13.65
C HIS F 194 -30.23 -7.77 13.76
N ARG F 195 -31.55 -7.81 13.68
CA ARG F 195 -32.27 -9.06 13.75
C ARG F 195 -31.64 -9.95 12.69
N ASP F 196 -31.47 -9.40 11.49
CA ASP F 196 -30.85 -10.12 10.39
C ASP F 196 -29.34 -9.94 10.45
N LEU F 197 -28.64 -11.04 10.73
CA LEU F 197 -27.18 -11.09 10.84
C LEU F 197 -26.44 -10.81 9.52
N ARG F 198 -27.18 -10.59 8.45
CA ARG F 198 -26.53 -10.27 7.18
C ARG F 198 -26.67 -8.75 7.05
N ARG F 199 -27.88 -8.27 7.29
CA ARG F 199 -28.21 -6.85 7.24
C ARG F 199 -27.45 -6.03 8.30
N ALA F 200 -26.78 -6.70 9.22
CA ALA F 200 -26.02 -6.04 10.28
C ALA F 200 -24.58 -5.79 9.84
N ARG F 201 -24.23 -6.30 8.66
CA ARG F 201 -22.88 -6.12 8.13
C ARG F 201 -22.83 -4.83 7.33
N ALA F 202 -21.69 -4.13 7.42
CA ALA F 202 -21.49 -2.86 6.72
C ALA F 202 -22.15 -2.86 5.35
N ALA F 203 -23.07 -1.93 5.13
CA ALA F 203 -23.85 -1.84 3.89
C ALA F 203 -23.12 -1.59 2.56
N ALA F 204 -22.16 -0.65 2.54
CA ALA F 204 -21.44 -0.34 1.31
C ALA F 204 -20.17 -1.15 1.07
N LEU F 205 -19.75 -1.88 2.09
CA LEU F 205 -18.55 -2.71 1.98
C LEU F 205 -18.77 -4.05 1.30
N ASN F 206 -20.03 -4.45 1.13
CA ASN F 206 -20.26 -5.76 0.54
C ASN F 206 -21.63 -6.04 -0.01
N ILE F 207 -21.73 -7.20 -0.67
CA ILE F 207 -22.97 -7.70 -1.25
C ILE F 207 -23.65 -8.43 -0.10
N VAL F 208 -24.92 -8.09 0.14
CA VAL F 208 -25.65 -8.70 1.26
C VAL F 208 -26.89 -9.49 0.83
N PRO F 209 -26.78 -10.83 0.84
CA PRO F 209 -27.93 -11.65 0.45
C PRO F 209 -29.04 -11.43 1.50
N THR F 210 -30.23 -11.07 1.07
CA THR F 210 -31.34 -10.89 2.01
C THR F 210 -32.55 -11.57 1.43
N SER F 211 -33.62 -11.64 2.22
CA SER F 211 -34.83 -12.27 1.73
C SER F 211 -35.81 -11.22 1.24
N THR F 212 -36.66 -11.64 0.31
CA THR F 212 -37.68 -10.78 -0.29
C THR F 212 -39.03 -11.50 -0.32
N GLY F 213 -40.11 -10.73 -0.29
CA GLY F 213 -41.43 -11.33 -0.33
C GLY F 213 -42.09 -11.05 -1.66
N ALA F 214 -41.57 -10.05 -2.37
CA ALA F 214 -42.09 -9.62 -3.66
C ALA F 214 -42.47 -10.77 -4.60
N ALA F 215 -41.81 -11.92 -4.44
CA ALA F 215 -42.11 -13.07 -5.29
C ALA F 215 -43.57 -13.49 -5.05
N LYS F 216 -43.83 -14.11 -3.91
CA LYS F 216 -45.18 -14.54 -3.59
C LYS F 216 -46.06 -13.30 -3.65
N ALA F 217 -45.52 -12.20 -3.16
CA ALA F 217 -46.23 -10.92 -3.14
C ALA F 217 -47.02 -10.61 -4.41
N VAL F 218 -46.57 -11.12 -5.55
CA VAL F 218 -47.25 -10.87 -6.82
C VAL F 218 -48.60 -11.58 -6.90
N ALA F 219 -48.73 -12.73 -6.25
CA ALA F 219 -49.98 -13.47 -6.28
C ALA F 219 -51.13 -12.60 -5.76
N LEU F 220 -50.79 -11.49 -5.13
CA LEU F 220 -51.83 -10.61 -4.58
C LEU F 220 -52.41 -9.62 -5.58
N VAL F 221 -51.68 -9.33 -6.66
CA VAL F 221 -52.18 -8.40 -7.68
C VAL F 221 -52.42 -9.17 -8.98
N LEU F 222 -51.70 -10.29 -9.11
CA LEU F 222 -51.81 -11.17 -10.27
C LEU F 222 -51.93 -12.60 -9.71
N PRO F 223 -53.11 -12.95 -9.18
CA PRO F 223 -53.43 -14.26 -8.59
C PRO F 223 -52.96 -15.46 -9.40
N ASN F 224 -52.83 -15.28 -10.71
CA ASN F 224 -52.40 -16.35 -11.59
C ASN F 224 -50.97 -16.78 -11.29
N LEU F 225 -50.38 -16.16 -10.29
CA LEU F 225 -49.03 -16.49 -9.87
C LEU F 225 -49.16 -17.09 -8.49
N LYS F 226 -50.02 -18.11 -8.45
CA LYS F 226 -50.30 -18.88 -7.26
C LYS F 226 -48.98 -19.49 -6.82
N GLY F 227 -48.40 -18.95 -5.75
CA GLY F 227 -47.13 -19.46 -5.27
C GLY F 227 -46.31 -20.13 -6.37
N LYS F 228 -46.22 -19.46 -7.52
CA LYS F 228 -45.46 -19.98 -8.68
C LYS F 228 -44.03 -19.41 -8.65
N LEU F 229 -43.89 -18.26 -8.01
CA LEU F 229 -42.62 -17.55 -7.90
C LEU F 229 -42.00 -17.55 -6.52
N ASN F 230 -40.72 -17.22 -6.50
CA ASN F 230 -39.96 -17.11 -5.27
C ASN F 230 -38.49 -16.87 -5.59
N GLY F 231 -37.94 -15.79 -5.02
CA GLY F 231 -36.55 -15.45 -5.22
C GLY F 231 -35.93 -14.80 -3.99
N ILE F 232 -34.62 -14.54 -4.05
CA ILE F 232 -33.92 -13.91 -2.94
C ILE F 232 -33.56 -12.50 -3.38
N ALA F 233 -32.75 -11.81 -2.57
CA ALA F 233 -32.32 -10.45 -2.91
C ALA F 233 -30.84 -10.25 -2.63
N LEU F 234 -30.22 -9.30 -3.31
CA LEU F 234 -28.81 -9.02 -3.11
C LEU F 234 -28.59 -7.54 -2.97
N ARG F 235 -28.36 -7.09 -1.74
CA ARG F 235 -28.13 -5.68 -1.48
C ARG F 235 -26.66 -5.35 -1.78
N VAL F 236 -26.48 -4.41 -2.70
CA VAL F 236 -25.16 -3.97 -3.14
C VAL F 236 -24.86 -2.51 -2.73
N PRO F 237 -23.56 -2.15 -2.68
CA PRO F 237 -23.09 -0.82 -2.30
C PRO F 237 -23.49 0.36 -3.20
N THR F 238 -24.74 0.42 -3.65
CA THR F 238 -25.18 1.56 -4.47
C THR F 238 -26.37 2.19 -3.76
N PRO F 239 -26.25 3.48 -3.42
CA PRO F 239 -27.27 4.29 -2.72
C PRO F 239 -28.70 4.24 -3.23
N ASN F 240 -28.91 3.84 -4.47
CA ASN F 240 -30.28 3.78 -5.00
C ASN F 240 -30.33 3.14 -6.39
N VAL F 241 -31.52 2.74 -6.79
CA VAL F 241 -31.75 2.10 -8.08
C VAL F 241 -31.32 0.63 -8.01
N SER F 242 -32.29 -0.26 -8.08
CA SER F 242 -32.05 -1.70 -8.02
C SER F 242 -32.41 -2.39 -9.35
N VAL F 243 -32.11 -3.67 -9.48
CA VAL F 243 -32.41 -4.38 -10.72
C VAL F 243 -32.83 -5.83 -10.53
N VAL F 244 -34.13 -6.11 -10.67
CA VAL F 244 -34.61 -7.48 -10.51
C VAL F 244 -34.11 -8.35 -11.66
N ASP F 245 -33.91 -9.63 -11.37
CA ASP F 245 -33.45 -10.59 -12.39
C ASP F 245 -34.34 -11.82 -12.38
N LEU F 246 -35.48 -11.70 -13.06
CA LEU F 246 -36.44 -12.79 -13.12
C LEU F 246 -36.06 -13.80 -14.19
N VAL F 247 -36.55 -15.02 -14.01
CA VAL F 247 -36.32 -16.12 -14.92
C VAL F 247 -37.53 -17.05 -14.73
N VAL F 248 -38.32 -17.21 -15.79
CA VAL F 248 -39.50 -18.05 -15.70
C VAL F 248 -39.59 -19.09 -16.80
N GLN F 249 -40.36 -20.13 -16.50
CA GLN F 249 -40.57 -21.22 -17.44
C GLN F 249 -41.96 -20.98 -18.02
N VAL F 250 -42.03 -20.71 -19.31
CA VAL F 250 -43.32 -20.47 -19.93
C VAL F 250 -43.69 -21.58 -20.87
N SER F 251 -44.99 -21.84 -20.95
CA SER F 251 -45.53 -22.86 -21.83
C SER F 251 -45.89 -22.14 -23.12
N LYS F 252 -44.87 -21.78 -23.88
CA LYS F 252 -45.04 -21.10 -25.15
C LYS F 252 -43.64 -20.80 -25.66
N LYS F 253 -43.04 -21.76 -26.38
CA LYS F 253 -41.70 -21.59 -26.92
C LYS F 253 -41.52 -20.18 -27.48
N THR F 254 -40.30 -19.67 -27.42
CA THR F 254 -39.98 -18.33 -27.92
C THR F 254 -38.47 -18.10 -27.94
N PHE F 255 -38.07 -16.88 -28.27
CA PHE F 255 -36.68 -16.50 -28.28
C PHE F 255 -36.58 -15.06 -27.80
N ALA F 256 -35.35 -14.63 -27.50
CA ALA F 256 -35.10 -13.30 -26.99
C ALA F 256 -35.90 -12.18 -27.65
N GLU F 257 -35.51 -11.80 -28.85
CA GLU F 257 -36.17 -10.70 -29.54
C GLU F 257 -37.67 -10.81 -29.73
N GLU F 258 -38.29 -11.90 -29.28
CA GLU F 258 -39.74 -12.03 -29.43
C GLU F 258 -40.46 -11.62 -28.17
N VAL F 259 -39.77 -11.77 -27.04
CA VAL F 259 -40.31 -11.40 -25.75
C VAL F 259 -40.24 -9.88 -25.69
N ASN F 260 -39.08 -9.33 -26.01
CA ASN F 260 -38.90 -7.88 -26.04
C ASN F 260 -40.08 -7.27 -26.80
N ALA F 261 -40.50 -7.96 -27.85
CA ALA F 261 -41.60 -7.51 -28.66
C ALA F 261 -42.83 -7.30 -27.80
N ALA F 262 -43.52 -8.39 -27.48
CA ALA F 262 -44.73 -8.35 -26.68
C ALA F 262 -44.67 -7.37 -25.50
N PHE F 263 -43.47 -7.07 -25.04
CA PHE F 263 -43.29 -6.12 -23.94
C PHE F 263 -43.67 -4.74 -24.43
N ARG F 264 -42.89 -4.22 -25.38
CA ARG F 264 -43.13 -2.89 -25.96
C ARG F 264 -44.61 -2.69 -26.23
N ASP F 265 -45.28 -3.76 -26.66
CA ASP F 265 -46.71 -3.74 -26.95
C ASP F 265 -47.48 -3.18 -25.74
N SER F 266 -47.32 -3.89 -24.63
CA SER F 266 -47.97 -3.51 -23.37
C SER F 266 -47.29 -2.30 -22.75
N ALA F 267 -46.14 -1.92 -23.31
CA ALA F 267 -45.37 -0.79 -22.83
C ALA F 267 -45.73 0.48 -23.60
N GLU F 268 -46.83 0.42 -24.35
CA GLU F 268 -47.29 1.54 -25.14
C GLU F 268 -48.81 1.62 -25.15
N LYS F 269 -49.45 0.58 -24.65
CA LYS F 269 -50.89 0.52 -24.60
C LYS F 269 -51.33 0.11 -23.20
N GLU F 270 -51.13 -1.15 -22.89
CA GLU F 270 -51.50 -1.69 -21.58
C GLU F 270 -50.98 -0.81 -20.45
N LEU F 271 -49.66 -0.77 -20.32
CA LEU F 271 -49.01 0.01 -19.27
C LEU F 271 -48.23 1.19 -19.83
N LYS F 272 -48.96 2.16 -20.37
CA LYS F 272 -48.31 3.34 -20.92
C LYS F 272 -47.88 4.24 -19.77
N GLY F 273 -46.59 4.25 -19.50
CA GLY F 273 -46.06 5.08 -18.41
C GLY F 273 -45.51 4.26 -17.27
N ILE F 274 -45.97 3.01 -17.14
CA ILE F 274 -45.50 2.12 -16.08
C ILE F 274 -44.31 1.32 -16.61
N LEU F 275 -44.53 0.61 -17.71
CA LEU F 275 -43.47 -0.17 -18.29
C LEU F 275 -42.84 0.53 -19.49
N ASP F 276 -41.54 0.30 -19.63
CA ASP F 276 -40.74 0.88 -20.70
C ASP F 276 -39.59 -0.07 -21.02
N VAL F 277 -39.05 0.05 -22.22
CA VAL F 277 -37.95 -0.82 -22.65
C VAL F 277 -36.75 -0.05 -23.21
N CYS F 278 -35.79 0.27 -22.35
CA CYS F 278 -34.58 0.96 -22.80
C CYS F 278 -33.83 0.00 -23.69
N ASP F 279 -32.83 0.50 -24.42
CA ASP F 279 -32.05 -0.36 -25.28
C ASP F 279 -30.55 -0.12 -25.06
N GLU F 280 -30.13 1.15 -25.17
CA GLU F 280 -28.74 1.53 -24.99
C GLU F 280 -28.04 0.90 -23.80
N PRO F 281 -26.71 0.75 -23.88
CA PRO F 281 -25.84 0.16 -22.85
C PRO F 281 -25.64 1.07 -21.63
N LEU F 282 -26.71 1.27 -20.87
CA LEU F 282 -26.69 2.12 -19.68
C LEU F 282 -26.25 1.36 -18.43
N VAL F 283 -26.25 2.04 -17.29
CA VAL F 283 -25.88 1.45 -16.01
C VAL F 283 -26.90 1.92 -14.99
N SER F 284 -26.88 1.33 -13.80
CA SER F 284 -27.84 1.67 -12.74
C SER F 284 -28.08 3.16 -12.55
N VAL F 285 -27.01 3.92 -12.38
CA VAL F 285 -27.10 5.36 -12.18
C VAL F 285 -27.94 6.07 -13.23
N ASP F 286 -27.73 5.72 -14.50
CA ASP F 286 -28.49 6.33 -15.60
C ASP F 286 -29.99 6.19 -15.41
N PHE F 287 -30.42 5.50 -14.37
CA PHE F 287 -31.85 5.31 -14.15
C PHE F 287 -32.44 6.11 -13.00
N ARG F 288 -31.63 7.00 -12.42
CA ARG F 288 -32.08 7.81 -11.31
C ARG F 288 -33.29 8.66 -11.71
N CYS F 289 -34.14 8.96 -10.73
CA CYS F 289 -35.35 9.77 -10.93
C CYS F 289 -36.34 9.19 -11.93
N SER F 290 -36.01 8.05 -12.54
CA SER F 290 -36.90 7.42 -13.54
C SER F 290 -38.33 7.28 -13.06
N ASP F 291 -39.29 7.64 -13.92
CA ASP F 291 -40.71 7.56 -13.59
C ASP F 291 -41.40 6.23 -13.93
N PHE F 292 -40.65 5.30 -14.52
CA PHE F 292 -41.22 4.00 -14.89
C PHE F 292 -41.12 2.99 -13.75
N SER F 293 -42.23 2.31 -13.47
CA SER F 293 -42.26 1.29 -12.42
C SER F 293 -41.23 0.24 -12.80
N THR F 294 -41.19 -0.10 -14.08
CA THR F 294 -40.25 -1.08 -14.58
C THR F 294 -39.66 -0.66 -15.93
N THR F 295 -38.35 -0.77 -16.05
CA THR F 295 -37.65 -0.41 -17.28
C THR F 295 -36.82 -1.60 -17.72
N ILE F 296 -37.28 -2.27 -18.77
CA ILE F 296 -36.63 -3.45 -19.30
C ILE F 296 -35.39 -3.19 -20.11
N ASP F 297 -34.31 -3.92 -19.79
CA ASP F 297 -33.05 -3.78 -20.52
C ASP F 297 -33.11 -4.81 -21.65
N SER F 298 -33.50 -4.35 -22.84
CA SER F 298 -33.62 -5.24 -24.01
C SER F 298 -32.29 -5.91 -24.39
N SER F 299 -31.21 -5.14 -24.31
CA SER F 299 -29.87 -5.62 -24.63
C SER F 299 -29.48 -6.82 -23.77
N LEU F 300 -30.37 -7.23 -22.88
CA LEU F 300 -30.09 -8.34 -21.97
C LEU F 300 -31.00 -9.56 -22.09
N THR F 301 -32.21 -9.39 -22.60
CA THR F 301 -33.17 -10.48 -22.72
C THR F 301 -32.60 -11.80 -23.28
N MET F 302 -33.05 -12.92 -22.71
CA MET F 302 -32.63 -14.27 -23.12
C MET F 302 -33.78 -15.25 -22.97
N VAL F 303 -33.83 -16.24 -23.86
CA VAL F 303 -34.85 -17.27 -23.79
C VAL F 303 -34.20 -18.58 -24.24
N MET F 304 -32.96 -18.78 -23.81
CA MET F 304 -32.26 -20.00 -24.17
C MET F 304 -33.04 -21.16 -23.54
N GLY F 305 -33.06 -22.30 -24.23
CA GLY F 305 -33.78 -23.45 -23.74
C GLY F 305 -35.17 -23.54 -24.35
N ASP F 306 -35.54 -22.49 -25.08
CA ASP F 306 -36.82 -22.40 -25.75
C ASP F 306 -38.02 -21.98 -24.90
N ASP F 307 -38.12 -22.49 -23.68
CA ASP F 307 -39.25 -22.12 -22.83
C ASP F 307 -38.83 -21.50 -21.50
N MET F 308 -37.52 -21.28 -21.32
CA MET F 308 -37.00 -20.68 -20.10
C MET F 308 -36.64 -19.22 -20.36
N VAL F 309 -37.59 -18.32 -20.08
CA VAL F 309 -37.41 -16.89 -20.29
C VAL F 309 -36.60 -16.19 -19.20
N LYS F 310 -35.85 -15.17 -19.58
CA LYS F 310 -35.08 -14.42 -18.61
C LYS F 310 -35.08 -12.93 -18.90
N VAL F 311 -35.77 -12.17 -18.05
CA VAL F 311 -35.90 -10.71 -18.17
C VAL F 311 -35.17 -9.95 -17.05
N ILE F 312 -34.56 -8.81 -17.39
CA ILE F 312 -33.86 -7.97 -16.42
C ILE F 312 -34.44 -6.56 -16.41
N ALA F 313 -35.25 -6.25 -15.39
CA ALA F 313 -35.87 -4.93 -15.31
C ALA F 313 -35.31 -3.99 -14.24
N TRP F 314 -34.91 -2.80 -14.69
CA TRP F 314 -34.36 -1.77 -13.82
C TRP F 314 -35.49 -0.97 -13.20
N TYR F 315 -35.20 -0.31 -12.09
CA TYR F 315 -36.19 0.53 -11.41
C TYR F 315 -35.57 1.46 -10.38
N ASP F 316 -36.11 2.67 -10.27
CA ASP F 316 -35.62 3.61 -9.28
C ASP F 316 -36.53 3.43 -8.07
N ASN F 317 -36.26 2.38 -7.30
CA ASN F 317 -37.03 2.02 -6.12
C ASN F 317 -37.45 3.18 -5.21
N GLU F 318 -36.65 4.24 -5.17
CA GLU F 318 -36.97 5.39 -4.33
C GLU F 318 -37.92 6.39 -5.03
N TRP F 319 -37.45 6.96 -6.14
CA TRP F 319 -38.23 7.93 -6.94
C TRP F 319 -39.37 7.29 -7.75
N GLY F 320 -39.15 6.09 -8.28
CA GLY F 320 -40.17 5.41 -9.06
C GLY F 320 -41.33 4.94 -8.21
N TYR F 321 -41.02 4.29 -7.09
CA TYR F 321 -42.05 3.81 -6.19
C TYR F 321 -42.91 4.99 -5.77
N SER F 322 -42.24 6.09 -5.42
CA SER F 322 -42.91 7.30 -4.97
C SER F 322 -43.87 7.88 -6.02
N GLN F 323 -43.59 7.65 -7.29
CA GLN F 323 -44.48 8.14 -8.34
C GLN F 323 -45.75 7.30 -8.29
N ARG F 324 -45.56 5.98 -8.15
CA ARG F 324 -46.67 5.03 -8.08
C ARG F 324 -47.51 5.32 -6.84
N VAL F 325 -46.85 5.72 -5.77
CA VAL F 325 -47.51 6.06 -4.53
C VAL F 325 -48.43 7.24 -4.82
N VAL F 326 -47.91 8.20 -5.60
CA VAL F 326 -48.68 9.39 -5.99
C VAL F 326 -49.78 9.00 -6.98
N ASP F 327 -49.47 8.16 -7.96
CA ASP F 327 -50.47 7.73 -8.93
C ASP F 327 -51.61 6.99 -8.25
N LEU F 328 -51.28 6.07 -7.35
CA LEU F 328 -52.31 5.32 -6.62
C LEU F 328 -53.05 6.28 -5.71
N ALA F 329 -52.31 7.24 -5.17
CA ALA F 329 -52.89 8.24 -4.28
C ALA F 329 -54.01 8.96 -5.00
N ASP F 330 -53.79 9.29 -6.27
CA ASP F 330 -54.80 9.97 -7.05
C ASP F 330 -55.92 9.00 -7.40
N ILE F 331 -55.57 7.74 -7.64
CA ILE F 331 -56.58 6.73 -7.95
C ILE F 331 -57.51 6.74 -6.76
N VAL F 332 -56.96 7.02 -5.58
CA VAL F 332 -57.74 7.08 -4.37
C VAL F 332 -58.67 8.30 -4.42
N ALA F 333 -58.15 9.41 -4.94
CA ALA F 333 -58.91 10.66 -5.06
C ALA F 333 -59.83 10.62 -6.27
N ASN F 334 -59.70 9.58 -7.08
CA ASN F 334 -60.51 9.38 -8.27
C ASN F 334 -61.57 8.32 -8.01
N ASN F 335 -62.15 8.37 -6.82
CA ASN F 335 -63.21 7.46 -6.41
C ASN F 335 -63.62 7.93 -5.04
N TRP F 336 -63.04 9.06 -4.64
CA TRP F 336 -63.33 9.64 -3.34
C TRP F 336 -64.78 10.08 -3.22
N LYS F 337 -65.61 9.16 -2.75
CA LYS F 337 -67.02 9.42 -2.54
C LYS F 337 -67.07 10.53 -1.50
N ALA G 1 -4.77 -13.78 33.79
CA ALA G 1 -5.36 -12.52 34.35
C ALA G 1 -5.86 -12.69 35.79
N LYS G 2 -6.32 -11.59 36.39
CA LYS G 2 -6.82 -11.63 37.76
C LYS G 2 -7.90 -10.60 38.02
N LEU G 3 -8.06 -9.62 37.13
CA LEU G 3 -9.11 -8.61 37.31
C LEU G 3 -10.28 -8.88 36.38
N LYS G 4 -11.46 -8.99 36.97
CA LYS G 4 -12.69 -9.24 36.22
C LYS G 4 -13.04 -8.02 35.38
N VAL G 5 -13.23 -8.27 34.08
CA VAL G 5 -13.53 -7.23 33.11
C VAL G 5 -14.79 -7.50 32.29
N ALA G 6 -15.73 -6.55 32.31
CA ALA G 6 -16.96 -6.72 31.54
C ALA G 6 -16.98 -5.66 30.45
N ILE G 7 -17.56 -6.01 29.31
CA ILE G 7 -17.63 -5.10 28.16
C ILE G 7 -19.07 -4.69 27.91
N ASN G 8 -19.40 -3.46 28.29
CA ASN G 8 -20.75 -2.96 28.10
C ASN G 8 -20.80 -2.16 26.81
N GLY G 9 -21.59 -2.64 25.86
CA GLY G 9 -21.69 -1.99 24.57
C GLY G 9 -20.70 -2.76 23.73
N PHE G 10 -21.19 -3.81 23.07
CA PHE G 10 -20.36 -4.68 22.24
C PHE G 10 -20.43 -4.34 20.75
N GLY G 11 -20.21 -3.06 20.46
CA GLY G 11 -20.19 -2.57 19.08
C GLY G 11 -18.77 -2.54 18.55
N ARG G 12 -18.51 -1.66 17.60
CA ARG G 12 -17.17 -1.57 17.03
C ARG G 12 -16.03 -1.57 18.05
N ILE G 13 -16.07 -0.62 18.98
CA ILE G 13 -15.01 -0.55 19.98
C ILE G 13 -15.05 -1.75 20.91
N GLY G 14 -16.26 -2.16 21.31
CA GLY G 14 -16.41 -3.29 22.19
C GLY G 14 -15.74 -4.54 21.64
N ARG G 15 -16.05 -4.88 20.40
CA ARG G 15 -15.46 -6.07 19.84
C ARG G 15 -13.97 -5.86 19.63
N ASN G 16 -13.62 -4.81 18.89
CA ASN G 16 -12.22 -4.50 18.63
C ASN G 16 -11.45 -4.67 19.92
N PHE G 17 -12.00 -4.16 21.02
CA PHE G 17 -11.34 -4.27 22.30
C PHE G 17 -11.05 -5.71 22.67
N LEU G 18 -12.07 -6.55 22.54
CA LEU G 18 -11.91 -7.96 22.88
C LEU G 18 -10.81 -8.64 22.07
N ARG G 19 -10.74 -8.35 20.79
CA ARG G 19 -9.73 -8.94 19.95
C ARG G 19 -8.35 -8.39 20.30
N CYS G 20 -8.28 -7.14 20.74
CA CYS G 20 -7.02 -6.53 21.15
C CYS G 20 -6.57 -7.27 22.40
N TRP G 21 -7.49 -7.42 23.34
CA TRP G 21 -7.21 -8.11 24.58
C TRP G 21 -6.81 -9.57 24.34
N HIS G 22 -7.45 -10.22 23.37
CA HIS G 22 -7.15 -11.61 23.05
C HIS G 22 -5.70 -11.66 22.58
N GLY G 23 -5.22 -10.52 22.10
CA GLY G 23 -3.87 -10.44 21.58
C GLY G 23 -2.73 -10.18 22.56
N ARG G 24 -3.03 -9.61 23.72
CA ARG G 24 -1.96 -9.34 24.67
C ARG G 24 -1.52 -10.63 25.34
N LYS G 25 -0.20 -10.79 25.51
CA LYS G 25 0.35 -12.00 26.14
C LYS G 25 0.44 -11.87 27.66
N ASP G 26 -0.30 -12.74 28.36
CA ASP G 26 -0.32 -12.74 29.82
C ASP G 26 -0.74 -11.39 30.39
N SER G 27 -1.98 -11.02 30.09
CA SER G 27 -2.59 -9.76 30.52
C SER G 27 -3.13 -9.90 31.95
N PRO G 28 -3.27 -8.78 32.69
CA PRO G 28 -3.77 -8.72 34.07
C PRO G 28 -5.30 -8.73 34.11
N LEU G 29 -5.90 -8.35 32.99
CA LEU G 29 -7.35 -8.28 32.87
C LEU G 29 -7.97 -9.58 32.35
N ASP G 30 -9.11 -9.95 32.93
CA ASP G 30 -9.80 -11.15 32.52
C ASP G 30 -11.23 -10.80 32.16
N ILE G 31 -11.54 -10.89 30.88
CA ILE G 31 -12.88 -10.56 30.41
C ILE G 31 -13.86 -11.67 30.72
N ILE G 32 -14.78 -11.44 31.65
CA ILE G 32 -15.73 -12.48 32.02
C ILE G 32 -17.18 -12.20 31.61
N ALA G 33 -17.41 -11.14 30.83
CA ALA G 33 -18.78 -10.85 30.42
C ALA G 33 -18.94 -9.73 29.41
N ILE G 34 -20.06 -9.80 28.68
CA ILE G 34 -20.41 -8.81 27.68
C ILE G 34 -21.88 -8.49 27.89
N ASN G 35 -22.26 -7.25 27.68
CA ASN G 35 -23.65 -6.87 27.80
C ASN G 35 -23.89 -5.93 26.66
N ASP G 36 -24.91 -6.22 25.86
CA ASP G 36 -25.25 -5.38 24.73
C ASP G 36 -26.74 -5.55 24.59
N THR G 37 -27.39 -4.61 23.93
CA THR G 37 -28.82 -4.68 23.75
C THR G 37 -29.19 -5.68 22.64
N GLY G 38 -28.17 -6.15 21.92
CA GLY G 38 -28.42 -7.10 20.85
C GLY G 38 -28.57 -8.49 21.41
N GLY G 39 -29.05 -9.41 20.58
CA GLY G 39 -29.22 -10.78 21.03
C GLY G 39 -27.93 -11.35 21.58
N VAL G 40 -28.04 -12.52 22.19
CA VAL G 40 -26.89 -13.21 22.77
C VAL G 40 -26.29 -14.13 21.71
N LYS G 41 -27.06 -14.37 20.66
CA LYS G 41 -26.67 -15.20 19.53
C LYS G 41 -25.86 -14.37 18.53
N GLN G 42 -26.23 -13.09 18.41
CA GLN G 42 -25.55 -12.17 17.51
C GLN G 42 -24.09 -12.07 17.92
N ALA G 43 -23.86 -11.56 19.13
CA ALA G 43 -22.52 -11.40 19.69
C ALA G 43 -21.50 -12.40 19.15
N SER G 44 -21.80 -13.68 19.27
CA SER G 44 -20.91 -14.72 18.78
C SER G 44 -20.52 -14.55 17.32
N HIS G 45 -21.51 -14.25 16.48
CA HIS G 45 -21.35 -14.08 15.03
C HIS G 45 -20.63 -12.80 14.60
N LEU G 46 -20.89 -11.69 15.27
CA LEU G 46 -20.25 -10.44 14.91
C LEU G 46 -18.82 -10.36 15.41
N LEU G 47 -18.48 -11.20 16.38
CA LEU G 47 -17.13 -11.22 16.93
C LEU G 47 -16.28 -12.05 16.00
N LYS G 48 -16.92 -13.00 15.34
CA LYS G 48 -16.25 -13.90 14.42
C LYS G 48 -16.11 -13.23 13.05
N TYR G 49 -17.18 -12.60 12.60
CA TYR G 49 -17.21 -11.95 11.30
C TYR G 49 -17.24 -10.44 11.38
N ASP G 50 -16.19 -9.82 10.85
CA ASP G 50 -16.09 -8.40 10.89
C ASP G 50 -15.73 -7.85 9.53
N SER G 51 -16.66 -7.12 8.92
CA SER G 51 -16.40 -6.54 7.61
C SER G 51 -15.09 -5.76 7.63
N THR G 52 -14.83 -5.04 8.72
CA THR G 52 -13.61 -4.25 8.86
C THR G 52 -12.43 -5.14 9.18
N LEU G 53 -12.36 -5.65 10.41
CA LEU G 53 -11.25 -6.50 10.85
C LEU G 53 -11.11 -7.86 10.20
N GLY G 54 -12.08 -8.24 9.39
CA GLY G 54 -12.02 -9.55 8.76
C GLY G 54 -12.56 -10.59 9.74
N ILE G 55 -12.07 -11.82 9.65
CA ILE G 55 -12.55 -12.87 10.54
C ILE G 55 -11.61 -13.07 11.73
N PHE G 56 -12.19 -13.40 12.89
CA PHE G 56 -11.44 -13.59 14.12
C PHE G 56 -10.70 -14.92 14.16
N ASP G 57 -9.38 -14.87 14.30
CA ASP G 57 -8.59 -16.10 14.32
C ASP G 57 -8.72 -16.87 15.60
N ALA G 58 -9.95 -17.10 16.02
CA ALA G 58 -10.16 -17.86 17.24
C ALA G 58 -11.39 -18.72 17.04
N ASP G 59 -11.50 -19.77 17.83
CA ASP G 59 -12.66 -20.65 17.75
C ASP G 59 -13.75 -19.96 18.54
N VAL G 60 -14.86 -19.63 17.90
CA VAL G 60 -15.95 -18.95 18.59
C VAL G 60 -17.26 -19.70 18.46
N LYS G 61 -17.85 -20.07 19.59
CA LYS G 61 -19.11 -20.81 19.57
C LYS G 61 -19.93 -20.44 20.78
N PRO G 62 -21.27 -20.33 20.61
CA PRO G 62 -22.12 -19.99 21.76
C PRO G 62 -22.19 -21.15 22.75
N SER G 63 -21.53 -21.02 23.89
CA SER G 63 -21.58 -22.06 24.91
C SER G 63 -22.85 -21.83 25.71
N GLY G 64 -23.88 -22.63 25.45
CA GLY G 64 -25.12 -22.45 26.16
C GLY G 64 -25.92 -21.37 25.46
N GLU G 65 -26.90 -20.81 26.15
CA GLU G 65 -27.74 -19.78 25.55
C GLU G 65 -27.54 -18.40 26.16
N THR G 66 -26.53 -18.26 27.02
CA THR G 66 -26.28 -16.98 27.66
C THR G 66 -24.79 -16.76 27.85
N ALA G 67 -24.01 -17.24 26.89
CA ALA G 67 -22.57 -17.10 26.97
C ALA G 67 -21.92 -17.66 25.70
N ILE G 68 -20.67 -17.27 25.45
CA ILE G 68 -19.95 -17.74 24.28
C ILE G 68 -18.56 -18.18 24.68
N SER G 69 -17.94 -18.92 23.76
CA SER G 69 -16.61 -19.45 23.96
C SER G 69 -15.65 -18.99 22.88
N VAL G 70 -14.54 -18.43 23.34
CA VAL G 70 -13.49 -17.95 22.44
C VAL G 70 -12.22 -18.72 22.79
N ASP G 71 -11.96 -19.76 22.02
CA ASP G 71 -10.80 -20.60 22.25
C ASP G 71 -10.92 -21.15 23.65
N GLY G 72 -12.06 -21.78 23.92
CA GLY G 72 -12.32 -22.38 25.21
C GLY G 72 -12.80 -21.46 26.30
N LYS G 73 -12.08 -20.35 26.52
CA LYS G 73 -12.47 -19.41 27.56
C LYS G 73 -13.89 -18.92 27.32
N ILE G 74 -14.74 -19.11 28.34
CA ILE G 74 -16.13 -18.69 28.24
C ILE G 74 -16.40 -17.32 28.80
N ILE G 75 -17.10 -16.52 28.01
CA ILE G 75 -17.43 -15.18 28.44
C ILE G 75 -18.94 -15.13 28.52
N GLN G 76 -19.45 -14.67 29.64
CA GLN G 76 -20.87 -14.60 29.85
C GLN G 76 -21.52 -13.43 29.09
N VAL G 77 -22.65 -13.69 28.44
CA VAL G 77 -23.34 -12.64 27.72
C VAL G 77 -24.64 -12.28 28.43
N VAL G 78 -24.99 -11.01 28.41
CA VAL G 78 -26.20 -10.54 29.04
C VAL G 78 -26.75 -9.44 28.14
N SER G 79 -28.01 -9.05 28.36
CA SER G 79 -28.59 -8.01 27.54
C SER G 79 -29.62 -7.22 28.30
N ASN G 80 -29.19 -6.09 28.86
CA ASN G 80 -30.06 -5.21 29.63
C ASN G 80 -29.69 -3.76 29.28
N ARG G 81 -30.68 -3.01 28.79
CA ARG G 81 -30.46 -1.61 28.43
C ARG G 81 -30.04 -0.84 29.67
N ASN G 82 -30.44 -1.30 30.86
CA ASN G 82 -30.09 -0.59 32.09
C ASN G 82 -28.89 -1.20 32.79
N PRO G 83 -27.85 -0.39 33.01
CA PRO G 83 -26.59 -0.77 33.67
C PRO G 83 -26.81 -1.11 35.13
N SER G 84 -27.74 -0.39 35.75
CA SER G 84 -28.06 -0.61 37.15
C SER G 84 -28.45 -2.08 37.37
N LEU G 85 -29.32 -2.57 36.50
CA LEU G 85 -29.81 -3.94 36.56
C LEU G 85 -28.76 -4.98 36.18
N LEU G 86 -27.53 -4.56 35.91
CA LEU G 86 -26.53 -5.53 35.50
C LEU G 86 -25.96 -6.35 36.65
N PRO G 87 -25.57 -7.61 36.36
CA PRO G 87 -25.00 -8.63 37.25
C PRO G 87 -23.52 -8.46 37.63
N TRP G 88 -23.09 -7.23 37.86
CA TRP G 88 -21.69 -6.98 38.19
C TRP G 88 -21.31 -7.41 39.60
N LYS G 89 -22.13 -7.06 40.57
CA LYS G 89 -21.87 -7.46 41.94
C LYS G 89 -21.58 -8.96 41.96
N GLU G 90 -22.48 -9.71 41.32
CA GLU G 90 -22.36 -11.17 41.28
C GLU G 90 -21.18 -11.71 40.51
N LEU G 91 -20.80 -11.04 39.43
CA LEU G 91 -19.66 -11.46 38.63
C LEU G 91 -18.35 -10.99 39.24
N GLY G 92 -18.46 -10.16 40.27
CA GLY G 92 -17.27 -9.65 40.92
C GLY G 92 -16.49 -8.78 39.95
N ILE G 93 -17.20 -8.17 39.01
CA ILE G 93 -16.59 -7.30 38.01
C ILE G 93 -15.76 -6.22 38.69
N ASP G 94 -14.54 -6.02 38.18
CA ASP G 94 -13.65 -5.02 38.73
C ASP G 94 -13.73 -3.73 37.93
N ILE G 95 -13.60 -3.87 36.61
CA ILE G 95 -13.63 -2.73 35.71
C ILE G 95 -14.62 -2.94 34.59
N VAL G 96 -15.50 -1.97 34.37
CA VAL G 96 -16.42 -2.08 33.27
C VAL G 96 -15.94 -1.16 32.18
N ILE G 97 -15.89 -1.69 30.97
CA ILE G 97 -15.46 -0.92 29.83
C ILE G 97 -16.70 -0.43 29.11
N GLU G 98 -17.09 0.78 29.46
CA GLU G 98 -18.28 1.40 28.90
C GLU G 98 -18.06 1.83 27.45
N GLY G 99 -18.64 1.07 26.53
CA GLY G 99 -18.50 1.38 25.12
C GLY G 99 -19.81 1.51 24.35
N THR G 100 -20.87 1.89 25.06
CA THR G 100 -22.17 2.08 24.42
C THR G 100 -22.20 3.46 23.79
N GLY G 101 -21.48 4.39 24.43
CA GLY G 101 -21.43 5.75 23.95
C GLY G 101 -22.57 6.58 24.51
N VAL G 102 -23.36 6.00 25.42
CA VAL G 102 -24.49 6.71 26.01
C VAL G 102 -24.28 6.98 27.49
N PHE G 103 -23.35 6.27 28.11
CA PHE G 103 -23.08 6.47 29.53
C PHE G 103 -21.70 7.07 29.63
N VAL G 104 -21.65 8.40 29.53
CA VAL G 104 -20.39 9.11 29.55
C VAL G 104 -20.34 10.18 30.63
N ASP G 105 -21.34 10.21 31.49
CA ASP G 105 -21.38 11.18 32.56
C ASP G 105 -21.48 10.44 33.89
N ARG G 106 -20.75 10.93 34.89
CA ARG G 106 -20.72 10.34 36.24
C ARG G 106 -21.93 9.50 36.63
N GLU G 107 -23.10 10.08 36.41
CA GLU G 107 -24.38 9.46 36.73
C GLU G 107 -24.75 8.32 35.78
N GLY G 108 -24.45 8.49 34.50
CA GLY G 108 -24.73 7.45 33.54
C GLY G 108 -23.79 6.30 33.81
N ALA G 109 -22.50 6.60 33.81
CA ALA G 109 -21.48 5.59 34.04
C ALA G 109 -21.49 5.07 35.48
N GLY G 110 -21.92 5.91 36.43
CA GLY G 110 -21.95 5.52 37.82
C GLY G 110 -22.94 4.43 38.17
N LYS G 111 -23.82 4.11 37.22
CA LYS G 111 -24.81 3.07 37.41
C LYS G 111 -24.11 1.72 37.43
N HIS G 112 -23.04 1.61 36.65
CA HIS G 112 -22.24 0.40 36.59
C HIS G 112 -21.60 0.12 37.93
N ILE G 113 -21.30 1.17 38.67
CA ILE G 113 -20.68 1.01 39.98
C ILE G 113 -21.75 0.43 40.88
N GLU G 114 -22.96 1.00 40.78
CA GLU G 114 -24.12 0.56 41.56
C GLU G 114 -24.44 -0.89 41.20
N ALA G 115 -24.31 -1.22 39.92
CA ALA G 115 -24.58 -2.56 39.45
C ALA G 115 -23.64 -3.55 40.14
N GLY G 116 -22.47 -3.09 40.53
CA GLY G 116 -21.52 -3.96 41.17
C GLY G 116 -20.03 -3.74 40.85
N ALA G 117 -19.72 -3.26 39.65
CA ALA G 117 -18.33 -3.04 39.27
C ALA G 117 -17.63 -2.07 40.21
N LYS G 118 -16.30 -2.06 40.16
CA LYS G 118 -15.51 -1.18 41.01
C LYS G 118 -14.97 0.06 40.26
N LYS G 119 -14.84 -0.04 38.94
CA LYS G 119 -14.37 1.06 38.11
C LYS G 119 -14.98 0.98 36.74
N VAL G 120 -14.93 2.08 36.02
CA VAL G 120 -15.48 2.10 34.70
C VAL G 120 -14.53 2.89 33.82
N ILE G 121 -14.32 2.45 32.59
CA ILE G 121 -13.46 3.16 31.66
C ILE G 121 -14.30 3.54 30.44
N ILE G 122 -14.72 4.80 30.39
CA ILE G 122 -15.54 5.29 29.30
C ILE G 122 -14.69 5.44 28.03
N THR G 123 -15.02 4.68 26.98
CA THR G 123 -14.26 4.75 25.73
C THR G 123 -14.66 5.98 24.92
N ALA G 124 -14.62 7.15 25.56
CA ALA G 124 -14.98 8.38 24.87
C ALA G 124 -14.80 9.57 25.77
N PRO G 125 -14.88 10.78 25.20
CA PRO G 125 -14.74 12.00 25.99
C PRO G 125 -15.78 11.94 27.11
N GLY G 126 -15.35 12.19 28.34
CA GLY G 126 -16.30 12.11 29.44
C GLY G 126 -16.84 13.41 29.97
N LYS G 127 -18.11 13.69 29.71
CA LYS G 127 -18.74 14.91 30.21
C LYS G 127 -18.59 15.02 31.72
N GLY G 128 -18.58 16.24 32.23
CA GLY G 128 -18.45 16.45 33.67
C GLY G 128 -17.03 16.37 34.19
N ASP G 129 -16.89 16.59 35.50
CA ASP G 129 -15.59 16.56 36.14
C ASP G 129 -15.03 15.13 36.12
N ILE G 130 -14.86 14.58 34.92
CA ILE G 130 -14.35 13.23 34.77
C ILE G 130 -12.92 13.22 34.27
N PRO G 131 -12.03 12.51 34.99
CA PRO G 131 -10.61 12.38 34.66
C PRO G 131 -10.42 11.81 33.27
N THR G 132 -9.52 12.43 32.51
CA THR G 132 -9.23 11.98 31.15
C THR G 132 -7.74 11.70 31.01
N TYR G 133 -7.40 10.52 30.49
CA TYR G 133 -6.02 10.08 30.30
C TYR G 133 -5.74 9.57 28.88
N VAL G 134 -4.52 9.80 28.39
CA VAL G 134 -4.12 9.38 27.03
C VAL G 134 -2.81 8.57 27.02
N VAL G 135 -2.81 7.44 27.74
CA VAL G 135 -1.65 6.55 27.82
C VAL G 135 -0.40 6.99 27.08
N GLY G 136 0.62 7.36 27.85
CA GLY G 136 1.87 7.81 27.27
C GLY G 136 2.03 9.24 27.74
N VAL G 137 0.98 10.03 27.56
CA VAL G 137 0.96 11.42 27.99
C VAL G 137 0.74 11.39 29.50
N ASN G 138 -0.41 11.91 29.92
CA ASN G 138 -0.76 11.95 31.33
C ASN G 138 -1.17 10.59 31.83
N ALA G 139 -0.76 9.56 31.10
CA ALA G 139 -1.09 8.21 31.49
C ALA G 139 -0.85 8.02 32.98
N ASP G 140 0.43 8.08 33.37
CA ASP G 140 0.89 7.91 34.75
C ASP G 140 0.18 8.79 35.78
N ALA G 141 -0.75 9.62 35.33
CA ALA G 141 -1.47 10.51 36.23
C ALA G 141 -2.62 9.82 36.95
N TYR G 142 -3.05 8.67 36.43
CA TYR G 142 -4.16 7.94 37.04
C TYR G 142 -4.04 7.74 38.55
N SER G 143 -5.10 8.17 39.23
CA SER G 143 -5.22 8.07 40.67
C SER G 143 -6.14 6.87 40.96
N HIS G 144 -5.67 5.91 41.75
CA HIS G 144 -6.48 4.73 42.04
C HIS G 144 -7.82 5.04 42.73
N ASP G 145 -7.97 6.26 43.23
CA ASP G 145 -9.20 6.65 43.92
C ASP G 145 -10.28 7.15 42.95
N GLU G 146 -9.99 7.11 41.66
CA GLU G 146 -10.95 7.55 40.66
C GLU G 146 -11.61 6.30 40.10
N PRO G 147 -12.93 6.18 40.31
CA PRO G 147 -13.76 5.06 39.87
C PRO G 147 -14.21 5.14 38.42
N ILE G 148 -14.36 6.35 37.91
CA ILE G 148 -14.78 6.59 36.51
C ILE G 148 -13.72 7.42 35.81
N ILE G 149 -13.20 6.91 34.70
CA ILE G 149 -12.18 7.63 33.95
C ILE G 149 -12.35 7.51 32.44
N SER G 150 -12.10 8.62 31.75
CA SER G 150 -12.23 8.66 30.29
C SER G 150 -10.92 8.39 29.56
N ASN G 151 -11.01 7.85 28.35
CA ASN G 151 -9.83 7.56 27.57
C ASN G 151 -9.82 8.48 26.33
N ALA G 152 -10.61 9.55 26.40
CA ALA G 152 -10.73 10.54 25.32
C ALA G 152 -11.28 10.01 24.01
N SER G 153 -11.01 10.73 22.92
CA SER G 153 -11.47 10.30 21.61
C SER G 153 -10.37 9.65 20.77
N CYS G 154 -10.77 9.07 19.66
CA CYS G 154 -9.82 8.43 18.78
C CYS G 154 -8.94 9.51 18.19
N THR G 155 -9.55 10.68 18.01
CA THR G 155 -8.84 11.83 17.45
C THR G 155 -7.90 12.47 18.46
N THR G 156 -8.23 12.38 19.74
CA THR G 156 -7.38 12.96 20.77
C THR G 156 -6.21 12.05 21.10
N ASN G 157 -6.40 10.74 20.96
CA ASN G 157 -5.31 9.82 21.25
C ASN G 157 -4.24 9.92 20.17
N CYS G 158 -4.56 10.67 19.13
CA CYS G 158 -3.61 10.85 18.05
C CYS G 158 -2.73 12.06 18.34
N LEU G 159 -3.37 13.23 18.39
CA LEU G 159 -2.71 14.50 18.66
C LEU G 159 -1.85 14.43 19.91
N ALA G 160 -2.50 14.57 21.06
CA ALA G 160 -1.83 14.54 22.34
C ALA G 160 -0.43 13.92 22.27
N PRO G 161 -0.33 12.63 21.89
CA PRO G 161 0.97 11.96 21.79
C PRO G 161 2.10 12.75 21.14
N PHE G 162 1.88 13.27 19.92
CA PHE G 162 2.94 14.01 19.28
C PHE G 162 2.96 15.49 19.65
N VAL G 163 1.82 16.04 20.05
CA VAL G 163 1.77 17.44 20.45
C VAL G 163 2.65 17.65 21.68
N LYS G 164 2.89 16.59 22.43
CA LYS G 164 3.72 16.67 23.64
C LYS G 164 5.20 16.79 23.24
N VAL G 165 5.58 16.04 22.21
CA VAL G 165 6.96 16.06 21.70
C VAL G 165 7.21 17.42 21.02
N LEU G 166 6.20 17.95 20.35
CA LEU G 166 6.28 19.25 19.67
C LEU G 166 6.47 20.36 20.68
N ASP G 167 5.56 20.42 21.64
CA ASP G 167 5.58 21.44 22.68
C ASP G 167 6.83 21.39 23.53
N GLN G 168 6.87 20.40 24.41
CA GLN G 168 7.97 20.23 25.34
C GLN G 168 9.35 20.02 24.72
N LYS G 169 9.52 20.53 23.50
CA LYS G 169 10.80 20.44 22.81
C LYS G 169 10.95 21.63 21.86
N PHE G 170 9.84 22.10 21.30
CA PHE G 170 9.86 23.24 20.39
C PHE G 170 8.86 24.28 20.83
N GLY G 171 8.19 24.02 21.94
CA GLY G 171 7.19 24.94 22.45
C GLY G 171 6.09 25.20 21.45
N ILE G 172 4.88 24.70 21.71
CA ILE G 172 3.78 24.93 20.80
C ILE G 172 3.18 26.29 21.12
N ILE G 173 3.62 27.32 20.39
CA ILE G 173 3.10 28.66 20.63
C ILE G 173 1.57 28.60 20.60
N LYS G 174 1.04 28.19 19.46
CA LYS G 174 -0.40 28.13 19.31
C LYS G 174 -0.64 27.58 17.90
N GLY G 175 -1.47 26.54 17.79
CA GLY G 175 -1.75 25.93 16.48
C GLY G 175 -3.18 25.45 16.19
N THR G 176 -3.35 24.77 15.05
CA THR G 176 -4.67 24.24 14.65
C THR G 176 -4.63 22.75 14.28
N MET G 177 -5.81 22.19 13.95
CA MET G 177 -5.94 20.77 13.60
C MET G 177 -7.19 20.44 12.81
N THR G 178 -7.09 19.44 11.94
CA THR G 178 -8.22 18.95 11.17
C THR G 178 -8.06 17.48 10.89
N THR G 179 -9.08 16.72 11.28
CA THR G 179 -9.07 15.27 11.12
C THR G 179 -9.90 14.79 9.92
N THR G 180 -9.23 14.02 9.07
CA THR G 180 -9.86 13.41 7.90
C THR G 180 -10.20 12.06 8.52
N HIS G 181 -11.46 11.94 8.96
CA HIS G 181 -11.95 10.77 9.67
C HIS G 181 -12.90 9.90 8.84
N SER G 182 -12.70 8.59 8.96
CA SER G 182 -13.55 7.62 8.28
C SER G 182 -14.90 7.81 8.95
N TYR G 183 -15.99 7.41 8.29
CA TYR G 183 -17.30 7.56 8.89
C TYR G 183 -17.50 6.61 10.08
N THR G 184 -18.57 6.83 10.83
CA THR G 184 -18.90 6.03 12.00
C THR G 184 -20.40 5.79 12.15
N GLY G 185 -20.76 4.77 12.95
CA GLY G 185 -22.16 4.43 13.19
C GLY G 185 -22.93 5.59 13.77
N ASP G 186 -22.21 6.71 13.86
CA ASP G 186 -22.69 7.97 14.35
C ASP G 186 -23.65 8.53 13.31
N GLN G 187 -23.18 8.47 12.06
CA GLN G 187 -23.87 8.95 10.86
C GLN G 187 -24.91 7.99 10.33
N ARG G 188 -25.71 8.47 9.37
CA ARG G 188 -26.77 7.68 8.73
C ARG G 188 -26.33 7.07 7.39
N LEU G 189 -26.82 5.89 7.08
CA LEU G 189 -26.45 5.24 5.82
C LEU G 189 -26.96 6.08 4.66
N LEU G 190 -28.10 6.72 4.88
CA LEU G 190 -28.72 7.57 3.88
C LEU G 190 -29.32 8.73 4.65
N ASP G 191 -29.78 9.75 3.93
CA ASP G 191 -30.39 10.90 4.58
C ASP G 191 -31.60 10.43 5.35
N ALA G 192 -31.60 10.75 6.65
CA ALA G 192 -32.70 10.41 7.55
C ALA G 192 -32.52 11.36 8.71
N SER G 193 -33.60 11.62 9.45
CA SER G 193 -33.54 12.55 10.58
C SER G 193 -32.44 12.22 11.56
N HIS G 194 -31.84 13.26 12.14
CA HIS G 194 -30.75 13.12 13.11
C HIS G 194 -30.49 14.54 13.62
N ARG G 195 -30.65 14.76 14.92
CA ARG G 195 -30.47 16.09 15.50
C ARG G 195 -29.37 16.96 14.86
N ASP G 196 -28.32 16.31 14.35
CA ASP G 196 -27.22 17.02 13.69
C ASP G 196 -27.39 16.89 12.18
N LEU G 197 -27.84 17.97 11.52
CA LEU G 197 -28.06 17.93 10.09
C LEU G 197 -26.88 17.40 9.27
N ARG G 198 -25.65 17.65 9.74
CA ARG G 198 -24.44 17.19 9.04
C ARG G 198 -24.29 15.66 9.09
N ARG G 199 -24.70 15.07 10.22
CA ARG G 199 -24.62 13.61 10.40
C ARG G 199 -25.79 12.89 9.76
N ALA G 200 -26.91 13.60 9.62
CA ALA G 200 -28.11 13.01 9.03
C ALA G 200 -27.96 12.68 7.56
N ARG G 201 -26.77 12.93 7.02
CA ARG G 201 -26.48 12.72 5.59
C ARG G 201 -25.74 11.43 5.22
N ALA G 202 -25.99 10.95 4.01
CA ALA G 202 -25.41 9.73 3.40
C ALA G 202 -24.18 9.05 4.02
N ALA G 203 -23.22 9.83 4.48
CA ALA G 203 -22.03 9.28 5.12
C ALA G 203 -21.37 8.11 4.40
N ALA G 204 -21.57 7.99 3.11
CA ALA G 204 -20.97 6.90 2.36
C ALA G 204 -20.94 7.38 0.94
N LEU G 205 -21.51 8.56 0.77
CA LEU G 205 -21.62 9.19 -0.52
C LEU G 205 -20.87 10.51 -0.54
N ASN G 206 -20.89 11.21 0.59
CA ASN G 206 -20.22 12.51 0.66
C ASN G 206 -19.13 12.69 1.71
N ILE G 207 -18.63 13.92 1.78
CA ILE G 207 -17.60 14.30 2.74
C ILE G 207 -18.33 15.18 3.71
N VAL G 208 -18.48 14.67 4.93
CA VAL G 208 -19.15 15.40 5.99
C VAL G 208 -18.16 15.87 7.04
N PRO G 209 -18.28 17.14 7.44
CA PRO G 209 -17.39 17.67 8.45
C PRO G 209 -18.23 17.77 9.70
N THR G 210 -17.60 17.95 10.86
CA THR G 210 -18.38 18.06 12.06
C THR G 210 -17.50 18.47 13.23
N SER G 211 -18.12 18.87 14.33
CA SER G 211 -17.39 19.33 15.51
C SER G 211 -16.62 18.23 16.21
N THR G 212 -15.54 18.63 16.90
CA THR G 212 -14.70 17.69 17.64
C THR G 212 -14.01 18.35 18.81
N GLY G 213 -14.51 18.09 20.01
CA GLY G 213 -13.89 18.67 21.19
C GLY G 213 -12.52 18.07 21.42
N ALA G 214 -12.03 17.30 20.45
CA ALA G 214 -10.72 16.67 20.55
C ALA G 214 -9.67 17.76 20.69
N ALA G 215 -9.91 18.85 19.99
CA ALA G 215 -9.05 20.01 20.02
C ALA G 215 -8.85 20.44 21.47
N LYS G 216 -9.87 21.10 22.00
CA LYS G 216 -9.90 21.56 23.37
C LYS G 216 -9.40 20.46 24.31
N ALA G 217 -9.82 19.23 24.01
CA ALA G 217 -9.46 18.06 24.79
C ALA G 217 -7.98 17.95 25.17
N VAL G 218 -7.09 18.05 24.19
CA VAL G 218 -5.66 17.92 24.47
C VAL G 218 -5.24 18.75 25.67
N ALA G 219 -5.88 19.92 25.81
CA ALA G 219 -5.59 20.80 26.92
C ALA G 219 -5.56 19.97 28.20
N LEU G 220 -6.50 19.04 28.30
CA LEU G 220 -6.66 18.14 29.45
C LEU G 220 -5.45 17.31 29.84
N VAL G 221 -4.91 16.59 28.86
CA VAL G 221 -3.72 15.78 29.11
C VAL G 221 -2.50 16.67 29.12
N LEU G 222 -2.56 17.73 28.33
CA LEU G 222 -1.46 18.68 28.22
C LEU G 222 -2.00 20.05 28.63
N PRO G 223 -1.92 20.36 29.94
CA PRO G 223 -2.39 21.63 30.51
C PRO G 223 -1.78 22.85 29.81
N ASN G 224 -0.46 22.83 29.66
CA ASN G 224 0.28 23.92 29.00
C ASN G 224 -0.45 24.43 27.79
N LEU G 225 -0.81 23.48 26.93
CA LEU G 225 -1.47 23.74 25.67
C LEU G 225 -2.96 24.09 25.80
N LYS G 226 -3.37 24.49 26.99
CA LYS G 226 -4.77 24.83 27.23
C LYS G 226 -5.29 25.96 26.33
N GLY G 227 -6.49 25.77 25.81
CA GLY G 227 -7.13 26.77 24.97
C GLY G 227 -6.41 27.21 23.70
N LYS G 228 -5.10 26.99 23.63
CA LYS G 228 -4.35 27.40 22.46
C LYS G 228 -4.89 26.73 21.17
N LEU G 229 -5.08 25.41 21.23
CA LEU G 229 -5.58 24.62 20.10
C LEU G 229 -7.07 24.65 19.77
N ASN G 230 -7.39 24.03 18.65
CA ASN G 230 -8.76 23.93 18.15
C ASN G 230 -8.79 23.15 16.82
N GLY G 231 -9.88 23.28 16.06
CA GLY G 231 -9.95 22.58 14.79
C GLY G 231 -11.29 21.94 14.48
N ILE G 232 -11.35 21.20 13.37
CA ILE G 232 -12.58 20.54 12.99
C ILE G 232 -12.35 19.10 12.59
N ALA G 233 -13.40 18.47 12.04
CA ALA G 233 -13.35 17.08 11.61
C ALA G 233 -14.03 16.86 10.26
N LEU G 234 -13.37 16.07 9.40
CA LEU G 234 -13.91 15.75 8.08
C LEU G 234 -14.14 14.25 7.87
N ARG G 235 -15.42 13.87 7.92
CA ARG G 235 -15.88 12.50 7.73
C ARG G 235 -15.97 12.18 6.24
N VAL G 236 -15.19 11.21 5.78
CA VAL G 236 -15.17 10.84 4.37
C VAL G 236 -15.47 9.35 4.17
N PRO G 237 -16.17 8.99 3.07
CA PRO G 237 -16.52 7.61 2.77
C PRO G 237 -15.41 6.55 2.87
N THR G 238 -14.92 6.30 4.07
CA THR G 238 -13.91 5.28 4.34
C THR G 238 -14.35 4.60 5.63
N PRO G 239 -14.51 3.26 5.60
CA PRO G 239 -14.94 2.50 6.76
C PRO G 239 -14.05 2.67 7.99
N ASN G 240 -12.74 2.73 7.78
CA ASN G 240 -11.86 2.88 8.92
C ASN G 240 -10.50 3.48 8.59
N VAL G 241 -9.79 3.87 9.65
CA VAL G 241 -8.47 4.49 9.61
C VAL G 241 -8.59 5.98 9.33
N SER G 242 -8.10 6.80 10.27
CA SER G 242 -8.17 8.25 10.13
C SER G 242 -6.81 8.95 10.26
N VAL G 243 -6.79 10.25 10.02
CA VAL G 243 -5.55 11.03 10.10
C VAL G 243 -5.81 12.48 10.53
N VAL G 244 -4.85 13.05 11.24
CA VAL G 244 -4.98 14.43 11.71
C VAL G 244 -4.13 15.37 10.83
N ASP G 245 -4.51 16.66 10.82
CA ASP G 245 -3.84 17.69 10.03
C ASP G 245 -3.53 18.90 10.92
N LEU G 246 -2.65 18.70 11.90
CA LEU G 246 -2.30 19.76 12.84
C LEU G 246 -1.28 20.75 12.28
N VAL G 247 -1.44 22.02 12.67
CA VAL G 247 -0.53 23.09 12.28
C VAL G 247 -0.25 24.03 13.46
N VAL G 248 0.82 23.73 14.18
CA VAL G 248 1.24 24.50 15.33
C VAL G 248 2.46 25.35 15.00
N GLN G 249 2.49 26.56 15.54
CA GLN G 249 3.60 27.48 15.36
C GLN G 249 4.44 27.38 16.62
N VAL G 250 5.64 26.81 16.50
CA VAL G 250 6.50 26.65 17.68
C VAL G 250 7.17 27.95 18.15
N SER G 251 8.00 27.83 19.19
CA SER G 251 8.71 28.97 19.77
C SER G 251 10.19 28.98 19.36
N LYS G 252 10.65 27.82 18.91
CA LYS G 252 12.04 27.66 18.48
C LYS G 252 12.00 27.34 16.99
N LYS G 253 12.65 28.16 16.16
CA LYS G 253 12.69 27.88 14.73
C LYS G 253 13.18 26.45 14.59
N THR G 254 12.90 25.81 13.45
CA THR G 254 13.36 24.44 13.24
C THR G 254 13.17 23.97 11.81
N PHE G 255 13.49 22.71 11.57
CA PHE G 255 13.39 22.13 10.25
C PHE G 255 12.61 20.82 10.32
N ALA G 256 12.23 20.30 9.16
CA ALA G 256 11.47 19.07 9.11
C ALA G 256 12.23 17.95 9.78
N GLU G 257 13.42 17.66 9.26
CA GLU G 257 14.29 16.61 9.78
C GLU G 257 14.34 16.57 11.30
N GLU G 258 14.55 17.75 11.89
CA GLU G 258 14.64 17.91 13.33
C GLU G 258 13.30 17.62 14.03
N VAL G 259 12.22 18.01 13.36
CA VAL G 259 10.88 17.78 13.88
C VAL G 259 10.72 16.27 14.13
N ASN G 260 11.05 15.49 13.12
CA ASN G 260 10.92 14.05 13.16
C ASN G 260 11.90 13.30 14.06
N ALA G 261 13.13 13.80 14.14
CA ALA G 261 14.16 13.18 14.98
C ALA G 261 13.84 13.34 16.46
N ALA G 262 12.68 13.94 16.74
CA ALA G 262 12.20 14.15 18.09
C ALA G 262 11.19 13.04 18.29
N PHE G 263 10.35 12.88 17.29
CA PHE G 263 9.33 11.86 17.31
C PHE G 263 10.08 10.55 17.46
N ARG G 264 11.20 10.44 16.73
CA ARG G 264 12.03 9.25 16.72
C ARG G 264 12.59 8.82 18.09
N ASP G 265 13.23 9.75 18.80
CA ASP G 265 13.80 9.44 20.11
C ASP G 265 12.71 9.04 21.10
N SER G 266 11.63 9.79 21.09
CA SER G 266 10.49 9.49 21.96
C SER G 266 10.08 8.10 21.54
N ALA G 267 9.73 7.97 20.26
CA ALA G 267 9.30 6.71 19.64
C ALA G 267 10.09 5.50 20.11
N GLU G 268 11.34 5.70 20.50
CA GLU G 268 12.17 4.57 20.93
C GLU G 268 12.59 4.59 22.41
N LYS G 269 11.88 5.38 23.23
CA LYS G 269 12.18 5.45 24.66
C LYS G 269 10.89 5.50 25.49
N GLU G 270 10.38 6.72 25.68
CA GLU G 270 9.17 6.94 26.47
C GLU G 270 7.89 7.08 25.62
N LEU G 271 7.95 6.57 24.38
CA LEU G 271 6.82 6.56 23.45
C LEU G 271 6.86 5.24 22.70
N LYS G 272 7.65 4.31 23.25
CA LYS G 272 7.80 2.97 22.67
C LYS G 272 6.48 2.25 22.96
N GLY G 273 5.63 2.18 21.93
CA GLY G 273 4.35 1.51 22.09
C GLY G 273 3.21 2.48 21.85
N ILE G 274 3.53 3.78 21.84
CA ILE G 274 2.52 4.79 21.62
C ILE G 274 2.73 5.44 20.25
N LEU G 275 3.89 6.07 20.06
CA LEU G 275 4.19 6.72 18.79
C LEU G 275 5.18 5.98 17.89
N ASP G 276 4.95 6.11 16.58
CA ASP G 276 5.81 5.51 15.57
C ASP G 276 5.77 6.37 14.30
N VAL G 277 6.87 6.35 13.56
CA VAL G 277 7.00 7.12 12.33
C VAL G 277 7.19 6.20 11.12
N CYS G 278 6.43 6.48 10.06
CA CYS G 278 6.54 5.68 8.84
C CYS G 278 7.06 6.56 7.71
N ASP G 279 8.17 6.14 7.11
CA ASP G 279 8.79 6.89 6.04
C ASP G 279 8.23 6.52 4.68
N GLU G 280 8.02 5.22 4.47
CA GLU G 280 7.48 4.73 3.21
C GLU G 280 6.16 5.42 2.91
N PRO G 281 5.88 5.66 1.63
CA PRO G 281 4.63 6.32 1.26
C PRO G 281 3.46 5.33 1.20
N LEU G 282 2.61 5.34 2.22
CA LEU G 282 1.50 4.43 2.24
C LEU G 282 0.17 5.17 2.16
N VAL G 283 -0.92 4.40 2.22
CA VAL G 283 -2.28 4.94 2.18
C VAL G 283 -3.03 4.43 3.41
N SER G 284 -4.19 5.02 3.70
CA SER G 284 -5.00 4.62 4.85
C SER G 284 -4.99 3.10 5.00
N VAL G 285 -5.54 2.43 3.99
CA VAL G 285 -5.60 0.99 3.98
C VAL G 285 -4.41 0.28 4.62
N ASP G 286 -3.23 0.90 4.59
CA ASP G 286 -2.04 0.25 5.14
C ASP G 286 -1.82 0.43 6.62
N PHE G 287 -2.65 1.27 7.23
CA PHE G 287 -2.51 1.52 8.63
C PHE G 287 -3.48 0.73 9.49
N ARG G 288 -4.30 -0.09 8.86
CA ARG G 288 -5.26 -0.90 9.59
C ARG G 288 -4.53 -1.82 10.54
N CYS G 289 -5.05 -1.92 11.75
CA CYS G 289 -4.46 -2.76 12.79
C CYS G 289 -3.11 -2.22 13.28
N SER G 290 -3.00 -0.89 13.37
CA SER G 290 -1.78 -0.25 13.82
C SER G 290 -1.87 -0.01 15.31
N ASP G 291 -1.02 -0.71 16.07
CA ASP G 291 -1.01 -0.57 17.52
C ASP G 291 -0.65 0.84 18.02
N PHE G 292 -0.15 1.68 17.12
CA PHE G 292 0.28 3.02 17.46
C PHE G 292 -0.75 4.14 17.47
N SER G 293 -0.90 4.78 18.64
CA SER G 293 -1.83 5.90 18.85
C SER G 293 -1.75 6.91 17.71
N THR G 294 -0.52 7.25 17.33
CA THR G 294 -0.31 8.19 16.24
C THR G 294 0.96 7.77 15.50
N THR G 295 0.86 7.70 14.18
CA THR G 295 1.99 7.32 13.34
C THR G 295 2.36 8.50 12.45
N ILE G 296 3.54 9.03 12.70
CA ILE G 296 4.06 10.16 11.97
C ILE G 296 4.54 9.76 10.58
N ASP G 297 3.89 10.32 9.56
CA ASP G 297 4.29 10.03 8.20
C ASP G 297 5.32 11.07 7.77
N SER G 298 6.58 10.81 8.10
CA SER G 298 7.68 11.72 7.80
C SER G 298 7.62 12.44 6.44
N SER G 299 7.48 11.67 5.36
CA SER G 299 7.41 12.24 4.02
C SER G 299 6.22 13.17 3.82
N LEU G 300 5.75 13.75 4.92
CA LEU G 300 4.62 14.66 4.90
C LEU G 300 4.99 15.87 5.75
N THR G 301 5.85 15.64 6.73
CA THR G 301 6.29 16.68 7.65
C THR G 301 6.77 17.91 6.87
N MET G 302 6.46 19.10 7.38
CA MET G 302 6.86 20.34 6.72
C MET G 302 7.28 21.38 7.74
N VAL G 303 8.03 22.38 7.29
CA VAL G 303 8.46 23.50 8.14
C VAL G 303 8.23 24.75 7.30
N MET G 304 7.11 25.40 7.52
CA MET G 304 6.77 26.58 6.76
C MET G 304 7.14 27.89 7.47
N GLY G 305 7.84 28.78 6.77
CA GLY G 305 8.23 30.05 7.37
C GLY G 305 9.14 29.87 8.57
N ASP G 306 9.80 28.71 8.60
CA ASP G 306 10.75 28.31 9.66
C ASP G 306 10.18 28.03 11.07
N ASP G 307 8.99 28.54 11.39
CA ASP G 307 8.42 28.31 12.72
C ASP G 307 7.01 27.67 12.81
N MET G 308 6.32 27.53 11.68
CA MET G 308 4.98 26.92 11.66
C MET G 308 4.96 25.51 11.07
N VAL G 309 5.10 24.48 11.93
CA VAL G 309 5.13 23.09 11.49
C VAL G 309 3.72 22.52 11.22
N LYS G 310 3.65 21.64 10.23
CA LYS G 310 2.41 20.97 9.87
C LYS G 310 2.73 19.49 9.91
N VAL G 311 2.30 18.84 10.99
CA VAL G 311 2.54 17.41 11.17
C VAL G 311 1.24 16.66 10.81
N ILE G 312 1.40 15.57 10.04
CA ILE G 312 0.30 14.71 9.61
C ILE G 312 0.53 13.23 9.95
N ALA G 313 -0.18 12.77 10.98
CA ALA G 313 -0.09 11.39 11.47
C ALA G 313 -1.40 10.64 11.27
N TRP G 314 -1.28 9.32 11.13
CA TRP G 314 -2.46 8.49 10.94
C TRP G 314 -2.75 7.72 12.22
N TYR G 315 -3.97 7.20 12.29
CA TYR G 315 -4.41 6.41 13.43
C TYR G 315 -5.58 5.51 13.04
N ASP G 316 -5.67 4.34 13.68
CA ASP G 316 -6.76 3.41 13.44
C ASP G 316 -7.73 3.72 14.58
N ASN G 317 -8.69 4.58 14.30
CA ASN G 317 -9.69 4.99 15.29
C ASN G 317 -10.23 3.79 16.09
N GLU G 318 -10.57 2.71 15.41
CA GLU G 318 -11.08 1.54 16.09
C GLU G 318 -9.97 0.79 16.78
N TRP G 319 -9.09 0.19 15.98
CA TRP G 319 -8.01 -0.63 16.51
C TRP G 319 -7.01 0.08 17.39
N GLY G 320 -6.49 1.20 16.90
CA GLY G 320 -5.52 1.94 17.67
C GLY G 320 -6.09 2.29 19.03
N TYR G 321 -7.17 3.06 19.02
CA TYR G 321 -7.84 3.49 20.24
C TYR G 321 -8.03 2.34 21.26
N SER G 322 -8.71 1.28 20.84
CA SER G 322 -8.98 0.12 21.69
C SER G 322 -7.72 -0.37 22.36
N GLN G 323 -6.64 -0.42 21.57
CA GLN G 323 -5.37 -0.89 22.10
C GLN G 323 -4.97 -0.06 23.30
N ARG G 324 -5.30 1.23 23.26
CA ARG G 324 -4.98 2.13 24.37
C ARG G 324 -5.91 1.86 25.53
N VAL G 325 -7.16 1.51 25.20
CA VAL G 325 -8.15 1.18 26.23
C VAL G 325 -7.60 0.00 27.05
N VAL G 326 -7.06 -1.01 26.37
CA VAL G 326 -6.49 -2.15 27.06
C VAL G 326 -5.37 -1.61 27.94
N ASP G 327 -4.45 -0.88 27.32
CA ASP G 327 -3.31 -0.29 28.03
C ASP G 327 -3.84 0.43 29.25
N LEU G 328 -4.74 1.39 29.01
CA LEU G 328 -5.31 2.15 30.10
C LEU G 328 -5.74 1.17 31.19
N ALA G 329 -6.43 0.12 30.77
CA ALA G 329 -6.90 -0.90 31.70
C ALA G 329 -5.74 -1.61 32.37
N ASP G 330 -4.71 -1.95 31.60
CA ASP G 330 -3.57 -2.63 32.21
C ASP G 330 -3.10 -1.78 33.35
N ILE G 331 -2.94 -0.48 33.09
CA ILE G 331 -2.49 0.47 34.10
C ILE G 331 -3.38 0.40 35.31
N VAL G 332 -4.64 0.75 35.11
CA VAL G 332 -5.63 0.73 36.17
C VAL G 332 -5.48 -0.53 37.00
N ALA G 333 -5.34 -1.66 36.30
CA ALA G 333 -5.19 -2.95 36.96
C ALA G 333 -3.87 -2.97 37.74
N ASN G 334 -2.82 -2.42 37.13
CA ASN G 334 -1.51 -2.38 37.77
C ASN G 334 -1.46 -1.39 38.95
N ASN G 335 -2.41 -0.46 38.99
CA ASN G 335 -2.50 0.51 40.09
C ASN G 335 -3.81 0.17 40.80
N TRP G 336 -3.76 -0.84 41.66
CA TRP G 336 -4.94 -1.28 42.37
C TRP G 336 -4.67 -1.51 43.86
N LYS G 337 -4.84 -0.45 44.65
CA LYS G 337 -4.63 -0.52 46.09
C LYS G 337 -5.97 -0.69 46.82
N LYS H 2 12.48 -26.32 -8.26
CA LYS H 2 13.03 -27.21 -9.33
C LYS H 2 12.80 -26.55 -10.69
N LEU H 3 11.54 -26.33 -11.05
CA LEU H 3 11.17 -25.70 -12.31
C LEU H 3 11.17 -24.18 -12.18
N LYS H 4 11.63 -23.48 -13.22
CA LYS H 4 11.67 -22.01 -13.18
C LYS H 4 10.52 -21.33 -13.89
N VAL H 5 10.17 -20.14 -13.41
CA VAL H 5 9.07 -19.35 -13.99
C VAL H 5 9.24 -17.84 -13.82
N ALA H 6 8.65 -17.10 -14.75
CA ALA H 6 8.71 -15.64 -14.73
C ALA H 6 7.29 -15.15 -15.00
N ILE H 7 6.89 -14.12 -14.26
CA ILE H 7 5.54 -13.56 -14.41
C ILE H 7 5.51 -12.44 -15.44
N ASN H 8 4.47 -12.42 -16.25
CA ASN H 8 4.29 -11.39 -17.25
C ASN H 8 3.00 -10.70 -16.87
N GLY H 9 3.01 -9.38 -16.80
CA GLY H 9 1.82 -8.66 -16.39
C GLY H 9 1.73 -8.87 -14.87
N PHE H 10 2.37 -7.98 -14.11
CA PHE H 10 2.39 -8.11 -12.65
C PHE H 10 1.33 -7.23 -11.99
N GLY H 11 0.11 -7.31 -12.49
CA GLY H 11 -0.97 -6.51 -11.92
C GLY H 11 -1.65 -7.22 -10.77
N ARG H 12 -2.98 -7.23 -10.80
CA ARG H 12 -3.75 -7.88 -9.75
C ARG H 12 -3.34 -9.33 -9.64
N ILE H 13 -3.90 -10.16 -10.50
CA ILE H 13 -3.61 -11.60 -10.50
C ILE H 13 -2.10 -11.92 -10.43
N GLY H 14 -1.28 -11.06 -11.03
CA GLY H 14 0.16 -11.28 -11.03
C GLY H 14 0.74 -11.28 -9.63
N ARG H 15 0.53 -10.17 -8.91
CA ARG H 15 1.02 -10.04 -7.55
C ARG H 15 0.32 -11.06 -6.67
N ASN H 16 -0.99 -11.24 -6.89
CA ASN H 16 -1.80 -12.18 -6.14
C ASN H 16 -1.13 -13.55 -6.25
N PHE H 17 -0.90 -13.93 -7.51
CA PHE H 17 -0.26 -15.19 -7.85
C PHE H 17 1.03 -15.40 -7.06
N LEU H 18 1.90 -14.41 -7.16
CA LEU H 18 3.19 -14.42 -6.48
C LEU H 18 2.99 -14.65 -4.99
N ARG H 19 2.01 -13.96 -4.41
CA ARG H 19 1.72 -14.07 -2.98
C ARG H 19 1.16 -15.47 -2.70
N CYS H 20 0.30 -15.94 -3.60
CA CYS H 20 -0.29 -17.28 -3.48
C CYS H 20 0.81 -18.31 -3.39
N TRP H 21 1.71 -18.27 -4.36
CA TRP H 21 2.81 -19.20 -4.41
C TRP H 21 3.66 -19.13 -3.16
N HIS H 22 4.11 -17.93 -2.82
CA HIS H 22 4.95 -17.73 -1.64
C HIS H 22 4.36 -18.52 -0.49
N GLY H 23 3.03 -18.43 -0.35
CA GLY H 23 2.35 -19.15 0.72
C GLY H 23 2.50 -20.66 0.71
N ARG H 24 2.73 -21.23 -0.47
CA ARG H 24 2.90 -22.67 -0.63
C ARG H 24 4.19 -23.19 -0.02
N LYS H 25 4.32 -24.51 0.03
CA LYS H 25 5.53 -25.13 0.55
C LYS H 25 5.92 -26.25 -0.40
N ASP H 26 7.21 -26.31 -0.72
CA ASP H 26 7.73 -27.32 -1.63
C ASP H 26 7.11 -27.14 -3.00
N SER H 27 6.64 -25.93 -3.30
CA SER H 27 6.04 -25.67 -4.61
C SER H 27 7.04 -26.03 -5.70
N PRO H 28 6.73 -27.03 -6.55
CA PRO H 28 7.59 -27.48 -7.65
C PRO H 28 7.80 -26.37 -8.67
N LEU H 29 8.00 -25.15 -8.18
CA LEU H 29 8.19 -24.01 -9.07
C LEU H 29 9.02 -22.94 -8.38
N ASP H 30 9.44 -21.95 -9.14
CA ASP H 30 10.23 -20.88 -8.59
C ASP H 30 10.24 -19.68 -9.52
N ILE H 31 9.63 -18.59 -9.04
CA ILE H 31 9.57 -17.36 -9.81
C ILE H 31 11.00 -16.86 -9.85
N ILE H 32 11.53 -16.72 -11.05
CA ILE H 32 12.90 -16.26 -11.21
C ILE H 32 12.91 -14.78 -11.60
N ALA H 33 11.84 -14.32 -12.23
CA ALA H 33 11.78 -12.93 -12.62
C ALA H 33 10.36 -12.50 -12.93
N ILE H 34 10.19 -11.21 -13.20
CA ILE H 34 8.89 -10.64 -13.49
C ILE H 34 9.01 -9.51 -14.50
N ASN H 35 7.98 -9.33 -15.34
CA ASN H 35 7.96 -8.28 -16.35
C ASN H 35 6.70 -7.44 -16.27
N ASP H 36 6.85 -6.13 -16.26
CA ASP H 36 5.72 -5.22 -16.19
C ASP H 36 6.16 -3.85 -16.66
N THR H 37 5.32 -3.16 -17.42
CA THR H 37 5.64 -1.83 -17.92
C THR H 37 6.08 -0.90 -16.77
N GLY H 38 5.54 -1.17 -15.58
CA GLY H 38 5.85 -0.38 -14.41
C GLY H 38 7.32 -0.42 -14.01
N GLY H 39 7.73 0.54 -13.19
CA GLY H 39 9.11 0.61 -12.75
C GLY H 39 9.44 -0.37 -11.65
N VAL H 40 10.73 -0.71 -11.54
CA VAL H 40 11.23 -1.65 -10.55
C VAL H 40 10.82 -1.35 -9.11
N LYS H 41 10.71 -0.07 -8.77
CA LYS H 41 10.32 0.32 -7.42
C LYS H 41 8.89 -0.08 -7.11
N GLN H 42 7.96 0.28 -8.00
CA GLN H 42 6.54 -0.04 -7.84
C GLN H 42 6.30 -1.48 -7.38
N ALA H 43 6.81 -2.41 -8.17
CA ALA H 43 6.68 -3.83 -7.89
C ALA H 43 7.00 -4.20 -6.45
N SER H 44 8.00 -3.55 -5.86
CA SER H 44 8.37 -3.86 -4.48
C SER H 44 7.42 -3.22 -3.50
N HIS H 45 7.00 -2.00 -3.80
CA HIS H 45 6.09 -1.27 -2.91
C HIS H 45 4.63 -1.66 -3.08
N LEU H 46 4.33 -2.54 -4.03
CA LEU H 46 2.95 -2.97 -4.22
C LEU H 46 2.75 -4.43 -3.84
N LEU H 47 3.87 -5.15 -3.73
CA LEU H 47 3.81 -6.54 -3.33
C LEU H 47 3.89 -6.58 -1.80
N LYS H 48 4.44 -5.52 -1.21
CA LYS H 48 4.57 -5.40 0.25
C LYS H 48 3.49 -4.47 0.76
N TYR H 49 2.70 -3.95 -0.18
CA TYR H 49 1.62 -3.04 0.16
C TYR H 49 0.48 -3.25 -0.84
N ASP H 50 -0.62 -3.81 -0.35
CA ASP H 50 -1.79 -4.11 -1.18
C ASP H 50 -3.08 -3.59 -0.53
N SER H 51 -3.94 -2.96 -1.33
CA SER H 51 -5.20 -2.45 -0.82
C SER H 51 -6.17 -3.57 -0.48
N THR H 52 -6.34 -4.50 -1.41
CA THR H 52 -7.25 -5.63 -1.20
C THR H 52 -6.68 -6.68 -0.24
N LEU H 53 -5.40 -7.02 -0.40
CA LEU H 53 -4.79 -8.05 0.46
C LEU H 53 -4.16 -7.58 1.75
N GLY H 54 -3.38 -6.51 1.67
CA GLY H 54 -2.71 -5.97 2.84
C GLY H 54 -1.23 -6.32 2.95
N ILE H 55 -0.56 -5.70 3.91
CA ILE H 55 0.87 -5.90 4.13
C ILE H 55 1.41 -7.33 4.06
N PHE H 56 2.13 -7.58 2.98
CA PHE H 56 2.75 -8.86 2.70
C PHE H 56 3.71 -9.15 3.84
N ASP H 57 3.48 -10.24 4.57
CA ASP H 57 4.36 -10.59 5.67
C ASP H 57 5.60 -11.33 5.13
N ALA H 58 6.64 -10.58 4.81
CA ALA H 58 7.87 -11.19 4.29
C ALA H 58 9.08 -10.24 4.26
N ASP H 59 9.18 -9.42 3.21
CA ASP H 59 10.29 -8.47 3.04
C ASP H 59 10.53 -8.08 1.57
N VAL H 60 9.59 -7.38 0.95
CA VAL H 60 9.74 -6.98 -0.45
C VAL H 60 10.53 -5.68 -0.69
N LYS H 61 11.84 -5.72 -0.46
CA LYS H 61 12.71 -4.55 -0.62
C LYS H 61 13.45 -4.53 -1.97
N PRO H 62 13.55 -3.36 -2.63
CA PRO H 62 14.26 -3.35 -3.92
C PRO H 62 15.76 -3.61 -3.72
N SER H 63 16.28 -4.60 -4.45
CA SER H 63 17.69 -4.98 -4.39
C SER H 63 18.31 -4.92 -5.77
N GLY H 64 18.76 -3.72 -6.13
CA GLY H 64 19.39 -3.51 -7.42
C GLY H 64 18.97 -2.17 -8.01
N GLU H 65 18.37 -2.25 -9.18
CA GLU H 65 17.91 -1.08 -9.90
C GLU H 65 17.11 -1.64 -11.05
N THR H 66 17.04 -2.98 -11.07
CA THR H 66 16.32 -3.72 -12.10
C THR H 66 15.72 -4.99 -11.52
N ALA H 67 16.08 -5.29 -10.28
CA ALA H 67 15.57 -6.48 -9.59
C ALA H 67 15.16 -6.17 -8.14
N ILE H 68 14.24 -6.97 -7.59
CA ILE H 68 13.78 -6.79 -6.22
C ILE H 68 13.73 -8.10 -5.44
N SER H 69 14.44 -8.15 -4.32
CA SER H 69 14.47 -9.35 -3.50
C SER H 69 13.16 -9.44 -2.73
N VAL H 70 12.94 -10.58 -2.09
CA VAL H 70 11.74 -10.80 -1.29
C VAL H 70 12.02 -11.84 -0.24
N ASP H 71 11.92 -11.45 1.02
CA ASP H 71 12.13 -12.40 2.10
C ASP H 71 13.52 -13.02 1.99
N GLY H 72 14.22 -12.73 0.89
CA GLY H 72 15.54 -13.29 0.68
C GLY H 72 15.91 -13.46 -0.78
N LYS H 73 15.26 -14.42 -1.46
CA LYS H 73 15.55 -14.67 -2.86
C LYS H 73 15.23 -13.47 -3.74
N ILE H 74 16.19 -13.11 -4.60
CA ILE H 74 16.02 -11.97 -5.49
C ILE H 74 15.27 -12.36 -6.75
N ILE H 75 14.51 -11.41 -7.29
CA ILE H 75 13.75 -11.66 -8.50
C ILE H 75 13.93 -10.47 -9.43
N GLN H 76 14.47 -10.71 -10.60
CA GLN H 76 14.71 -9.65 -11.55
C GLN H 76 13.42 -9.09 -12.15
N VAL H 77 13.39 -7.76 -12.32
CA VAL H 77 12.22 -7.03 -12.80
C VAL H 77 12.35 -6.38 -14.18
N VAL H 78 12.99 -7.06 -15.14
CA VAL H 78 13.13 -6.45 -16.46
C VAL H 78 11.77 -6.22 -17.13
N SER H 79 11.53 -4.97 -17.50
CA SER H 79 10.29 -4.56 -18.12
C SER H 79 10.42 -4.20 -19.60
N ASN H 80 9.56 -4.82 -20.40
CA ASN H 80 9.53 -4.57 -21.84
C ASN H 80 8.13 -4.87 -22.34
N ARG H 81 7.53 -3.90 -23.02
CA ARG H 81 6.18 -4.05 -23.54
C ARG H 81 6.03 -5.20 -24.54
N ASN H 82 6.92 -5.26 -25.53
CA ASN H 82 6.85 -6.34 -26.53
C ASN H 82 7.38 -7.64 -25.93
N PRO H 83 6.52 -8.68 -25.92
CA PRO H 83 6.84 -10.01 -25.38
C PRO H 83 8.09 -10.64 -25.98
N SER H 84 8.00 -11.01 -27.25
CA SER H 84 9.10 -11.64 -27.98
C SER H 84 10.47 -11.26 -27.40
N LEU H 85 10.74 -9.97 -27.35
CA LEU H 85 12.01 -9.44 -26.84
C LEU H 85 12.40 -10.06 -25.50
N LEU H 86 11.54 -9.87 -24.50
CA LEU H 86 11.77 -10.40 -23.17
C LEU H 86 12.81 -11.53 -23.17
N PRO H 87 13.86 -11.40 -22.35
CA PRO H 87 14.95 -12.38 -22.21
C PRO H 87 14.61 -13.65 -21.40
N TRP H 88 13.84 -14.55 -22.00
CA TRP H 88 13.43 -15.79 -21.33
C TRP H 88 14.48 -16.88 -21.49
N LYS H 89 15.08 -16.91 -22.67
CA LYS H 89 16.09 -17.90 -23.01
C LYS H 89 17.29 -17.81 -22.09
N GLU H 90 17.45 -16.65 -21.45
CA GLU H 90 18.57 -16.41 -20.54
C GLU H 90 18.47 -17.33 -19.32
N LEU H 91 18.38 -18.62 -19.61
CA LEU H 91 18.25 -19.67 -18.62
C LEU H 91 16.97 -19.47 -17.83
N GLY H 92 16.49 -20.55 -17.25
CA GLY H 92 15.27 -20.48 -16.48
C GLY H 92 14.05 -20.56 -17.37
N ILE H 93 13.17 -19.59 -17.20
CA ILE H 93 11.92 -19.47 -17.94
C ILE H 93 11.57 -20.75 -18.69
N ASP H 94 11.01 -21.71 -17.96
CA ASP H 94 10.59 -22.95 -18.56
C ASP H 94 9.10 -22.71 -18.77
N ILE H 95 8.55 -21.88 -17.89
CA ILE H 95 7.15 -21.53 -17.93
C ILE H 95 7.02 -20.06 -17.61
N VAL H 96 5.99 -19.44 -18.19
CA VAL H 96 5.70 -18.03 -18.01
C VAL H 96 4.23 -17.88 -17.66
N ILE H 97 3.94 -17.08 -16.64
CA ILE H 97 2.56 -16.86 -16.25
C ILE H 97 2.03 -15.61 -16.95
N GLU H 98 0.99 -15.79 -17.75
CA GLU H 98 0.40 -14.66 -18.46
C GLU H 98 -0.49 -13.88 -17.53
N GLY H 99 -0.34 -12.56 -17.50
CA GLY H 99 -1.16 -11.74 -16.61
C GLY H 99 -1.36 -10.32 -17.08
N THR H 100 -1.18 -10.09 -18.38
CA THR H 100 -1.34 -8.77 -18.95
C THR H 100 -2.75 -8.62 -19.50
N GLY H 101 -3.37 -9.77 -19.77
CA GLY H 101 -4.73 -9.79 -20.30
C GLY H 101 -4.82 -9.35 -21.74
N VAL H 102 -3.69 -9.38 -22.44
CA VAL H 102 -3.62 -8.98 -23.84
C VAL H 102 -3.45 -10.19 -24.77
N PHE H 103 -2.80 -11.23 -24.24
CA PHE H 103 -2.54 -12.46 -25.00
C PHE H 103 -3.63 -13.50 -24.80
N VAL H 104 -4.67 -13.41 -25.61
CA VAL H 104 -5.81 -14.32 -25.54
C VAL H 104 -5.68 -15.50 -26.49
N ASP H 105 -4.85 -15.35 -27.53
CA ASP H 105 -4.68 -16.41 -28.52
C ASP H 105 -3.24 -16.86 -28.76
N ARG H 106 -3.13 -18.05 -29.33
CA ARG H 106 -1.84 -18.67 -29.63
C ARG H 106 -0.94 -17.76 -30.47
N GLU H 107 -1.53 -16.91 -31.29
CA GLU H 107 -0.77 -16.00 -32.15
C GLU H 107 0.17 -15.12 -31.34
N GLY H 108 -0.40 -14.25 -30.49
CA GLY H 108 0.43 -13.38 -29.67
C GLY H 108 1.07 -14.15 -28.54
N ALA H 109 0.23 -14.80 -27.73
CA ALA H 109 0.65 -15.59 -26.57
C ALA H 109 1.78 -16.60 -26.81
N GLY H 110 2.26 -16.70 -28.04
CA GLY H 110 3.34 -17.62 -28.31
C GLY H 110 4.65 -16.86 -28.21
N LYS H 111 4.54 -15.54 -28.33
CA LYS H 111 5.68 -14.63 -28.27
C LYS H 111 6.68 -14.92 -27.14
N HIS H 112 6.21 -15.53 -26.06
CA HIS H 112 7.09 -15.86 -24.93
C HIS H 112 8.00 -17.05 -25.29
N ILE H 113 7.37 -18.16 -25.67
CA ILE H 113 8.10 -19.38 -26.04
C ILE H 113 9.20 -19.06 -27.06
N GLU H 114 9.11 -17.88 -27.65
CA GLU H 114 10.07 -17.41 -28.64
C GLU H 114 11.28 -16.78 -27.96
N ALA H 115 11.04 -16.10 -26.84
CA ALA H 115 12.11 -15.43 -26.10
C ALA H 115 13.05 -16.39 -25.37
N GLY H 116 12.62 -17.64 -25.27
CA GLY H 116 13.43 -18.66 -24.62
C GLY H 116 12.64 -19.51 -23.64
N ALA H 117 11.36 -19.19 -23.50
CA ALA H 117 10.49 -19.93 -22.60
C ALA H 117 10.23 -21.31 -23.18
N LYS H 118 9.18 -21.97 -22.68
CA LYS H 118 8.83 -23.29 -23.14
C LYS H 118 7.32 -23.47 -23.08
N LYS H 119 6.68 -22.76 -22.14
CA LYS H 119 5.22 -22.82 -21.97
C LYS H 119 4.62 -21.61 -21.25
N VAL H 120 3.50 -21.11 -21.76
CA VAL H 120 2.81 -19.96 -21.17
C VAL H 120 1.36 -20.30 -20.80
N ILE H 121 0.89 -19.78 -19.67
CA ILE H 121 -0.47 -20.06 -19.20
C ILE H 121 -1.39 -18.82 -19.13
N ILE H 122 -2.19 -18.63 -20.17
CA ILE H 122 -3.13 -17.51 -20.24
C ILE H 122 -4.09 -17.56 -19.06
N THR H 123 -3.97 -16.62 -18.13
CA THR H 123 -4.86 -16.59 -16.96
C THR H 123 -6.25 -16.02 -17.26
N ALA H 124 -6.87 -16.52 -18.32
CA ALA H 124 -8.21 -16.08 -18.70
C ALA H 124 -8.66 -16.72 -20.01
N PRO H 125 -9.97 -16.67 -20.30
CA PRO H 125 -10.55 -17.25 -21.52
C PRO H 125 -9.78 -16.90 -22.80
N GLY H 126 -9.59 -17.88 -23.67
CA GLY H 126 -8.90 -17.65 -24.94
C GLY H 126 -9.94 -17.38 -26.03
N LYS H 127 -9.49 -16.95 -27.21
CA LYS H 127 -10.44 -16.67 -28.30
C LYS H 127 -10.54 -17.73 -29.41
N GLY H 128 -9.77 -18.80 -29.28
CA GLY H 128 -9.77 -19.87 -30.27
C GLY H 128 -9.15 -21.12 -29.70
N ASP H 129 -8.94 -22.10 -30.58
CA ASP H 129 -8.32 -23.39 -30.22
C ASP H 129 -7.24 -23.30 -29.13
N ILE H 130 -7.65 -23.20 -27.87
CA ILE H 130 -6.70 -23.13 -26.76
C ILE H 130 -7.06 -24.14 -25.68
N PRO H 131 -6.07 -24.95 -25.27
CA PRO H 131 -6.18 -26.00 -24.25
C PRO H 131 -6.61 -25.52 -22.86
N THR H 132 -7.83 -24.98 -22.77
CA THR H 132 -8.38 -24.47 -21.51
C THR H 132 -8.68 -25.56 -20.47
N TYR H 133 -8.41 -25.24 -19.20
CA TYR H 133 -8.65 -26.16 -18.08
C TYR H 133 -9.23 -25.39 -16.88
N VAL H 134 -9.83 -26.10 -15.93
CA VAL H 134 -10.41 -25.52 -14.71
C VAL H 134 -10.10 -26.51 -13.59
N VAL H 135 -9.00 -26.27 -12.88
CA VAL H 135 -8.58 -27.14 -11.79
C VAL H 135 -9.71 -27.66 -10.89
N GLY H 136 -10.14 -28.89 -11.15
CA GLY H 136 -11.21 -29.48 -10.38
C GLY H 136 -12.37 -29.88 -11.27
N VAL H 137 -12.09 -30.03 -12.56
CA VAL H 137 -13.10 -30.41 -13.53
C VAL H 137 -12.50 -31.18 -14.71
N ASN H 138 -11.22 -30.92 -15.00
CA ASN H 138 -10.52 -31.60 -16.09
C ASN H 138 -9.05 -31.22 -16.07
N ALA H 139 -8.59 -30.81 -14.89
CA ALA H 139 -7.21 -30.40 -14.72
C ALA H 139 -6.26 -31.54 -15.08
N ASP H 140 -6.66 -32.75 -14.70
CA ASP H 140 -5.88 -33.95 -14.98
C ASP H 140 -5.69 -34.12 -16.49
N ALA H 141 -6.70 -33.68 -17.25
CA ALA H 141 -6.70 -33.78 -18.71
C ALA H 141 -5.63 -32.91 -19.36
N TYR H 142 -4.51 -32.72 -18.67
CA TYR H 142 -3.40 -31.93 -19.18
C TYR H 142 -2.26 -32.80 -19.69
N SER H 143 -1.99 -32.72 -21.00
CA SER H 143 -0.90 -33.47 -21.63
C SER H 143 0.28 -32.52 -21.82
N HIS H 144 1.41 -32.89 -21.23
CA HIS H 144 2.64 -32.10 -21.26
C HIS H 144 3.03 -31.39 -22.57
N ASP H 145 2.48 -31.84 -23.69
CA ASP H 145 2.80 -31.21 -24.97
C ASP H 145 2.20 -29.80 -25.05
N GLU H 146 1.00 -29.64 -24.50
CA GLU H 146 0.29 -28.36 -24.49
C GLU H 146 1.22 -27.17 -24.16
N PRO H 147 1.41 -26.25 -25.12
CA PRO H 147 2.27 -25.07 -24.97
C PRO H 147 1.57 -23.81 -24.45
N ILE H 148 0.41 -23.52 -25.04
CA ILE H 148 -0.36 -22.35 -24.68
C ILE H 148 -1.76 -22.76 -24.21
N ILE H 149 -1.95 -22.75 -22.90
CA ILE H 149 -3.23 -23.14 -22.29
C ILE H 149 -3.82 -22.02 -21.43
N SER H 150 -5.13 -21.86 -21.55
CA SER H 150 -5.88 -20.85 -20.79
C SER H 150 -6.20 -21.38 -19.38
N ASN H 151 -7.24 -20.83 -18.76
CA ASN H 151 -7.66 -21.26 -17.42
C ASN H 151 -9.04 -20.68 -17.13
N ALA H 152 -9.74 -20.31 -18.19
CA ALA H 152 -11.08 -19.74 -18.09
C ALA H 152 -11.10 -18.50 -17.19
N SER H 153 -12.29 -17.92 -17.04
CA SER H 153 -12.44 -16.74 -16.20
C SER H 153 -12.62 -17.18 -14.76
N CYS H 154 -12.54 -16.21 -13.84
CA CYS H 154 -12.72 -16.47 -12.42
C CYS H 154 -14.15 -16.97 -12.27
N THR H 155 -15.04 -16.36 -13.05
CA THR H 155 -16.47 -16.70 -13.03
C THR H 155 -16.76 -18.14 -13.50
N THR H 156 -15.75 -18.80 -14.06
CA THR H 156 -15.91 -20.16 -14.53
C THR H 156 -15.38 -21.15 -13.50
N ASN H 157 -14.19 -20.87 -12.95
CA ASN H 157 -13.61 -21.75 -11.93
C ASN H 157 -14.54 -21.93 -10.74
N CYS H 158 -15.46 -20.99 -10.56
CA CYS H 158 -16.44 -21.07 -9.48
C CYS H 158 -17.70 -21.74 -10.01
N LEU H 159 -18.07 -21.40 -11.24
CA LEU H 159 -19.26 -21.95 -11.87
C LEU H 159 -19.19 -23.42 -12.22
N ALA H 160 -18.08 -23.85 -12.82
CA ALA H 160 -17.91 -25.24 -13.22
C ALA H 160 -18.09 -26.30 -12.14
N PRO H 161 -17.22 -26.31 -11.12
CA PRO H 161 -17.34 -27.31 -10.05
C PRO H 161 -18.75 -27.68 -9.60
N PHE H 162 -19.50 -26.75 -9.02
CA PHE H 162 -20.84 -27.09 -8.57
C PHE H 162 -21.80 -27.42 -9.71
N VAL H 163 -21.49 -26.95 -10.92
CA VAL H 163 -22.31 -27.22 -12.09
C VAL H 163 -22.10 -28.67 -12.52
N LYS H 164 -20.88 -29.14 -12.29
CA LYS H 164 -20.49 -30.51 -12.62
C LYS H 164 -21.37 -31.43 -11.77
N VAL H 165 -21.40 -31.13 -10.48
CA VAL H 165 -22.17 -31.92 -9.54
C VAL H 165 -23.66 -31.91 -9.89
N LEU H 166 -24.18 -30.72 -10.20
CA LEU H 166 -25.60 -30.58 -10.54
C LEU H 166 -26.07 -31.42 -11.72
N ASP H 167 -25.20 -31.57 -12.73
CA ASP H 167 -25.55 -32.35 -13.92
C ASP H 167 -25.54 -33.86 -13.61
N GLN H 168 -24.45 -34.33 -13.02
CA GLN H 168 -24.31 -35.74 -12.65
C GLN H 168 -25.46 -36.21 -11.79
N LYS H 169 -25.42 -35.78 -10.54
CA LYS H 169 -26.41 -36.15 -9.51
C LYS H 169 -27.84 -35.72 -9.78
N PHE H 170 -28.08 -34.93 -10.83
CA PHE H 170 -29.43 -34.49 -11.12
C PHE H 170 -29.79 -34.36 -12.59
N GLY H 171 -28.81 -34.11 -13.44
CA GLY H 171 -29.08 -33.98 -14.86
C GLY H 171 -29.63 -32.62 -15.27
N ILE H 172 -28.79 -31.84 -15.96
CA ILE H 172 -29.15 -30.50 -16.41
C ILE H 172 -29.79 -30.43 -17.79
N ILE H 173 -31.03 -29.98 -17.83
CA ILE H 173 -31.76 -29.82 -19.09
C ILE H 173 -31.25 -28.54 -19.75
N LYS H 174 -31.21 -27.47 -18.96
CA LYS H 174 -30.79 -26.15 -19.43
C LYS H 174 -30.86 -25.17 -18.25
N GLY H 175 -29.98 -24.17 -18.25
CA GLY H 175 -29.98 -23.19 -17.16
C GLY H 175 -29.47 -21.81 -17.52
N THR H 176 -29.61 -20.87 -16.59
CA THR H 176 -29.16 -19.51 -16.81
C THR H 176 -28.30 -18.99 -15.67
N MET H 177 -27.27 -18.21 -16.01
CA MET H 177 -26.35 -17.67 -15.02
C MET H 177 -26.47 -16.15 -14.92
N THR H 178 -26.10 -15.59 -13.77
CA THR H 178 -26.12 -14.14 -13.54
C THR H 178 -25.18 -13.86 -12.38
N THR H 179 -23.94 -13.52 -12.70
CA THR H 179 -22.95 -13.24 -11.68
C THR H 179 -23.02 -11.79 -11.21
N THR H 180 -22.89 -11.57 -9.91
CA THR H 180 -22.89 -10.23 -9.34
C THR H 180 -21.43 -10.06 -8.94
N HIS H 181 -20.65 -9.47 -9.87
CA HIS H 181 -19.20 -9.29 -9.74
C HIS H 181 -18.59 -8.01 -9.15
N SER H 182 -17.45 -8.16 -8.49
CA SER H 182 -16.73 -7.03 -7.91
C SER H 182 -15.99 -6.33 -9.04
N TYR H 183 -16.22 -5.04 -9.24
CA TYR H 183 -15.56 -4.32 -10.33
C TYR H 183 -14.08 -4.69 -10.56
N THR H 184 -13.61 -4.52 -11.80
CA THR H 184 -12.23 -4.85 -12.14
C THR H 184 -11.55 -3.83 -13.04
N GLY H 185 -10.22 -3.95 -13.12
CA GLY H 185 -9.41 -3.05 -13.92
C GLY H 185 -10.03 -2.54 -15.20
N ASP H 186 -10.92 -3.33 -15.77
CA ASP H 186 -11.58 -2.94 -17.02
C ASP H 186 -12.27 -1.60 -16.94
N GLN H 187 -13.28 -1.55 -16.07
CA GLN H 187 -14.10 -0.37 -15.85
C GLN H 187 -13.29 0.88 -15.56
N ARG H 188 -13.91 2.03 -15.79
CA ARG H 188 -13.26 3.31 -15.54
C ARG H 188 -13.71 3.89 -14.21
N LEU H 189 -12.73 4.24 -13.38
CA LEU H 189 -12.95 4.83 -12.06
C LEU H 189 -14.04 5.89 -12.14
N LEU H 190 -14.03 6.60 -13.25
CA LEU H 190 -15.02 7.64 -13.53
C LEU H 190 -15.19 7.61 -15.05
N ASP H 191 -16.40 7.94 -15.53
CA ASP H 191 -16.73 7.96 -16.96
C ASP H 191 -15.59 8.36 -17.90
N ALA H 192 -15.10 7.40 -18.69
CA ALA H 192 -14.02 7.69 -19.65
C ALA H 192 -14.20 6.93 -20.95
N SER H 193 -13.31 7.16 -21.92
CA SER H 193 -13.41 6.47 -23.20
C SER H 193 -13.03 5.01 -22.98
N HIS H 194 -13.63 4.11 -23.75
CA HIS H 194 -13.34 2.69 -23.62
C HIS H 194 -13.95 1.95 -24.81
N ARG H 195 -13.40 0.78 -25.11
CA ARG H 195 -13.89 -0.05 -26.21
C ARG H 195 -15.38 -0.31 -26.03
N ASP H 196 -15.86 -0.30 -24.78
CA ASP H 196 -17.28 -0.51 -24.49
C ASP H 196 -17.84 0.65 -23.66
N LEU H 197 -19.13 0.95 -23.86
CA LEU H 197 -19.81 2.02 -23.15
C LEU H 197 -20.12 1.67 -21.69
N ARG H 198 -20.74 0.49 -21.49
CA ARG H 198 -21.07 0.03 -20.15
C ARG H 198 -19.81 -0.16 -19.31
N ARG H 199 -18.83 -0.88 -19.85
CA ARG H 199 -17.58 -1.13 -19.14
C ARG H 199 -16.73 0.14 -19.04
N ALA H 200 -17.27 1.25 -19.55
CA ALA H 200 -16.56 2.52 -19.53
C ALA H 200 -17.00 3.42 -18.38
N ARG H 201 -18.25 3.25 -17.94
CA ARG H 201 -18.84 4.03 -16.86
C ARG H 201 -18.07 3.94 -15.53
N ALA H 202 -18.37 4.86 -14.61
CA ALA H 202 -17.70 4.89 -13.32
C ALA H 202 -18.01 3.60 -12.57
N ALA H 203 -16.95 2.85 -12.29
CA ALA H 203 -17.06 1.58 -11.59
C ALA H 203 -17.85 1.68 -10.27
N ALA H 204 -17.14 1.94 -9.18
CA ALA H 204 -17.73 2.04 -7.84
C ALA H 204 -18.82 3.09 -7.66
N LEU H 205 -19.64 3.31 -8.68
CA LEU H 205 -20.71 4.28 -8.56
C LEU H 205 -22.06 3.72 -8.96
N ASN H 206 -22.05 2.63 -9.73
CA ASN H 206 -23.30 2.04 -10.16
C ASN H 206 -23.20 0.57 -10.57
N ILE H 207 -24.34 -0.01 -10.91
CA ILE H 207 -24.41 -1.41 -11.33
C ILE H 207 -24.24 -1.52 -12.83
N VAL H 208 -23.06 -2.00 -13.24
CA VAL H 208 -22.69 -2.14 -14.65
C VAL H 208 -22.89 -3.53 -15.28
N PRO H 209 -23.96 -3.69 -16.07
CA PRO H 209 -24.28 -4.94 -16.76
C PRO H 209 -23.27 -5.31 -17.83
N THR H 210 -22.12 -5.83 -17.43
CA THR H 210 -21.12 -6.22 -18.41
C THR H 210 -21.61 -7.49 -19.10
N SER H 211 -20.95 -7.88 -20.19
CA SER H 211 -21.34 -9.08 -20.91
C SER H 211 -20.23 -10.13 -20.77
N THR H 212 -20.55 -11.21 -20.05
CA THR H 212 -19.61 -12.29 -19.81
C THR H 212 -19.82 -13.45 -20.75
N GLY H 213 -18.78 -14.28 -20.84
CA GLY H 213 -18.84 -15.46 -21.68
C GLY H 213 -18.60 -16.68 -20.82
N ALA H 214 -18.17 -16.46 -19.57
CA ALA H 214 -17.89 -17.53 -18.62
C ALA H 214 -19.01 -18.58 -18.55
N ALA H 215 -20.21 -18.19 -18.97
CA ALA H 215 -21.36 -19.08 -18.96
C ALA H 215 -21.12 -20.20 -19.98
N LYS H 216 -21.38 -19.90 -21.26
CA LYS H 216 -21.19 -20.86 -22.35
C LYS H 216 -19.82 -21.55 -22.31
N ALA H 217 -18.85 -20.90 -21.67
CA ALA H 217 -17.48 -21.43 -21.56
C ALA H 217 -17.44 -22.76 -20.80
N VAL H 218 -18.34 -22.92 -19.84
CA VAL H 218 -18.41 -24.15 -19.05
C VAL H 218 -18.56 -25.36 -19.97
N ALA H 219 -19.19 -25.14 -21.13
CA ALA H 219 -19.41 -26.20 -22.09
C ALA H 219 -18.12 -26.81 -22.65
N LEU H 220 -16.96 -26.24 -22.32
CA LEU H 220 -15.67 -26.75 -22.79
C LEU H 220 -15.02 -27.73 -21.82
N VAL H 221 -15.31 -27.51 -20.55
CA VAL H 221 -14.77 -28.34 -19.47
C VAL H 221 -15.77 -29.40 -19.05
N LEU H 222 -17.03 -29.15 -19.38
CA LEU H 222 -18.13 -30.07 -19.08
C LEU H 222 -18.85 -30.21 -20.42
N PRO H 223 -18.23 -30.96 -21.34
CA PRO H 223 -18.69 -31.24 -22.70
C PRO H 223 -20.21 -31.41 -22.88
N ASN H 224 -20.85 -32.03 -21.90
CA ASN H 224 -22.29 -32.28 -21.94
C ASN H 224 -23.14 -31.00 -21.92
N LEU H 225 -22.63 -29.97 -21.26
CA LEU H 225 -23.33 -28.69 -21.15
C LEU H 225 -23.22 -27.85 -22.40
N LYS H 226 -22.42 -28.31 -23.35
CA LYS H 226 -22.25 -27.59 -24.60
C LYS H 226 -23.64 -27.25 -25.17
N GLY H 227 -23.98 -25.97 -25.20
CA GLY H 227 -25.26 -25.57 -25.73
C GLY H 227 -26.41 -25.53 -24.74
N LYS H 228 -26.12 -25.43 -23.45
CA LYS H 228 -27.17 -25.39 -22.43
C LYS H 228 -26.84 -24.40 -21.31
N LEU H 229 -25.94 -23.47 -21.60
CA LEU H 229 -25.51 -22.49 -20.60
C LEU H 229 -25.21 -21.11 -21.15
N ASN H 230 -25.60 -20.08 -20.38
CA ASN H 230 -25.37 -18.69 -20.73
C ASN H 230 -25.74 -17.75 -19.58
N GLY H 231 -25.43 -16.47 -19.74
CA GLY H 231 -25.74 -15.52 -18.68
C GLY H 231 -24.96 -14.21 -18.68
N ILE H 232 -25.56 -13.21 -18.05
CA ILE H 232 -24.97 -11.88 -17.94
C ILE H 232 -24.30 -11.66 -16.59
N ALA H 233 -23.33 -10.75 -16.59
CA ALA H 233 -22.61 -10.42 -15.38
C ALA H 233 -23.07 -9.05 -14.90
N LEU H 234 -22.81 -8.75 -13.63
CA LEU H 234 -23.16 -7.44 -13.07
C LEU H 234 -22.05 -6.94 -12.16
N ARG H 235 -21.52 -5.79 -12.51
CA ARG H 235 -20.46 -5.19 -11.74
C ARG H 235 -21.13 -4.25 -10.73
N VAL H 236 -20.64 -4.30 -9.50
CA VAL H 236 -21.17 -3.48 -8.45
C VAL H 236 -20.03 -2.86 -7.64
N PRO H 237 -20.32 -1.73 -6.98
CA PRO H 237 -19.40 -0.95 -6.14
C PRO H 237 -18.60 -1.68 -5.08
N THR H 238 -18.22 -2.93 -5.36
CA THR H 238 -17.42 -3.68 -4.40
C THR H 238 -16.13 -4.14 -5.09
N PRO H 239 -14.99 -3.90 -4.44
CA PRO H 239 -13.64 -4.25 -4.93
C PRO H 239 -13.35 -5.71 -5.24
N ASN H 240 -13.36 -6.56 -4.22
CA ASN H 240 -13.07 -7.97 -4.45
C ASN H 240 -14.18 -8.89 -4.00
N VAL H 241 -14.26 -10.07 -4.62
CA VAL H 241 -15.26 -11.10 -4.32
C VAL H 241 -16.58 -10.84 -5.08
N SER H 242 -17.06 -11.88 -5.77
CA SER H 242 -18.30 -11.81 -6.54
C SER H 242 -19.22 -13.02 -6.29
N VAL H 243 -20.36 -13.10 -6.96
CA VAL H 243 -21.26 -14.24 -6.73
C VAL H 243 -22.13 -14.67 -7.91
N VAL H 244 -22.10 -15.97 -8.21
CA VAL H 244 -22.86 -16.57 -9.31
C VAL H 244 -24.28 -16.96 -8.89
N ASP H 245 -25.26 -16.52 -9.68
CA ASP H 245 -26.66 -16.81 -9.39
C ASP H 245 -27.17 -17.71 -10.48
N LEU H 246 -27.02 -19.02 -10.28
CA LEU H 246 -27.43 -20.03 -11.24
C LEU H 246 -28.85 -20.58 -11.08
N VAL H 247 -29.55 -20.70 -12.20
CA VAL H 247 -30.92 -21.21 -12.21
C VAL H 247 -31.01 -22.25 -13.33
N VAL H 248 -31.16 -23.52 -12.95
CA VAL H 248 -31.27 -24.61 -13.93
C VAL H 248 -32.54 -25.46 -13.82
N GLN H 249 -32.97 -25.99 -14.95
CA GLN H 249 -34.13 -26.86 -15.04
C GLN H 249 -33.51 -28.25 -15.04
N VAL H 250 -34.03 -29.15 -14.20
CA VAL H 250 -33.47 -30.48 -14.11
C VAL H 250 -34.33 -31.62 -14.64
N SER H 251 -33.74 -32.81 -14.62
CA SER H 251 -34.42 -34.02 -15.05
C SER H 251 -35.02 -34.72 -13.82
N LYS H 252 -34.21 -34.87 -12.77
CA LYS H 252 -34.63 -35.52 -11.53
C LYS H 252 -35.27 -34.52 -10.56
N LYS H 253 -36.53 -34.75 -10.19
CA LYS H 253 -37.24 -33.87 -9.24
C LYS H 253 -36.43 -33.76 -7.97
N THR H 254 -36.68 -32.72 -7.18
CA THR H 254 -35.91 -32.54 -5.96
C THR H 254 -36.43 -31.41 -5.07
N PHE H 255 -35.61 -31.07 -4.08
CA PHE H 255 -35.90 -30.00 -3.12
C PHE H 255 -34.58 -29.41 -2.59
N ALA H 256 -34.64 -28.15 -2.17
CA ALA H 256 -33.48 -27.43 -1.66
C ALA H 256 -32.51 -28.31 -0.88
N GLU H 257 -33.00 -28.86 0.22
CA GLU H 257 -32.20 -29.71 1.10
C GLU H 257 -31.45 -30.82 0.37
N GLU H 258 -32.12 -31.43 -0.60
CA GLU H 258 -31.55 -32.53 -1.38
C GLU H 258 -30.37 -32.00 -2.16
N VAL H 259 -30.59 -30.91 -2.88
CA VAL H 259 -29.55 -30.28 -3.69
C VAL H 259 -28.30 -30.00 -2.85
N ASN H 260 -28.49 -29.23 -1.78
CA ASN H 260 -27.38 -28.87 -0.91
C ASN H 260 -26.62 -30.09 -0.43
N ALA H 261 -27.35 -31.11 0.01
CA ALA H 261 -26.74 -32.36 0.50
C ALA H 261 -25.85 -32.90 -0.62
N ALA H 262 -26.37 -32.82 -1.85
CA ALA H 262 -25.62 -33.27 -3.00
C ALA H 262 -24.25 -32.60 -2.99
N PHE H 263 -24.26 -31.32 -2.63
CA PHE H 263 -23.04 -30.50 -2.58
C PHE H 263 -22.10 -30.78 -1.41
N ARG H 264 -22.63 -31.17 -0.25
CA ARG H 264 -21.75 -31.45 0.88
C ARG H 264 -20.97 -32.73 0.61
N ASP H 265 -21.56 -33.64 -0.17
CA ASP H 265 -20.90 -34.90 -0.53
C ASP H 265 -19.73 -34.61 -1.44
N SER H 266 -20.01 -33.80 -2.46
CA SER H 266 -19.01 -33.42 -3.41
C SER H 266 -17.92 -32.58 -2.72
N ALA H 267 -18.30 -31.89 -1.67
CA ALA H 267 -17.37 -31.05 -0.93
C ALA H 267 -16.28 -31.87 -0.24
N GLU H 268 -16.63 -33.08 0.21
CA GLU H 268 -15.68 -33.93 0.91
C GLU H 268 -15.10 -35.04 0.01
N LYS H 269 -15.75 -35.23 -1.13
CA LYS H 269 -15.34 -36.27 -2.08
C LYS H 269 -14.38 -35.77 -3.16
N GLU H 270 -14.80 -35.86 -4.41
CA GLU H 270 -13.97 -35.43 -5.53
C GLU H 270 -13.61 -33.95 -5.50
N LEU H 271 -14.58 -33.11 -5.10
CA LEU H 271 -14.34 -31.67 -5.07
C LEU H 271 -13.92 -31.13 -3.72
N LYS H 272 -13.28 -31.97 -2.91
CA LYS H 272 -12.84 -31.49 -1.61
C LYS H 272 -11.64 -30.58 -1.80
N GLY H 273 -11.85 -29.30 -1.54
CA GLY H 273 -10.79 -28.31 -1.68
C GLY H 273 -11.02 -27.38 -2.86
N ILE H 274 -12.18 -27.53 -3.50
CA ILE H 274 -12.52 -26.70 -4.65
C ILE H 274 -13.93 -26.20 -4.47
N LEU H 275 -14.74 -27.04 -3.85
CA LEU H 275 -16.13 -26.71 -3.56
C LEU H 275 -16.32 -26.73 -2.05
N ASP H 276 -17.36 -26.06 -1.58
CA ASP H 276 -17.65 -26.02 -0.17
C ASP H 276 -19.00 -25.41 0.07
N VAL H 277 -19.59 -25.69 1.23
CA VAL H 277 -20.90 -25.16 1.57
C VAL H 277 -20.88 -24.33 2.85
N CYS H 278 -21.48 -23.16 2.75
CA CYS H 278 -21.58 -22.24 3.87
C CYS H 278 -23.00 -22.28 4.40
N ASP H 279 -23.15 -22.67 5.66
CA ASP H 279 -24.47 -22.77 6.24
C ASP H 279 -24.64 -21.63 7.25
N GLU H 280 -23.78 -20.63 7.07
CA GLU H 280 -23.71 -19.40 7.89
C GLU H 280 -24.31 -18.17 7.18
N PRO H 281 -24.85 -17.22 7.95
CA PRO H 281 -25.39 -16.04 7.26
C PRO H 281 -24.22 -15.08 7.01
N LEU H 282 -23.47 -15.34 5.93
CA LEU H 282 -22.31 -14.51 5.60
C LEU H 282 -22.52 -13.55 4.46
N VAL H 283 -21.62 -12.57 4.36
CA VAL H 283 -21.63 -11.55 3.31
C VAL H 283 -20.33 -11.65 2.50
N SER H 284 -20.25 -10.90 1.39
CA SER H 284 -19.11 -10.96 0.52
C SER H 284 -17.80 -10.89 1.26
N VAL H 285 -17.63 -9.86 2.05
CA VAL H 285 -16.39 -9.75 2.79
C VAL H 285 -15.88 -11.05 3.37
N ASP H 286 -16.68 -11.63 4.24
CA ASP H 286 -16.32 -12.86 4.95
C ASP H 286 -15.66 -13.90 4.08
N PHE H 287 -15.92 -13.80 2.77
CA PHE H 287 -15.37 -14.77 1.85
C PHE H 287 -14.00 -14.43 1.29
N ARG H 288 -13.45 -13.29 1.70
CA ARG H 288 -12.12 -12.89 1.25
C ARG H 288 -11.06 -13.96 1.51
N CYS H 289 -10.17 -14.18 0.54
CA CYS H 289 -9.08 -15.16 0.67
C CYS H 289 -9.46 -16.66 0.78
N SER H 290 -10.61 -17.06 0.24
CA SER H 290 -11.02 -18.46 0.30
C SER H 290 -10.38 -19.26 -0.83
N ASP H 291 -9.68 -20.35 -0.48
CA ASP H 291 -9.04 -21.19 -1.49
C ASP H 291 -10.07 -21.98 -2.27
N PHE H 292 -11.35 -21.82 -1.93
CA PHE H 292 -12.39 -22.57 -2.60
C PHE H 292 -12.93 -21.92 -3.85
N SER H 293 -12.57 -22.50 -4.99
CA SER H 293 -13.00 -22.03 -6.30
C SER H 293 -14.50 -21.73 -6.19
N THR H 294 -15.17 -22.38 -5.24
CA THR H 294 -16.59 -22.15 -5.09
C THR H 294 -17.13 -22.57 -3.74
N THR H 295 -18.03 -21.74 -3.21
CA THR H 295 -18.66 -22.00 -1.92
C THR H 295 -20.15 -21.76 -2.04
N ILE H 296 -20.97 -22.74 -1.67
CA ILE H 296 -22.40 -22.57 -1.78
C ILE H 296 -22.98 -21.95 -0.52
N ASP H 297 -23.93 -21.05 -0.72
CA ASP H 297 -24.61 -20.42 0.39
C ASP H 297 -25.91 -21.24 0.46
N SER H 298 -25.80 -22.35 1.18
CA SER H 298 -26.90 -23.30 1.38
C SER H 298 -28.23 -22.65 1.76
N SER H 299 -28.18 -21.76 2.74
CA SER H 299 -29.37 -21.07 3.23
C SER H 299 -30.19 -20.44 2.09
N LEU H 300 -29.63 -20.43 0.88
CA LEU H 300 -30.26 -19.80 -0.29
C LEU H 300 -30.77 -20.69 -1.42
N THR H 301 -30.21 -21.91 -1.54
CA THR H 301 -30.63 -22.82 -2.60
C THR H 301 -32.14 -22.96 -2.64
N MET H 302 -32.73 -22.75 -3.82
CA MET H 302 -34.18 -22.89 -3.95
C MET H 302 -34.57 -23.81 -5.10
N VAL H 303 -35.71 -24.48 -4.92
CA VAL H 303 -36.25 -25.38 -5.93
C VAL H 303 -37.72 -25.02 -6.12
N MET H 304 -38.04 -24.50 -7.30
CA MET H 304 -39.41 -24.12 -7.61
C MET H 304 -40.02 -25.14 -8.56
N GLY H 305 -41.15 -25.71 -8.14
CA GLY H 305 -41.83 -26.69 -8.95
C GLY H 305 -41.06 -27.97 -9.20
N ASP H 306 -40.32 -28.45 -8.20
CA ASP H 306 -39.57 -29.70 -8.32
C ASP H 306 -38.35 -29.74 -9.22
N ASP H 307 -38.37 -29.06 -10.36
CA ASP H 307 -37.21 -29.12 -11.24
C ASP H 307 -36.43 -27.83 -11.52
N MET H 308 -36.95 -26.69 -11.10
CA MET H 308 -36.24 -25.41 -11.30
C MET H 308 -35.37 -25.18 -10.06
N VAL H 309 -34.04 -25.21 -10.25
CA VAL H 309 -33.09 -25.06 -9.14
C VAL H 309 -32.12 -23.88 -9.17
N LYS H 310 -32.28 -22.96 -8.23
CA LYS H 310 -31.41 -21.80 -8.14
C LYS H 310 -30.37 -22.03 -7.06
N VAL H 311 -29.10 -21.86 -7.41
CA VAL H 311 -28.00 -22.05 -6.46
C VAL H 311 -27.06 -20.84 -6.45
N ILE H 312 -26.82 -20.27 -5.27
CA ILE H 312 -25.94 -19.11 -5.17
C ILE H 312 -24.61 -19.49 -4.56
N ALA H 313 -23.53 -19.31 -5.33
CA ALA H 313 -22.18 -19.67 -4.88
C ALA H 313 -21.18 -18.51 -4.89
N TRP H 314 -20.48 -18.34 -3.76
CA TRP H 314 -19.48 -17.29 -3.56
C TRP H 314 -18.08 -17.69 -4.05
N TYR H 315 -17.26 -16.68 -4.34
CA TYR H 315 -15.87 -16.88 -4.78
C TYR H 315 -15.01 -15.61 -4.79
N ASP H 316 -13.74 -15.76 -4.41
CA ASP H 316 -12.80 -14.64 -4.36
C ASP H 316 -12.14 -14.49 -5.73
N ASN H 317 -12.87 -13.90 -6.68
CA ASN H 317 -12.39 -13.72 -8.06
C ASN H 317 -10.90 -13.43 -8.16
N GLU H 318 -10.37 -12.64 -7.25
CA GLU H 318 -8.95 -12.35 -7.28
C GLU H 318 -8.15 -13.49 -6.66
N TRP H 319 -8.12 -13.55 -5.33
CA TRP H 319 -7.36 -14.57 -4.61
C TRP H 319 -7.73 -16.05 -4.77
N GLY H 320 -9.01 -16.36 -4.94
CA GLY H 320 -9.37 -17.75 -5.10
C GLY H 320 -8.71 -18.25 -6.39
N TYR H 321 -9.06 -17.58 -7.49
CA TYR H 321 -8.56 -17.86 -8.83
C TYR H 321 -7.07 -18.19 -8.89
N SER H 322 -6.26 -17.22 -8.45
CA SER H 322 -4.80 -17.35 -8.45
C SER H 322 -4.33 -18.71 -7.92
N GLN H 323 -4.83 -19.11 -6.75
CA GLN H 323 -4.45 -20.40 -6.15
C GLN H 323 -4.67 -21.54 -7.17
N ARG H 324 -5.69 -21.39 -8.02
CA ARG H 324 -5.98 -22.38 -9.04
C ARG H 324 -4.88 -22.35 -10.09
N VAL H 325 -4.44 -21.14 -10.42
CA VAL H 325 -3.38 -20.97 -11.39
C VAL H 325 -2.13 -21.61 -10.80
N VAL H 326 -1.77 -21.23 -9.58
CA VAL H 326 -0.61 -21.83 -8.94
C VAL H 326 -0.84 -23.33 -8.83
N ASP H 327 -2.10 -23.72 -8.65
CA ASP H 327 -2.44 -25.14 -8.58
C ASP H 327 -2.23 -25.74 -9.96
N LEU H 328 -2.76 -25.07 -10.99
CA LEU H 328 -2.66 -25.55 -12.36
C LEU H 328 -1.22 -25.60 -12.83
N ALA H 329 -0.35 -24.88 -12.13
CA ALA H 329 1.06 -24.85 -12.45
C ALA H 329 1.77 -26.01 -11.78
N ASP H 330 1.14 -26.60 -10.78
CA ASP H 330 1.74 -27.72 -10.08
C ASP H 330 1.50 -28.98 -10.89
N ILE H 331 0.43 -28.99 -11.67
CA ILE H 331 0.10 -30.14 -12.51
C ILE H 331 1.04 -30.16 -13.72
N VAL H 332 1.54 -28.99 -14.09
CA VAL H 332 2.47 -28.87 -15.21
C VAL H 332 3.86 -29.10 -14.65
N ALA H 333 3.97 -29.03 -13.33
CA ALA H 333 5.23 -29.23 -12.64
C ALA H 333 5.40 -30.71 -12.35
N ASN H 334 4.31 -31.45 -12.54
CA ASN H 334 4.29 -32.89 -12.33
C ASN H 334 4.29 -33.65 -13.66
N ASN H 335 3.55 -33.15 -14.64
CA ASN H 335 3.48 -33.79 -15.96
C ASN H 335 4.65 -33.36 -16.85
N TRP H 336 5.58 -32.59 -16.28
CA TRP H 336 6.76 -32.10 -16.99
C TRP H 336 7.84 -33.16 -17.02
N SER I 61 45.26 5.72 12.22
CA SER I 61 44.43 5.59 10.97
C SER I 61 43.77 6.92 10.62
N ASP I 62 43.69 7.22 9.33
CA ASP I 62 43.06 8.45 8.90
C ASP I 62 41.67 8.16 8.35
N PRO I 63 40.78 9.15 8.43
CA PRO I 63 39.40 9.05 7.96
C PRO I 63 39.19 8.57 6.53
N LEU I 64 39.94 9.15 5.60
CA LEU I 64 39.78 8.80 4.20
C LEU I 64 40.02 7.34 3.87
N GLU I 65 40.97 6.72 4.58
CA GLU I 65 41.27 5.33 4.30
C GLU I 65 40.16 4.39 4.72
N GLU I 66 39.53 4.69 5.86
CA GLU I 66 38.43 3.86 6.34
C GLU I 66 37.27 3.96 5.35
N TYR I 67 36.94 5.19 4.95
CA TYR I 67 35.85 5.44 4.00
C TYR I 67 36.06 4.60 2.76
N CYS I 68 37.30 4.65 2.27
CA CYS I 68 37.72 3.94 1.07
C CYS I 68 37.46 2.44 1.14
N LYS I 69 37.68 1.85 2.31
CA LYS I 69 37.46 0.42 2.50
C LYS I 69 36.08 0.01 1.97
N ASP I 70 35.05 0.71 2.45
CA ASP I 70 33.67 0.43 2.06
C ASP I 70 33.25 0.99 0.71
N ASN I 71 33.79 2.16 0.35
CA ASN I 71 33.45 2.80 -0.91
C ASN I 71 34.69 2.95 -1.76
N PRO I 72 35.18 1.84 -2.30
CA PRO I 72 36.37 1.81 -3.15
C PRO I 72 36.20 2.46 -4.52
N GLU I 73 35.01 2.33 -5.11
CA GLU I 73 34.74 2.87 -6.44
C GLU I 73 34.52 4.39 -6.47
N THR I 74 34.72 5.05 -5.33
CA THR I 74 34.53 6.50 -5.23
C THR I 74 35.57 7.25 -6.04
N ASN I 75 35.42 8.57 -6.11
CA ASN I 75 36.36 9.41 -6.84
C ASN I 75 37.64 9.59 -6.02
N GLU I 76 37.45 9.81 -4.72
CA GLU I 76 38.56 10.02 -3.81
C GLU I 76 39.27 8.74 -3.34
N CYS I 77 38.87 7.59 -3.88
CA CYS I 77 39.51 6.35 -3.46
C CYS I 77 40.12 5.51 -4.60
N ARG I 78 39.54 5.60 -5.80
CA ARG I 78 40.03 4.85 -6.96
C ARG I 78 41.56 4.90 -7.06
N THR I 79 42.18 3.72 -7.21
CA THR I 79 43.65 3.64 -7.32
C THR I 79 44.12 2.57 -8.35
N TYR I 80 44.12 2.96 -9.63
CA TYR I 80 44.54 2.07 -10.70
C TYR I 80 46.07 2.06 -10.68
N ASP I 81 46.67 0.87 -10.72
CA ASP I 81 48.14 0.75 -10.63
C ASP I 81 48.98 1.37 -11.74
N ASN I 82 48.72 0.97 -12.98
CA ASN I 82 49.47 1.52 -14.10
C ASN I 82 48.59 2.50 -14.87
N ASP J 62 64.87 17.15 -47.82
CA ASP J 62 66.15 17.94 -47.86
C ASP J 62 65.94 19.44 -48.08
N PRO J 63 64.94 19.82 -48.90
CA PRO J 63 64.67 21.24 -49.16
C PRO J 63 64.65 22.02 -47.85
N LEU J 64 63.93 21.47 -46.90
CA LEU J 64 63.80 22.09 -45.60
C LEU J 64 65.12 22.27 -44.88
N GLU J 65 65.96 21.25 -44.90
CA GLU J 65 67.24 21.37 -44.20
C GLU J 65 67.93 22.67 -44.64
N GLU J 66 67.99 22.89 -45.95
CA GLU J 66 68.64 24.07 -46.51
C GLU J 66 67.98 25.37 -46.07
N TYR J 67 66.65 25.39 -46.21
CA TYR J 67 65.85 26.55 -45.83
C TYR J 67 66.28 26.97 -44.45
N CYS J 68 66.25 26.01 -43.54
CA CYS J 68 66.62 26.20 -42.16
C CYS J 68 67.98 26.82 -41.95
N LYS J 69 68.96 26.42 -42.75
CA LYS J 69 70.31 26.93 -42.60
C LYS J 69 70.37 28.46 -42.57
N ASP J 70 69.42 29.12 -43.23
CA ASP J 70 69.41 30.58 -43.25
C ASP J 70 68.25 31.19 -42.45
N ASN J 71 67.32 30.33 -42.03
CA ASN J 71 66.14 30.76 -41.24
C ASN J 71 66.06 29.87 -40.01
N PRO J 72 67.16 29.74 -39.26
CA PRO J 72 67.18 28.88 -38.07
C PRO J 72 66.06 29.11 -37.07
N GLU J 73 65.52 30.33 -37.00
CA GLU J 73 64.46 30.62 -36.04
C GLU J 73 63.03 30.38 -36.54
N THR J 74 62.87 29.90 -37.77
CA THR J 74 61.52 29.64 -38.29
C THR J 74 60.80 28.45 -37.64
N ASN J 75 59.49 28.39 -37.85
CA ASN J 75 58.63 27.35 -37.30
C ASN J 75 59.05 25.92 -37.64
N GLU J 76 59.37 25.69 -38.91
CA GLU J 76 59.77 24.37 -39.39
C GLU J 76 61.27 24.15 -39.30
N CYS J 77 61.92 24.76 -38.32
CA CYS J 77 63.36 24.64 -38.14
C CYS J 77 63.71 24.57 -36.68
N ARG J 78 63.34 25.63 -35.96
CA ARG J 78 63.59 25.76 -34.52
C ARG J 78 63.86 24.42 -33.85
N THR J 79 65.04 24.28 -33.29
CA THR J 79 65.41 23.05 -32.62
C THR J 79 66.12 23.38 -31.31
N TYR J 80 65.50 23.01 -30.19
CA TYR J 80 66.07 23.26 -28.86
C TYR J 80 66.49 21.94 -28.19
N ASP J 81 67.49 22.01 -27.32
CA ASP J 81 68.02 20.83 -26.64
C ASP J 81 67.17 20.30 -25.48
N ASN J 82 65.88 20.60 -25.51
CA ASN J 82 64.98 20.16 -24.44
C ASN J 82 63.57 19.80 -24.94
N ASP K 62 -78.78 -34.64 66.22
CA ASP K 62 -78.09 -34.21 64.97
C ASP K 62 -79.07 -34.21 63.80
N PRO K 63 -79.25 -33.03 63.18
CA PRO K 63 -80.15 -32.84 62.04
C PRO K 63 -80.01 -33.85 60.92
N LEU K 64 -78.99 -33.65 60.09
CA LEU K 64 -78.78 -34.52 58.93
C LEU K 64 -78.89 -36.00 59.21
N GLU K 65 -78.51 -36.41 60.42
CA GLU K 65 -78.57 -37.81 60.77
C GLU K 65 -80.03 -38.21 60.86
N GLU K 66 -80.84 -37.32 61.42
CA GLU K 66 -82.25 -37.59 61.53
C GLU K 66 -82.76 -37.68 60.11
N TYR K 67 -82.44 -36.66 59.33
CA TYR K 67 -82.86 -36.60 57.94
C TYR K 67 -82.57 -37.90 57.22
N CYS K 68 -81.30 -38.29 57.23
CA CYS K 68 -80.87 -39.49 56.56
C CYS K 68 -81.57 -40.78 56.91
N LYS K 69 -82.27 -40.81 58.03
CA LYS K 69 -82.98 -42.03 58.41
C LYS K 69 -84.17 -42.23 57.48
N ASP K 70 -84.83 -41.13 57.13
CA ASP K 70 -86.01 -41.19 56.27
C ASP K 70 -85.65 -41.30 54.79
N ASN K 71 -84.47 -40.79 54.44
CA ASN K 71 -84.03 -40.80 53.06
C ASN K 71 -82.55 -41.19 53.02
N PRO K 72 -82.26 -42.46 53.30
CA PRO K 72 -80.91 -43.03 53.31
C PRO K 72 -80.29 -43.24 51.95
N GLU K 73 -81.02 -42.89 50.91
CA GLU K 73 -80.51 -43.05 49.55
C GLU K 73 -80.29 -41.71 48.88
N THR K 74 -80.28 -40.65 49.67
CA THR K 74 -80.08 -39.32 49.12
C THR K 74 -78.58 -39.05 49.01
N ASN K 75 -78.23 -37.93 48.40
CA ASN K 75 -76.83 -37.53 48.21
C ASN K 75 -76.10 -37.48 49.53
N GLU K 76 -76.68 -36.74 50.46
CA GLU K 76 -76.12 -36.53 51.79
C GLU K 76 -76.25 -37.71 52.75
N CYS K 77 -76.80 -38.81 52.26
CA CYS K 77 -77.00 -39.98 53.11
C CYS K 77 -76.24 -41.21 52.71
N ARG K 78 -76.37 -41.62 51.47
CA ARG K 78 -75.70 -42.81 51.00
C ARG K 78 -74.41 -43.08 51.71
N THR K 79 -74.13 -44.35 51.96
CA THR K 79 -72.93 -44.77 52.67
C THR K 79 -72.63 -46.24 52.31
N TYR K 80 -71.85 -46.43 51.25
CA TYR K 80 -71.49 -47.75 50.76
C TYR K 80 -70.28 -48.32 51.46
N ASP K 81 -70.48 -49.37 52.24
CA ASP K 81 -69.37 -50.01 52.95
C ASP K 81 -68.56 -50.89 52.01
N ASN K 82 -67.25 -50.93 52.16
CA ASN K 82 -66.43 -51.79 51.31
C ASN K 82 -66.07 -53.05 52.03
N ASP L 59 -37.49 -61.78 27.60
CA ASP L 59 -37.23 -62.37 26.27
C ASP L 59 -37.14 -61.37 25.13
N GLY L 60 -36.83 -60.11 25.44
CA GLY L 60 -36.71 -59.12 24.35
C GLY L 60 -36.44 -57.68 24.73
N SER L 61 -36.26 -56.86 23.71
CA SER L 61 -36.04 -55.41 23.81
C SER L 61 -35.06 -54.88 24.87
N ASP L 62 -35.57 -53.98 25.72
CA ASP L 62 -34.79 -53.32 26.69
C ASP L 62 -33.71 -52.41 26.08
N PRO L 63 -33.95 -51.86 24.88
CA PRO L 63 -32.94 -50.98 24.30
C PRO L 63 -33.00 -49.68 25.07
N LEU L 64 -34.12 -49.45 25.72
CA LEU L 64 -34.26 -48.22 26.47
C LEU L 64 -33.19 -48.14 27.54
N GLU L 65 -32.38 -49.18 27.67
CA GLU L 65 -31.30 -49.16 28.63
C GLU L 65 -30.18 -48.27 28.13
N GLU L 66 -29.87 -48.41 26.84
CA GLU L 66 -28.80 -47.65 26.20
C GLU L 66 -29.14 -46.20 26.15
N TYR L 67 -30.21 -45.89 25.44
CA TYR L 67 -30.70 -44.52 25.30
C TYR L 67 -30.99 -43.83 26.65
N CYS L 68 -31.56 -44.53 27.65
CA CYS L 68 -31.81 -43.90 28.96
C CYS L 68 -30.54 -43.65 29.78
N LYS L 69 -29.44 -44.34 29.48
CA LYS L 69 -28.22 -44.15 30.28
C LYS L 69 -27.50 -42.88 29.86
N ASP L 70 -27.60 -42.60 28.56
CA ASP L 70 -26.97 -41.43 28.00
C ASP L 70 -28.02 -40.34 27.78
N ASN L 71 -29.26 -40.62 28.19
CA ASN L 71 -30.37 -39.67 28.06
C ASN L 71 -31.35 -39.97 29.19
N PRO L 72 -31.08 -39.41 30.38
CA PRO L 72 -31.89 -39.58 31.58
C PRO L 72 -33.10 -38.67 31.74
N GLU L 73 -33.11 -37.54 31.05
CA GLU L 73 -34.24 -36.64 31.19
C GLU L 73 -35.45 -36.93 30.30
N THR L 74 -35.21 -37.46 29.11
CA THR L 74 -36.32 -37.74 28.18
C THR L 74 -37.52 -38.39 28.85
N ASN L 75 -38.68 -38.18 28.24
CA ASN L 75 -39.94 -38.72 28.72
C ASN L 75 -40.00 -40.20 29.10
N GLU L 76 -39.18 -41.05 28.50
CA GLU L 76 -39.24 -42.48 28.87
C GLU L 76 -38.06 -42.93 29.72
N CYS L 77 -37.31 -41.97 30.23
CA CYS L 77 -36.13 -42.31 30.99
C CYS L 77 -36.18 -41.79 32.41
N SER M 61 -32.99 19.03 16.93
CA SER M 61 -34.13 19.99 16.84
C SER M 61 -34.64 20.39 18.22
N ASP M 62 -35.94 20.64 18.32
CA ASP M 62 -36.54 21.00 19.60
C ASP M 62 -37.42 19.83 20.01
N PRO M 63 -38.21 19.27 19.07
CA PRO M 63 -39.08 18.14 19.38
C PRO M 63 -38.23 16.87 19.42
N LEU M 64 -37.30 16.75 18.47
CA LEU M 64 -36.43 15.58 18.41
C LEU M 64 -35.33 15.62 19.47
N GLU M 65 -34.62 16.74 19.54
CA GLU M 65 -33.57 16.87 20.52
C GLU M 65 -34.11 16.36 21.85
N GLU M 66 -35.39 16.63 22.09
CA GLU M 66 -36.09 16.21 23.29
C GLU M 66 -36.13 14.68 23.37
N TYR M 67 -36.49 14.08 22.24
CA TYR M 67 -36.58 12.64 22.08
C TYR M 67 -35.29 11.94 22.40
N CYS M 68 -34.19 12.57 22.03
CA CYS M 68 -32.87 12.00 22.25
C CYS M 68 -32.40 11.98 23.69
N LYS M 69 -32.86 12.93 24.51
CA LYS M 69 -32.44 12.96 25.91
C LYS M 69 -32.62 11.57 26.47
N ASP M 70 -33.65 10.90 25.98
CA ASP M 70 -34.02 9.56 26.44
C ASP M 70 -33.67 8.43 25.47
N ASN M 71 -33.09 8.76 24.32
CA ASN M 71 -32.77 7.73 23.35
C ASN M 71 -31.49 7.97 22.57
N PRO M 72 -30.38 8.25 23.26
CA PRO M 72 -29.11 8.50 22.58
C PRO M 72 -28.61 7.32 21.74
N GLU M 73 -29.17 6.14 21.98
CA GLU M 73 -28.75 4.96 21.24
C GLU M 73 -29.33 4.95 19.83
N THR M 74 -30.52 5.54 19.67
CA THR M 74 -31.22 5.58 18.39
C THR M 74 -30.46 6.18 17.23
N ASN M 75 -30.92 5.84 16.02
CA ASN M 75 -30.29 6.31 14.80
C ASN M 75 -30.32 7.84 14.71
N GLU M 76 -31.43 8.43 15.09
CA GLU M 76 -31.56 9.88 15.03
C GLU M 76 -30.88 10.60 16.20
N CYS M 77 -30.12 9.87 17.01
CA CYS M 77 -29.51 10.50 18.17
C CYS M 77 -27.99 10.41 18.35
N ARG M 78 -27.41 9.24 18.10
CA ARG M 78 -25.97 9.01 18.26
C ARG M 78 -25.07 10.17 17.86
N THR M 79 -24.04 10.42 18.66
CA THR M 79 -23.07 11.48 18.39
C THR M 79 -21.72 11.10 18.97
N TYR M 80 -20.80 10.72 18.10
CA TYR M 80 -19.47 10.29 18.50
C TYR M 80 -18.49 11.44 18.32
N ASP M 81 -17.54 11.59 19.24
CA ASP M 81 -16.59 12.68 19.14
C ASP M 81 -15.35 12.42 18.29
N ASN M 82 -15.49 12.68 17.00
CA ASN M 82 -14.41 12.53 16.03
C ASN M 82 -14.16 13.93 15.49
N ASP N 62 -16.04 2.70 -33.80
CA ASP N 62 -15.33 2.31 -35.06
C ASP N 62 -13.86 2.76 -34.99
N PRO N 63 -13.63 4.01 -34.59
CA PRO N 63 -12.28 4.57 -34.48
C PRO N 63 -11.36 3.85 -33.48
N LEU N 64 -11.76 3.86 -32.21
CA LEU N 64 -10.98 3.24 -31.14
C LEU N 64 -10.86 1.73 -31.31
N GLU N 65 -11.86 1.13 -31.94
CA GLU N 65 -11.90 -0.32 -32.13
C GLU N 65 -10.62 -0.79 -32.78
N GLU N 66 -10.11 0.03 -33.68
CA GLU N 66 -8.90 -0.27 -34.41
C GLU N 66 -7.68 0.08 -33.57
N TYR N 67 -7.84 1.12 -32.75
CA TYR N 67 -6.77 1.59 -31.90
C TYR N 67 -6.27 0.54 -30.94
N CYS N 68 -7.16 0.15 -30.03
CA CYS N 68 -6.83 -0.85 -29.02
C CYS N 68 -6.22 -2.08 -29.66
N LYS N 69 -6.48 -2.25 -30.95
CA LYS N 69 -5.97 -3.39 -31.68
C LYS N 69 -4.45 -3.39 -31.64
N ASP N 70 -3.87 -2.27 -31.22
CA ASP N 70 -2.42 -2.15 -31.13
C ASP N 70 -2.04 -1.73 -29.73
N ASN N 71 -3.04 -1.41 -28.93
CA ASN N 71 -2.83 -0.97 -27.55
C ASN N 71 -4.00 -1.48 -26.71
N PRO N 72 -3.90 -2.72 -26.22
CA PRO N 72 -4.92 -3.37 -25.39
C PRO N 72 -5.00 -2.97 -23.92
N GLU N 73 -3.84 -2.73 -23.30
CA GLU N 73 -3.79 -2.37 -21.89
C GLU N 73 -4.30 -0.96 -21.64
N THR N 74 -4.51 -0.22 -22.71
CA THR N 74 -4.99 1.15 -22.60
C THR N 74 -6.22 1.19 -21.71
N ASN N 75 -6.34 2.23 -20.91
CA ASN N 75 -7.47 2.37 -20.03
C ASN N 75 -8.75 2.21 -20.84
N GLU N 76 -8.82 2.85 -22.01
CA GLU N 76 -10.00 2.75 -22.86
C GLU N 76 -10.06 1.45 -23.63
N CYS N 77 -9.24 0.49 -23.22
CA CYS N 77 -9.20 -0.81 -23.88
C CYS N 77 -9.57 -1.95 -22.95
N ARG N 78 -8.71 -2.21 -21.96
CA ARG N 78 -8.93 -3.27 -20.97
C ARG N 78 -10.34 -3.85 -21.00
N THR N 79 -10.45 -5.15 -21.20
CA THR N 79 -11.75 -5.79 -21.23
C THR N 79 -11.65 -7.23 -20.76
N TYR N 80 -11.77 -7.44 -19.46
CA TYR N 80 -11.68 -8.80 -18.92
C TYR N 80 -13.08 -9.43 -18.91
N ALA O 1 -90.39 -73.82 36.19
CA ALA O 1 -89.21 -73.60 35.29
C ALA O 1 -88.05 -72.94 36.02
N LYS O 2 -87.51 -71.86 35.43
CA LYS O 2 -86.41 -71.12 36.02
C LYS O 2 -86.94 -70.23 37.11
N LEU O 3 -86.07 -69.92 38.06
CA LEU O 3 -86.46 -69.05 39.15
C LEU O 3 -86.63 -67.64 38.60
N LYS O 4 -87.73 -67.02 38.99
CA LYS O 4 -88.03 -65.67 38.58
C LYS O 4 -87.27 -64.70 39.50
N VAL O 5 -86.51 -63.81 38.85
CA VAL O 5 -85.70 -62.84 39.56
C VAL O 5 -86.07 -61.37 39.30
N ALA O 6 -86.03 -60.58 40.36
CA ALA O 6 -86.32 -59.15 40.25
C ALA O 6 -85.11 -58.44 40.78
N ILE O 7 -84.76 -57.34 40.11
CA ILE O 7 -83.65 -56.54 40.56
C ILE O 7 -84.20 -55.27 41.13
N ASN O 8 -83.95 -55.07 42.40
CA ASN O 8 -84.43 -53.90 43.08
C ASN O 8 -83.21 -53.02 43.34
N GLY O 9 -83.16 -51.90 42.64
CA GLY O 9 -82.04 -50.99 42.80
C GLY O 9 -81.16 -51.12 41.58
N PHE O 10 -81.69 -50.69 40.45
CA PHE O 10 -80.99 -50.80 39.19
C PHE O 10 -79.79 -49.86 39.06
N GLY O 11 -78.90 -49.87 40.05
CA GLY O 11 -77.74 -49.02 39.97
C GLY O 11 -76.56 -49.70 39.30
N ARG O 12 -75.37 -49.45 39.81
CA ARG O 12 -74.17 -50.03 39.25
C ARG O 12 -74.22 -51.54 39.40
N ILE O 13 -74.27 -52.02 40.64
CA ILE O 13 -74.32 -53.46 40.83
C ILE O 13 -75.57 -53.99 40.13
N GLY O 14 -76.68 -53.27 40.27
CA GLY O 14 -77.91 -53.67 39.65
C GLY O 14 -77.74 -53.97 38.17
N ARG O 15 -77.26 -53.00 37.42
CA ARG O 15 -77.07 -53.18 35.99
C ARG O 15 -75.90 -54.06 35.63
N ASN O 16 -74.87 -54.05 36.46
CA ASN O 16 -73.70 -54.90 36.19
C ASN O 16 -74.20 -56.32 36.33
N PHE O 17 -74.94 -56.57 37.41
CA PHE O 17 -75.50 -57.87 37.66
C PHE O 17 -76.12 -58.37 36.39
N LEU O 18 -77.10 -57.62 35.91
CA LEU O 18 -77.81 -58.00 34.71
C LEU O 18 -76.90 -58.38 33.54
N ARG O 19 -76.01 -57.49 33.11
CA ARG O 19 -75.13 -57.83 31.98
C ARG O 19 -74.48 -59.17 32.31
N CYS O 20 -73.83 -59.28 33.47
CA CYS O 20 -73.21 -60.54 33.86
C CYS O 20 -74.12 -61.72 33.55
N TRP O 21 -75.31 -61.68 34.12
CA TRP O 21 -76.30 -62.71 33.92
C TRP O 21 -76.47 -62.93 32.44
N HIS O 22 -76.79 -61.85 31.75
CA HIS O 22 -77.01 -61.95 30.33
C HIS O 22 -75.95 -62.79 29.62
N GLY O 23 -74.70 -62.66 30.02
CA GLY O 23 -73.65 -63.41 29.36
C GLY O 23 -73.43 -64.83 29.83
N ARG O 24 -74.24 -65.31 30.75
CA ARG O 24 -74.10 -66.67 31.27
C ARG O 24 -74.77 -67.72 30.40
N LYS O 25 -74.15 -68.90 30.27
CA LYS O 25 -74.75 -69.96 29.46
C LYS O 25 -75.66 -70.82 30.35
N ASP O 26 -76.89 -71.08 29.88
CA ASP O 26 -77.87 -71.87 30.63
C ASP O 26 -77.96 -71.45 32.10
N SER O 27 -78.60 -70.32 32.34
CA SER O 27 -78.74 -69.84 33.70
C SER O 27 -80.08 -70.32 34.15
N PRO O 28 -80.16 -70.71 35.43
CA PRO O 28 -81.34 -71.21 36.14
C PRO O 28 -82.25 -70.05 36.56
N LEU O 29 -81.74 -68.84 36.37
CA LEU O 29 -82.45 -67.62 36.72
C LEU O 29 -83.17 -67.02 35.53
N ASP O 30 -84.23 -66.30 35.81
CA ASP O 30 -84.96 -65.66 34.76
C ASP O 30 -85.35 -64.29 35.21
N ILE O 31 -84.53 -63.30 34.87
CA ILE O 31 -84.79 -61.93 35.25
C ILE O 31 -86.09 -61.44 34.58
N ILE O 32 -87.11 -61.19 35.41
CA ILE O 32 -88.39 -60.75 34.86
C ILE O 32 -88.82 -59.37 35.32
N ALA O 33 -88.14 -58.82 36.33
CA ALA O 33 -88.50 -57.49 36.83
C ALA O 33 -87.35 -56.63 37.36
N ILE O 34 -87.50 -55.32 37.17
CA ILE O 34 -86.54 -54.33 37.61
C ILE O 34 -87.35 -53.24 38.29
N ASN O 35 -86.82 -52.65 39.35
CA ASN O 35 -87.51 -51.55 40.05
C ASN O 35 -86.42 -50.58 40.44
N ASP O 36 -86.67 -49.29 40.25
CA ASP O 36 -85.68 -48.28 40.61
C ASP O 36 -86.49 -47.01 40.70
N THR O 37 -85.96 -46.00 41.37
CA THR O 37 -86.68 -44.74 41.50
C THR O 37 -86.79 -44.02 40.13
N GLY O 38 -85.94 -44.42 39.19
CA GLY O 38 -85.89 -43.78 37.89
C GLY O 38 -86.82 -44.07 36.73
N GLY O 39 -87.35 -45.28 36.58
CA GLY O 39 -88.23 -45.52 35.45
C GLY O 39 -87.61 -46.05 34.16
N VAL O 40 -88.46 -46.59 33.28
CA VAL O 40 -88.08 -47.19 31.99
C VAL O 40 -87.04 -46.46 31.15
N LYS O 41 -87.34 -45.20 30.87
CA LYS O 41 -86.46 -44.35 30.09
C LYS O 41 -85.02 -44.37 30.61
N GLN O 42 -84.85 -44.20 31.92
CA GLN O 42 -83.53 -44.21 32.52
C GLN O 42 -82.98 -45.62 32.43
N ALA O 43 -83.81 -46.57 32.80
CA ALA O 43 -83.39 -47.96 32.80
C ALA O 43 -82.81 -48.41 31.48
N SER O 44 -83.56 -48.20 30.42
CA SER O 44 -83.15 -48.62 29.10
C SER O 44 -81.86 -47.96 28.65
N HIS O 45 -81.83 -46.64 28.70
CA HIS O 45 -80.66 -45.90 28.29
C HIS O 45 -79.40 -46.33 29.03
N LEU O 46 -79.47 -46.36 30.36
CA LEU O 46 -78.31 -46.71 31.15
C LEU O 46 -77.89 -48.17 31.08
N LEU O 47 -78.77 -49.02 30.57
CA LEU O 47 -78.45 -50.44 30.41
C LEU O 47 -77.65 -50.58 29.13
N LYS O 48 -77.94 -49.75 28.13
CA LYS O 48 -77.23 -49.80 26.85
C LYS O 48 -75.91 -49.04 26.87
N TYR O 49 -75.90 -47.84 27.43
CA TYR O 49 -74.67 -47.05 27.46
C TYR O 49 -74.06 -47.00 28.83
N ASP O 50 -72.83 -47.47 28.97
CA ASP O 50 -72.20 -47.45 30.28
C ASP O 50 -70.81 -46.86 30.20
N SER O 51 -70.58 -45.76 30.90
CA SER O 51 -69.28 -45.11 30.87
C SER O 51 -68.15 -45.97 31.40
N THR O 52 -68.49 -47.09 32.05
CA THR O 52 -67.46 -47.99 32.58
C THR O 52 -67.33 -49.25 31.74
N LEU O 53 -68.47 -49.81 31.34
CA LEU O 53 -68.52 -51.04 30.58
C LEU O 53 -68.55 -50.90 29.07
N GLY O 54 -68.94 -49.72 28.59
CA GLY O 54 -69.03 -49.49 27.17
C GLY O 54 -70.45 -49.79 26.75
N ILE O 55 -70.75 -49.58 25.48
CA ILE O 55 -72.09 -49.87 24.96
C ILE O 55 -72.35 -51.34 25.21
N PHE O 56 -73.59 -51.67 25.55
CA PHE O 56 -73.99 -53.03 25.83
C PHE O 56 -74.26 -53.73 24.53
N ASP O 57 -73.55 -54.82 24.27
CA ASP O 57 -73.83 -55.50 23.03
C ASP O 57 -75.09 -56.37 23.09
N ALA O 58 -76.25 -55.74 22.92
CA ALA O 58 -77.52 -56.45 22.94
C ALA O 58 -78.54 -55.45 22.46
N ASP O 59 -79.72 -55.92 22.08
CA ASP O 59 -80.77 -55.02 21.64
C ASP O 59 -81.60 -54.57 22.79
N VAL O 60 -81.29 -53.37 23.28
CA VAL O 60 -82.03 -52.83 24.41
C VAL O 60 -82.93 -51.71 23.91
N LYS O 61 -84.20 -51.79 24.26
CA LYS O 61 -85.16 -50.79 23.85
C LYS O 61 -86.43 -50.96 24.66
N PRO O 62 -87.18 -49.86 24.83
CA PRO O 62 -88.41 -49.92 25.60
C PRO O 62 -89.45 -50.86 25.04
N SER O 63 -90.17 -51.50 25.93
CA SER O 63 -91.23 -52.41 25.56
C SER O 63 -92.45 -51.86 26.28
N GLY O 64 -93.20 -51.03 25.58
CA GLY O 64 -94.36 -50.45 26.22
C GLY O 64 -93.88 -49.35 27.15
N GLU O 65 -94.81 -48.82 27.95
CA GLU O 65 -94.48 -47.76 28.87
C GLU O 65 -93.93 -48.30 30.16
N THR O 66 -94.10 -49.59 30.40
CA THR O 66 -93.65 -50.14 31.65
C THR O 66 -92.69 -51.30 31.63
N ALA O 67 -91.99 -51.50 30.52
CA ALA O 67 -91.02 -52.58 30.41
C ALA O 67 -89.96 -52.26 29.40
N ILE O 68 -88.89 -53.03 29.44
CA ILE O 68 -87.81 -52.86 28.49
C ILE O 68 -87.61 -54.26 27.91
N SER O 69 -87.04 -54.31 26.73
CA SER O 69 -86.81 -55.58 26.11
C SER O 69 -85.34 -55.69 25.82
N VAL O 70 -84.76 -56.81 26.20
CA VAL O 70 -83.35 -57.04 25.96
C VAL O 70 -83.25 -58.24 25.02
N ASP O 71 -82.82 -57.99 23.79
CA ASP O 71 -82.71 -59.03 22.81
C ASP O 71 -84.04 -59.78 22.76
N GLY O 72 -85.13 -59.03 22.76
CA GLY O 72 -86.43 -59.64 22.66
C GLY O 72 -87.06 -60.22 23.91
N LYS O 73 -86.28 -60.36 24.97
CA LYS O 73 -86.83 -60.87 26.23
C LYS O 73 -87.31 -59.67 27.03
N ILE O 74 -88.61 -59.63 27.32
CA ILE O 74 -89.17 -58.52 28.05
C ILE O 74 -88.89 -58.61 29.55
N ILE O 75 -88.65 -57.45 30.14
CA ILE O 75 -88.36 -57.31 31.56
C ILE O 75 -89.20 -56.15 32.11
N GLN O 76 -90.14 -56.47 33.00
CA GLN O 76 -91.00 -55.46 33.56
C GLN O 76 -90.20 -54.44 34.34
N VAL O 77 -90.62 -53.18 34.30
CA VAL O 77 -89.93 -52.11 35.02
C VAL O 77 -90.92 -51.34 35.89
N VAL O 78 -90.60 -51.18 37.17
CA VAL O 78 -91.48 -50.47 38.09
C VAL O 78 -90.72 -49.41 38.89
N SER O 79 -91.40 -48.35 39.34
CA SER O 79 -90.74 -47.27 40.11
C SER O 79 -91.39 -47.01 41.45
N ASN O 80 -91.12 -47.87 42.42
CA ASN O 80 -91.70 -47.74 43.76
C ASN O 80 -90.59 -47.78 44.80
N ARG O 81 -90.39 -46.70 45.55
CA ARG O 81 -89.34 -46.69 46.54
C ARG O 81 -89.69 -47.47 47.79
N ASN O 82 -90.93 -47.94 47.93
CA ASN O 82 -91.32 -48.72 49.12
C ASN O 82 -91.38 -50.23 48.81
N PRO O 83 -90.36 -50.98 49.25
CA PRO O 83 -90.32 -52.41 48.99
C PRO O 83 -91.59 -53.14 49.38
N SER O 84 -92.13 -52.82 50.54
CA SER O 84 -93.32 -53.50 50.98
C SER O 84 -94.43 -53.46 49.96
N LEU O 85 -94.40 -52.48 49.07
CA LEU O 85 -95.46 -52.33 48.10
C LEU O 85 -95.18 -52.84 46.69
N LEU O 86 -94.05 -53.52 46.49
CA LEU O 86 -93.73 -54.04 45.16
C LEU O 86 -94.66 -55.23 44.83
N PRO O 87 -94.96 -55.45 43.54
CA PRO O 87 -95.84 -56.53 43.08
C PRO O 87 -95.09 -57.83 42.86
N TRP O 88 -94.37 -58.28 43.88
CA TRP O 88 -93.61 -59.51 43.80
C TRP O 88 -94.55 -60.70 43.88
N LYS O 89 -95.57 -60.59 44.73
CA LYS O 89 -96.55 -61.64 44.89
C LYS O 89 -97.25 -61.86 43.59
N GLU O 90 -97.77 -60.79 43.04
CA GLU O 90 -98.50 -60.90 41.80
C GLU O 90 -97.65 -61.32 40.60
N LEU O 91 -96.33 -61.26 40.74
CA LEU O 91 -95.42 -61.63 39.65
C LEU O 91 -94.72 -62.97 40.00
N GLY O 92 -94.94 -63.44 41.22
CA GLY O 92 -94.35 -64.67 41.66
C GLY O 92 -92.84 -64.61 41.59
N ILE O 93 -92.28 -63.58 42.24
CA ILE O 93 -90.83 -63.39 42.27
C ILE O 93 -90.25 -64.34 43.28
N ASP O 94 -89.43 -65.26 42.82
CA ASP O 94 -88.84 -66.20 43.73
C ASP O 94 -87.79 -65.50 44.54
N ILE O 95 -86.83 -64.91 43.84
CA ILE O 95 -85.74 -64.24 44.51
C ILE O 95 -85.51 -62.81 44.01
N VAL O 96 -85.23 -61.92 44.97
CA VAL O 96 -84.99 -60.50 44.74
C VAL O 96 -83.54 -60.14 44.99
N ILE O 97 -82.95 -59.43 44.03
CA ILE O 97 -81.59 -59.00 44.18
C ILE O 97 -81.67 -57.57 44.69
N GLU O 98 -81.47 -57.40 45.98
CA GLU O 98 -81.55 -56.08 46.61
C GLU O 98 -80.27 -55.28 46.49
N GLY O 99 -80.26 -54.30 45.61
CA GLY O 99 -79.07 -53.50 45.41
C GLY O 99 -79.25 -52.00 45.45
N THR O 100 -80.11 -51.52 46.34
CA THR O 100 -80.36 -50.10 46.47
C THR O 100 -79.44 -49.54 47.53
N GLY O 101 -78.96 -50.41 48.39
CA GLY O 101 -78.10 -49.96 49.45
C GLY O 101 -78.88 -49.39 50.62
N VAL O 102 -80.21 -49.37 50.53
CA VAL O 102 -81.00 -48.81 51.64
C VAL O 102 -81.90 -49.81 52.33
N PHE O 103 -81.66 -51.10 52.10
CA PHE O 103 -82.44 -52.15 52.75
C PHE O 103 -81.45 -53.25 53.00
N VAL O 104 -80.57 -53.01 53.97
CA VAL O 104 -79.51 -53.95 54.28
C VAL O 104 -79.73 -54.73 55.56
N ASP O 105 -80.69 -54.32 56.37
CA ASP O 105 -80.98 -55.02 57.61
C ASP O 105 -82.16 -55.93 57.34
N ARG O 106 -82.42 -56.82 58.28
CA ARG O 106 -83.49 -57.81 58.13
C ARG O 106 -84.86 -57.16 58.03
N GLU O 107 -84.94 -55.95 58.55
CA GLU O 107 -86.16 -55.18 58.54
C GLU O 107 -86.47 -54.74 57.11
N GLY O 108 -85.56 -53.95 56.53
CA GLY O 108 -85.74 -53.44 55.18
C GLY O 108 -85.79 -54.58 54.19
N ALA O 109 -84.71 -55.34 54.16
CA ALA O 109 -84.59 -56.47 53.27
C ALA O 109 -85.87 -57.28 53.29
N GLY O 110 -86.40 -57.50 54.49
CA GLY O 110 -87.62 -58.29 54.63
C GLY O 110 -88.86 -57.80 53.90
N LYS O 111 -88.99 -56.48 53.76
CA LYS O 111 -90.13 -55.90 53.07
C LYS O 111 -90.39 -56.55 51.73
N HIS O 112 -89.36 -57.12 51.13
CA HIS O 112 -89.50 -57.75 49.83
C HIS O 112 -90.27 -59.04 49.98
N ILE O 113 -90.02 -59.73 51.07
CA ILE O 113 -90.71 -60.96 51.34
C ILE O 113 -92.17 -60.66 51.66
N GLU O 114 -92.41 -59.59 52.42
CA GLU O 114 -93.78 -59.18 52.74
C GLU O 114 -94.50 -58.90 51.44
N ALA O 115 -93.75 -58.36 50.48
CA ALA O 115 -94.30 -57.99 49.19
C ALA O 115 -94.62 -59.19 48.30
N GLY O 116 -94.16 -60.37 48.69
CA GLY O 116 -94.45 -61.54 47.90
C GLY O 116 -93.28 -62.38 47.45
N ALA O 117 -92.08 -61.81 47.45
CA ALA O 117 -90.91 -62.57 47.02
C ALA O 117 -90.58 -63.61 48.08
N LYS O 118 -89.88 -64.66 47.68
CA LYS O 118 -89.51 -65.72 48.60
C LYS O 118 -88.13 -65.56 49.22
N LYS O 119 -87.20 -65.00 48.45
CA LYS O 119 -85.83 -64.81 48.94
C LYS O 119 -85.20 -63.47 48.50
N VAL O 120 -84.28 -62.96 49.30
CA VAL O 120 -83.61 -61.71 49.00
C VAL O 120 -82.11 -61.89 49.10
N ILE O 121 -81.37 -61.31 48.18
CA ILE O 121 -79.93 -61.41 48.28
C ILE O 121 -79.42 -60.00 48.26
N ILE O 122 -78.82 -59.57 49.37
CA ILE O 122 -78.31 -58.22 49.49
C ILE O 122 -76.90 -58.10 48.91
N THR O 123 -76.80 -57.32 47.85
CA THR O 123 -75.54 -57.09 47.15
C THR O 123 -74.66 -56.21 48.02
N ALA O 124 -74.55 -56.55 49.30
CA ALA O 124 -73.75 -55.77 50.21
C ALA O 124 -73.71 -56.42 51.59
N PRO O 125 -72.83 -55.93 52.48
CA PRO O 125 -72.74 -56.48 53.83
C PRO O 125 -74.11 -56.30 54.46
N GLY O 126 -74.60 -57.28 55.20
CA GLY O 126 -75.91 -57.10 55.81
C GLY O 126 -75.79 -56.56 57.24
N LYS O 127 -76.78 -55.79 57.69
CA LYS O 127 -76.73 -55.28 59.05
C LYS O 127 -77.34 -56.28 59.98
N GLY O 128 -76.95 -56.19 61.24
CA GLY O 128 -77.48 -57.11 62.22
C GLY O 128 -77.11 -58.55 61.90
N ASP O 129 -77.90 -59.49 62.39
CA ASP O 129 -77.59 -60.88 62.19
C ASP O 129 -78.03 -61.52 60.88
N ILE O 130 -77.35 -61.21 59.78
CA ILE O 130 -77.72 -61.78 58.49
C ILE O 130 -76.68 -62.67 57.83
N PRO O 131 -77.10 -63.88 57.40
CA PRO O 131 -76.27 -64.88 56.74
C PRO O 131 -75.42 -64.26 55.65
N THR O 132 -74.10 -64.41 55.75
CA THR O 132 -73.22 -63.83 54.77
C THR O 132 -72.40 -64.88 54.05
N TYR O 133 -72.22 -64.70 52.75
CA TYR O 133 -71.48 -65.68 51.99
C TYR O 133 -70.50 -65.15 50.95
N VAL O 134 -69.38 -65.84 50.83
CA VAL O 134 -68.38 -65.50 49.83
C VAL O 134 -68.16 -66.76 49.02
N VAL O 135 -68.66 -66.73 47.80
CA VAL O 135 -68.50 -67.84 46.87
C VAL O 135 -66.99 -68.16 46.83
N GLY O 136 -66.63 -69.42 47.07
CA GLY O 136 -65.23 -69.82 47.06
C GLY O 136 -64.69 -70.01 48.46
N VAL O 137 -65.42 -69.48 49.42
CA VAL O 137 -65.01 -69.58 50.78
C VAL O 137 -66.03 -70.23 51.69
N ASN O 138 -67.32 -69.91 51.55
CA ASN O 138 -68.30 -70.55 52.41
C ASN O 138 -69.69 -70.64 51.86
N ALA O 139 -69.86 -70.52 50.56
CA ALA O 139 -71.20 -70.61 49.99
C ALA O 139 -71.77 -72.01 50.22
N ASP O 140 -70.87 -72.97 50.38
CA ASP O 140 -71.24 -74.36 50.61
C ASP O 140 -72.05 -74.44 51.91
N ALA O 141 -72.04 -73.35 52.67
CA ALA O 141 -72.76 -73.29 53.93
C ALA O 141 -74.20 -72.75 53.81
N TYR O 142 -74.49 -72.01 52.74
CA TYR O 142 -75.83 -71.49 52.53
C TYR O 142 -76.84 -72.64 52.51
N SER O 143 -78.00 -72.40 53.12
CA SER O 143 -79.08 -73.38 53.18
C SER O 143 -80.37 -72.67 52.81
N HIS O 144 -81.23 -73.34 52.07
CA HIS O 144 -82.50 -72.74 51.64
C HIS O 144 -83.30 -72.11 52.78
N ASP O 145 -83.02 -72.54 54.01
CA ASP O 145 -83.71 -72.04 55.19
C ASP O 145 -83.63 -70.54 55.37
N GLU O 146 -82.47 -69.94 55.09
CA GLU O 146 -82.31 -68.49 55.25
C GLU O 146 -83.04 -67.70 54.18
N PRO O 147 -84.03 -66.91 54.59
CA PRO O 147 -84.78 -66.11 53.64
C PRO O 147 -83.97 -64.93 53.11
N ILE O 148 -83.23 -64.28 54.00
CA ILE O 148 -82.39 -63.13 53.65
C ILE O 148 -80.91 -63.50 53.76
N ILE O 149 -80.11 -63.13 52.76
CA ILE O 149 -78.68 -63.41 52.82
C ILE O 149 -77.90 -62.31 52.15
N SER O 150 -76.68 -62.10 52.63
CA SER O 150 -75.77 -61.06 52.15
C SER O 150 -74.59 -61.60 51.37
N ASN O 151 -74.25 -60.97 50.26
CA ASN O 151 -73.11 -61.43 49.48
C ASN O 151 -71.83 -60.69 49.86
N ALA O 152 -71.89 -59.95 50.97
CA ALA O 152 -70.78 -59.17 51.50
C ALA O 152 -70.40 -57.99 50.59
N SER O 153 -69.18 -57.48 50.74
CA SER O 153 -68.71 -56.36 49.93
C SER O 153 -67.66 -56.78 48.93
N CYS O 154 -67.47 -55.95 47.92
CA CYS O 154 -66.48 -56.23 46.90
C CYS O 154 -65.15 -56.44 47.61
N THR O 155 -64.80 -55.54 48.54
CA THR O 155 -63.55 -55.69 49.26
C THR O 155 -63.46 -57.04 49.98
N THR O 156 -64.52 -57.47 50.65
CA THR O 156 -64.47 -58.74 51.35
C THR O 156 -64.37 -59.93 50.39
N ASN O 157 -65.02 -59.89 49.24
CA ASN O 157 -64.91 -61.04 48.31
C ASN O 157 -63.51 -61.13 47.74
N CYS O 158 -62.79 -60.02 47.78
CA CYS O 158 -61.44 -60.05 47.29
C CYS O 158 -60.57 -60.58 48.42
N LEU O 159 -60.71 -59.94 49.59
CA LEU O 159 -59.94 -60.29 50.78
C LEU O 159 -60.05 -61.74 51.22
N ALA O 160 -61.25 -62.22 51.49
CA ALA O 160 -61.45 -63.60 51.94
C ALA O 160 -60.80 -64.75 51.13
N PRO O 161 -61.04 -64.81 49.81
CA PRO O 161 -60.45 -65.90 49.04
C PRO O 161 -58.94 -66.13 49.23
N PHE O 162 -58.16 -65.09 49.45
CA PHE O 162 -56.74 -65.35 49.63
C PHE O 162 -56.31 -65.42 51.08
N VAL O 163 -57.20 -64.97 51.95
CA VAL O 163 -56.97 -65.03 53.39
C VAL O 163 -57.18 -66.50 53.77
N LYS O 164 -58.17 -67.12 53.15
CA LYS O 164 -58.49 -68.53 53.34
C LYS O 164 -57.19 -69.31 53.08
N VAL O 165 -56.55 -69.00 51.94
CA VAL O 165 -55.32 -69.66 51.54
C VAL O 165 -54.23 -69.43 52.57
N LEU O 166 -53.87 -68.18 52.76
CA LEU O 166 -52.83 -67.83 53.71
C LEU O 166 -53.06 -68.44 55.08
N ASP O 167 -54.31 -68.63 55.48
CA ASP O 167 -54.52 -69.21 56.79
C ASP O 167 -54.36 -70.72 56.75
N GLN O 168 -54.92 -71.35 55.74
CA GLN O 168 -54.79 -72.79 55.61
C GLN O 168 -53.36 -73.24 55.38
N LYS O 169 -52.58 -72.44 54.66
CA LYS O 169 -51.21 -72.81 54.34
C LYS O 169 -50.06 -72.20 55.14
N PHE O 170 -50.30 -71.14 55.89
CA PHE O 170 -49.22 -70.54 56.67
C PHE O 170 -49.70 -70.21 58.07
N GLY O 171 -51.02 -70.17 58.23
CA GLY O 171 -51.63 -69.87 59.52
C GLY O 171 -51.53 -68.40 59.90
N ILE O 172 -52.62 -67.65 59.78
CA ILE O 172 -52.60 -66.22 60.12
C ILE O 172 -52.68 -65.98 61.63
N ILE O 173 -51.75 -65.20 62.17
CA ILE O 173 -51.78 -64.89 63.60
C ILE O 173 -52.63 -63.66 63.76
N LYS O 174 -52.38 -62.68 62.90
CA LYS O 174 -53.12 -61.45 62.94
C LYS O 174 -52.71 -60.66 61.71
N GLY O 175 -53.60 -59.80 61.25
CA GLY O 175 -53.31 -59.01 60.07
C GLY O 175 -53.99 -57.66 60.08
N THR O 176 -53.59 -56.84 59.11
CA THR O 176 -54.10 -55.51 58.98
C THR O 176 -54.27 -55.34 57.48
N MET O 177 -55.20 -54.48 57.07
CA MET O 177 -55.43 -54.32 55.65
C MET O 177 -55.83 -52.91 55.23
N THR O 178 -55.54 -52.56 53.98
CA THR O 178 -55.91 -51.26 53.44
C THR O 178 -56.30 -51.47 52.01
N THR O 179 -57.41 -50.89 51.60
CA THR O 179 -57.87 -51.02 50.23
C THR O 179 -57.79 -49.67 49.55
N THR O 180 -57.10 -49.60 48.41
CA THR O 180 -57.06 -48.34 47.68
C THR O 180 -58.20 -48.59 46.70
N HIS O 181 -59.31 -47.93 46.97
CA HIS O 181 -60.54 -48.12 46.25
C HIS O 181 -60.97 -47.05 45.27
N SER O 182 -61.62 -47.47 44.18
CA SER O 182 -62.15 -46.51 43.21
C SER O 182 -63.28 -45.84 43.97
N TYR O 183 -63.63 -44.62 43.61
CA TYR O 183 -64.69 -43.95 44.35
C TYR O 183 -66.01 -44.53 43.88
N THR O 184 -67.01 -44.54 44.75
CA THR O 184 -68.33 -45.06 44.38
C THR O 184 -69.41 -43.97 44.49
N GLY O 185 -70.62 -44.29 44.04
CA GLY O 185 -71.70 -43.32 44.05
C GLY O 185 -72.09 -42.79 45.42
N ASP O 186 -71.31 -43.21 46.39
CA ASP O 186 -71.58 -42.84 47.75
C ASP O 186 -70.96 -41.51 48.14
N GLN O 187 -70.00 -41.07 47.34
CA GLN O 187 -69.29 -39.83 47.57
C GLN O 187 -69.84 -38.68 46.75
N ARG O 188 -69.61 -37.45 47.21
CA ARG O 188 -70.12 -36.29 46.50
C ARG O 188 -69.16 -35.95 45.38
N LEU O 189 -69.70 -35.43 44.27
CA LEU O 189 -68.87 -35.05 43.09
C LEU O 189 -68.03 -33.85 43.44
N LEU O 190 -68.65 -32.91 44.14
CA LEU O 190 -67.98 -31.71 44.63
C LEU O 190 -68.40 -31.57 46.11
N ASP O 191 -67.58 -30.89 46.91
CA ASP O 191 -67.84 -30.72 48.35
C ASP O 191 -69.28 -30.42 48.65
N ALA O 192 -70.00 -31.45 49.09
CA ALA O 192 -71.42 -31.35 49.40
C ALA O 192 -71.71 -32.07 50.71
N SER O 193 -72.84 -31.73 51.33
CA SER O 193 -73.21 -32.30 52.60
C SER O 193 -73.43 -33.80 52.53
N HIS O 194 -72.80 -34.48 53.48
CA HIS O 194 -72.84 -35.93 53.61
C HIS O 194 -72.70 -36.18 55.11
N ARG O 195 -73.21 -37.31 55.58
CA ARG O 195 -73.13 -37.59 57.01
C ARG O 195 -71.70 -37.94 57.40
N ASP O 196 -70.92 -38.39 56.43
CA ASP O 196 -69.51 -38.72 56.66
C ASP O 196 -68.70 -37.55 56.11
N LEU O 197 -68.16 -36.71 56.99
CA LEU O 197 -67.42 -35.55 56.53
C LEU O 197 -66.33 -35.81 55.48
N ARG O 198 -65.95 -37.06 55.27
CA ARG O 198 -64.92 -37.35 54.29
C ARG O 198 -65.53 -37.76 52.95
N ARG O 199 -66.69 -38.41 53.01
CA ARG O 199 -67.35 -38.87 51.81
C ARG O 199 -68.01 -37.69 51.16
N ALA O 200 -68.17 -36.64 51.95
CA ALA O 200 -68.78 -35.42 51.48
C ALA O 200 -67.86 -34.68 50.49
N ARG O 201 -66.56 -34.97 50.57
CA ARG O 201 -65.57 -34.31 49.73
C ARG O 201 -65.48 -34.84 48.29
N ALA O 202 -65.10 -33.92 47.39
CA ALA O 202 -64.97 -34.18 45.97
C ALA O 202 -64.16 -35.42 45.66
N ALA O 203 -64.88 -36.47 45.26
CA ALA O 203 -64.34 -37.77 44.95
C ALA O 203 -63.17 -37.83 43.98
N ALA O 204 -63.27 -37.10 42.87
CA ALA O 204 -62.25 -37.13 41.84
C ALA O 204 -61.05 -36.23 42.02
N LEU O 205 -60.98 -35.53 43.14
CA LEU O 205 -59.86 -34.63 43.38
C LEU O 205 -59.05 -35.09 44.56
N ASN O 206 -59.64 -35.99 45.34
CA ASN O 206 -59.04 -36.43 46.57
C ASN O 206 -58.73 -37.89 46.82
N ILE O 207 -57.91 -38.06 47.86
CA ILE O 207 -57.58 -39.36 48.41
C ILE O 207 -58.53 -39.27 49.60
N VAL O 208 -59.59 -40.08 49.58
CA VAL O 208 -60.54 -40.00 50.67
C VAL O 208 -60.52 -41.23 51.50
N PRO O 209 -60.05 -41.09 52.74
CA PRO O 209 -59.92 -42.11 53.78
C PRO O 209 -61.31 -42.42 54.29
N THR O 210 -61.69 -43.67 54.26
CA THR O 210 -63.00 -44.03 54.76
C THR O 210 -62.90 -45.34 55.50
N SER O 211 -63.83 -45.56 56.43
CA SER O 211 -63.80 -46.78 57.22
C SER O 211 -64.56 -47.92 56.56
N THR O 212 -64.07 -49.13 56.78
CA THR O 212 -64.70 -50.29 56.21
C THR O 212 -64.80 -51.38 57.25
N GLY O 213 -65.63 -52.39 56.96
CA GLY O 213 -65.77 -53.49 57.88
C GLY O 213 -65.32 -54.74 57.16
N ALA O 214 -65.02 -54.60 55.87
CA ALA O 214 -64.55 -55.70 55.03
C ALA O 214 -63.63 -56.64 55.78
N ALA O 215 -62.69 -56.06 56.49
CA ALA O 215 -61.73 -56.84 57.24
C ALA O 215 -62.39 -57.63 58.37
N LYS O 216 -63.32 -57.00 59.07
CA LYS O 216 -63.98 -57.73 60.14
C LYS O 216 -65.00 -58.65 59.48
N ALA O 217 -65.44 -58.25 58.30
CA ALA O 217 -66.40 -59.05 57.57
C ALA O 217 -65.75 -60.37 57.27
N VAL O 218 -64.48 -60.34 56.88
CA VAL O 218 -63.77 -61.58 56.58
C VAL O 218 -64.04 -62.63 57.66
N ALA O 219 -63.94 -62.23 58.93
CA ALA O 219 -64.16 -63.14 60.05
C ALA O 219 -65.54 -63.80 60.09
N LEU O 220 -66.46 -63.35 59.25
CA LEU O 220 -67.80 -63.93 59.22
C LEU O 220 -67.80 -65.21 58.45
N VAL O 221 -67.07 -65.22 57.35
CA VAL O 221 -66.99 -66.39 56.49
C VAL O 221 -65.79 -67.27 56.86
N LEU O 222 -64.89 -66.72 57.67
CA LEU O 222 -63.71 -67.43 58.14
C LEU O 222 -63.62 -67.22 59.64
N PRO O 223 -64.49 -67.91 60.39
CA PRO O 223 -64.61 -67.88 61.86
C PRO O 223 -63.27 -67.81 62.55
N ASN O 224 -62.36 -68.71 62.15
CA ASN O 224 -61.03 -68.78 62.75
C ASN O 224 -60.39 -67.41 62.80
N LEU O 225 -60.75 -66.55 61.85
CA LEU O 225 -60.16 -65.23 61.78
C LEU O 225 -60.78 -64.18 62.69
N LYS O 226 -61.69 -64.57 63.57
CA LYS O 226 -62.30 -63.59 64.44
C LYS O 226 -61.40 -62.73 65.33
N GLY O 227 -61.59 -61.42 65.25
CA GLY O 227 -60.81 -60.46 66.01
C GLY O 227 -59.35 -60.36 65.62
N LYS O 228 -58.98 -61.03 64.53
CA LYS O 228 -57.60 -61.05 64.08
C LYS O 228 -57.29 -60.14 62.91
N LEU O 229 -58.30 -59.42 62.40
CA LEU O 229 -58.07 -58.56 61.24
C LEU O 229 -58.67 -57.18 61.40
N ASN O 230 -58.13 -56.24 60.62
CA ASN O 230 -58.60 -54.86 60.63
C ASN O 230 -58.16 -54.14 59.41
N GLY O 231 -58.80 -53.03 59.09
CA GLY O 231 -58.34 -52.31 57.92
C GLY O 231 -59.00 -50.98 57.73
N ILE O 232 -58.66 -50.31 56.64
CA ILE O 232 -59.24 -49.00 56.32
C ILE O 232 -59.36 -48.97 54.82
N ALA O 233 -60.08 -47.99 54.30
CA ALA O 233 -60.21 -47.87 52.86
C ALA O 233 -59.66 -46.50 52.49
N LEU O 234 -59.22 -46.39 51.24
CA LEU O 234 -58.73 -45.13 50.68
C LEU O 234 -59.35 -45.03 49.29
N ARG O 235 -60.39 -44.20 49.17
CA ARG O 235 -61.06 -44.01 47.88
C ARG O 235 -60.22 -43.04 47.05
N VAL O 236 -59.97 -43.40 45.78
CA VAL O 236 -59.14 -42.58 44.89
C VAL O 236 -59.77 -42.27 43.53
N PRO O 237 -59.22 -41.28 42.80
CA PRO O 237 -59.75 -40.89 41.51
C PRO O 237 -59.65 -41.84 40.31
N THR O 238 -60.28 -42.99 40.43
CA THR O 238 -60.35 -43.98 39.36
C THR O 238 -61.81 -44.33 39.48
N PRO O 239 -62.52 -44.43 38.35
CA PRO O 239 -63.94 -44.76 38.35
C PRO O 239 -64.29 -46.20 38.70
N ASN O 240 -63.33 -47.12 38.60
CA ASN O 240 -63.60 -48.52 38.90
C ASN O 240 -62.33 -49.31 38.95
N VAL O 241 -62.41 -50.46 39.63
CA VAL O 241 -61.30 -51.40 39.85
C VAL O 241 -60.57 -50.96 41.11
N SER O 242 -60.29 -51.91 42.01
CA SER O 242 -59.62 -51.60 43.25
C SER O 242 -58.51 -52.57 43.65
N VAL O 243 -57.81 -52.24 44.73
CA VAL O 243 -56.72 -53.10 45.17
C VAL O 243 -56.57 -53.14 46.68
N VAL O 244 -56.43 -54.35 47.24
CA VAL O 244 -56.24 -54.51 48.67
C VAL O 244 -54.81 -54.81 48.94
N ASP O 245 -54.33 -54.29 50.06
CA ASP O 245 -52.96 -54.46 50.50
C ASP O 245 -52.99 -55.03 51.92
N LEU O 246 -52.96 -56.35 51.99
CA LEU O 246 -53.00 -57.06 53.25
C LEU O 246 -51.61 -57.30 53.81
N VAL O 247 -51.44 -57.06 55.10
CA VAL O 247 -50.16 -57.29 55.74
C VAL O 247 -50.48 -58.18 56.91
N VAL O 248 -50.08 -59.46 56.84
CA VAL O 248 -50.34 -60.45 57.91
C VAL O 248 -49.13 -61.12 58.49
N GLN O 249 -49.14 -61.34 59.80
CA GLN O 249 -48.06 -62.08 60.42
C GLN O 249 -48.55 -63.52 60.41
N VAL O 250 -47.71 -64.46 60.00
CA VAL O 250 -48.13 -65.85 59.96
C VAL O 250 -47.29 -66.76 60.87
N SER O 251 -47.72 -68.01 61.00
CA SER O 251 -47.04 -68.98 61.83
C SER O 251 -45.79 -69.54 61.15
N LYS O 252 -46.02 -70.27 60.06
CA LYS O 252 -44.96 -70.88 59.29
C LYS O 252 -44.06 -69.88 58.60
N LYS O 253 -42.79 -69.82 58.98
CA LYS O 253 -41.87 -68.91 58.34
C LYS O 253 -41.89 -69.24 56.85
N THR O 254 -41.67 -68.20 56.03
CA THR O 254 -41.71 -68.35 54.58
C THR O 254 -41.05 -67.20 53.78
N PHE O 255 -41.21 -67.27 52.46
CA PHE O 255 -40.66 -66.28 51.52
C PHE O 255 -41.66 -66.09 50.38
N ALA O 256 -41.67 -64.87 49.83
CA ALA O 256 -42.57 -64.50 48.74
C ALA O 256 -42.88 -65.61 47.75
N GLU O 257 -41.85 -66.10 47.04
CA GLU O 257 -42.03 -67.18 46.06
C GLU O 257 -42.94 -68.28 46.62
N GLU O 258 -42.74 -68.60 47.89
CA GLU O 258 -43.52 -69.64 48.57
C GLU O 258 -44.97 -69.24 48.62
N VAL O 259 -45.21 -68.07 49.20
CA VAL O 259 -46.54 -67.53 49.31
C VAL O 259 -47.21 -67.55 47.94
N ASN O 260 -46.56 -66.95 46.96
CA ASN O 260 -47.08 -66.92 45.60
C ASN O 260 -47.53 -68.27 45.08
N ALA O 261 -46.64 -69.25 45.21
CA ALA O 261 -46.92 -70.60 44.74
C ALA O 261 -48.16 -71.13 45.45
N ALA O 262 -48.32 -70.73 46.70
CA ALA O 262 -49.47 -71.17 47.46
C ALA O 262 -50.77 -70.72 46.79
N PHE O 263 -50.77 -69.51 46.23
CA PHE O 263 -51.97 -68.99 45.57
C PHE O 263 -52.14 -69.63 44.22
N ARG O 264 -51.03 -69.85 43.53
CA ARG O 264 -51.11 -70.45 42.22
C ARG O 264 -51.82 -71.81 42.34
N ASP O 265 -51.51 -72.55 43.40
CA ASP O 265 -52.11 -73.86 43.61
C ASP O 265 -53.61 -73.74 43.84
N SER O 266 -54.02 -72.81 44.68
CA SER O 266 -55.44 -72.64 44.94
C SER O 266 -56.16 -72.26 43.67
N ALA O 267 -55.61 -71.27 42.97
CA ALA O 267 -56.18 -70.75 41.73
C ALA O 267 -56.48 -71.86 40.77
N GLU O 268 -55.67 -72.91 40.79
CA GLU O 268 -55.84 -74.01 39.87
C GLU O 268 -56.72 -75.13 40.43
N LYS O 269 -56.83 -75.20 41.75
CA LYS O 269 -57.63 -76.23 42.38
C LYS O 269 -58.92 -75.76 43.02
N GLU O 270 -58.88 -75.47 44.32
CA GLU O 270 -60.08 -75.04 45.05
C GLU O 270 -60.60 -73.64 44.74
N LEU O 271 -59.77 -72.77 44.18
CA LEU O 271 -60.24 -71.44 43.86
C LEU O 271 -60.27 -71.20 42.37
N LYS O 272 -60.28 -72.28 41.58
CA LYS O 272 -60.33 -72.13 40.14
C LYS O 272 -61.56 -71.30 39.80
N GLY O 273 -61.35 -70.24 39.03
CA GLY O 273 -62.44 -69.35 38.65
C GLY O 273 -62.68 -68.23 39.66
N ILE O 274 -62.07 -68.32 40.84
CA ILE O 274 -62.23 -67.33 41.90
C ILE O 274 -60.94 -66.58 42.20
N LEU O 275 -59.83 -67.30 42.28
CA LEU O 275 -58.57 -66.63 42.55
C LEU O 275 -57.65 -66.77 41.38
N ASP O 276 -56.95 -65.68 41.07
CA ASP O 276 -56.04 -65.68 39.95
C ASP O 276 -54.72 -65.09 40.41
N VAL O 277 -53.69 -65.27 39.59
CA VAL O 277 -52.37 -64.75 39.91
C VAL O 277 -51.79 -64.18 38.65
N CYS O 278 -51.60 -62.86 38.65
CA CYS O 278 -51.06 -62.16 37.50
C CYS O 278 -49.58 -61.93 37.65
N ASP O 279 -48.82 -62.52 36.75
CA ASP O 279 -47.37 -62.43 36.79
C ASP O 279 -46.82 -61.32 35.88
N GLU O 280 -47.65 -60.35 35.51
CA GLU O 280 -47.20 -59.26 34.66
C GLU O 280 -47.40 -57.89 35.30
N PRO O 281 -46.56 -56.90 34.92
CA PRO O 281 -46.60 -55.53 35.43
C PRO O 281 -47.73 -54.71 34.80
N LEU O 282 -48.95 -54.94 35.29
CA LEU O 282 -50.17 -54.29 34.80
C LEU O 282 -50.64 -53.15 35.72
N VAL O 283 -51.72 -52.46 35.37
CA VAL O 283 -52.22 -51.40 36.22
C VAL O 283 -53.74 -51.54 36.37
N SER O 284 -54.33 -50.76 37.28
CA SER O 284 -55.75 -50.87 37.55
C SER O 284 -56.61 -51.11 36.32
N VAL O 285 -56.48 -50.29 35.28
CA VAL O 285 -57.31 -50.48 34.09
C VAL O 285 -57.34 -51.88 33.55
N ASP O 286 -56.18 -52.53 33.52
CA ASP O 286 -56.07 -53.89 32.99
C ASP O 286 -56.97 -54.93 33.61
N PHE O 287 -57.53 -54.63 34.78
CA PHE O 287 -58.37 -55.60 35.45
C PHE O 287 -59.86 -55.40 35.22
N ARG O 288 -60.22 -54.31 34.57
CA ARG O 288 -61.62 -54.06 34.27
C ARG O 288 -62.22 -55.31 33.64
N CYS O 289 -63.40 -55.68 34.12
CA CYS O 289 -64.13 -56.83 33.62
C CYS O 289 -63.55 -58.19 34.02
N SER O 290 -62.58 -58.19 34.91
CA SER O 290 -62.00 -59.44 35.38
C SER O 290 -63.12 -60.26 36.01
N ASP O 291 -63.16 -61.56 35.73
CA ASP O 291 -64.19 -62.44 36.31
C ASP O 291 -63.76 -63.06 37.66
N PHE O 292 -62.50 -62.88 38.02
CA PHE O 292 -62.00 -63.43 39.27
C PHE O 292 -62.27 -62.44 40.38
N SER O 293 -62.65 -62.93 41.56
CA SER O 293 -62.89 -62.03 42.67
C SER O 293 -61.58 -61.57 43.34
N THR O 294 -60.49 -62.27 43.03
CA THR O 294 -59.17 -61.91 43.56
C THR O 294 -58.07 -62.30 42.58
N THR O 295 -57.21 -61.34 42.27
CA THR O 295 -56.07 -61.55 41.39
C THR O 295 -54.85 -61.03 42.13
N ILE O 296 -53.90 -61.93 42.40
CA ILE O 296 -52.70 -61.56 43.11
C ILE O 296 -51.64 -60.99 42.17
N ASP O 297 -51.00 -59.91 42.60
CA ASP O 297 -49.94 -59.29 41.84
C ASP O 297 -48.67 -59.88 42.44
N SER O 298 -48.31 -61.06 41.94
CA SER O 298 -47.16 -61.82 42.42
C SER O 298 -45.88 -61.04 42.64
N SER O 299 -45.53 -60.15 41.72
CA SER O 299 -44.31 -59.36 41.86
C SER O 299 -44.40 -58.32 42.95
N LEU O 300 -45.48 -58.31 43.70
CA LEU O 300 -45.59 -57.36 44.78
C LEU O 300 -45.57 -58.07 46.10
N THR O 301 -45.73 -59.39 46.08
CA THR O 301 -45.70 -60.18 47.31
C THR O 301 -44.38 -59.96 47.99
N MET O 302 -44.41 -59.63 49.28
CA MET O 302 -43.18 -59.40 50.03
C MET O 302 -43.28 -60.07 51.37
N VAL O 303 -42.17 -60.62 51.86
CA VAL O 303 -42.15 -61.24 53.18
C VAL O 303 -41.05 -60.58 54.03
N MET O 304 -41.41 -60.10 55.21
CA MET O 304 -40.46 -59.40 56.07
C MET O 304 -40.24 -60.05 57.41
N GLY O 305 -38.98 -60.33 57.73
CA GLY O 305 -38.67 -60.95 59.02
C GLY O 305 -39.22 -62.36 59.10
N ASP O 306 -39.27 -63.01 57.94
CA ASP O 306 -39.72 -64.38 57.80
C ASP O 306 -41.22 -64.63 58.00
N ASP O 307 -41.86 -63.91 58.91
CA ASP O 307 -43.29 -64.14 59.14
C ASP O 307 -44.26 -63.00 58.83
N MET O 308 -43.77 -61.87 58.33
CA MET O 308 -44.70 -60.78 58.00
C MET O 308 -44.93 -60.82 56.50
N VAL O 309 -46.17 -61.15 56.10
CA VAL O 309 -46.51 -61.25 54.69
C VAL O 309 -47.44 -60.19 54.16
N LYS O 310 -47.07 -59.68 52.99
CA LYS O 310 -47.85 -58.66 52.30
C LYS O 310 -48.28 -59.15 50.91
N VAL O 311 -49.57 -59.05 50.63
CA VAL O 311 -50.10 -59.45 49.34
C VAL O 311 -50.88 -58.26 48.83
N ILE O 312 -50.72 -57.99 47.55
CA ILE O 312 -51.42 -56.90 46.91
C ILE O 312 -52.33 -57.59 45.94
N ALA O 313 -53.64 -57.36 46.04
CA ALA O 313 -54.55 -58.03 45.13
C ALA O 313 -55.54 -57.10 44.48
N TRP O 314 -55.80 -57.34 43.20
CA TRP O 314 -56.74 -56.57 42.41
C TRP O 314 -58.12 -57.20 42.32
N TYR O 315 -59.12 -56.35 42.06
CA TYR O 315 -60.49 -56.78 41.84
C TYR O 315 -61.31 -55.68 41.20
N ASP O 316 -62.26 -56.09 40.37
CA ASP O 316 -63.15 -55.14 39.73
C ASP O 316 -64.36 -55.04 40.65
N ASN O 317 -64.35 -54.07 41.56
CA ASN O 317 -65.44 -53.92 42.52
C ASN O 317 -66.84 -53.97 41.94
N GLU O 318 -67.02 -53.56 40.70
CA GLU O 318 -68.35 -53.59 40.11
C GLU O 318 -68.65 -54.94 39.48
N TRP O 319 -67.87 -55.28 38.46
CA TRP O 319 -68.01 -56.50 37.68
C TRP O 319 -67.68 -57.85 38.34
N GLY O 320 -66.48 -58.02 38.86
CA GLY O 320 -66.16 -59.27 39.51
C GLY O 320 -67.21 -59.58 40.57
N TYR O 321 -67.59 -58.56 41.35
CA TYR O 321 -68.58 -58.68 42.41
C TYR O 321 -69.95 -59.17 41.92
N SER O 322 -70.45 -58.58 40.85
CA SER O 322 -71.72 -58.96 40.28
C SER O 322 -71.64 -60.37 39.73
N GLN O 323 -70.47 -60.76 39.25
CA GLN O 323 -70.33 -62.13 38.77
C GLN O 323 -70.46 -63.00 40.01
N ARG O 324 -69.96 -62.55 41.15
CA ARG O 324 -70.09 -63.35 42.34
C ARG O 324 -71.53 -63.40 42.79
N VAL O 325 -72.27 -62.32 42.56
CA VAL O 325 -73.69 -62.22 42.91
C VAL O 325 -74.45 -63.25 42.08
N VAL O 326 -74.15 -63.34 40.80
CA VAL O 326 -74.82 -64.29 39.94
C VAL O 326 -74.55 -65.71 40.40
N ASP O 327 -73.33 -65.98 40.85
CA ASP O 327 -72.97 -67.31 41.32
C ASP O 327 -73.76 -67.66 42.58
N LEU O 328 -73.85 -66.73 43.50
CA LEU O 328 -74.59 -66.97 44.72
C LEU O 328 -76.06 -67.21 44.38
N ALA O 329 -76.56 -66.53 43.37
CA ALA O 329 -77.95 -66.70 43.00
C ALA O 329 -78.13 -68.12 42.47
N ASP O 330 -77.14 -68.61 41.72
CA ASP O 330 -77.25 -69.95 41.21
C ASP O 330 -77.17 -70.95 42.37
N ILE O 331 -76.27 -70.69 43.32
CA ILE O 331 -76.16 -71.54 44.49
C ILE O 331 -77.58 -71.63 45.04
N VAL O 332 -78.20 -70.48 45.21
CA VAL O 332 -79.55 -70.40 45.73
C VAL O 332 -80.46 -71.30 44.92
N ALA O 333 -80.58 -71.01 43.63
CA ALA O 333 -81.44 -71.79 42.76
C ALA O 333 -81.13 -73.28 42.90
N ASN O 334 -79.86 -73.59 43.20
CA ASN O 334 -79.44 -74.97 43.35
C ASN O 334 -79.84 -75.64 44.67
N ASN O 335 -79.96 -74.85 45.75
CA ASN O 335 -80.36 -75.40 47.05
C ASN O 335 -81.83 -75.18 47.31
N TRP O 336 -82.51 -74.66 46.30
CA TRP O 336 -83.94 -74.35 46.36
C TRP O 336 -84.81 -75.60 46.58
N LYS O 337 -85.65 -75.54 47.60
CA LYS O 337 -86.59 -76.62 47.93
C LYS O 337 -88.00 -76.20 47.50
N LYS P 2 -26.62 -14.39 52.92
CA LYS P 2 -25.15 -14.40 52.67
C LYS P 2 -24.63 -15.81 52.44
N LEU P 3 -24.93 -16.35 51.26
CA LEU P 3 -24.50 -17.68 50.86
C LEU P 3 -25.15 -17.91 49.51
N LYS P 4 -24.46 -17.52 48.45
CA LYS P 4 -24.98 -17.65 47.09
C LYS P 4 -25.54 -19.03 46.72
N VAL P 5 -26.75 -19.05 46.17
CA VAL P 5 -27.40 -20.31 45.80
C VAL P 5 -27.76 -20.43 44.34
N ALA P 6 -27.56 -21.62 43.80
CA ALA P 6 -27.87 -21.91 42.40
C ALA P 6 -28.86 -23.05 42.26
N ILE P 7 -29.86 -22.84 41.43
CA ILE P 7 -30.88 -23.85 41.20
C ILE P 7 -30.69 -24.54 39.86
N ASN P 8 -30.29 -25.80 39.89
CA ASN P 8 -30.07 -26.58 38.68
C ASN P 8 -31.25 -27.52 38.44
N GLY P 9 -32.10 -27.18 37.49
CA GLY P 9 -33.27 -27.99 37.20
C GLY P 9 -34.48 -27.26 37.78
N PHE P 10 -35.07 -26.35 37.02
CA PHE P 10 -36.20 -25.55 37.51
C PHE P 10 -37.55 -26.23 37.24
N GLY P 11 -37.76 -27.40 37.85
CA GLY P 11 -38.99 -28.13 37.67
C GLY P 11 -39.91 -28.01 38.87
N ARG P 12 -40.70 -29.04 39.14
CA ARG P 12 -41.61 -28.99 40.29
C ARG P 12 -40.88 -28.65 41.57
N ILE P 13 -39.77 -29.34 41.80
CA ILE P 13 -38.97 -29.11 43.00
C ILE P 13 -38.20 -27.83 42.87
N GLY P 14 -37.62 -27.61 41.70
CA GLY P 14 -36.84 -26.41 41.53
C GLY P 14 -37.70 -25.24 41.91
N ARG P 15 -38.88 -25.19 41.31
CA ARG P 15 -39.80 -24.09 41.54
C ARG P 15 -40.41 -24.03 42.94
N ASN P 16 -40.87 -25.15 43.45
CA ASN P 16 -41.43 -25.14 44.80
C ASN P 16 -40.35 -24.55 45.71
N PHE P 17 -39.12 -25.06 45.56
CA PHE P 17 -37.97 -24.61 46.36
C PHE P 17 -37.88 -23.09 46.36
N LEU P 18 -37.82 -22.52 45.18
CA LEU P 18 -37.74 -21.09 45.05
C LEU P 18 -38.83 -20.43 45.89
N ARG P 19 -40.07 -20.86 45.70
CA ARG P 19 -41.18 -20.30 46.45
C ARG P 19 -41.03 -20.51 47.95
N CYS P 20 -40.66 -21.72 48.36
CA CYS P 20 -40.47 -21.98 49.77
C CYS P 20 -39.44 -21.01 50.32
N TRP P 21 -38.34 -20.85 49.58
CA TRP P 21 -37.30 -19.96 50.01
C TRP P 21 -37.93 -18.58 50.23
N HIS P 22 -38.46 -18.04 49.15
CA HIS P 22 -39.08 -16.72 49.13
C HIS P 22 -39.86 -16.36 50.39
N GLY P 23 -40.60 -17.32 50.94
CA GLY P 23 -41.40 -17.00 52.11
C GLY P 23 -40.73 -17.03 53.46
N ARG P 24 -39.46 -17.44 53.51
CA ARG P 24 -38.75 -17.51 54.79
C ARG P 24 -38.36 -16.11 55.25
N LYS P 25 -38.34 -15.90 56.57
CA LYS P 25 -37.95 -14.61 57.13
C LYS P 25 -36.45 -14.71 57.42
N ASP P 26 -35.71 -13.70 56.98
CA ASP P 26 -34.26 -13.66 57.20
C ASP P 26 -33.53 -14.98 56.92
N SER P 27 -33.46 -15.31 55.64
CA SER P 27 -32.81 -16.54 55.18
C SER P 27 -31.33 -16.35 54.88
N PRO P 28 -30.50 -17.33 55.30
CA PRO P 28 -29.03 -17.35 55.11
C PRO P 28 -28.63 -17.67 53.67
N LEU P 29 -29.61 -17.86 52.81
CA LEU P 29 -29.33 -18.20 51.44
C LEU P 29 -29.77 -17.04 50.59
N ASP P 30 -29.18 -16.94 49.42
CA ASP P 30 -29.56 -15.92 48.48
C ASP P 30 -29.52 -16.57 47.11
N ILE P 31 -30.70 -16.78 46.54
CA ILE P 31 -30.81 -17.39 45.22
C ILE P 31 -30.32 -16.34 44.23
N ILE P 32 -29.36 -16.71 43.40
CA ILE P 32 -28.80 -15.78 42.45
C ILE P 32 -28.85 -16.29 41.02
N ALA P 33 -28.98 -17.60 40.87
CA ALA P 33 -29.06 -18.19 39.53
C ALA P 33 -30.01 -19.39 39.46
N ILE P 34 -30.46 -19.67 38.24
CA ILE P 34 -31.37 -20.76 37.95
C ILE P 34 -30.96 -21.33 36.62
N ASN P 35 -30.66 -22.61 36.58
CA ASN P 35 -30.31 -23.21 35.29
C ASN P 35 -31.37 -24.25 34.96
N ASP P 36 -31.79 -24.24 33.71
CA ASP P 36 -32.77 -25.20 33.22
C ASP P 36 -33.00 -25.00 31.72
N THR P 37 -33.00 -26.12 31.01
CA THR P 37 -33.21 -26.18 29.57
C THR P 37 -34.31 -25.28 28.94
N GLY P 38 -35.05 -24.51 29.74
CA GLY P 38 -36.13 -23.71 29.17
C GLY P 38 -35.99 -22.24 28.79
N GLY P 39 -35.07 -21.52 29.43
CA GLY P 39 -34.91 -20.12 29.09
C GLY P 39 -35.68 -19.20 30.00
N VAL P 40 -35.36 -17.92 29.97
CA VAL P 40 -36.02 -16.95 30.83
C VAL P 40 -37.51 -16.87 30.65
N LYS P 41 -37.98 -16.97 29.42
CA LYS P 41 -39.40 -16.86 29.19
C LYS P 41 -40.24 -17.94 29.85
N GLN P 42 -39.73 -19.17 29.85
CA GLN P 42 -40.48 -20.26 30.48
C GLN P 42 -40.26 -20.24 31.98
N ALA P 43 -39.14 -19.69 32.42
CA ALA P 43 -38.85 -19.63 33.84
C ALA P 43 -39.74 -18.60 34.46
N SER P 44 -39.80 -17.43 33.83
CA SER P 44 -40.63 -16.39 34.38
C SER P 44 -42.09 -16.84 34.50
N HIS P 45 -42.64 -17.32 33.40
CA HIS P 45 -44.02 -17.76 33.34
C HIS P 45 -44.38 -18.87 34.30
N LEU P 46 -43.62 -19.95 34.26
CA LEU P 46 -43.90 -21.08 35.13
C LEU P 46 -43.67 -20.85 36.59
N LEU P 47 -42.87 -19.84 36.94
CA LEU P 47 -42.65 -19.54 38.34
C LEU P 47 -43.88 -18.78 38.86
N LYS P 48 -44.50 -18.00 37.98
CA LYS P 48 -45.68 -17.20 38.33
C LYS P 48 -46.99 -17.97 38.31
N TYR P 49 -47.22 -18.75 37.26
CA TYR P 49 -48.45 -19.52 37.13
C TYR P 49 -48.22 -20.98 37.41
N ASP P 50 -48.86 -21.52 38.44
CA ASP P 50 -48.68 -22.92 38.80
C ASP P 50 -50.05 -23.53 38.93
N SER P 51 -50.26 -24.68 38.32
CA SER P 51 -51.56 -25.33 38.41
C SER P 51 -51.76 -25.98 39.77
N THR P 52 -50.67 -26.29 40.45
CA THR P 52 -50.78 -26.92 41.78
C THR P 52 -50.71 -25.92 42.92
N LEU P 53 -49.77 -25.00 42.84
CA LEU P 53 -49.58 -24.00 43.89
C LEU P 53 -50.36 -22.72 43.66
N GLY P 54 -50.96 -22.58 42.47
CA GLY P 54 -51.69 -21.36 42.19
C GLY P 54 -50.70 -20.26 41.83
N ILE P 55 -51.23 -19.08 41.52
CA ILE P 55 -50.43 -17.92 41.12
C ILE P 55 -49.42 -17.42 42.17
N PHE P 56 -48.17 -17.19 41.77
CA PHE P 56 -47.17 -16.70 42.72
C PHE P 56 -47.50 -15.26 43.11
N ASP P 57 -47.66 -15.04 44.40
CA ASP P 57 -47.98 -13.70 44.86
C ASP P 57 -46.72 -12.93 45.13
N ALA P 58 -46.08 -12.51 44.06
CA ALA P 58 -44.85 -11.75 44.12
C ALA P 58 -44.74 -11.22 42.71
N ASP P 59 -44.00 -10.13 42.54
CA ASP P 59 -43.85 -9.59 41.20
C ASP P 59 -42.72 -10.32 40.50
N VAL P 60 -43.09 -11.14 39.52
CA VAL P 60 -42.16 -11.92 38.73
C VAL P 60 -42.20 -11.38 37.31
N LYS P 61 -41.04 -11.29 36.68
CA LYS P 61 -40.98 -10.76 35.32
C LYS P 61 -39.57 -10.85 34.80
N PRO P 62 -39.40 -10.90 33.47
CA PRO P 62 -38.04 -10.98 32.96
C PRO P 62 -37.27 -9.72 33.32
N SER P 63 -35.97 -9.75 33.08
CA SER P 63 -35.11 -8.61 33.35
C SER P 63 -34.07 -8.80 32.27
N GLY P 64 -34.27 -8.19 31.11
CA GLY P 64 -33.34 -8.42 30.03
C GLY P 64 -33.79 -9.79 29.60
N GLU P 65 -32.98 -10.58 28.91
CA GLU P 65 -33.44 -11.92 28.53
C GLU P 65 -32.51 -13.00 29.03
N THR P 66 -31.85 -12.73 30.13
CA THR P 66 -30.94 -13.69 30.70
C THR P 66 -31.24 -13.75 32.17
N ALA P 67 -32.33 -13.11 32.57
CA ALA P 67 -32.69 -13.09 33.97
C ALA P 67 -34.12 -12.69 34.23
N ILE P 68 -34.52 -12.82 35.50
CA ILE P 68 -35.86 -12.48 35.95
C ILE P 68 -35.79 -11.79 37.30
N SER P 69 -36.73 -10.89 37.52
CA SER P 69 -36.79 -10.16 38.77
C SER P 69 -37.94 -10.71 39.57
N VAL P 70 -37.71 -10.96 40.85
CA VAL P 70 -38.75 -11.48 41.73
C VAL P 70 -38.93 -10.54 42.90
N ASP P 71 -40.03 -9.79 42.90
CA ASP P 71 -40.29 -8.82 43.96
C ASP P 71 -39.07 -7.91 44.03
N GLY P 72 -38.34 -7.81 42.91
CA GLY P 72 -37.16 -6.96 42.87
C GLY P 72 -35.86 -7.71 42.69
N LYS P 73 -35.60 -8.68 43.57
CA LYS P 73 -34.39 -9.49 43.52
C LYS P 73 -34.15 -10.07 42.11
N ILE P 74 -32.98 -9.79 41.55
CA ILE P 74 -32.68 -10.28 40.25
C ILE P 74 -31.98 -11.62 40.30
N ILE P 75 -32.48 -12.56 39.51
CA ILE P 75 -31.90 -13.88 39.45
C ILE P 75 -31.53 -14.15 38.01
N GLN P 76 -30.36 -14.72 37.80
CA GLN P 76 -29.94 -14.99 36.45
C GLN P 76 -30.55 -16.29 35.99
N VAL P 77 -30.76 -16.40 34.71
CA VAL P 77 -31.31 -17.62 34.17
C VAL P 77 -30.43 -18.10 33.04
N VAL P 78 -29.88 -19.28 33.25
CA VAL P 78 -28.97 -19.89 32.30
C VAL P 78 -29.54 -21.21 31.76
N SER P 79 -29.11 -21.60 30.56
CA SER P 79 -29.53 -22.85 29.95
C SER P 79 -28.30 -23.61 29.51
N ASN P 80 -28.13 -24.81 30.06
CA ASN P 80 -27.01 -25.66 29.72
C ASN P 80 -27.23 -27.04 30.35
N ARG P 81 -27.47 -28.04 29.49
CA ARG P 81 -27.70 -29.40 29.95
C ARG P 81 -26.41 -30.03 30.44
N ASN P 82 -25.32 -29.26 30.39
CA ASN P 82 -24.01 -29.77 30.79
C ASN P 82 -23.46 -29.04 31.99
N PRO P 83 -23.67 -29.58 33.21
CA PRO P 83 -23.21 -28.99 34.47
C PRO P 83 -21.77 -28.52 34.40
N SER P 84 -20.94 -29.30 33.71
CA SER P 84 -19.53 -28.97 33.59
C SER P 84 -19.37 -27.57 33.02
N LEU P 85 -20.25 -27.21 32.10
CA LEU P 85 -20.23 -25.90 31.44
C LEU P 85 -21.15 -24.87 32.10
N LEU P 86 -20.99 -24.62 33.39
CA LEU P 86 -21.85 -23.65 34.08
C LEU P 86 -21.02 -22.56 34.78
N PRO P 87 -21.55 -21.32 34.83
CA PRO P 87 -20.92 -20.15 35.45
C PRO P 87 -20.92 -20.16 36.95
N TRP P 88 -20.74 -21.35 37.53
CA TRP P 88 -20.76 -21.46 38.97
C TRP P 88 -19.56 -20.79 39.64
N LYS P 89 -18.41 -20.84 38.99
CA LYS P 89 -17.23 -20.20 39.56
C LYS P 89 -17.35 -18.70 39.42
N GLU P 90 -17.77 -18.26 38.25
CA GLU P 90 -17.93 -16.84 37.96
C GLU P 90 -18.91 -16.17 38.91
N LEU P 91 -20.04 -16.80 39.15
CA LEU P 91 -21.04 -16.25 40.06
C LEU P 91 -20.70 -16.47 41.54
N GLY P 92 -19.74 -17.35 41.79
CA GLY P 92 -19.35 -17.62 43.15
C GLY P 92 -20.40 -18.41 43.88
N ILE P 93 -20.98 -19.40 43.20
CA ILE P 93 -22.01 -20.23 43.82
C ILE P 93 -21.46 -21.11 44.93
N ASP P 94 -22.02 -20.97 46.13
CA ASP P 94 -21.58 -21.77 47.27
C ASP P 94 -22.33 -23.08 47.26
N ILE P 95 -23.64 -23.00 47.03
CA ILE P 95 -24.51 -24.17 47.02
C ILE P 95 -25.32 -24.29 45.75
N VAL P 96 -25.42 -25.51 45.24
CA VAL P 96 -26.19 -25.79 44.03
C VAL P 96 -27.30 -26.76 44.40
N ILE P 97 -28.55 -26.41 44.09
CA ILE P 97 -29.63 -27.32 44.40
C ILE P 97 -29.84 -28.15 43.14
N GLU P 98 -29.55 -29.44 43.22
CA GLU P 98 -29.70 -30.32 42.05
C GLU P 98 -31.09 -30.96 41.97
N GLY P 99 -31.94 -30.44 41.07
CA GLY P 99 -33.28 -30.99 40.94
C GLY P 99 -33.64 -31.42 39.53
N THR P 100 -32.65 -31.82 38.75
CA THR P 100 -32.88 -32.26 37.38
C THR P 100 -33.27 -33.73 37.33
N GLY P 101 -32.93 -34.42 38.40
CA GLY P 101 -33.19 -35.84 38.47
C GLY P 101 -32.20 -36.58 37.60
N VAL P 102 -31.31 -35.86 36.92
CA VAL P 102 -30.36 -36.54 36.06
C VAL P 102 -28.92 -36.55 36.55
N PHE P 103 -28.64 -35.85 37.64
CA PHE P 103 -27.28 -35.80 38.18
C PHE P 103 -27.34 -36.19 39.64
N VAL P 104 -27.51 -37.50 39.87
CA VAL P 104 -27.67 -38.02 41.21
C VAL P 104 -26.54 -38.85 41.82
N ASP P 105 -25.47 -39.09 41.04
CA ASP P 105 -24.31 -39.82 41.58
C ASP P 105 -23.18 -38.83 41.78
N ARG P 106 -22.02 -39.30 42.18
CA ARG P 106 -20.94 -38.37 42.43
C ARG P 106 -20.32 -37.85 41.14
N GLU P 107 -20.26 -38.73 40.14
CA GLU P 107 -19.69 -38.37 38.86
C GLU P 107 -20.39 -37.14 38.27
N GLY P 108 -21.69 -37.28 37.99
CA GLY P 108 -22.47 -36.21 37.39
C GLY P 108 -22.77 -35.03 38.28
N ALA P 109 -23.09 -35.30 39.53
CA ALA P 109 -23.40 -34.25 40.47
C ALA P 109 -22.17 -33.37 40.74
N GLY P 110 -21.00 -33.99 40.74
CA GLY P 110 -19.77 -33.25 40.99
C GLY P 110 -19.37 -32.34 39.83
N LYS P 111 -20.03 -32.52 38.69
CA LYS P 111 -19.75 -31.66 37.56
C LYS P 111 -19.97 -30.21 38.02
N HIS P 112 -20.90 -30.03 38.95
CA HIS P 112 -21.22 -28.70 39.47
C HIS P 112 -20.04 -28.22 40.30
N ILE P 113 -19.40 -29.13 41.02
CA ILE P 113 -18.27 -28.72 41.83
C ILE P 113 -17.17 -28.25 40.89
N GLU P 114 -16.96 -29.00 39.80
CA GLU P 114 -15.94 -28.64 38.82
C GLU P 114 -16.24 -27.22 38.33
N ALA P 115 -17.40 -27.07 37.71
CA ALA P 115 -17.87 -25.81 37.17
C ALA P 115 -17.73 -24.62 38.16
N GLY P 116 -17.20 -24.90 39.35
CA GLY P 116 -17.00 -23.84 40.31
C GLY P 116 -17.91 -23.78 41.50
N ALA P 117 -18.81 -24.75 41.62
CA ALA P 117 -19.72 -24.78 42.76
C ALA P 117 -18.98 -25.47 43.91
N LYS P 118 -19.25 -25.01 45.13
CA LYS P 118 -18.59 -25.53 46.33
C LYS P 118 -19.27 -26.72 46.99
N LYS P 119 -20.57 -26.85 46.76
CA LYS P 119 -21.34 -27.94 47.33
C LYS P 119 -22.66 -28.11 46.60
N VAL P 120 -23.11 -29.36 46.51
CA VAL P 120 -24.37 -29.70 45.85
C VAL P 120 -25.33 -30.49 46.73
N ILE P 121 -26.60 -30.13 46.70
CA ILE P 121 -27.61 -30.86 47.44
C ILE P 121 -28.53 -31.50 46.40
N ILE P 122 -28.59 -32.82 46.40
CA ILE P 122 -29.42 -33.56 45.44
C ILE P 122 -30.83 -33.74 45.99
N THR P 123 -31.82 -33.20 45.25
CA THR P 123 -33.23 -33.27 45.64
C THR P 123 -33.79 -34.62 45.36
N ALA P 124 -32.99 -35.64 45.62
CA ALA P 124 -33.41 -37.00 45.37
C ALA P 124 -32.43 -37.96 46.06
N PRO P 125 -32.73 -39.25 46.04
CA PRO P 125 -31.80 -40.16 46.69
C PRO P 125 -30.56 -40.16 45.81
N GLY P 126 -29.37 -40.29 46.39
CA GLY P 126 -28.16 -40.33 45.58
C GLY P 126 -27.80 -41.77 45.29
N LYS P 127 -26.74 -42.00 44.53
CA LYS P 127 -26.33 -43.37 44.26
C LYS P 127 -24.95 -43.52 44.88
N GLY P 128 -24.75 -44.60 45.62
CA GLY P 128 -23.45 -44.85 46.25
C GLY P 128 -23.09 -43.97 47.43
N ASP P 129 -21.79 -43.88 47.68
CA ASP P 129 -21.21 -43.09 48.79
C ASP P 129 -21.97 -41.89 49.35
N ILE P 130 -22.65 -41.16 48.48
CA ILE P 130 -23.41 -39.96 48.84
C ILE P 130 -24.12 -39.94 50.20
N PRO P 131 -23.65 -39.07 51.13
CA PRO P 131 -24.28 -38.98 52.47
C PRO P 131 -25.74 -38.66 52.25
N THR P 132 -26.60 -39.11 53.15
CA THR P 132 -28.00 -38.84 53.03
C THR P 132 -28.56 -38.31 54.34
N TYR P 133 -29.32 -37.23 54.22
CA TYR P 133 -29.91 -36.57 55.38
C TYR P 133 -31.41 -36.29 55.24
N VAL P 134 -32.07 -36.32 56.39
CA VAL P 134 -33.48 -36.03 56.50
C VAL P 134 -33.61 -35.13 57.72
N VAL P 135 -33.92 -33.86 57.50
CA VAL P 135 -34.07 -32.97 58.63
C VAL P 135 -35.02 -33.66 59.59
N GLY P 136 -34.78 -33.52 60.89
CA GLY P 136 -35.63 -34.18 61.87
C GLY P 136 -35.08 -35.54 62.29
N VAL P 137 -34.38 -36.20 61.39
CA VAL P 137 -33.84 -37.50 61.77
C VAL P 137 -32.35 -37.39 62.07
N ASN P 138 -31.51 -37.46 61.03
CA ASN P 138 -30.07 -37.36 61.18
C ASN P 138 -29.62 -36.00 60.73
N ALA P 139 -30.50 -35.02 60.88
CA ALA P 139 -30.17 -33.65 60.50
C ALA P 139 -28.77 -33.36 61.03
N ASP P 140 -28.63 -33.49 62.34
CA ASP P 140 -27.41 -33.25 63.09
C ASP P 140 -26.10 -33.86 62.55
N ALA P 141 -26.13 -35.13 62.16
CA ALA P 141 -24.95 -35.84 61.66
C ALA P 141 -24.27 -35.22 60.41
N TYR P 142 -24.77 -34.08 59.95
CA TYR P 142 -24.17 -33.45 58.79
C TYR P 142 -22.77 -32.94 59.12
N SER P 143 -21.89 -32.98 58.13
CA SER P 143 -20.52 -32.49 58.25
C SER P 143 -20.09 -31.67 57.04
N HIS P 144 -19.60 -30.46 57.30
CA HIS P 144 -19.16 -29.54 56.23
C HIS P 144 -18.12 -30.11 55.29
N ASP P 145 -17.38 -31.10 55.74
CA ASP P 145 -16.36 -31.68 54.88
C ASP P 145 -17.01 -32.48 53.74
N GLU P 146 -18.32 -32.32 53.58
CA GLU P 146 -19.04 -33.03 52.53
C GLU P 146 -19.45 -32.17 51.35
N PRO P 147 -18.89 -32.47 50.17
CA PRO P 147 -19.15 -31.74 48.92
C PRO P 147 -20.53 -31.97 48.32
N ILE P 148 -20.95 -33.23 48.29
CA ILE P 148 -22.23 -33.61 47.71
C ILE P 148 -23.10 -34.36 48.69
N ILE P 149 -24.28 -33.84 49.00
CA ILE P 149 -25.16 -34.52 49.94
C ILE P 149 -26.54 -34.69 49.34
N SER P 150 -27.30 -35.61 49.90
CA SER P 150 -28.66 -35.92 49.44
C SER P 150 -29.70 -35.66 50.53
N ASN P 151 -30.81 -35.06 50.13
CA ASN P 151 -31.89 -34.79 51.06
C ASN P 151 -32.96 -35.87 50.88
N ALA P 152 -32.53 -37.08 50.53
CA ALA P 152 -33.41 -38.22 50.35
C ALA P 152 -34.56 -38.01 49.36
N SER P 153 -35.69 -38.67 49.64
CA SER P 153 -36.88 -38.60 48.80
C SER P 153 -38.10 -38.09 49.58
N CYS P 154 -39.17 -37.78 48.86
CA CYS P 154 -40.38 -37.25 49.50
C CYS P 154 -40.95 -38.26 50.46
N THR P 155 -41.11 -39.49 49.98
CA THR P 155 -41.61 -40.58 50.81
C THR P 155 -40.72 -40.74 52.05
N THR P 156 -39.43 -40.90 51.85
CA THR P 156 -38.52 -41.05 52.98
C THR P 156 -38.59 -39.90 54.03
N ASN P 157 -38.77 -38.65 53.61
CA ASN P 157 -38.85 -37.57 54.59
C ASN P 157 -40.17 -37.66 55.36
N CYS P 158 -41.11 -38.44 54.86
CA CYS P 158 -42.38 -38.56 55.53
C CYS P 158 -42.29 -39.66 56.57
N LEU P 159 -41.83 -40.80 56.09
CA LEU P 159 -41.69 -42.03 56.86
C LEU P 159 -40.66 -42.02 57.99
N ALA P 160 -39.45 -41.58 57.69
CA ALA P 160 -38.38 -41.56 58.67
C ALA P 160 -38.74 -40.85 59.96
N PRO P 161 -39.45 -39.72 59.88
CA PRO P 161 -39.77 -39.11 61.16
C PRO P 161 -40.66 -39.90 62.11
N PHE P 162 -41.70 -40.56 61.61
CA PHE P 162 -42.51 -41.28 62.56
C PHE P 162 -41.96 -42.65 62.80
N VAL P 163 -41.07 -43.08 61.94
CA VAL P 163 -40.45 -44.37 62.16
C VAL P 163 -39.51 -44.17 63.34
N LYS P 164 -38.85 -43.02 63.37
CA LYS P 164 -37.94 -42.71 64.46
C LYS P 164 -38.71 -42.82 65.75
N VAL P 165 -39.79 -42.04 65.86
CA VAL P 165 -40.59 -42.07 67.07
C VAL P 165 -41.00 -43.47 67.43
N LEU P 166 -41.48 -44.21 66.44
CA LEU P 166 -41.91 -45.56 66.66
C LEU P 166 -40.79 -46.46 67.16
N ASP P 167 -39.63 -46.40 66.54
CA ASP P 167 -38.53 -47.23 66.99
C ASP P 167 -38.00 -46.83 68.36
N GLN P 168 -38.07 -45.54 68.70
CA GLN P 168 -37.58 -45.07 69.99
C GLN P 168 -38.45 -45.53 71.15
N LYS P 169 -39.74 -45.22 71.08
CA LYS P 169 -40.65 -45.58 72.15
C LYS P 169 -41.17 -47.03 72.17
N PHE P 170 -41.25 -47.68 71.03
CA PHE P 170 -41.77 -49.03 71.02
C PHE P 170 -40.79 -50.10 70.50
N GLY P 171 -39.88 -49.70 69.64
CA GLY P 171 -38.92 -50.66 69.09
C GLY P 171 -39.52 -51.46 67.96
N ILE P 172 -39.08 -51.17 66.74
CA ILE P 172 -39.55 -51.86 65.53
C ILE P 172 -38.83 -53.17 65.40
N ILE P 173 -39.59 -54.26 65.37
CA ILE P 173 -38.98 -55.56 65.17
C ILE P 173 -38.79 -55.61 63.65
N LYS P 174 -39.86 -55.28 62.94
CA LYS P 174 -39.87 -55.27 61.48
C LYS P 174 -41.13 -54.56 61.00
N GLY P 175 -41.26 -54.41 59.69
CA GLY P 175 -42.44 -53.73 59.16
C GLY P 175 -42.44 -53.57 57.66
N THR P 176 -43.58 -53.20 57.10
CA THR P 176 -43.72 -53.00 55.68
C THR P 176 -44.43 -51.68 55.43
N MET P 177 -44.37 -51.18 54.21
CA MET P 177 -45.01 -49.90 53.93
C MET P 177 -45.54 -49.78 52.51
N THR P 178 -46.61 -49.00 52.34
CA THR P 178 -47.18 -48.81 51.00
C THR P 178 -47.57 -47.36 50.90
N THR P 179 -47.18 -46.71 49.82
CA THR P 179 -47.53 -45.31 49.67
C THR P 179 -48.46 -45.08 48.49
N THR P 180 -49.59 -44.48 48.79
CA THR P 180 -50.58 -44.12 47.78
C THR P 180 -50.12 -42.68 47.47
N HIS P 181 -49.40 -42.55 46.37
CA HIS P 181 -48.73 -41.31 45.93
C HIS P 181 -49.36 -40.59 44.74
N SER P 182 -49.31 -39.26 44.73
CA SER P 182 -49.86 -38.50 43.61
C SER P 182 -48.94 -38.83 42.47
N TYR P 183 -49.41 -38.81 41.22
CA TYR P 183 -48.52 -39.12 40.11
C TYR P 183 -47.48 -38.02 39.97
N THR P 184 -46.33 -38.36 39.39
CA THR P 184 -45.25 -37.39 39.19
C THR P 184 -44.89 -37.30 37.71
N GLY P 185 -44.13 -36.23 37.40
CA GLY P 185 -43.68 -36.01 36.05
C GLY P 185 -42.95 -37.20 35.45
N ASP P 186 -42.75 -38.27 36.23
CA ASP P 186 -42.05 -39.44 35.70
C ASP P 186 -42.96 -40.41 34.92
N GLN P 187 -44.25 -40.38 35.23
CA GLN P 187 -45.22 -41.23 34.55
C GLN P 187 -45.63 -40.57 33.26
N ARG P 188 -46.11 -41.36 32.31
CA ARG P 188 -46.54 -40.84 31.01
C ARG P 188 -48.00 -40.38 31.08
N LEU P 189 -48.36 -39.33 30.34
CA LEU P 189 -49.74 -38.83 30.36
C LEU P 189 -50.65 -39.92 29.85
N LEU P 190 -50.24 -40.51 28.74
CA LEU P 190 -50.97 -41.61 28.13
C LEU P 190 -49.95 -42.73 27.88
N ASP P 191 -50.43 -43.94 27.69
CA ASP P 191 -49.56 -45.10 27.47
C ASP P 191 -48.49 -44.83 26.42
N ALA P 192 -47.24 -44.74 26.86
CA ALA P 192 -46.11 -44.51 25.97
C ALA P 192 -44.92 -45.25 26.56
N SER P 193 -43.97 -45.67 25.73
CA SER P 193 -42.84 -46.42 26.26
C SER P 193 -42.09 -45.69 27.34
N HIS P 194 -41.61 -46.51 28.28
CA HIS P 194 -40.86 -46.11 29.45
C HIS P 194 -40.04 -47.38 29.76
N ARG P 195 -38.94 -47.22 30.49
CA ARG P 195 -38.10 -48.34 30.88
C ARG P 195 -38.92 -49.17 31.87
N ASP P 196 -39.88 -48.51 32.53
CA ASP P 196 -40.77 -49.15 33.51
C ASP P 196 -42.15 -49.34 32.90
N LEU P 197 -42.48 -50.58 32.54
CA LEU P 197 -43.77 -50.89 31.92
C LEU P 197 -45.00 -50.51 32.72
N ARG P 198 -44.80 -50.10 33.95
CA ARG P 198 -45.93 -49.68 34.77
C ARG P 198 -46.01 -48.16 34.68
N ARG P 199 -44.85 -47.49 34.69
CA ARG P 199 -44.82 -46.03 34.61
C ARG P 199 -45.17 -45.57 33.22
N ALA P 200 -45.14 -46.49 32.28
CA ALA P 200 -45.48 -46.16 30.93
C ALA P 200 -46.98 -45.91 30.78
N ARG P 201 -47.80 -46.50 31.65
CA ARG P 201 -49.25 -46.32 31.52
C ARG P 201 -49.81 -44.97 32.00
N ALA P 202 -50.88 -44.51 31.34
CA ALA P 202 -51.57 -43.25 31.64
C ALA P 202 -51.69 -42.92 33.12
N ALA P 203 -50.96 -41.90 33.57
CA ALA P 203 -50.94 -41.48 34.97
C ALA P 203 -52.26 -41.18 35.68
N ALA P 204 -53.11 -40.35 35.06
CA ALA P 204 -54.38 -39.94 35.63
C ALA P 204 -55.57 -40.92 35.45
N LEU P 205 -55.33 -42.03 34.77
CA LEU P 205 -56.40 -43.01 34.54
C LEU P 205 -56.21 -44.31 35.32
N ASN P 206 -55.05 -44.47 35.96
CA ASN P 206 -54.77 -45.69 36.70
C ASN P 206 -54.22 -45.57 38.10
N ILE P 207 -54.30 -46.70 38.79
CA ILE P 207 -53.71 -46.87 40.10
C ILE P 207 -52.49 -47.62 39.58
N VAL P 208 -51.30 -47.08 39.83
CA VAL P 208 -50.10 -47.69 39.28
C VAL P 208 -49.05 -48.05 40.29
N PRO P 209 -48.85 -49.35 40.53
CA PRO P 209 -47.85 -49.83 41.49
C PRO P 209 -46.44 -49.61 40.92
N THR P 210 -45.56 -49.07 41.74
CA THR P 210 -44.20 -48.85 41.33
C THR P 210 -43.31 -49.18 42.51
N SER P 211 -42.08 -49.57 42.24
CA SER P 211 -41.18 -49.90 43.31
C SER P 211 -40.77 -48.60 43.99
N THR P 212 -40.20 -48.74 45.18
CA THR P 212 -39.75 -47.59 45.92
C THR P 212 -38.52 -48.02 46.70
N GLY P 213 -37.69 -47.06 47.06
CA GLY P 213 -36.51 -47.39 47.82
C GLY P 213 -36.64 -46.81 49.21
N ALA P 214 -37.60 -45.87 49.35
CA ALA P 214 -37.87 -45.16 50.59
C ALA P 214 -37.83 -46.03 51.82
N ALA P 215 -38.24 -47.28 51.66
CA ALA P 215 -38.23 -48.23 52.77
C ALA P 215 -36.80 -48.52 53.21
N LYS P 216 -35.97 -48.96 52.26
CA LYS P 216 -34.58 -49.30 52.53
C LYS P 216 -33.71 -48.04 52.66
N ALA P 217 -34.18 -46.94 52.10
CA ALA P 217 -33.46 -45.68 52.18
C ALA P 217 -33.56 -45.17 53.60
N VAL P 218 -34.61 -45.62 54.29
CA VAL P 218 -34.84 -45.25 55.67
C VAL P 218 -33.70 -45.75 56.55
N ALA P 219 -33.27 -46.99 56.30
CA ALA P 219 -32.19 -47.60 57.06
C ALA P 219 -30.99 -46.65 57.15
N LEU P 220 -30.76 -45.89 56.08
CA LEU P 220 -29.64 -44.96 55.99
C LEU P 220 -29.62 -43.88 57.05
N VAL P 221 -30.73 -43.19 57.19
CA VAL P 221 -30.81 -42.11 58.16
C VAL P 221 -31.07 -42.63 59.57
N LEU P 222 -31.60 -43.85 59.63
CA LEU P 222 -31.89 -44.49 60.92
C LEU P 222 -31.27 -45.87 60.83
N PRO P 223 -29.95 -45.96 61.09
CA PRO P 223 -29.17 -47.19 61.05
C PRO P 223 -29.90 -48.43 61.54
N ASN P 224 -30.40 -48.37 62.76
CA ASN P 224 -31.08 -49.50 63.36
C ASN P 224 -32.14 -50.21 62.50
N LEU P 225 -32.81 -49.47 61.62
CA LEU P 225 -33.85 -50.06 60.81
C LEU P 225 -33.33 -50.88 59.65
N LYS P 226 -32.01 -50.98 59.54
CA LYS P 226 -31.39 -51.72 58.44
C LYS P 226 -32.01 -53.11 58.29
N GLY P 227 -32.54 -53.39 57.10
CA GLY P 227 -33.13 -54.69 56.84
C GLY P 227 -34.46 -55.00 57.48
N LYS P 228 -34.97 -54.07 58.27
CA LYS P 228 -36.24 -54.26 58.96
C LYS P 228 -37.48 -53.83 58.19
N LEU P 229 -37.31 -52.98 57.17
CA LEU P 229 -38.44 -52.47 56.40
C LEU P 229 -38.36 -52.72 54.92
N ASN P 230 -39.48 -52.47 54.26
CA ASN P 230 -39.59 -52.64 52.82
C ASN P 230 -41.01 -52.31 52.40
N GLY P 231 -41.16 -51.74 51.21
CA GLY P 231 -42.49 -51.38 50.75
C GLY P 231 -42.64 -51.10 49.26
N ILE P 232 -43.82 -50.62 48.89
CA ILE P 232 -44.08 -50.31 47.51
C ILE P 232 -44.82 -49.02 47.45
N ALA P 233 -45.14 -48.63 46.22
CA ALA P 233 -45.85 -47.40 45.98
C ALA P 233 -47.02 -47.62 45.05
N LEU P 234 -48.09 -46.87 45.29
CA LEU P 234 -49.28 -46.92 44.46
C LEU P 234 -49.56 -45.52 43.95
N ARG P 235 -49.33 -45.34 42.66
CA ARG P 235 -49.54 -44.07 42.01
C ARG P 235 -51.01 -43.88 41.69
N VAL P 236 -51.55 -42.73 42.09
CA VAL P 236 -52.96 -42.47 41.87
C VAL P 236 -53.25 -41.17 41.16
N PRO P 237 -54.39 -41.10 40.47
CA PRO P 237 -54.81 -39.92 39.73
C PRO P 237 -54.99 -38.60 40.46
N THR P 238 -54.08 -38.26 41.35
CA THR P 238 -54.14 -36.95 42.00
C THR P 238 -52.78 -36.33 41.67
N PRO P 239 -52.74 -35.02 41.37
CA PRO P 239 -51.51 -34.30 41.02
C PRO P 239 -50.55 -33.92 42.13
N ASN P 240 -50.98 -34.02 43.38
CA ASN P 240 -50.10 -33.68 44.48
C ASN P 240 -50.67 -34.10 45.83
N VAL P 241 -49.78 -34.32 46.79
CA VAL P 241 -50.12 -34.75 48.15
C VAL P 241 -50.24 -36.26 48.17
N SER P 242 -49.39 -36.91 48.95
CA SER P 242 -49.41 -38.37 49.05
C SER P 242 -49.66 -38.82 50.47
N VAL P 243 -49.65 -40.14 50.66
CA VAL P 243 -49.93 -40.70 51.97
C VAL P 243 -49.17 -42.01 52.14
N VAL P 244 -48.58 -42.21 53.32
CA VAL P 244 -47.82 -43.45 53.63
C VAL P 244 -48.63 -44.35 54.54
N ASP P 245 -48.69 -45.64 54.19
CA ASP P 245 -49.40 -46.62 54.98
C ASP P 245 -48.34 -47.54 55.55
N LEU P 246 -48.03 -47.36 56.83
CA LEU P 246 -46.99 -48.15 57.50
C LEU P 246 -47.52 -49.19 58.44
N VAL P 247 -46.91 -50.36 58.43
CA VAL P 247 -47.32 -51.43 59.33
C VAL P 247 -46.06 -52.00 59.97
N VAL P 248 -45.95 -51.88 61.29
CA VAL P 248 -44.78 -52.42 61.94
C VAL P 248 -45.13 -53.33 63.10
N GLN P 249 -44.24 -54.26 63.39
CA GLN P 249 -44.45 -55.11 64.52
C GLN P 249 -43.52 -54.48 65.51
N VAL P 250 -44.03 -54.05 66.65
CA VAL P 250 -43.14 -53.46 67.63
C VAL P 250 -42.84 -54.46 68.73
N SER P 251 -41.92 -54.11 69.62
CA SER P 251 -41.56 -55.03 70.68
C SER P 251 -42.32 -54.68 71.94
N LYS P 252 -42.52 -53.39 72.18
CA LYS P 252 -43.25 -52.96 73.36
C LYS P 252 -44.74 -52.98 73.01
N LYS P 253 -45.52 -53.75 73.77
CA LYS P 253 -46.95 -53.83 73.51
C LYS P 253 -47.61 -52.47 73.69
N THR P 254 -48.54 -52.13 72.80
CA THR P 254 -49.24 -50.85 72.88
C THR P 254 -50.70 -50.86 72.40
N PHE P 255 -51.24 -49.66 72.31
CA PHE P 255 -52.60 -49.48 71.85
C PHE P 255 -52.67 -48.16 71.10
N ALA P 256 -53.59 -48.09 70.14
CA ALA P 256 -53.76 -46.93 69.28
C ALA P 256 -53.59 -45.55 69.88
N GLU P 257 -54.35 -45.25 70.93
CA GLU P 257 -54.27 -43.93 71.52
C GLU P 257 -52.91 -43.54 72.10
N GLU P 258 -52.16 -44.54 72.57
CA GLU P 258 -50.84 -44.32 73.16
C GLU P 258 -49.87 -43.98 72.06
N VAL P 259 -50.07 -44.63 70.93
CA VAL P 259 -49.20 -44.39 69.80
C VAL P 259 -49.37 -42.95 69.31
N ASN P 260 -50.61 -42.45 69.28
CA ASN P 260 -50.85 -41.09 68.83
C ASN P 260 -50.29 -40.10 69.84
N ALA P 261 -50.41 -40.45 71.12
CA ALA P 261 -49.90 -39.57 72.16
C ALA P 261 -48.40 -39.44 71.96
N ALA P 262 -47.76 -40.55 71.63
CA ALA P 262 -46.33 -40.52 71.40
C ALA P 262 -46.00 -39.50 70.33
N PHE P 263 -46.72 -39.58 69.21
CA PHE P 263 -46.55 -38.69 68.07
C PHE P 263 -46.86 -37.25 68.37
N ARG P 264 -47.91 -37.01 69.15
CA ARG P 264 -48.24 -35.63 69.49
C ARG P 264 -47.13 -35.06 70.34
N ASP P 265 -46.56 -35.88 71.21
CA ASP P 265 -45.47 -35.45 72.07
C ASP P 265 -44.27 -35.05 71.22
N SER P 266 -43.82 -35.92 70.33
CA SER P 266 -42.70 -35.61 69.46
C SER P 266 -43.00 -34.34 68.69
N ALA P 267 -44.23 -34.20 68.21
CA ALA P 267 -44.57 -33.03 67.41
C ALA P 267 -44.44 -31.69 68.13
N GLU P 268 -44.25 -31.74 69.46
CA GLU P 268 -44.07 -30.53 70.24
C GLU P 268 -42.65 -30.43 70.72
N LYS P 269 -41.94 -31.55 70.67
CA LYS P 269 -40.59 -31.57 71.14
C LYS P 269 -39.57 -31.78 70.04
N GLU P 270 -38.94 -32.95 70.01
CA GLU P 270 -37.89 -33.23 69.03
C GLU P 270 -38.28 -33.22 67.56
N LEU P 271 -39.56 -33.10 67.26
CA LEU P 271 -40.00 -33.06 65.86
C LEU P 271 -40.89 -31.85 65.54
N LYS P 272 -40.92 -30.90 66.47
CA LYS P 272 -41.70 -29.66 66.30
C LYS P 272 -41.37 -29.14 64.94
N GLY P 273 -42.37 -28.83 64.15
CA GLY P 273 -42.09 -28.30 62.83
C GLY P 273 -41.88 -29.35 61.77
N ILE P 274 -41.69 -30.61 62.14
CA ILE P 274 -41.50 -31.66 61.15
C ILE P 274 -42.69 -32.58 61.10
N LEU P 275 -43.07 -33.09 62.26
CA LEU P 275 -44.20 -34.00 62.35
C LEU P 275 -45.39 -33.33 63.01
N ASP P 276 -46.58 -33.61 62.47
CA ASP P 276 -47.85 -33.07 62.97
C ASP P 276 -48.87 -34.19 63.03
N VAL P 277 -49.78 -34.07 63.98
CA VAL P 277 -50.85 -35.05 64.19
C VAL P 277 -52.19 -34.37 63.86
N CYS P 278 -53.03 -35.03 63.06
CA CYS P 278 -54.31 -34.44 62.70
C CYS P 278 -55.48 -35.23 63.27
N ASP P 279 -56.36 -34.51 63.95
CA ASP P 279 -57.53 -35.14 64.52
C ASP P 279 -58.84 -34.81 63.79
N GLU P 280 -58.76 -34.09 62.67
CA GLU P 280 -59.94 -33.76 61.87
C GLU P 280 -60.03 -34.76 60.71
N PRO P 281 -61.26 -35.11 60.27
CA PRO P 281 -61.38 -36.05 59.16
C PRO P 281 -61.24 -35.29 57.83
N LEU P 282 -59.99 -35.05 57.42
CA LEU P 282 -59.69 -34.33 56.19
C LEU P 282 -59.34 -35.26 55.04
N VAL P 283 -58.97 -34.70 53.89
CA VAL P 283 -58.59 -35.53 52.75
C VAL P 283 -57.36 -34.94 52.07
N SER P 284 -56.85 -35.62 51.05
CA SER P 284 -55.61 -35.16 50.41
C SER P 284 -55.50 -33.66 50.23
N VAL P 285 -56.37 -33.07 49.42
CA VAL P 285 -56.28 -31.64 49.17
C VAL P 285 -56.08 -30.73 50.38
N ASP P 286 -56.65 -31.09 51.53
CA ASP P 286 -56.52 -30.26 52.74
C ASP P 286 -55.09 -30.06 53.25
N PHE P 287 -54.18 -30.90 52.75
CA PHE P 287 -52.78 -30.88 53.15
C PHE P 287 -51.87 -30.15 52.17
N ARG P 288 -52.45 -29.64 51.09
CA ARG P 288 -51.69 -28.87 50.13
C ARG P 288 -51.02 -27.73 50.88
N CYS P 289 -49.73 -27.58 50.64
CA CYS P 289 -48.91 -26.54 51.27
C CYS P 289 -48.58 -26.79 52.74
N SER P 290 -48.85 -27.99 53.19
CA SER P 290 -48.51 -28.33 54.54
C SER P 290 -46.99 -28.36 54.63
N ASP P 291 -46.44 -27.68 55.64
CA ASP P 291 -44.99 -27.63 55.86
C ASP P 291 -44.38 -28.81 56.62
N PHE P 292 -45.18 -29.73 57.12
CA PHE P 292 -44.64 -30.88 57.85
C PHE P 292 -44.24 -32.02 56.92
N SER P 293 -43.15 -32.70 57.27
CA SER P 293 -42.69 -33.85 56.48
C SER P 293 -43.72 -34.94 56.67
N THR P 294 -44.40 -34.90 57.79
CA THR P 294 -45.37 -35.93 58.06
C THR P 294 -46.48 -35.48 59.01
N THR P 295 -47.71 -35.82 58.65
CA THR P 295 -48.90 -35.52 59.43
C THR P 295 -49.70 -36.81 59.58
N ILE P 296 -49.88 -37.21 60.84
CA ILE P 296 -50.60 -38.42 61.21
C ILE P 296 -52.11 -38.25 61.31
N ASP P 297 -52.84 -39.05 60.55
CA ASP P 297 -54.28 -39.02 60.58
C ASP P 297 -54.58 -39.84 61.83
N SER P 298 -54.56 -39.17 62.97
CA SER P 298 -54.78 -39.84 64.25
C SER P 298 -55.95 -40.83 64.27
N SER P 299 -57.04 -40.47 63.62
CA SER P 299 -58.19 -41.35 63.66
C SER P 299 -58.02 -42.59 62.83
N LEU P 300 -56.88 -42.73 62.14
CA LEU P 300 -56.65 -43.91 61.30
C LEU P 300 -55.75 -44.97 61.91
N THR P 301 -55.10 -44.64 63.01
CA THR P 301 -54.20 -45.57 63.70
C THR P 301 -54.92 -46.78 64.28
N MET P 302 -54.31 -47.94 64.08
CA MET P 302 -54.85 -49.20 64.55
C MET P 302 -53.76 -50.06 65.12
N VAL P 303 -54.00 -50.67 66.28
CA VAL P 303 -53.04 -51.58 66.84
C VAL P 303 -53.78 -52.90 66.87
N MET P 304 -53.30 -53.83 66.06
CA MET P 304 -53.90 -55.14 65.93
C MET P 304 -53.03 -56.15 66.66
N GLY P 305 -53.64 -56.87 67.59
CA GLY P 305 -52.92 -57.87 68.34
C GLY P 305 -51.83 -57.30 69.23
N ASP P 306 -52.16 -56.22 69.93
CA ASP P 306 -51.22 -55.57 70.85
C ASP P 306 -49.93 -55.02 70.29
N ASP P 307 -49.42 -55.59 69.19
CA ASP P 307 -48.15 -55.10 68.67
C ASP P 307 -48.00 -54.96 67.16
N MET P 308 -49.10 -54.97 66.43
CA MET P 308 -49.02 -54.74 64.99
C MET P 308 -49.62 -53.37 64.93
N VAL P 309 -48.83 -52.42 64.44
CA VAL P 309 -49.27 -51.03 64.35
C VAL P 309 -49.34 -50.57 62.92
N LYS P 310 -50.44 -49.95 62.59
CA LYS P 310 -50.68 -49.42 61.26
C LYS P 310 -50.83 -47.92 61.44
N VAL P 311 -50.02 -47.14 60.74
CA VAL P 311 -50.11 -45.70 60.85
C VAL P 311 -50.13 -45.07 59.48
N ILE P 312 -51.04 -44.11 59.28
CA ILE P 312 -51.23 -43.38 58.03
C ILE P 312 -50.79 -41.93 58.23
N ALA P 313 -49.89 -41.45 57.37
CA ALA P 313 -49.41 -40.08 57.48
C ALA P 313 -49.49 -39.37 56.12
N TRP P 314 -49.98 -38.14 56.14
CA TRP P 314 -50.10 -37.36 54.91
C TRP P 314 -48.89 -36.47 54.71
N TYR P 315 -48.66 -36.09 53.45
CA TYR P 315 -47.58 -35.18 53.08
C TYR P 315 -47.72 -34.61 51.68
N ASP P 316 -47.34 -33.33 51.56
CA ASP P 316 -47.38 -32.62 50.30
C ASP P 316 -46.02 -32.91 49.69
N ASN P 317 -45.95 -33.90 48.82
CA ASN P 317 -44.67 -34.29 48.24
C ASN P 317 -43.90 -33.18 47.58
N GLU P 318 -44.58 -32.15 47.10
CA GLU P 318 -43.84 -31.07 46.47
C GLU P 318 -43.44 -30.00 47.47
N TRP P 319 -44.42 -29.44 48.15
CA TRP P 319 -44.13 -28.39 49.11
C TRP P 319 -43.34 -28.86 50.30
N GLY P 320 -43.94 -29.75 51.09
CA GLY P 320 -43.25 -30.26 52.25
C GLY P 320 -41.79 -30.57 51.97
N TYR P 321 -41.54 -31.47 51.02
CA TYR P 321 -40.17 -31.83 50.68
C TYR P 321 -39.25 -30.62 50.50
N SER P 322 -39.72 -29.63 49.76
CA SER P 322 -38.94 -28.44 49.48
C SER P 322 -38.65 -27.61 50.70
N GLN P 323 -39.52 -27.69 51.69
CA GLN P 323 -39.28 -26.94 52.90
C GLN P 323 -38.10 -27.60 53.58
N ARG P 324 -38.02 -28.92 53.41
CA ARG P 324 -36.92 -29.67 54.00
C ARG P 324 -35.63 -29.43 53.20
N VAL P 325 -35.78 -29.22 51.91
CA VAL P 325 -34.64 -28.94 51.06
C VAL P 325 -34.13 -27.58 51.53
N VAL P 326 -35.02 -26.62 51.72
CA VAL P 326 -34.58 -25.32 52.18
C VAL P 326 -33.93 -25.49 53.54
N ASP P 327 -34.53 -26.33 54.38
CA ASP P 327 -34.03 -26.61 55.73
C ASP P 327 -32.62 -27.21 55.77
N LEU P 328 -32.29 -28.05 54.80
CA LEU P 328 -30.97 -28.67 54.75
C LEU P 328 -29.99 -27.60 54.29
N ALA P 329 -30.35 -26.88 53.23
CA ALA P 329 -29.52 -25.80 52.73
C ALA P 329 -29.14 -24.86 53.88
N ASP P 330 -30.08 -24.64 54.79
CA ASP P 330 -29.83 -23.77 55.91
C ASP P 330 -28.87 -24.44 56.85
N ILE P 331 -29.05 -25.72 57.08
CA ILE P 331 -28.13 -26.41 57.97
C ILE P 331 -26.75 -26.25 57.37
N VAL P 332 -26.62 -26.54 56.08
CA VAL P 332 -25.33 -26.40 55.42
C VAL P 332 -24.81 -24.99 55.62
N ALA P 333 -25.66 -24.02 55.34
CA ALA P 333 -25.28 -22.63 55.46
C ALA P 333 -24.78 -22.34 56.85
N ASN P 334 -25.51 -22.80 57.85
CA ASN P 334 -25.16 -22.56 59.23
C ASN P 334 -23.87 -23.23 59.69
N ASN P 335 -23.65 -24.48 59.28
CA ASN P 335 -22.45 -25.21 59.68
C ASN P 335 -21.32 -24.97 58.70
N TRP P 336 -21.51 -23.99 57.83
CA TRP P 336 -20.52 -23.63 56.84
C TRP P 336 -19.33 -23.05 57.56
N LYS P 337 -18.14 -23.43 57.15
CA LYS P 337 -16.94 -22.94 57.80
C LYS P 337 -16.17 -21.91 56.96
PA NAD Q . 34.74 20.18 -4.94
O1A NAD Q . 34.42 18.85 -5.57
O2A NAD Q . 36.21 20.46 -5.21
O5B NAD Q . 34.63 20.21 -3.36
C5B NAD Q . 33.50 19.52 -2.62
C4B NAD Q . 34.26 18.86 -1.50
O4B NAD Q . 33.30 18.36 -0.51
C3B NAD Q . 35.18 17.70 -1.82
O3B NAD Q . 36.46 17.75 -1.17
C2B NAD Q . 34.36 16.47 -1.44
O2B NAD Q . 35.13 15.25 -1.20
C1B NAD Q . 33.62 16.99 -0.23
N9A NAD Q . 32.33 16.32 0.12
C8A NAD Q . 31.48 15.59 -0.69
N7A NAD Q . 30.43 15.13 -0.01
C5A NAD Q . 30.59 15.58 1.29
C6A NAD Q . 29.82 15.42 2.50
N6A NAD Q . 28.68 14.74 2.59
N1A NAD Q . 30.30 16.01 3.64
C2A NAD Q . 31.47 16.72 3.62
N3A NAD Q . 32.27 16.93 2.54
C4A NAD Q . 31.77 16.32 1.40
O3 NAD Q . 33.74 21.31 -5.39
PN NAD Q . 33.70 22.85 -5.50
O1N NAD Q . 34.09 23.12 -6.89
O2N NAD Q . 34.56 23.43 -4.44
O5D NAD Q . 32.15 23.31 -5.42
C5D NAD Q . 31.44 23.17 -4.16
C4D NAD Q . 30.08 23.82 -4.41
O4D NAD Q . 30.25 25.21 -4.83
C3D NAD Q . 29.24 23.16 -5.56
O3D NAD Q . 27.85 23.30 -5.09
C2D NAD Q . 29.53 24.11 -6.74
O2D NAD Q . 28.51 24.15 -7.72
C1D NAD Q . 29.62 25.47 -6.07
N1N NAD Q . 30.44 26.50 -6.78
C2N NAD Q . 31.58 26.08 -7.45
C3N NAD Q . 32.34 27.04 -8.09
C7N NAD Q . 33.65 26.81 -8.89
O7N NAD Q . 33.72 27.31 -10.03
N7N NAD Q . 34.62 26.11 -8.39
C4N NAD Q . 31.96 28.43 -8.07
C5N NAD Q . 30.77 28.76 -7.36
C6N NAD Q . 29.95 27.85 -6.69
S SO4 R . 29.53 22.65 -10.79
O1 SO4 R . 28.44 23.60 -11.07
O2 SO4 R . 29.32 22.05 -9.45
O3 SO4 R . 30.84 23.35 -10.79
O4 SO4 R . 29.53 21.62 -11.84
S SO4 S . 25.02 27.72 -12.94
O1 SO4 S . 24.34 26.69 -12.12
O2 SO4 S . 24.12 28.88 -13.07
O3 SO4 S . 26.27 28.15 -12.27
O4 SO4 S . 25.32 27.17 -14.26
S SO4 T . 18.25 56.69 -12.14
O1 SO4 T . 17.32 57.71 -12.67
O2 SO4 T . 19.61 57.25 -12.12
O3 SO4 T . 17.85 56.34 -10.76
O4 SO4 T . 18.24 55.49 -13.00
S SO4 U . 36.34 52.74 -25.35
O1 SO4 U . 35.75 51.81 -26.33
O2 SO4 U . 35.29 53.38 -24.53
O3 SO4 U . 37.25 52.00 -24.45
O4 SO4 U . 37.10 53.78 -26.07
S SO4 V . 12.33 26.49 0.97
O1 SO4 V . 11.32 26.18 1.99
O2 SO4 V . 12.71 27.91 1.10
O3 SO4 V . 13.51 25.63 1.18
O4 SO4 V . 11.77 26.25 -0.37
S SO4 W . 16.03 36.41 -2.78
O1 SO4 W . 16.21 35.01 -3.21
O2 SO4 W . 15.46 37.18 -3.90
O3 SO4 W . 15.11 36.45 -1.62
O4 SO4 W . 17.33 36.98 -2.37
S SO4 X . 17.57 43.23 9.71
O1 SO4 X . 16.94 41.91 9.87
O2 SO4 X . 16.52 44.28 9.68
O3 SO4 X . 18.49 43.48 10.83
O4 SO4 X . 18.33 43.27 8.45
PA NAD Y . 61.93 31.35 -27.55
O1A NAD Y . 61.33 30.92 -28.86
O2A NAD Y . 60.79 31.79 -26.63
O5B NAD Y . 62.89 32.60 -27.69
C5B NAD Y . 63.54 32.95 -29.03
C4B NAD Y . 63.53 34.48 -29.04
O4B NAD Y . 64.63 34.98 -29.90
C3B NAD Y . 62.30 35.20 -29.53
O3B NAD Y . 62.03 36.37 -28.77
C2B NAD Y . 62.63 35.51 -30.98
O2B NAD Y . 61.76 36.49 -31.61
C1B NAD Y . 64.07 35.95 -30.80
N9A NAD Y . 64.95 35.92 -32.02
C8A NAD Y . 65.00 35.00 -33.06
N7A NAD Y . 65.93 35.33 -33.97
C5A NAD Y . 66.51 36.52 -33.50
C6A NAD Y . 67.55 37.41 -34.00
N6A NAD Y . 68.26 37.23 -35.13
N1A NAD Y . 67.85 38.51 -33.24
C2A NAD Y . 67.18 38.76 -32.09
N3A NAD Y . 66.20 38.01 -31.53
C4A NAD Y . 65.90 36.90 -32.31
O3 NAD Y . 62.86 30.28 -26.92
PN NAD Y . 63.47 29.97 -25.55
O1N NAD Y . 62.56 28.96 -24.97
O2N NAD Y . 63.63 31.24 -24.83
O5D NAD Y . 64.86 29.19 -25.85
C5D NAD Y . 65.96 29.98 -26.44
C4D NAD Y . 67.20 29.09 -26.40
O4D NAD Y . 67.56 28.66 -25.05
C3D NAD Y . 67.07 27.77 -27.25
O3D NAD Y . 68.35 27.67 -27.98
C2D NAD Y . 66.95 26.69 -26.15
O2D NAD Y . 67.54 25.43 -26.51
C1D NAD Y . 67.69 27.25 -24.95
N1N NAD Y . 67.15 26.81 -23.61
C2N NAD Y . 65.78 26.78 -23.45
C3N NAD Y . 65.29 26.38 -22.21
C7N NAD Y . 63.78 26.25 -21.79
O7N NAD Y . 63.54 25.99 -20.60
N7N NAD Y . 62.81 26.39 -22.63
C4N NAD Y . 66.19 26.00 -21.14
C5N NAD Y . 67.59 26.07 -21.42
C6N NAD Y . 68.15 26.47 -22.64
S SO4 Z . 65.15 8.36 3.11
O1 SO4 Z . 66.34 9.15 3.47
O2 SO4 Z . 63.92 9.04 3.59
O3 SO4 Z . 65.24 7.04 3.75
O4 SO4 Z . 65.09 8.22 1.65
S SO4 AA . 84.57 23.36 -20.55
O1 SO4 AA . 85.52 22.23 -20.55
O2 SO4 AA . 85.17 24.52 -19.86
O3 SO4 AA . 83.33 22.95 -19.86
O4 SO4 AA . 84.25 23.70 -21.95
PA NAD BA . 49.06 25.62 -41.80
O1A NAD BA . 50.19 26.32 -41.08
O2A NAD BA . 48.98 24.18 -41.24
O5B NAD BA . 49.31 25.45 -43.35
C5B NAD BA . 50.03 26.52 -44.14
C4B NAD BA . 50.93 25.70 -45.02
O4B NAD BA . 51.46 26.52 -46.12
C3B NAD BA . 52.13 25.03 -44.41
O3B NAD BA . 52.30 23.68 -44.88
C2B NAD BA . 53.30 25.94 -44.79
O2B NAD BA . 54.63 25.35 -44.66
C1B NAD BA . 52.90 26.31 -46.19
N9A NAD BA . 53.41 27.60 -46.72
C8A NAD BA . 53.52 28.82 -46.11
N7A NAD BA . 54.05 29.74 -46.92
C5A NAD BA . 54.28 29.09 -48.11
C6A NAD BA . 54.84 29.49 -49.38
N6A NAD BA . 55.26 30.73 -49.66
N1A NAD BA . 54.92 28.55 -50.35
C2A NAD BA . 54.51 27.28 -50.13
N3A NAD BA . 53.99 26.79 -48.98
C4A NAD BA . 53.91 27.76 -48.00
O3 NAD BA . 47.71 26.38 -41.76
PN NAD BA . 46.24 26.06 -42.12
O1N NAD BA . 45.53 26.01 -40.82
O2N NAD BA . 46.22 24.86 -42.96
O5D NAD BA . 45.65 27.35 -42.86
C5D NAD BA . 46.19 27.63 -44.18
C4D NAD BA . 45.10 28.39 -44.90
O4D NAD BA . 43.77 27.77 -44.74
C3D NAD BA . 44.93 29.85 -44.42
O3D NAD BA . 44.56 30.52 -45.67
C2D NAD BA . 43.73 29.68 -43.46
O2D NAD BA . 43.04 30.90 -43.19
C1D NAD BA . 42.85 28.72 -44.22
N1N NAD BA . 41.82 28.00 -43.39
C2N NAD BA . 42.26 27.33 -42.24
C3N NAD BA . 41.30 26.69 -41.49
C7N NAD BA . 41.54 25.86 -40.17
O7N NAD BA . 40.54 25.47 -39.51
N7N NAD BA . 42.74 25.62 -39.74
C4N NAD BA . 39.90 26.70 -41.87
C5N NAD BA . 39.55 27.42 -43.06
C6N NAD BA . 40.46 28.09 -43.87
S SO4 CA . 43.90 30.86 -39.01
O1 SO4 CA . 44.52 32.08 -39.57
O2 SO4 CA . 43.26 31.17 -37.72
O3 SO4 CA . 44.97 29.85 -38.80
O4 SO4 CA . 42.89 30.33 -39.96
S SO4 DA . 37.23 34.23 -39.72
O1 SO4 DA . 37.35 35.69 -39.51
O2 SO4 DA . 35.94 33.95 -40.39
O3 SO4 DA . 38.32 33.76 -40.60
O4 SO4 DA . 37.30 33.55 -38.41
S SO4 EA . 12.58 20.77 -31.03
O1 SO4 EA . 11.32 20.14 -30.61
O2 SO4 EA . 12.73 22.04 -30.31
O3 SO4 EA . 13.73 19.89 -30.71
O4 SO4 EA . 12.55 21.01 -32.49
S SO4 FA . 31.11 37.58 -54.24
O1 SO4 FA . 30.36 36.48 -54.88
O2 SO4 FA . 30.18 38.66 -53.84
O3 SO4 FA . 31.79 37.06 -53.04
O4 SO4 FA . 32.11 38.12 -55.16
S SO4 GA . 43.06 43.07 -43.33
O1 SO4 GA . 42.18 41.90 -43.50
O2 SO4 GA . 42.28 44.19 -42.77
O3 SO4 GA . 44.16 42.70 -42.41
O4 SO4 GA . 43.60 43.48 -44.65
PA NAD HA . 36.57 3.08 -15.14
O1A NAD HA . 36.40 4.00 -13.96
O2A NAD HA . 35.93 3.77 -16.36
O5B NAD HA . 35.77 1.74 -14.98
C5B NAD HA . 35.04 1.44 -13.68
C4B NAD HA . 33.62 1.20 -14.13
O4B NAD HA . 33.00 0.30 -13.19
C3B NAD HA . 32.68 2.38 -14.24
O3B NAD HA . 31.85 2.35 -15.41
C2B NAD HA . 31.85 2.34 -12.94
O2B NAD HA . 30.55 3.01 -13.03
C1B NAD HA . 31.76 0.84 -12.70
N9A NAD HA . 31.77 0.37 -11.28
C8A NAD HA . 32.46 0.86 -10.19
N7A NAD HA . 32.18 0.17 -9.08
C5A NAD HA . 31.28 -0.81 -9.46
C6A NAD HA . 30.61 -1.87 -8.74
N6A NAD HA . 30.76 -2.12 -7.44
N1A NAD HA . 29.76 -2.68 -9.47
C2A NAD HA . 29.56 -2.48 -10.81
N3A NAD HA . 30.14 -1.52 -11.58
C4A NAD HA . 31.00 -0.71 -10.83
O3 NAD HA . 38.05 2.61 -15.38
PN NAD HA . 38.87 1.64 -16.31
O1N NAD HA . 39.68 2.51 -17.17
O2N NAD HA . 37.93 0.72 -17.03
O5D NAD HA . 39.97 0.90 -15.35
C5D NAD HA . 39.45 -0.04 -14.34
C4D NAD HA . 40.56 -1.04 -13.98
O4D NAD HA . 41.29 -1.53 -15.14
C3D NAD HA . 41.66 -0.51 -13.00
O3D NAD HA . 41.84 -1.64 -12.10
C2D NAD HA . 42.89 -0.32 -13.96
O2D NAD HA . 44.16 -0.51 -13.33
C1D NAD HA . 42.68 -1.38 -15.00
N1N NAD HA . 43.20 -1.10 -16.36
C2N NAD HA . 42.96 0.15 -16.89
C3N NAD HA . 43.43 0.38 -18.16
C7N NAD HA . 43.29 1.67 -18.99
O7N NAD HA . 44.37 2.24 -19.32
N7N NAD HA . 42.14 2.14 -19.33
C4N NAD HA . 44.12 -0.63 -18.90
C5N NAD HA . 44.32 -1.87 -18.26
C6N NAD HA . 43.89 -2.19 -16.99
S SO4 IA . 68.16 -0.85 -36.22
O1 SO4 IA . 69.45 -0.55 -36.86
O2 SO4 IA . 68.28 -0.67 -34.76
O3 SO4 IA . 67.76 -2.23 -36.51
O4 SO4 IA . 67.11 0.06 -36.75
PA NAD JA . -9.46 12.40 -18.12
O1A NAD JA . -8.83 11.06 -17.88
O2A NAD JA . -10.97 12.20 -18.17
O5B NAD JA . -9.07 13.02 -19.50
C5B NAD JA . -7.91 12.44 -20.33
C4B NAD JA . -8.49 12.43 -21.72
O4B NAD JA . -7.43 12.71 -22.68
C3B NAD JA . -9.17 11.16 -22.20
O3B NAD JA . -10.43 11.39 -22.85
C2B NAD JA . -8.12 10.51 -23.13
O2B NAD JA . -8.65 9.59 -24.14
C1B NAD JA . -7.45 11.73 -23.71
N9A NAD JA . -6.04 11.58 -24.11
C8A NAD JA . -4.98 11.01 -23.45
N7A NAD JA . -3.85 11.08 -24.17
C5A NAD JA . -4.20 11.75 -25.33
C6A NAD JA . -3.47 12.14 -26.51
N6A NAD JA . -2.17 11.91 -26.68
N1A NAD JA . -4.17 12.80 -27.48
C2A NAD JA . -5.51 13.05 -27.35
N3A NAD JA . -6.29 12.72 -26.30
C4A NAD JA . -5.56 12.06 -25.32
O3 NAD JA . -9.00 13.50 -17.11
PN NAD JA . -9.47 14.90 -16.66
O1N NAD JA . -10.01 14.71 -15.30
O2N NAD JA . -10.40 15.44 -17.68
O5D NAD JA . -8.13 15.77 -16.45
C5D NAD JA . -7.39 16.11 -17.66
C4D NAD JA . -6.51 17.31 -17.32
O4D NAD JA . -7.20 18.31 -16.51
C3D NAD JA . -5.22 16.94 -16.52
O3D NAD JA . -4.19 17.80 -17.13
C2D NAD JA . -5.56 17.42 -15.09
O2D NAD JA . -4.42 17.83 -14.34
C1D NAD JA . -6.47 18.62 -15.33
N1N NAD JA . -7.44 18.91 -14.23
C2N NAD JA . -8.14 17.86 -13.67
C3N NAD JA . -9.02 18.17 -12.65
C7N NAD JA . -9.94 17.20 -11.85
O7N NAD JA . -9.53 16.88 -10.71
N7N NAD JA . -11.06 16.74 -12.33
C4N NAD JA . -9.21 19.51 -12.19
C5N NAD JA . -8.43 20.52 -12.83
C6N NAD JA . -7.52 20.29 -13.86
S SO4 KA . -5.12 15.00 -11.75
O1 SO4 KA . -4.21 15.23 -10.61
O2 SO4 KA . -4.33 14.80 -12.98
O3 SO4 KA . -5.99 16.18 -11.91
O4 SO4 KA . -5.95 13.81 -11.48
S SO4 LA . -2.59 20.10 -7.85
O1 SO4 LA . -2.09 19.14 -6.87
O2 SO4 LA . -2.16 19.69 -9.20
O3 SO4 LA . -4.06 20.12 -7.79
O4 SO4 LA . -2.06 21.44 -7.56
S SO4 MA . -19.66 34.91 11.39
O1 SO4 MA . -20.98 34.74 12.04
O2 SO4 MA . -19.39 36.33 11.10
O3 SO4 MA . -18.61 34.38 12.28
O4 SO4 MA . -19.67 34.15 10.13
PA NAD NA . -36.76 5.72 6.41
O1A NAD NA . -36.09 5.31 7.70
O2A NAD NA . -35.90 6.79 5.76
O5B NAD NA . -38.19 6.36 6.61
C5B NAD NA . -39.02 6.04 7.84
C4B NAD NA . -39.18 7.39 8.48
O4B NAD NA . -40.26 7.33 9.46
C3B NAD NA . -38.01 8.00 9.23
O3B NAD NA . -37.81 9.39 8.93
C2B NAD NA . -38.32 7.75 10.71
O2B NAD NA . -37.66 8.62 11.67
C1B NAD NA . -39.81 7.89 10.70
N9A NAD NA . -40.55 7.13 11.73
C8A NAD NA . -40.41 5.83 12.14
N7A NAD NA . -41.30 5.53 13.09
C5A NAD NA . -42.03 6.67 13.30
C6A NAD NA . -43.13 7.02 14.16
N6A NAD NA . -43.69 6.18 15.03
N1A NAD NA . -43.62 8.29 14.09
C2A NAD NA . -43.08 9.19 13.22
N3A NAD NA . -42.06 8.98 12.36
C4A NAD NA . -41.59 7.69 12.46
O3 NAD NA . -37.07 4.52 5.48
PN NAD NA . -37.74 4.29 4.13
O1N NAD NA . -36.66 3.75 3.30
O2N NAD NA . -38.37 5.56 3.70
O5D NAD NA . -38.77 3.10 4.34
C5D NAD NA . -39.94 3.37 5.14
C4D NAD NA . -40.95 2.35 4.69
O4D NAD NA . -41.04 2.34 3.23
C3D NAD NA . -40.56 0.90 5.10
O3D NAD NA . -41.84 0.31 5.54
C2D NAD NA . -40.06 0.28 3.75
O2D NAD NA . -40.37 -1.10 3.57
C1D NAD NA . -40.76 1.07 2.68
N1N NAD NA . -39.97 1.25 1.42
C2N NAD NA . -38.72 1.84 1.48
C3N NAD NA . -38.01 1.98 0.28
C7N NAD NA . -36.58 2.61 0.04
O7N NAD NA . -36.24 2.88 -1.14
N7N NAD NA . -35.77 2.87 1.03
C4N NAD NA . -38.58 1.51 -0.96
C5N NAD NA . -39.87 0.91 -0.89
C6N NAD NA . -40.63 0.74 0.25
S SO4 OA . -36.71 -1.89 3.84
O1 SO4 OA . -37.67 -1.77 2.74
O2 SO4 OA . -35.67 -2.86 3.47
O3 SO4 OA . -37.40 -2.38 5.06
O4 SO4 OA . -36.11 -0.56 4.09
S SO4 PA . -39.20 -6.68 -0.79
O1 SO4 PA . -39.58 -6.73 0.64
O2 SO4 PA . -40.34 -7.14 -1.61
O3 SO4 PA . -38.83 -5.31 -1.18
O4 SO4 PA . -38.05 -7.57 -1.00
PA NAD QA . -21.38 1.48 17.92
O1A NAD QA . -22.70 2.11 17.54
O2A NAD QA . -21.10 0.39 16.86
O5B NAD QA . -21.42 0.73 19.33
C5B NAD QA . -22.55 0.97 20.35
C4B NAD QA . -23.01 -0.42 20.74
O4B NAD QA . -23.55 -0.39 22.09
C3B NAD QA . -24.06 -1.11 19.90
O3B NAD QA . -23.73 -2.46 19.59
C2B NAD QA . -25.36 -0.99 20.69
O2B NAD QA . -26.34 -2.00 20.41
C1B NAD QA . -24.86 -1.03 22.12
N9A NAD QA . -25.65 -0.21 23.09
C8A NAD QA . -26.28 1.00 22.90
N7A NAD QA . -26.89 1.43 24.01
C5A NAD QA . -26.67 0.47 24.96
C6A NAD QA . -27.08 0.32 26.34
N6A NAD QA . -27.82 1.22 26.99
N1A NAD QA . -26.67 -0.81 26.99
C2A NAD QA . -25.91 -1.75 26.36
N3A NAD QA . -25.48 -1.72 25.08
C4A NAD QA . -25.92 -0.59 24.42
O3 NAD QA . -20.23 2.50 18.10
PN NAD QA . -18.71 2.51 18.39
O1N NAD QA . -18.11 2.90 17.12
O2N NAD QA . -18.30 1.21 18.94
O5D NAD QA . -18.44 3.72 19.39
C5D NAD QA . -18.92 3.60 20.74
C4D NAD QA . -18.31 4.76 21.50
O4D NAD QA . -16.86 4.79 21.30
C3D NAD QA . -18.83 6.17 21.04
O3D NAD QA . -18.95 6.92 22.31
C2D NAD QA . -17.65 6.70 20.18
O2D NAD QA . -17.49 8.12 20.23
C1D NAD QA . -16.41 6.04 20.78
N1N NAD QA . -15.26 5.75 19.85
C2N NAD QA . -15.54 5.23 18.59
C3N NAD QA . -14.47 4.95 17.76
C7N NAD QA . -14.51 4.37 16.30
O7N NAD QA . -13.60 4.72 15.53
N7N NAD QA . -15.45 3.56 15.90
C4N NAD QA . -13.11 5.20 18.19
C5N NAD QA . -12.93 5.74 19.50
C6N NAD QA . -13.96 6.04 20.39
S SO4 RA . 13.35 12.76 8.16
O1 SO4 RA . 12.70 14.07 7.90
O2 SO4 RA . 12.30 11.80 8.55
O3 SO4 RA . 14.34 12.89 9.23
O4 SO4 RA . 14.03 12.28 6.94
PA NAD SA . -4.55 -5.60 -14.23
O1A NAD SA . -4.77 -4.57 -15.29
O2A NAD SA . -4.64 -4.89 -12.90
O5B NAD SA . -3.10 -6.22 -14.27
C5B NAD SA . -2.37 -6.38 -15.59
C4B NAD SA . -0.96 -5.94 -15.26
O4B NAD SA . -0.13 -6.16 -16.43
C3B NAD SA . -0.71 -4.51 -14.87
O3B NAD SA . 0.31 -4.38 -13.86
C2B NAD SA . -0.31 -3.84 -16.18
O2B NAD SA . 0.32 -2.53 -16.04
C1B NAD SA . 0.59 -4.94 -16.72
N9A NAD SA . 0.76 -4.98 -18.21
C8A NAD SA . -0.14 -4.77 -19.20
N7A NAD SA . 0.41 -4.91 -20.40
C5A NAD SA . 1.73 -5.23 -20.18
C6A NAD SA . 2.85 -5.51 -21.05
N6A NAD SA . 2.79 -5.50 -22.38
N1A NAD SA . 4.04 -5.81 -20.46
C2A NAD SA . 4.16 -5.83 -19.10
N3A NAD SA . 3.19 -5.59 -18.20
C4A NAD SA . 1.98 -5.29 -18.82
O3 NAD SA . -5.49 -6.86 -14.35
PN NAD SA . -5.76 -8.18 -13.55
O1N NAD SA . -6.92 -7.89 -12.69
O2N NAD SA . -4.52 -8.59 -12.87
O5D NAD SA . -6.30 -9.29 -14.59
C5D NAD SA . -5.33 -9.75 -15.58
C4D NAD SA . -5.99 -10.88 -16.35
O4D NAD SA . -6.53 -11.90 -15.47
C3D NAD SA . -7.16 -10.43 -17.28
O3D NAD SA . -6.91 -11.12 -18.55
C2D NAD SA . -8.41 -11.02 -16.57
O2D NAD SA . -9.39 -11.49 -17.50
C1D NAD SA . -7.88 -12.19 -15.76
N1N NAD SA . -8.60 -12.46 -14.46
C2N NAD SA . -8.82 -11.41 -13.58
C3N NAD SA . -9.48 -11.71 -12.39
C7N NAD SA . -9.86 -10.74 -11.23
O7N NAD SA . -11.08 -10.54 -11.03
N7N NAD SA . -8.96 -10.16 -10.51
C4N NAD SA . -9.92 -13.05 -12.08
C5N NAD SA . -9.65 -14.05 -13.04
C6N NAD SA . -8.99 -13.84 -14.26
S SO4 TA . -30.02 -27.32 4.11
O1 SO4 TA . -31.31 -27.05 3.44
O2 SO4 TA . -29.38 -28.53 3.54
O3 SO4 TA . -30.24 -27.51 5.56
O4 SO4 TA . -29.13 -26.16 3.91
PA NAD UA . -75.98 -46.90 43.04
O1A NAD UA . -76.19 -45.54 43.65
O2A NAD UA . -75.40 -46.71 41.64
O5B NAD UA . -77.32 -47.68 42.86
C5B NAD UA . -78.45 -47.53 43.86
C4B NAD UA . -79.62 -47.58 42.94
O4B NAD UA . -80.81 -47.83 43.71
C3B NAD UA . -79.93 -46.37 42.10
O3B NAD UA . -80.24 -46.70 40.75
C2B NAD UA . -81.08 -45.68 42.79
O2B NAD UA . -81.88 -44.87 41.90
C1B NAD UA . -81.82 -46.86 43.38
N9A NAD UA . -82.51 -46.65 44.67
C8A NAD UA . -82.12 -45.88 45.77
N7A NAD UA . -83.03 -45.93 46.73
C5A NAD UA . -84.03 -46.74 46.26
C6A NAD UA . -85.29 -47.17 46.79
N6A NAD UA . -85.74 -46.83 48.01
N1A NAD UA . -86.06 -47.99 46.01
C2A NAD UA . -85.64 -48.35 44.75
N3A NAD UA . -84.49 -48.00 44.16
C4A NAD UA . -83.74 -47.17 44.96
O3 NAD UA . -75.15 -47.87 43.92
PN NAD UA . -74.26 -49.11 43.71
O1N NAD UA . -72.90 -48.58 43.64
O2N NAD UA . -74.74 -49.86 42.55
O5D NAD UA . -74.31 -49.92 45.09
C5D NAD UA . -75.56 -50.60 45.49
C4D NAD UA . -75.23 -51.34 46.79
O4D NAD UA . -74.25 -52.39 46.50
C3D NAD UA . -74.56 -50.43 47.90
O3D NAD UA . -75.09 -50.91 49.18
C2D NAD UA . -73.08 -50.78 47.74
O2D NAD UA . -72.34 -50.67 48.93
C1D NAD UA . -73.08 -52.23 47.27
N1N NAD UA . -71.88 -52.57 46.42
C2N NAD UA . -71.42 -51.59 45.55
C3N NAD UA . -70.33 -51.88 44.79
C7N NAD UA . -69.65 -50.94 43.77
O7N NAD UA . -68.41 -51.02 43.66
N7N NAD UA . -70.32 -50.06 43.09
C4N NAD UA . -69.66 -53.15 44.85
C5N NAD UA . -70.19 -54.09 45.77
C6N NAD UA . -71.31 -53.89 46.59
S SO4 VA . -42.64 -65.76 41.94
O1 SO4 VA . -41.29 -65.19 42.00
O2 SO4 VA . -43.17 -65.89 43.32
O3 SO4 VA . -43.51 -64.90 41.13
O4 SO4 VA . -42.58 -67.11 41.33
S SO4 WA . -62.70 -41.11 60.49
O1 SO4 WA . -63.22 -42.38 61.04
O2 SO4 WA . -61.32 -41.34 60.03
O3 SO4 WA . -63.53 -40.67 59.36
O4 SO4 WA . -62.70 -40.08 61.55
PA NAD XA . -39.29 -32.12 36.91
O1A NAD XA . -39.30 -32.87 35.60
O2A NAD XA . -40.48 -31.20 36.90
O5B NAD XA . -38.03 -31.20 37.06
C5B NAD XA . -36.73 -31.52 36.32
C4B NAD XA . -36.40 -30.22 35.67
O4B NAD XA . -35.00 -30.20 35.29
C3B NAD XA . -37.17 -29.83 34.46
O3B NAD XA . -37.71 -28.53 34.56
C2B NAD XA . -36.21 -30.01 33.26
O2B NAD XA . -36.45 -29.15 32.13
C1B NAD XA . -34.85 -29.80 33.90
N9A NAD XA . -33.72 -30.64 33.36
C8A NAD XA . -33.74 -31.93 32.86
N7A NAD XA . -32.53 -32.34 32.46
C5A NAD XA . -31.70 -31.29 32.70
C6A NAD XA . -30.29 -31.09 32.50
N6A NAD XA . -29.48 -32.03 31.98
N1A NAD XA . -29.76 -29.88 32.87
C2A NAD XA . -30.56 -28.92 33.40
N3A NAD XA . -31.90 -28.98 33.64
C4A NAD XA . -32.40 -30.21 33.27
O3 NAD XA . -39.24 -33.04 38.19
PN NAD XA . -39.34 -32.92 39.74
O1N NAD XA . -40.59 -33.56 40.13
O2N NAD XA . -39.18 -31.50 40.12
O5D NAD XA . -38.25 -33.90 40.37
C5D NAD XA . -36.84 -33.59 40.19
C4D NAD XA . -36.11 -34.56 41.09
O4D NAD XA . -36.55 -34.43 42.48
C3D NAD XA . -36.34 -36.06 40.70
O3D NAD XA . -35.01 -36.68 40.85
C2D NAD XA . -37.31 -36.55 41.81
O2D NAD XA . -37.09 -37.90 42.19
C1D NAD XA . -37.04 -35.65 43.01
N1N NAD XA . -38.25 -35.36 43.87
C2N NAD XA . -39.46 -35.13 43.26
C3N NAD XA . -40.56 -34.88 44.07
C7N NAD XA . -42.04 -34.58 43.59
O7N NAD XA . -42.97 -34.70 44.44
N7N NAD XA . -42.31 -34.25 42.35
C4N NAD XA . -40.44 -34.85 45.51
C5N NAD XA . -39.15 -35.10 46.05
C6N NAD XA . -38.01 -35.37 45.30
S SO4 YA . -39.69 -39.22 40.24
O1 SO4 YA . -40.07 -38.94 41.65
O2 SO4 YA . -38.28 -39.65 40.20
O3 SO4 YA . -39.87 -37.99 39.44
O4 SO4 YA . -40.55 -40.31 39.72
S SO4 ZA . -38.62 -43.33 46.45
O1 SO4 ZA . -37.45 -43.29 47.34
O2 SO4 ZA . -39.86 -43.24 47.25
O3 SO4 ZA . -38.57 -42.22 45.50
O4 SO4 ZA . -38.64 -44.61 45.71
S SO4 AB . -25.77 -41.49 55.40
O1 SO4 AB . -25.42 -40.21 56.05
O2 SO4 AB . -24.74 -42.50 55.68
O3 SO4 AB . -25.89 -41.33 53.94
O4 SO4 AB . -27.07 -41.97 55.93
S SO4 BB . -55.86 -24.84 45.94
O1 SO4 BB . -56.55 -23.81 46.76
O2 SO4 BB . -56.71 -26.05 45.86
O3 SO4 BB . -54.58 -25.19 46.61
O4 SO4 BB . -55.60 -24.30 44.59
#